data_7SVL
#
_entry.id   7SVL
#
_cell.length_a   119.716
_cell.length_b   117.398
_cell.length_c   163.691
_cell.angle_alpha   90.000
_cell.angle_beta   105.600
_cell.angle_gamma   90.000
#
_symmetry.space_group_name_H-M   'P 1 21 1'
#
loop_
_entity.id
_entity.type
_entity.pdbx_description
1 polymer 'Dipeptidyl peptidase 9'
2 non-polymer (2S)-2-amino-1-(1,3-dihydro-2H-isoindol-2-yl)-2-[(1r,4S)-4-(pyrrolidin-1-yl)cyclohexyl]ethan-1-one
3 water water
#
_entity_poly.entity_id   1
_entity_poly.type   'polypeptide(L)'
_entity_poly.pdbx_seq_one_letter_code
;MATTGTPTADRGDAAATDDPAARFQVQKHSWDGLRSIIHGSRKYSGLIVNKAPHDFQFVQKTDESGPHSHRLYYLGMPYG
SRENSLLYSEIPKKVRKEALLLLSWKQMLDHFQATPHHGVYSREEELLRERKRLGVFGITSYDFHSESGLFLFQASNSLF
HCRDGGKNGFMVSPMKPLEIKTQCSGPRMDPKICPADPAFFSFINNSDLWVANIETGEERRLTFCHQGLSNVLDDPKSAG
VATFVIQEEFDRFTGYWWCPTASWEGSEGLKTLRILYEEVDESEVEVIHVPSPALEERKTDSYRYPRTGSKNPKIALKLA
EFQTDSQGKIVSTQEKELVQPFSSLFPKVEYIARAGWTRDGKYAWAMFLDRPQQWLQLVLLPPALFIPSTENEEQRLASA
RAVPRNVQPYVVYEEVTNVWINVHDIFYPFPQSEGEDELCFLRANECKTGFCHLYKVTAVLKSQGYDWSEPFSPGEDEFK
CPIKEEIALTSGEWEVLARHGSKIWVNEETKLVYFQGTKDTPLEHHLYVVSYEAAGEIVRLTTPGFSHSCSMSQNFDMFV
SHYSSVSTPPCVHVYKLSGPDDDPLHKQPRFWASMMEAASCPPDYVPPEIFHFHTRSDVRLYGMIYKPHALQPGKKHPTV
LFVYGGPQVQLVNNSFKGIKYLRLNTLASLGYAVVVIDGRGSCQRGLRFEGALKNQMGQVEIEDQVEGLQFVAEKYGFID
LSRVAIHGWSYGGFLSLMGLIHKPQVFKVAIAGAPVTVWMAYDTGYTERYMDVPENNQHGYEAGSVALHVEKLPNEPNRL
LILHGFLDENVHFFHTNFLVSQLIRAGKPYQLQIYPNERHSIRCPESGEHYEVTLLHFLQEYLHHHHHH
;
_entity_poly.pdbx_strand_id   A,B,C,D
#
# COMPACT_ATOMS: atom_id res chain seq x y z
N ASP A 19 47.27 -73.27 25.29
CA ASP A 19 46.26 -72.16 25.19
C ASP A 19 44.82 -72.44 24.65
N PRO A 20 44.37 -73.74 24.53
CA PRO A 20 42.96 -73.86 24.10
C PRO A 20 42.00 -73.86 25.30
N ALA A 21 42.27 -74.74 26.26
CA ALA A 21 41.54 -74.84 27.51
C ALA A 21 41.59 -73.54 28.33
N ALA A 22 42.75 -72.88 28.32
CA ALA A 22 42.95 -71.65 29.09
C ALA A 22 41.96 -70.58 28.67
N ARG A 23 41.77 -70.37 27.36
CA ARG A 23 40.83 -69.34 26.86
C ARG A 23 39.34 -69.67 27.07
N PHE A 24 38.69 -68.89 27.94
CA PHE A 24 37.29 -69.07 28.22
C PHE A 24 36.49 -68.53 27.06
N GLN A 25 35.50 -69.32 26.63
CA GLN A 25 34.62 -68.98 25.51
C GLN A 25 33.20 -68.67 26.00
N VAL A 26 32.75 -67.46 25.71
CA VAL A 26 31.42 -67.00 26.07
C VAL A 26 30.44 -67.93 25.34
N GLN A 27 29.42 -68.43 26.04
CA GLN A 27 28.35 -69.19 25.41
C GLN A 27 27.63 -68.31 24.39
N LYS A 28 27.57 -68.77 23.14
CA LYS A 28 26.91 -68.03 22.05
C LYS A 28 25.41 -68.31 22.05
N HIS A 29 24.60 -67.28 22.32
CA HIS A 29 23.14 -67.38 22.34
C HIS A 29 22.52 -66.88 21.03
N SER A 30 21.30 -67.36 20.76
CA SER A 30 20.44 -66.82 19.73
C SER A 30 20.04 -65.40 20.11
N TRP A 31 19.65 -64.60 19.12
CA TRP A 31 19.24 -63.20 19.36
C TRP A 31 18.12 -63.14 20.39
N ASP A 32 17.13 -64.04 20.24
CA ASP A 32 16.02 -64.09 21.17
C ASP A 32 16.47 -64.52 22.56
N GLY A 33 17.44 -65.42 22.63
CA GLY A 33 18.05 -65.79 23.89
C GLY A 33 18.72 -64.60 24.60
N LEU A 34 19.51 -63.83 23.85
CA LEU A 34 20.13 -62.60 24.38
C LEU A 34 19.09 -61.58 24.87
N ARG A 35 17.99 -61.46 24.13
CA ARG A 35 16.88 -60.62 24.56
C ARG A 35 16.32 -61.02 25.93
N SER A 36 16.15 -62.32 26.16
CA SER A 36 15.61 -62.82 27.43
C SER A 36 16.57 -62.57 28.60
N ILE A 37 17.86 -62.69 28.33
CA ILE A 37 18.92 -62.38 29.32
C ILE A 37 18.91 -60.90 29.70
N ILE A 38 18.84 -60.00 28.71
CA ILE A 38 18.76 -58.55 29.00
C ILE A 38 17.45 -58.25 29.76
N HIS A 39 16.35 -58.87 29.35
CA HIS A 39 15.04 -58.66 29.98
C HIS A 39 15.00 -59.17 31.43
N GLY A 40 15.61 -60.34 31.66
CA GLY A 40 15.76 -60.91 33.00
C GLY A 40 16.63 -60.09 33.96
N SER A 41 17.72 -59.52 33.45
CA SER A 41 18.60 -58.67 34.24
C SER A 41 17.90 -57.42 34.80
N ARG A 42 17.24 -56.67 33.92
CA ARG A 42 16.57 -55.42 34.29
C ARG A 42 15.29 -55.62 35.11
N LYS A 43 14.69 -56.82 35.03
CA LYS A 43 13.49 -57.19 35.82
C LYS A 43 13.75 -57.19 37.32
N ALA A 52 16.21 -41.59 44.71
CA ALA A 52 16.01 -41.52 46.15
C ALA A 52 15.57 -40.10 46.58
N PRO A 53 15.17 -39.94 47.87
CA PRO A 53 14.77 -38.61 48.31
C PRO A 53 15.84 -37.58 48.06
N HIS A 54 15.44 -36.40 47.64
CA HIS A 54 16.38 -35.33 47.30
C HIS A 54 15.64 -34.00 47.30
N ASP A 55 16.39 -32.92 47.11
CA ASP A 55 15.85 -31.56 47.07
C ASP A 55 15.03 -31.31 48.35
N PHE A 56 15.75 -31.24 49.48
CA PHE A 56 15.14 -31.20 50.84
C PHE A 56 14.81 -29.80 51.38
N GLN A 57 13.78 -29.73 52.22
CA GLN A 57 13.50 -28.54 53.05
C GLN A 57 13.19 -28.99 54.46
N PHE A 58 13.98 -28.51 55.42
CA PHE A 58 13.80 -28.83 56.86
C PHE A 58 13.00 -27.70 57.49
N VAL A 59 11.74 -27.97 57.81
CA VAL A 59 10.90 -26.98 58.48
C VAL A 59 10.78 -27.39 59.94
N GLN A 60 11.20 -26.50 60.84
CA GLN A 60 11.11 -26.72 62.29
C GLN A 60 9.65 -26.58 62.72
N LYS A 61 9.10 -27.61 63.37
CA LYS A 61 7.73 -27.57 63.91
C LYS A 61 7.79 -26.90 65.29
N THR A 62 7.14 -25.76 65.42
CA THR A 62 7.22 -24.91 66.63
C THR A 62 6.09 -25.20 67.63
N ASP A 63 5.95 -26.46 68.03
CA ASP A 63 4.94 -26.87 69.02
C ASP A 63 5.65 -27.69 70.09
N GLU A 64 5.59 -27.24 71.35
CA GLU A 64 6.24 -27.96 72.45
C GLU A 64 5.53 -29.26 72.83
N SER A 65 4.20 -29.24 72.87
CA SER A 65 3.40 -30.42 73.23
C SER A 65 3.46 -31.53 72.17
N GLY A 66 3.61 -31.14 70.90
CA GLY A 66 3.62 -32.07 69.77
C GLY A 66 4.68 -33.16 69.87
N PRO A 67 4.55 -34.23 69.04
CA PRO A 67 5.58 -35.27 69.08
C PRO A 67 6.61 -35.21 67.92
N HIS A 68 6.49 -34.24 67.00
CA HIS A 68 7.39 -34.10 65.84
C HIS A 68 8.19 -32.80 65.92
N SER A 69 9.52 -32.92 65.93
CA SER A 69 10.41 -31.77 65.97
C SER A 69 10.40 -30.98 64.66
N HIS A 70 10.41 -31.68 63.53
CA HIS A 70 10.36 -31.07 62.20
C HIS A 70 9.48 -31.86 61.25
N ARG A 71 9.18 -31.20 60.14
CA ARG A 71 8.69 -31.83 58.94
C ARG A 71 9.77 -31.61 57.88
N LEU A 72 10.16 -32.72 57.25
CA LEU A 72 11.18 -32.72 56.19
C LEU A 72 10.47 -32.92 54.86
N TYR A 73 10.45 -31.87 54.04
CA TYR A 73 9.86 -31.93 52.70
C TYR A 73 10.93 -32.31 51.71
N TYR A 74 10.57 -33.07 50.67
CA TYR A 74 11.52 -33.47 49.64
C TYR A 74 10.81 -33.98 48.39
N LEU A 75 11.59 -34.17 47.32
CA LEU A 75 11.11 -34.85 46.11
C LEU A 75 11.53 -36.32 46.16
N GLY A 76 10.64 -37.21 45.74
CA GLY A 76 10.99 -38.63 45.69
C GLY A 76 10.01 -39.44 44.89
N MET A 77 10.47 -40.60 44.43
CA MET A 77 9.66 -41.55 43.67
C MET A 77 9.44 -42.77 44.54
N PRO A 78 8.22 -42.95 45.09
CA PRO A 78 7.96 -44.23 45.75
C PRO A 78 8.08 -45.39 44.76
N TYR A 79 8.53 -46.56 45.23
CA TYR A 79 8.89 -47.65 44.30
C TYR A 79 7.64 -48.10 43.58
N GLY A 80 6.53 -48.10 44.32
CA GLY A 80 5.22 -48.37 43.74
C GLY A 80 4.81 -47.27 42.76
N SER A 81 5.14 -46.02 43.12
CA SER A 81 4.80 -44.85 42.31
C SER A 81 5.50 -44.81 40.94
N ARG A 82 4.80 -44.22 39.97
CA ARG A 82 5.32 -44.07 38.60
C ARG A 82 6.30 -42.89 38.45
N GLU A 83 6.03 -41.78 39.15
CA GLU A 83 6.76 -40.53 38.94
C GLU A 83 7.29 -39.86 40.22
N ASN A 84 8.23 -38.93 40.02
CA ASN A 84 8.76 -38.07 41.07
C ASN A 84 7.65 -37.18 41.61
N SER A 85 7.59 -37.01 42.93
CA SER A 85 6.60 -36.13 43.55
C SER A 85 7.07 -35.49 44.85
N LEU A 86 6.37 -34.44 45.24
CA LEU A 86 6.62 -33.72 46.49
C LEU A 86 6.07 -34.55 47.65
N LEU A 87 6.94 -34.84 48.61
CA LEU A 87 6.61 -35.72 49.72
C LEU A 87 7.09 -35.09 50.99
N TYR A 88 6.71 -35.70 52.11
CA TYR A 88 7.23 -35.27 53.40
C TYR A 88 7.30 -36.44 54.39
N SER A 89 8.23 -36.30 55.33
CA SER A 89 8.32 -37.16 56.50
C SER A 89 8.20 -36.30 57.76
N GLU A 90 7.81 -36.94 58.84
CA GLU A 90 7.71 -36.30 60.16
C GLU A 90 8.88 -36.81 60.99
N ILE A 91 9.72 -35.88 61.46
CA ILE A 91 10.87 -36.24 62.31
C ILE A 91 10.41 -36.15 63.77
N PRO A 92 10.54 -37.25 64.55
CA PRO A 92 10.00 -37.19 65.93
C PRO A 92 10.94 -36.54 66.94
N LYS A 93 10.39 -36.16 68.09
CA LYS A 93 11.16 -35.51 69.18
C LYS A 93 12.12 -36.48 69.87
N LYS A 94 11.64 -37.67 70.22
CA LYS A 94 12.54 -38.73 70.72
C LYS A 94 12.26 -40.10 70.08
N VAL A 95 13.27 -40.97 70.13
CA VAL A 95 13.28 -42.31 69.52
C VAL A 95 13.79 -43.32 70.58
N ARG A 96 13.49 -44.60 70.37
CA ARG A 96 13.96 -45.70 71.23
C ARG A 96 14.92 -46.63 70.50
N LEU A 100 15.79 -48.49 65.65
CA LEU A 100 15.82 -48.37 64.19
C LEU A 100 14.49 -47.82 63.68
N LEU A 101 14.40 -46.49 63.64
CA LEU A 101 13.21 -45.81 63.12
C LEU A 101 13.26 -45.67 61.59
N LEU A 102 12.22 -46.18 60.92
CA LEU A 102 12.02 -46.00 59.47
C LEU A 102 10.84 -45.02 59.29
N LEU A 103 11.10 -43.87 58.68
CA LEU A 103 10.07 -42.82 58.53
C LEU A 103 9.17 -43.07 57.31
N SER A 104 7.88 -42.81 57.47
CA SER A 104 6.93 -42.87 56.36
C SER A 104 7.16 -41.73 55.35
N TRP A 105 7.00 -42.05 54.07
CA TRP A 105 6.91 -41.07 52.99
C TRP A 105 5.41 -40.74 52.78
N LYS A 106 5.05 -39.48 53.06
CA LYS A 106 3.66 -39.01 53.02
C LYS A 106 3.49 -38.19 51.73
N GLN A 107 2.42 -38.47 50.99
CA GLN A 107 2.11 -37.74 49.76
C GLN A 107 1.64 -36.31 50.10
N MET A 108 2.28 -35.31 49.49
CA MET A 108 1.80 -33.92 49.60
C MET A 108 0.55 -33.67 48.75
N LEU A 109 0.55 -34.20 47.52
CA LEU A 109 -0.52 -33.95 46.53
C LEU A 109 -1.40 -35.20 46.32
N ASP A 110 -2.71 -35.01 46.44
CA ASP A 110 -3.68 -36.12 46.35
C ASP A 110 -3.85 -36.55 44.89
N HIS A 111 -3.43 -37.79 44.60
CA HIS A 111 -3.63 -38.45 43.30
C HIS A 111 -3.46 -37.50 42.11
N PHE A 112 -2.27 -36.87 42.07
CA PHE A 112 -1.93 -35.84 41.08
C PHE A 112 -0.87 -36.34 40.12
N GLN A 113 -1.13 -36.16 38.83
CA GLN A 113 -0.20 -36.48 37.76
C GLN A 113 0.50 -35.18 37.32
N ALA A 114 1.76 -35.06 37.72
CA ALA A 114 2.63 -33.98 37.28
C ALA A 114 3.24 -34.21 35.88
N THR A 115 3.39 -35.48 35.47
CA THR A 115 3.89 -35.80 34.12
C THR A 115 2.77 -35.56 33.12
N PRO A 116 3.05 -34.83 32.02
CA PRO A 116 2.01 -34.67 31.00
C PRO A 116 1.70 -35.99 30.28
N HIS A 117 0.73 -35.98 29.37
CA HIS A 117 0.28 -37.22 28.71
C HIS A 117 1.40 -37.96 27.95
N HIS A 118 1.52 -39.25 28.24
CA HIS A 118 2.55 -40.16 27.70
C HIS A 118 3.99 -39.63 27.82
N GLY A 119 4.25 -38.91 28.91
CA GLY A 119 5.55 -38.28 29.16
C GLY A 119 6.05 -37.39 28.03
N VAL A 120 5.14 -36.65 27.40
CA VAL A 120 5.46 -35.79 26.25
C VAL A 120 5.51 -34.34 26.69
N TYR A 121 6.72 -33.83 26.91
CA TYR A 121 6.92 -32.44 27.35
C TYR A 121 6.98 -31.50 26.17
N SER A 122 6.86 -30.21 26.43
CA SER A 122 7.04 -29.19 25.39
C SER A 122 8.52 -29.15 25.01
N ARG A 123 8.83 -28.66 23.81
CA ARG A 123 10.21 -28.59 23.38
C ARG A 123 11.10 -27.90 24.41
N GLU A 124 10.62 -26.79 24.94
CA GLU A 124 11.38 -25.99 25.94
C GLU A 124 11.69 -26.84 27.19
N GLU A 125 10.66 -27.47 27.77
CA GLU A 125 10.84 -28.26 28.99
C GLU A 125 11.66 -29.55 28.72
N GLU A 126 11.53 -30.15 27.54
CA GLU A 126 12.27 -31.37 27.20
C GLU A 126 13.75 -31.07 26.99
N LEU A 127 14.06 -29.92 26.40
CA LEU A 127 15.46 -29.55 26.20
C LEU A 127 16.16 -29.19 27.52
N LEU A 128 15.44 -28.49 28.40
CA LEU A 128 15.93 -28.25 29.76
C LEU A 128 16.15 -29.56 30.54
N ARG A 129 15.33 -30.57 30.27
CA ARG A 129 15.52 -31.86 30.90
C ARG A 129 16.81 -32.55 30.42
N GLU A 130 17.14 -32.38 29.14
CA GLU A 130 18.38 -32.87 28.55
C GLU A 130 19.62 -32.17 29.15
N ARG A 131 19.53 -30.84 29.18
CA ARG A 131 20.57 -29.99 29.75
C ARG A 131 20.81 -30.33 31.21
N LYS A 132 19.74 -30.65 31.93
CA LYS A 132 19.86 -31.05 33.32
C LYS A 132 20.12 -32.58 33.53
N ARG A 133 20.27 -33.35 32.43
CA ARG A 133 20.46 -34.81 32.49
C ARG A 133 19.40 -35.51 33.35
N LEU A 134 18.15 -35.08 33.18
CA LEU A 134 17.03 -35.48 34.02
C LEU A 134 16.28 -36.65 33.39
N GLY A 135 16.37 -37.82 34.03
CA GLY A 135 15.68 -39.04 33.55
C GLY A 135 14.28 -39.23 34.09
N VAL A 136 14.11 -38.97 35.39
CA VAL A 136 12.87 -39.26 36.11
C VAL A 136 11.74 -38.37 35.60
N PHE A 137 10.50 -38.86 35.68
CA PHE A 137 9.30 -38.10 35.32
C PHE A 137 8.61 -37.54 36.56
N GLY A 138 7.74 -36.54 36.36
CA GLY A 138 7.03 -35.88 37.46
C GLY A 138 7.69 -34.55 37.79
N ILE A 139 7.68 -34.20 39.08
CA ILE A 139 8.18 -32.91 39.57
C ILE A 139 9.67 -33.05 39.81
N THR A 140 10.47 -32.41 38.94
CA THR A 140 11.93 -32.47 38.98
C THR A 140 12.57 -31.32 39.77
N SER A 141 11.81 -30.27 40.03
CA SER A 141 12.27 -29.15 40.85
C SER A 141 11.10 -28.34 41.38
N TYR A 142 11.38 -27.53 42.38
CA TYR A 142 10.37 -26.62 42.94
C TYR A 142 11.01 -25.51 43.76
N ASP A 143 10.25 -24.43 43.91
CA ASP A 143 10.62 -23.30 44.75
C ASP A 143 9.79 -23.35 46.04
N PHE A 144 10.37 -22.81 47.10
CA PHE A 144 9.76 -22.84 48.43
C PHE A 144 10.06 -21.56 49.19
N HIS A 145 9.02 -20.93 49.72
CA HIS A 145 9.17 -19.76 50.60
C HIS A 145 8.79 -20.15 52.04
N SER A 146 9.78 -20.16 52.94
CA SER A 146 9.59 -20.73 54.29
C SER A 146 8.59 -20.00 55.18
N GLU A 147 8.60 -18.67 55.18
CA GLU A 147 7.71 -17.89 56.05
C GLU A 147 6.21 -18.19 55.77
N SER A 148 5.83 -18.26 54.50
CA SER A 148 4.44 -18.51 54.07
C SER A 148 4.13 -19.99 53.84
N GLY A 149 5.18 -20.82 53.71
CA GLY A 149 5.00 -22.24 53.47
C GLY A 149 4.47 -22.56 52.09
N LEU A 150 4.89 -21.76 51.11
CA LEU A 150 4.36 -21.81 49.74
C LEU A 150 5.32 -22.58 48.85
N PHE A 151 4.81 -23.58 48.14
CA PHE A 151 5.57 -24.36 47.16
C PHE A 151 5.14 -23.94 45.77
N LEU A 152 6.11 -23.71 44.88
CA LEU A 152 5.85 -23.35 43.47
C LEU A 152 6.64 -24.26 42.52
N PHE A 153 5.95 -24.85 41.55
CA PHE A 153 6.55 -25.85 40.64
C PHE A 153 5.80 -26.02 39.31
N GLN A 154 6.49 -26.63 38.34
CA GLN A 154 5.92 -26.95 37.02
C GLN A 154 5.33 -28.35 37.05
N ALA A 155 4.11 -28.49 36.54
CA ALA A 155 3.43 -29.78 36.48
C ALA A 155 2.49 -29.74 35.29
N SER A 156 2.19 -30.90 34.73
CA SER A 156 1.44 -31.01 33.46
C SER A 156 2.20 -30.16 32.44
N ASN A 157 1.51 -29.25 31.75
CA ASN A 157 2.18 -28.23 30.95
C ASN A 157 1.77 -26.86 31.48
N SER A 158 1.54 -26.77 32.80
CA SER A 158 1.17 -25.52 33.49
C SER A 158 1.99 -25.30 34.78
N LEU A 159 1.56 -24.35 35.60
CA LEU A 159 2.19 -24.03 36.87
C LEU A 159 1.22 -24.35 37.98
N PHE A 160 1.74 -24.98 39.03
CA PHE A 160 0.95 -25.36 40.18
C PHE A 160 1.58 -24.87 41.47
N HIS A 161 0.78 -24.80 42.52
CA HIS A 161 1.26 -24.38 43.84
C HIS A 161 0.40 -25.00 44.94
N CYS A 162 0.97 -25.10 46.14
CA CYS A 162 0.25 -25.57 47.33
C CYS A 162 0.91 -24.94 48.55
N ARG A 163 0.16 -24.82 49.65
CA ARG A 163 0.66 -24.20 50.88
C ARG A 163 0.68 -25.20 52.03
N ASP A 164 1.79 -25.24 52.78
CA ASP A 164 1.91 -26.07 53.98
C ASP A 164 2.95 -25.51 54.95
N GLY A 165 2.63 -25.56 56.25
CA GLY A 165 3.47 -25.04 57.31
C GLY A 165 3.30 -23.54 57.51
N GLY A 166 4.05 -22.99 58.45
CA GLY A 166 4.04 -21.55 58.75
C GLY A 166 2.67 -21.04 59.21
N LYS A 167 2.19 -19.97 58.57
CA LYS A 167 0.89 -19.37 58.91
C LYS A 167 -0.32 -20.22 58.44
N ASN A 168 -0.11 -21.07 57.44
CA ASN A 168 -1.19 -21.93 56.91
C ASN A 168 -1.53 -23.06 57.89
N GLY A 169 -0.48 -23.71 58.42
CA GLY A 169 -0.62 -24.86 59.33
C GLY A 169 -0.30 -26.17 58.63
N PHE A 170 0.13 -27.17 59.39
CA PHE A 170 0.56 -28.46 58.82
C PHE A 170 -0.59 -29.40 58.52
N MET A 171 -0.70 -29.82 57.26
CA MET A 171 -1.70 -30.77 56.82
C MET A 171 -1.35 -32.18 57.31
N VAL A 172 -2.39 -32.98 57.53
CA VAL A 172 -2.29 -34.39 57.92
C VAL A 172 -2.60 -35.34 56.75
N SER A 173 -3.35 -34.86 55.75
CA SER A 173 -3.69 -35.61 54.53
C SER A 173 -3.32 -34.80 53.27
N PRO A 174 -3.03 -35.48 52.12
CA PRO A 174 -2.71 -34.72 50.89
C PRO A 174 -3.77 -33.74 50.40
N MET A 175 -3.27 -32.72 49.71
CA MET A 175 -4.02 -31.54 49.30
C MET A 175 -3.88 -31.46 47.79
N LYS A 176 -4.97 -31.18 47.08
CA LYS A 176 -4.91 -31.02 45.61
C LYS A 176 -4.16 -29.70 45.30
N PRO A 177 -3.14 -29.74 44.40
CA PRO A 177 -2.44 -28.49 44.10
C PRO A 177 -3.26 -27.58 43.23
N LEU A 178 -3.12 -26.28 43.42
CA LEU A 178 -3.86 -25.29 42.65
C LEU A 178 -3.08 -24.87 41.41
N GLU A 179 -3.76 -24.91 40.26
CA GLU A 179 -3.18 -24.40 39.01
C GLU A 179 -3.17 -22.88 39.06
N ILE A 180 -2.21 -22.28 38.35
CA ILE A 180 -2.11 -20.81 38.26
C ILE A 180 -2.50 -20.43 36.83
N LYS A 181 -3.64 -19.74 36.70
CA LYS A 181 -4.18 -19.36 35.39
C LYS A 181 -3.31 -18.29 34.74
N THR A 182 -3.31 -18.29 33.40
CA THR A 182 -2.48 -17.38 32.63
C THR A 182 -3.14 -16.95 31.33
N GLN A 183 -2.95 -15.68 30.97
CA GLN A 183 -3.33 -15.17 29.66
C GLN A 183 -2.26 -15.55 28.61
N CYS A 184 -1.07 -15.96 29.08
CA CYS A 184 0.05 -16.32 28.21
C CYS A 184 -0.20 -17.56 27.36
N SER A 185 0.56 -17.67 26.27
CA SER A 185 0.49 -18.78 25.34
C SER A 185 1.89 -19.40 25.26
N GLY A 186 1.95 -20.74 25.30
CA GLY A 186 3.22 -21.47 25.41
C GLY A 186 3.60 -21.73 26.86
N PRO A 187 4.74 -22.41 27.09
CA PRO A 187 5.11 -22.74 28.47
C PRO A 187 5.64 -21.55 29.27
N ARG A 188 5.36 -21.60 30.57
CA ARG A 188 5.89 -20.66 31.54
C ARG A 188 7.03 -21.37 32.26
N MET A 189 8.26 -20.95 31.93
CA MET A 189 9.48 -21.58 32.42
C MET A 189 10.08 -20.86 33.63
N ASP A 190 10.93 -21.57 34.36
CA ASP A 190 11.76 -21.04 35.47
C ASP A 190 10.97 -20.21 36.47
N PRO A 191 9.90 -20.79 37.05
CA PRO A 191 9.14 -20.06 38.05
C PRO A 191 9.91 -19.91 39.35
N LYS A 192 9.84 -18.72 39.97
CA LYS A 192 10.47 -18.46 41.28
C LYS A 192 9.66 -17.47 42.11
N ILE A 193 9.39 -17.84 43.36
CA ILE A 193 8.68 -16.96 44.29
C ILE A 193 9.56 -15.77 44.65
N CYS A 194 8.96 -14.58 44.76
CA CYS A 194 9.69 -13.37 45.15
C CYS A 194 10.06 -13.50 46.62
N PRO A 195 11.37 -13.54 46.95
CA PRO A 195 11.76 -13.76 48.36
C PRO A 195 11.25 -12.66 49.30
N ALA A 196 11.30 -11.42 48.84
CA ALA A 196 10.82 -10.24 49.61
C ALA A 196 9.31 -10.20 49.83
N ASP A 197 8.52 -10.79 48.93
CA ASP A 197 7.04 -10.83 49.03
C ASP A 197 6.47 -12.10 48.41
N PRO A 198 5.97 -13.07 49.23
CA PRO A 198 5.51 -14.31 48.58
C PRO A 198 4.21 -14.21 47.78
N ALA A 199 3.53 -13.06 47.79
CA ALA A 199 2.37 -12.84 46.94
C ALA A 199 2.75 -12.86 45.45
N PHE A 200 4.00 -12.52 45.16
CA PHE A 200 4.48 -12.43 43.78
C PHE A 200 5.42 -13.58 43.39
N PHE A 201 5.48 -13.81 42.08
CA PHE A 201 6.36 -14.81 41.48
C PHE A 201 6.70 -14.40 40.05
N SER A 202 7.75 -15.03 39.50
CA SER A 202 8.24 -14.71 38.17
C SER A 202 8.34 -15.96 37.32
N PHE A 203 8.48 -15.75 36.03
CA PHE A 203 8.61 -16.86 35.06
C PHE A 203 9.05 -16.30 33.73
N ILE A 204 9.46 -17.20 32.84
CA ILE A 204 9.84 -16.85 31.47
C ILE A 204 8.76 -17.41 30.55
N ASN A 205 8.20 -16.52 29.75
CA ASN A 205 7.30 -16.87 28.66
C ASN A 205 7.79 -16.21 27.38
N ASN A 206 8.00 -17.02 26.35
CA ASN A 206 8.46 -16.58 25.04
C ASN A 206 9.66 -15.65 25.08
N SER A 207 10.74 -16.14 25.68
CA SER A 207 12.04 -15.44 25.81
C SER A 207 11.96 -14.04 26.43
N ASP A 208 11.05 -13.86 27.38
CA ASP A 208 10.92 -12.61 28.12
C ASP A 208 10.48 -12.87 29.57
N LEU A 209 10.86 -11.96 30.45
CA LEU A 209 10.57 -12.05 31.86
C LEU A 209 9.20 -11.47 32.18
N TRP A 210 8.44 -12.21 32.98
CA TRP A 210 7.10 -11.84 33.45
C TRP A 210 7.11 -11.95 34.98
N VAL A 211 6.20 -11.22 35.62
CA VAL A 211 5.89 -11.40 37.03
C VAL A 211 4.38 -11.46 37.17
N ALA A 212 3.93 -11.99 38.30
CA ALA A 212 2.48 -12.17 38.57
C ALA A 212 2.23 -12.29 40.05
N ASN A 213 1.06 -11.85 40.48
CA ASN A 213 0.66 -11.91 41.89
C ASN A 213 -0.18 -13.17 42.04
N ILE A 214 0.30 -14.13 42.83
CA ILE A 214 -0.39 -15.41 43.00
C ILE A 214 -1.76 -15.21 43.67
N GLU A 215 -1.85 -14.29 44.62
CA GLU A 215 -3.11 -14.00 45.34
C GLU A 215 -4.18 -13.36 44.45
N THR A 216 -3.79 -12.43 43.57
CA THR A 216 -4.77 -11.73 42.69
C THR A 216 -4.88 -12.34 41.29
N GLY A 217 -3.93 -13.17 40.90
CA GLY A 217 -3.93 -13.76 39.56
C GLY A 217 -3.52 -12.79 38.45
N GLU A 218 -3.07 -11.59 38.82
CA GLU A 218 -2.65 -10.57 37.85
C GLU A 218 -1.26 -10.90 37.34
N GLU A 219 -1.07 -10.81 36.02
CA GLU A 219 0.21 -11.00 35.34
C GLU A 219 0.71 -9.68 34.74
N ARG A 220 2.03 -9.55 34.58
CA ARG A 220 2.66 -8.36 34.01
C ARG A 220 4.03 -8.68 33.38
N ARG A 221 4.15 -8.43 32.08
CA ARG A 221 5.36 -8.61 31.31
C ARG A 221 6.33 -7.46 31.61
N LEU A 222 7.61 -7.79 31.76
CA LEU A 222 8.67 -6.83 32.14
C LEU A 222 9.78 -6.58 31.12
N THR A 223 9.84 -7.37 30.06
CA THR A 223 10.85 -7.20 29.01
C THR A 223 10.19 -7.46 27.67
N PHE A 224 10.81 -6.97 26.61
CA PHE A 224 10.22 -6.99 25.26
C PHE A 224 11.30 -7.26 24.20
N CYS A 225 12.13 -8.27 24.46
CA CYS A 225 13.12 -8.72 23.50
C CYS A 225 12.50 -9.58 22.39
N HIS A 226 11.34 -10.18 22.66
CA HIS A 226 10.69 -11.10 21.71
C HIS A 226 9.40 -10.49 21.15
N GLN A 227 9.09 -10.77 19.89
CA GLN A 227 7.92 -10.21 19.19
C GLN A 227 6.97 -11.30 18.68
N VAL A 232 11.07 -16.23 13.10
CA VAL A 232 11.90 -17.09 13.93
C VAL A 232 13.31 -16.51 14.06
N LEU A 233 14.13 -16.67 13.01
CA LEU A 233 15.53 -16.17 12.99
C LEU A 233 15.64 -14.67 12.97
N ASP A 234 14.52 -13.97 12.73
CA ASP A 234 14.40 -12.51 12.85
C ASP A 234 14.02 -12.03 14.27
N ASP A 235 14.03 -12.94 15.22
CA ASP A 235 13.77 -12.61 16.60
C ASP A 235 14.87 -13.24 17.51
N PRO A 236 16.14 -12.73 17.43
CA PRO A 236 17.23 -13.34 18.18
C PRO A 236 17.52 -12.74 19.58
N LYS A 237 16.66 -11.88 20.10
CA LYS A 237 16.90 -11.31 21.41
C LYS A 237 15.99 -12.02 22.38
N SER A 238 16.48 -12.17 23.61
CA SER A 238 15.73 -12.78 24.69
C SER A 238 16.20 -12.21 26.00
N ALA A 239 15.40 -12.33 27.06
CA ALA A 239 15.72 -11.77 28.37
C ALA A 239 15.39 -12.75 29.50
N GLY A 240 16.25 -12.79 30.51
CA GLY A 240 16.10 -13.69 31.64
C GLY A 240 16.39 -15.17 31.36
N VAL A 241 17.12 -15.45 30.26
CA VAL A 241 17.29 -16.82 29.75
C VAL A 241 18.78 -17.23 29.63
N ALA A 242 19.10 -18.40 30.14
CA ALA A 242 20.40 -19.00 29.90
C ALA A 242 20.37 -19.64 28.54
N THR A 243 21.29 -19.26 27.66
CA THR A 243 21.38 -19.85 26.29
C THR A 243 22.07 -21.24 26.27
N PHE A 244 21.97 -21.93 25.14
CA PHE A 244 22.41 -23.33 25.02
C PHE A 244 23.74 -23.63 25.75
N VAL A 245 24.82 -22.97 25.33
CA VAL A 245 26.16 -23.20 25.86
C VAL A 245 26.28 -22.92 27.35
N ILE A 246 25.56 -21.91 27.82
CA ILE A 246 25.57 -21.59 29.24
C ILE A 246 24.96 -22.77 29.99
N GLN A 247 23.91 -23.34 29.39
CA GLN A 247 23.20 -24.45 29.98
C GLN A 247 24.00 -25.74 29.92
N GLU A 248 24.46 -26.09 28.71
CA GLU A 248 25.20 -27.33 28.47
C GLU A 248 26.65 -27.32 29.01
N GLU A 249 27.31 -26.16 29.01
CA GLU A 249 28.74 -26.10 29.34
C GLU A 249 29.11 -25.34 30.59
N PHE A 250 28.19 -24.56 31.15
CA PHE A 250 28.50 -23.78 32.38
C PHE A 250 27.56 -24.05 33.55
N ASP A 251 26.65 -25.03 33.41
CA ASP A 251 25.78 -25.47 34.51
C ASP A 251 24.98 -24.34 35.18
N ARG A 252 24.51 -23.39 34.37
CA ARG A 252 23.57 -22.34 34.79
C ARG A 252 22.27 -22.54 34.00
N PHE A 253 21.14 -22.69 34.69
CA PHE A 253 19.85 -22.89 34.02
C PHE A 253 18.85 -21.71 34.19
N THR A 254 19.35 -20.59 34.72
CA THR A 254 18.53 -19.39 34.88
C THR A 254 19.29 -18.18 34.36
N GLY A 255 18.56 -17.15 34.02
CA GLY A 255 19.17 -15.89 33.58
C GLY A 255 18.51 -14.70 34.20
N TYR A 256 17.83 -14.92 35.30
CA TYR A 256 17.25 -13.85 36.09
C TYR A 256 17.40 -14.19 37.59
N TRP A 257 17.47 -13.15 38.41
CA TRP A 257 17.79 -13.28 39.83
C TRP A 257 17.04 -12.18 40.60
N TRP A 258 16.08 -12.62 41.41
CA TRP A 258 15.27 -11.75 42.24
C TRP A 258 16.20 -11.00 43.17
N CYS A 259 15.99 -9.70 43.33
CA CYS A 259 16.58 -8.99 44.48
C CYS A 259 15.88 -9.53 45.73
N PRO A 260 16.63 -9.82 46.82
CA PRO A 260 15.95 -10.43 47.99
C PRO A 260 15.25 -9.48 48.96
N THR A 261 15.43 -8.17 48.79
CA THR A 261 14.85 -7.17 49.70
C THR A 261 14.02 -6.18 48.92
N ALA A 262 12.89 -5.77 49.50
CA ALA A 262 12.04 -4.74 48.92
C ALA A 262 12.61 -3.35 49.23
N SER A 263 12.04 -2.35 48.58
CA SER A 263 12.44 -0.94 48.72
C SER A 263 11.18 -0.11 48.94
N TRP A 264 11.37 1.08 49.54
CA TRP A 264 10.26 1.97 49.85
C TRP A 264 10.59 3.42 49.50
N GLU A 265 10.77 3.66 48.20
CA GLU A 265 11.03 5.01 47.71
C GLU A 265 10.01 5.41 46.64
N GLY A 266 9.55 6.65 46.75
CA GLY A 266 8.63 7.26 45.76
C GLY A 266 7.88 8.43 46.38
N SER A 267 6.98 9.01 45.59
CA SER A 267 6.11 10.09 46.07
C SER A 267 5.15 9.64 47.18
N GLU A 268 4.42 8.53 46.97
CA GLU A 268 3.37 8.11 47.92
C GLU A 268 3.25 6.58 48.16
N GLY A 269 4.01 6.12 49.16
CA GLY A 269 3.93 4.76 49.72
C GLY A 269 3.96 3.51 48.85
N LEU A 270 4.56 3.60 47.66
CA LEU A 270 4.66 2.45 46.78
C LEU A 270 5.87 1.58 47.14
N LYS A 271 5.72 0.26 46.94
CA LYS A 271 6.74 -0.74 47.27
C LYS A 271 7.43 -1.22 46.00
N THR A 272 8.76 -1.10 45.96
CA THR A 272 9.60 -1.46 44.81
C THR A 272 10.30 -2.86 44.93
N LEU A 273 10.09 -3.69 43.91
CA LEU A 273 10.74 -5.00 43.80
C LEU A 273 11.65 -5.03 42.58
N ARG A 274 12.77 -5.76 42.69
CA ARG A 274 13.82 -5.74 41.67
C ARG A 274 14.22 -7.17 41.22
N ILE A 275 14.50 -7.30 39.91
CA ILE A 275 15.06 -8.50 39.33
C ILE A 275 16.28 -8.15 38.47
N LEU A 276 17.42 -8.73 38.78
CA LEU A 276 18.60 -8.66 37.90
C LEU A 276 18.32 -9.64 36.78
N TYR A 277 18.75 -9.34 35.54
CA TYR A 277 18.59 -10.30 34.46
C TYR A 277 19.61 -10.10 33.37
N GLU A 278 19.76 -11.15 32.57
CA GLU A 278 20.66 -11.15 31.44
C GLU A 278 19.86 -10.95 30.15
N GLU A 279 20.24 -9.95 29.37
CA GLU A 279 19.69 -9.76 28.03
C GLU A 279 20.65 -10.41 27.07
N VAL A 280 20.12 -11.07 26.06
CA VAL A 280 20.96 -11.80 25.13
C VAL A 280 20.52 -11.52 23.70
N ASP A 281 21.52 -11.37 22.83
CA ASP A 281 21.34 -11.15 21.40
C ASP A 281 22.09 -12.25 20.62
N GLU A 282 21.35 -13.25 20.13
CA GLU A 282 21.93 -14.40 19.40
C GLU A 282 22.12 -14.20 17.86
N SER A 283 21.99 -12.96 17.37
CA SER A 283 21.93 -12.61 15.93
C SER A 283 23.04 -13.21 15.15
N GLU A 284 24.27 -12.90 15.58
CA GLU A 284 25.50 -13.29 14.90
C GLU A 284 25.97 -14.70 15.25
N VAL A 285 25.12 -15.49 15.92
CA VAL A 285 25.45 -16.88 16.30
C VAL A 285 24.93 -17.82 15.23
N GLU A 286 25.76 -18.80 14.85
CA GLU A 286 25.40 -19.78 13.83
C GLU A 286 24.12 -20.55 14.10
N VAL A 287 23.39 -20.87 13.04
CA VAL A 287 22.16 -21.65 13.11
C VAL A 287 22.43 -23.05 12.53
N ILE A 288 21.92 -24.05 13.24
CA ILE A 288 21.95 -25.45 12.78
C ILE A 288 20.57 -26.09 12.98
N HIS A 289 20.26 -27.09 12.16
CA HIS A 289 18.96 -27.75 12.24
C HIS A 289 19.12 -29.19 12.75
N VAL A 290 18.40 -29.52 13.82
CA VAL A 290 18.35 -30.87 14.37
C VAL A 290 16.93 -31.41 14.16
N PRO A 291 16.79 -32.72 13.85
CA PRO A 291 15.45 -33.17 13.57
C PRO A 291 14.52 -33.19 14.79
N SER A 292 13.24 -33.01 14.50
CA SER A 292 12.21 -32.94 15.51
C SER A 292 11.93 -34.36 16.00
N PRO A 293 11.52 -34.52 17.29
CA PRO A 293 10.96 -35.80 17.75
C PRO A 293 9.64 -36.25 17.11
N ALA A 294 8.88 -35.31 16.52
CA ALA A 294 7.76 -35.64 15.61
C ALA A 294 8.28 -36.12 14.24
N LEU A 295 8.72 -37.39 14.21
CA LEU A 295 9.42 -37.95 13.05
C LEU A 295 8.57 -37.89 11.80
N GLU A 296 7.30 -38.23 11.99
CA GLU A 296 6.28 -38.23 10.94
C GLU A 296 6.04 -36.84 10.29
N GLU A 297 6.25 -35.77 11.07
CA GLU A 297 6.29 -34.39 10.54
C GLU A 297 7.41 -34.18 9.50
N ARG A 298 8.50 -34.95 9.64
CA ARG A 298 9.68 -34.82 8.81
C ARG A 298 10.31 -33.41 8.81
N LYS A 299 10.32 -32.80 10.00
CA LYS A 299 10.89 -31.46 10.20
C LYS A 299 12.06 -31.42 11.22
N THR A 300 12.74 -30.28 11.22
CA THR A 300 13.83 -29.91 12.11
C THR A 300 13.43 -28.74 13.03
N ASP A 301 14.29 -28.51 14.02
CA ASP A 301 14.27 -27.30 14.81
C ASP A 301 15.57 -26.50 14.56
N SER A 302 15.44 -25.17 14.52
CA SER A 302 16.60 -24.28 14.48
C SER A 302 17.19 -24.11 15.89
N TYR A 303 18.52 -24.03 15.94
CA TYR A 303 19.25 -23.87 17.20
C TYR A 303 20.30 -22.87 16.98
N ARG A 304 20.45 -21.94 17.92
CA ARG A 304 21.64 -21.06 17.93
C ARG A 304 22.73 -21.87 18.59
N TYR A 305 23.63 -22.42 17.79
CA TYR A 305 24.72 -23.30 18.27
C TYR A 305 26.06 -22.66 17.99
N PRO A 306 26.73 -22.12 19.03
CA PRO A 306 28.05 -21.54 18.80
C PRO A 306 29.12 -22.61 18.71
N ARG A 307 29.59 -22.88 17.49
CA ARG A 307 30.68 -23.81 17.30
C ARG A 307 32.00 -23.13 17.73
N THR A 308 32.97 -23.94 18.16
CA THR A 308 34.27 -23.47 18.52
C THR A 308 34.82 -22.52 17.49
N GLY A 309 35.36 -21.40 17.95
CA GLY A 309 35.89 -20.36 17.09
C GLY A 309 34.87 -19.39 16.54
N SER A 310 33.58 -19.65 16.75
CA SER A 310 32.51 -18.86 16.15
C SER A 310 31.99 -17.98 17.24
N LYS A 311 31.09 -17.06 16.89
CA LYS A 311 30.58 -16.05 17.85
C LYS A 311 29.57 -16.60 18.87
N ASN A 312 29.77 -16.24 20.14
CA ASN A 312 28.79 -16.46 21.22
C ASN A 312 27.77 -15.33 21.16
N PRO A 313 26.58 -15.53 21.78
CA PRO A 313 25.65 -14.40 21.81
C PRO A 313 26.25 -13.13 22.42
N LYS A 314 25.71 -11.98 22.00
CA LYS A 314 26.02 -10.68 22.61
C LYS A 314 25.26 -10.59 23.92
N ILE A 315 25.94 -10.23 25.01
CA ILE A 315 25.33 -10.25 26.37
C ILE A 315 25.42 -8.92 27.14
N ALA A 316 24.51 -8.75 28.07
CA ALA A 316 24.59 -7.69 29.04
C ALA A 316 23.74 -8.07 30.26
N LEU A 317 23.97 -7.36 31.36
CA LEU A 317 23.12 -7.47 32.54
C LEU A 317 22.23 -6.24 32.59
N LYS A 318 20.92 -6.47 32.75
CA LYS A 318 19.93 -5.42 32.90
C LYS A 318 19.20 -5.59 34.24
N LEU A 319 18.46 -4.55 34.62
CA LEU A 319 17.71 -4.52 35.86
C LEU A 319 16.25 -4.16 35.55
N ALA A 320 15.32 -4.86 36.18
CA ALA A 320 13.90 -4.65 35.97
C ALA A 320 13.24 -4.41 37.32
N GLU A 321 12.62 -3.24 37.47
CA GLU A 321 11.93 -2.94 38.73
C GLU A 321 10.44 -2.87 38.49
N PHE A 322 9.65 -3.11 39.53
CA PHE A 322 8.20 -2.93 39.47
C PHE A 322 7.72 -2.47 40.85
N GLN A 323 6.65 -1.68 40.86
CA GLN A 323 6.09 -1.14 42.11
C GLN A 323 4.72 -1.76 42.36
N THR A 324 4.40 -1.99 43.63
CA THR A 324 3.11 -2.60 44.04
C THR A 324 2.47 -1.77 45.16
N ASP A 325 1.14 -1.72 45.19
CA ASP A 325 0.45 -0.99 46.27
C ASP A 325 0.19 -1.93 47.46
N SER A 326 -0.49 -1.42 48.50
CA SER A 326 -0.86 -2.21 49.68
C SER A 326 -1.79 -3.38 49.35
N GLN A 327 -2.68 -3.17 48.38
CA GLN A 327 -3.59 -4.21 47.88
C GLN A 327 -2.94 -5.26 46.96
N GLY A 328 -1.63 -5.11 46.68
CA GLY A 328 -0.89 -6.07 45.87
C GLY A 328 -1.05 -5.89 44.38
N LYS A 329 -1.58 -4.73 43.97
CA LYS A 329 -1.72 -4.40 42.54
C LYS A 329 -0.36 -3.91 42.04
N ILE A 330 0.04 -4.38 40.86
CA ILE A 330 1.28 -3.91 40.22
C ILE A 330 1.03 -2.55 39.55
N VAL A 331 1.44 -1.48 40.21
CA VAL A 331 1.22 -0.10 39.74
C VAL A 331 2.09 0.26 38.52
N SER A 332 3.37 -0.09 38.55
CA SER A 332 4.29 0.28 37.45
C SER A 332 5.47 -0.67 37.31
N THR A 333 6.14 -0.58 36.16
CA THR A 333 7.30 -1.44 35.85
C THR A 333 8.32 -0.59 35.13
N GLN A 334 9.60 -0.97 35.13
CA GLN A 334 10.63 -0.17 34.46
C GLN A 334 11.77 -1.04 33.92
N GLU A 335 12.18 -0.78 32.67
CA GLU A 335 13.34 -1.44 32.06
C GLU A 335 14.56 -0.53 32.34
N LYS A 336 15.57 -1.08 33.01
CA LYS A 336 16.81 -0.36 33.39
C LYS A 336 18.05 -1.04 32.83
N GLU A 337 19.12 -0.26 32.69
CA GLU A 337 20.35 -0.76 32.14
C GLU A 337 21.54 -0.01 32.68
N LEU A 338 22.71 -0.64 32.56
CA LEU A 338 23.95 -0.04 33.02
C LEU A 338 24.13 1.32 32.34
N VAL A 339 24.52 2.31 33.14
CA VAL A 339 24.76 3.69 32.68
C VAL A 339 25.77 3.75 31.53
N GLN A 340 26.63 2.74 31.47
CA GLN A 340 27.57 2.58 30.37
C GLN A 340 27.40 1.17 29.82
N PRO A 341 27.66 0.99 28.50
CA PRO A 341 27.54 -0.36 27.98
C PRO A 341 28.28 -1.40 28.82
N PHE A 342 27.66 -2.56 29.00
CA PHE A 342 28.33 -3.72 29.55
C PHE A 342 29.61 -4.04 28.77
N SER A 343 29.57 -3.87 27.46
CA SER A 343 30.71 -4.13 26.57
C SER A 343 31.87 -3.11 26.63
N SER A 344 31.66 -1.99 27.30
CA SER A 344 32.72 -0.98 27.51
C SER A 344 33.22 -0.96 28.95
N LEU A 345 32.32 -1.20 29.91
CA LEU A 345 32.65 -1.34 31.33
C LEU A 345 33.43 -2.63 31.61
N PHE A 346 33.08 -3.69 30.88
CA PHE A 346 33.68 -5.02 31.08
C PHE A 346 34.11 -5.59 29.72
N PRO A 347 35.06 -4.91 29.04
CA PRO A 347 35.35 -5.21 27.63
C PRO A 347 35.87 -6.60 27.31
N LYS A 348 36.48 -7.29 28.27
CA LYS A 348 37.06 -8.62 28.05
C LYS A 348 36.11 -9.79 28.37
N VAL A 349 34.94 -9.49 28.93
CA VAL A 349 33.99 -10.50 29.40
C VAL A 349 33.22 -11.09 28.22
N GLU A 350 33.33 -12.41 28.05
CA GLU A 350 32.62 -13.19 27.03
C GLU A 350 31.40 -13.97 27.57
N TYR A 351 31.45 -14.41 28.82
CA TYR A 351 30.38 -15.22 29.40
C TYR A 351 30.07 -14.72 30.80
N ILE A 352 28.80 -14.75 31.17
CA ILE A 352 28.39 -14.48 32.54
C ILE A 352 28.17 -15.87 33.09
N ALA A 353 29.08 -16.33 33.93
CA ALA A 353 28.98 -17.64 34.53
C ALA A 353 27.88 -17.70 35.59
N ARG A 354 27.87 -16.75 36.52
CA ARG A 354 26.90 -16.76 37.63
C ARG A 354 26.54 -15.32 37.96
N ALA A 355 25.50 -15.18 38.77
CA ALA A 355 25.09 -13.88 39.28
C ALA A 355 24.16 -14.05 40.47
N GLY A 356 23.83 -12.92 41.10
CA GLY A 356 22.94 -12.89 42.26
C GLY A 356 23.00 -11.57 42.97
N TRP A 357 22.54 -11.55 44.21
CA TRP A 357 22.53 -10.36 45.05
C TRP A 357 23.11 -10.65 46.43
N THR A 358 23.56 -9.60 47.12
CA THR A 358 23.93 -9.70 48.53
C THR A 358 22.61 -9.84 49.32
N ARG A 359 22.66 -10.36 50.54
CA ARG A 359 21.41 -10.66 51.27
C ARG A 359 20.57 -9.42 51.62
N ASP A 360 21.22 -8.27 51.77
CA ASP A 360 20.55 -6.98 52.02
C ASP A 360 20.06 -6.29 50.75
N GLY A 361 20.44 -6.81 49.58
CA GLY A 361 20.04 -6.24 48.30
C GLY A 361 20.78 -4.97 47.97
N LYS A 362 21.90 -4.71 48.66
CA LYS A 362 22.69 -3.49 48.47
C LYS A 362 23.48 -3.53 47.18
N TYR A 363 23.99 -4.72 46.86
CA TYR A 363 24.66 -4.96 45.58
C TYR A 363 24.11 -6.19 44.87
N ALA A 364 24.02 -6.11 43.54
CA ALA A 364 23.89 -7.31 42.72
C ALA A 364 25.32 -7.76 42.45
N TRP A 365 25.50 -9.04 42.13
CA TRP A 365 26.83 -9.52 41.79
C TRP A 365 26.81 -10.42 40.58
N ALA A 366 27.96 -10.52 39.93
CA ALA A 366 28.13 -11.35 38.76
C ALA A 366 29.52 -11.98 38.77
N MET A 367 29.58 -13.22 38.29
CA MET A 367 30.83 -13.93 38.03
C MET A 367 31.06 -13.88 36.50
N PHE A 368 32.18 -13.29 36.07
CA PHE A 368 32.49 -13.08 34.64
C PHE A 368 33.63 -13.97 34.20
N LEU A 369 33.69 -14.26 32.90
CA LEU A 369 34.73 -15.11 32.31
C LEU A 369 35.16 -14.58 30.95
N ASP A 370 36.47 -14.57 30.66
CA ASP A 370 36.93 -14.20 29.30
C ASP A 370 36.76 -15.40 28.36
N ARG A 371 36.99 -15.20 27.06
CA ARG A 371 36.75 -16.26 26.07
C ARG A 371 37.68 -17.50 26.28
N PRO A 372 38.98 -17.27 26.52
CA PRO A 372 39.82 -18.44 26.81
C PRO A 372 39.51 -19.15 28.14
N GLN A 373 38.68 -18.56 28.97
CA GLN A 373 38.30 -19.14 30.25
C GLN A 373 39.52 -19.39 31.09
N GLN A 374 40.38 -18.37 31.14
CA GLN A 374 41.59 -18.36 31.97
C GLN A 374 41.65 -17.16 32.94
N TRP A 375 40.56 -16.38 33.02
CA TRP A 375 40.50 -15.16 33.80
C TRP A 375 39.07 -15.00 34.25
N LEU A 376 38.87 -14.91 35.56
CA LEU A 376 37.54 -14.77 36.12
C LEU A 376 37.49 -13.49 36.94
N GLN A 377 36.30 -12.91 37.07
CA GLN A 377 36.05 -11.75 37.94
C GLN A 377 34.72 -11.85 38.70
N LEU A 378 34.77 -11.63 40.01
CA LEU A 378 33.58 -11.39 40.84
C LEU A 378 33.44 -9.89 40.96
N VAL A 379 32.27 -9.39 40.58
CA VAL A 379 32.03 -7.96 40.37
C VAL A 379 30.72 -7.60 41.08
N LEU A 380 30.72 -6.59 41.93
CA LEU A 380 29.51 -6.06 42.56
C LEU A 380 28.94 -4.92 41.72
N LEU A 381 27.65 -4.98 41.39
CA LEU A 381 26.96 -3.94 40.64
C LEU A 381 25.95 -3.20 41.53
N PRO A 382 26.28 -1.96 41.95
CA PRO A 382 25.25 -1.23 42.71
C PRO A 382 23.99 -0.97 41.84
N PRO A 383 22.77 -1.16 42.39
CA PRO A 383 21.54 -0.84 41.65
C PRO A 383 21.48 0.58 41.06
N ALA A 384 22.07 1.55 41.75
CA ALA A 384 22.16 2.94 41.27
C ALA A 384 23.02 3.08 40.02
N LEU A 385 23.83 2.06 39.73
CA LEU A 385 24.63 2.00 38.52
C LEU A 385 23.79 1.77 37.29
N PHE A 386 22.53 1.38 37.48
CA PHE A 386 21.58 1.15 36.38
C PHE A 386 20.60 2.33 36.21
N ILE A 387 20.46 2.78 34.95
CA ILE A 387 19.54 3.92 34.57
C ILE A 387 18.41 3.46 33.63
N PRO A 388 17.21 4.12 33.69
CA PRO A 388 16.14 3.65 32.79
C PRO A 388 16.53 3.69 31.31
N SER A 389 16.10 2.69 30.55
CA SER A 389 16.45 2.57 29.14
C SER A 389 15.53 3.49 28.36
N THR A 390 16.12 4.28 27.45
CA THR A 390 15.38 5.17 26.54
C THR A 390 16.09 5.17 25.19
N GLU A 391 15.32 5.19 24.10
CA GLU A 391 15.87 5.33 22.73
C GLU A 391 16.35 6.76 22.50
N ASN A 392 15.78 7.68 23.29
CA ASN A 392 16.16 9.10 23.28
C ASN A 392 17.58 9.35 23.82
N GLU A 393 18.43 9.91 22.95
CA GLU A 393 19.83 10.26 23.24
C GLU A 393 19.93 11.23 24.41
N GLU A 394 19.12 12.29 24.35
CA GLU A 394 19.11 13.40 25.33
C GLU A 394 18.75 12.97 26.76
N GLN A 395 17.73 12.11 26.90
CA GLN A 395 17.29 11.63 28.23
C GLN A 395 18.37 10.81 28.90
N ARG A 396 19.04 9.95 28.12
CA ARG A 396 20.07 9.04 28.65
C ARG A 396 21.21 9.84 29.27
N LEU A 397 21.61 10.94 28.62
CA LEU A 397 22.65 11.85 29.16
C LEU A 397 22.26 12.44 30.52
N ALA A 398 21.02 12.93 30.63
CA ALA A 398 20.49 13.49 31.88
C ALA A 398 20.55 12.50 33.02
N SER A 399 19.98 11.31 32.80
CA SER A 399 19.99 10.19 33.75
C SER A 399 21.38 9.69 34.13
N ALA A 400 22.31 9.77 33.17
CA ALA A 400 23.72 9.44 33.35
C ALA A 400 24.40 10.47 34.21
N ARG A 401 24.27 11.74 33.87
CA ARG A 401 24.70 12.85 34.74
C ARG A 401 24.18 12.67 36.16
N ALA A 402 22.90 12.35 36.30
CA ALA A 402 22.23 12.19 37.59
C ALA A 402 22.87 11.12 38.45
N VAL A 403 23.42 10.08 37.83
CA VAL A 403 24.01 8.95 38.58
C VAL A 403 25.13 9.49 39.50
N PRO A 404 25.07 9.18 40.84
CA PRO A 404 26.15 9.71 41.69
C PRO A 404 27.57 9.30 41.27
N ARG A 405 28.51 10.22 41.51
CA ARG A 405 29.91 10.08 41.12
C ARG A 405 30.64 8.97 41.88
N ASN A 406 30.26 8.75 43.14
CA ASN A 406 30.87 7.68 43.94
C ASN A 406 30.45 6.25 43.51
N VAL A 407 29.30 6.10 42.86
CA VAL A 407 28.80 4.80 42.42
C VAL A 407 29.73 4.22 41.32
N GLN A 408 30.12 2.95 41.47
CA GLN A 408 30.94 2.23 40.49
C GLN A 408 30.82 0.71 40.64
N PRO A 409 31.21 -0.05 39.60
CA PRO A 409 31.43 -1.49 39.83
C PRO A 409 32.64 -1.75 40.74
N TYR A 410 32.59 -2.84 41.49
CA TYR A 410 33.65 -3.21 42.39
C TYR A 410 34.06 -4.65 42.10
N VAL A 411 35.27 -4.81 41.59
CA VAL A 411 35.83 -6.13 41.33
C VAL A 411 36.48 -6.61 42.62
N VAL A 412 35.71 -7.32 43.42
CA VAL A 412 36.17 -7.85 44.70
C VAL A 412 37.08 -9.09 44.60
N TYR A 413 37.11 -9.74 43.42
CA TYR A 413 37.94 -10.95 43.22
C TYR A 413 38.23 -11.24 41.76
N GLU A 414 39.45 -11.66 41.50
CA GLU A 414 39.93 -11.98 40.16
C GLU A 414 40.78 -13.24 40.31
N GLU A 415 40.52 -14.26 39.49
CA GLU A 415 41.20 -15.58 39.54
C GLU A 415 41.77 -15.85 38.16
N VAL A 416 43.05 -16.18 38.09
CA VAL A 416 43.73 -16.42 36.81
C VAL A 416 44.51 -17.76 36.86
N THR A 417 44.74 -18.34 35.69
CA THR A 417 45.43 -19.62 35.56
C THR A 417 46.00 -19.84 34.17
N ASN A 418 46.92 -20.78 34.09
CA ASN A 418 47.56 -21.19 32.83
C ASN A 418 46.84 -22.36 32.14
N VAL A 419 45.88 -23.00 32.84
CA VAL A 419 45.17 -24.19 32.33
C VAL A 419 43.80 -23.73 31.87
N TRP A 420 42.85 -23.61 32.81
CA TRP A 420 41.47 -23.16 32.56
C TRP A 420 40.77 -22.95 33.91
N ILE A 421 39.80 -22.05 33.92
CA ILE A 421 39.00 -21.78 35.11
C ILE A 421 37.77 -22.70 35.05
N ASN A 422 37.70 -23.66 35.96
CA ASN A 422 36.48 -24.36 36.23
C ASN A 422 35.60 -23.39 37.03
N VAL A 423 34.30 -23.34 36.73
CA VAL A 423 33.38 -22.48 37.48
C VAL A 423 32.91 -23.15 38.78
N HIS A 424 33.26 -22.52 39.91
CA HIS A 424 32.87 -23.02 41.25
C HIS A 424 31.74 -22.17 41.85
N ASP A 425 30.69 -22.84 42.30
CA ASP A 425 29.44 -22.19 42.72
C ASP A 425 29.49 -21.48 44.07
N ILE A 426 30.53 -21.74 44.87
CA ILE A 426 30.65 -21.17 46.23
C ILE A 426 31.12 -19.69 46.21
N PHE A 427 30.24 -18.82 46.69
CA PHE A 427 30.53 -17.40 46.90
C PHE A 427 29.52 -16.88 47.91
N TYR A 428 29.93 -16.73 49.16
CA TYR A 428 29.01 -16.34 50.21
C TYR A 428 29.38 -14.96 50.77
N PRO A 429 28.69 -13.87 50.31
CA PRO A 429 29.00 -12.57 50.93
C PRO A 429 28.32 -12.39 52.27
N PHE A 430 29.08 -12.02 53.30
CA PHE A 430 28.52 -11.78 54.64
C PHE A 430 27.88 -10.39 54.66
N PRO A 431 26.97 -10.12 55.63
CA PRO A 431 26.43 -8.76 55.69
C PRO A 431 27.53 -7.81 56.13
N GLN A 432 27.39 -6.54 55.76
CA GLN A 432 28.45 -5.55 56.01
C GLN A 432 28.30 -4.90 57.38
N SER A 433 29.41 -4.84 58.12
CA SER A 433 29.47 -4.27 59.47
C SER A 433 30.91 -4.02 59.94
N GLU A 436 30.66 -0.94 56.29
CA GLU A 436 30.78 -0.52 54.90
C GLU A 436 32.25 -0.23 54.55
N ASP A 437 32.51 0.13 53.29
CA ASP A 437 33.87 0.39 52.78
C ASP A 437 34.69 -0.91 52.64
N GLU A 438 34.04 -2.07 52.80
CA GLU A 438 34.66 -3.37 52.60
C GLU A 438 33.61 -4.50 52.52
N LEU A 439 34.01 -5.62 51.93
CA LEU A 439 33.16 -6.81 51.82
C LEU A 439 33.93 -8.07 52.21
N CYS A 440 33.38 -8.79 53.17
CA CYS A 440 33.92 -10.06 53.63
C CYS A 440 33.08 -11.18 52.98
N PHE A 441 33.75 -12.15 52.36
CA PHE A 441 33.04 -13.29 51.78
C PHE A 441 33.86 -14.57 51.77
N LEU A 442 33.17 -15.70 51.68
CA LEU A 442 33.80 -17.01 51.48
C LEU A 442 33.90 -17.27 49.99
N ARG A 443 35.01 -17.86 49.55
CA ARG A 443 35.18 -18.18 48.14
C ARG A 443 35.85 -19.56 47.94
N ALA A 444 35.29 -20.37 47.05
CA ALA A 444 35.96 -21.58 46.59
C ALA A 444 36.88 -21.22 45.45
N ASN A 445 38.19 -21.39 45.66
CA ASN A 445 39.21 -21.11 44.67
C ASN A 445 40.09 -22.36 44.45
N GLU A 446 40.32 -22.68 43.17
CA GLU A 446 41.16 -23.81 42.73
C GLU A 446 42.52 -23.41 42.13
N CYS A 447 42.58 -22.25 41.49
CA CYS A 447 43.78 -21.79 40.79
C CYS A 447 44.93 -21.43 41.72
N LYS A 448 44.64 -21.07 42.96
CA LYS A 448 45.66 -20.59 43.91
C LYS A 448 46.72 -21.65 44.16
N THR A 449 46.27 -22.84 44.57
CA THR A 449 47.15 -23.98 44.88
C THR A 449 47.03 -25.19 43.94
N GLY A 450 46.02 -25.19 43.07
CA GLY A 450 45.75 -26.31 42.18
C GLY A 450 44.66 -27.23 42.67
N PHE A 451 44.12 -26.93 43.86
CA PHE A 451 42.98 -27.66 44.42
C PHE A 451 41.94 -26.67 44.91
N CYS A 452 40.68 -27.06 44.83
CA CYS A 452 39.57 -26.24 45.29
C CYS A 452 39.48 -26.26 46.81
N HIS A 453 39.70 -25.10 47.40
CA HIS A 453 39.62 -24.90 48.84
C HIS A 453 38.81 -23.65 49.14
N LEU A 454 38.30 -23.57 50.37
CA LEU A 454 37.54 -22.42 50.85
C LEU A 454 38.50 -21.38 51.41
N TYR A 455 38.22 -20.11 51.09
CA TYR A 455 39.00 -18.96 51.53
C TYR A 455 38.05 -17.93 52.09
N LYS A 456 38.53 -17.13 53.04
CA LYS A 456 37.74 -15.99 53.56
C LYS A 456 38.44 -14.80 53.00
N VAL A 457 37.70 -13.91 52.36
CA VAL A 457 38.31 -12.74 51.72
C VAL A 457 37.65 -11.46 52.22
N THR A 458 38.46 -10.42 52.39
CA THR A 458 37.97 -9.07 52.70
C THR A 458 38.52 -8.18 51.59
N ALA A 459 37.61 -7.60 50.81
CA ALA A 459 37.96 -6.67 49.73
C ALA A 459 37.60 -5.27 50.15
N VAL A 460 38.44 -4.31 49.80
CA VAL A 460 38.27 -2.92 50.19
C VAL A 460 37.51 -2.18 49.10
N LEU A 461 36.35 -1.64 49.44
CA LEU A 461 35.53 -0.82 48.51
C LEU A 461 35.81 0.68 48.72
N LYS A 462 36.63 1.25 47.84
CA LYS A 462 36.96 2.68 47.83
C LYS A 462 36.68 3.27 46.44
N SER A 463 35.74 4.22 46.39
CA SER A 463 35.25 4.82 45.12
C SER A 463 36.23 5.84 44.53
N GLN A 464 36.72 5.60 43.33
CA GLN A 464 37.65 6.51 42.64
C GLN A 464 36.97 7.82 42.23
N GLY A 465 35.67 7.74 41.89
CA GLY A 465 34.89 8.90 41.44
C GLY A 465 34.93 8.97 39.93
N TYR A 466 33.77 8.87 39.28
CA TYR A 466 33.68 8.85 37.80
C TYR A 466 32.57 9.75 37.27
N ASP A 467 32.81 10.40 36.12
CA ASP A 467 31.77 11.16 35.43
C ASP A 467 31.03 10.14 34.55
N TRP A 468 29.86 9.69 34.99
CA TRP A 468 29.12 8.66 34.26
C TRP A 468 28.51 9.17 32.95
N SER A 469 28.43 10.51 32.81
CA SER A 469 27.98 11.16 31.57
C SER A 469 28.96 10.99 30.41
N GLU A 470 30.27 11.20 30.64
CA GLU A 470 31.28 11.15 29.57
C GLU A 470 31.54 9.70 29.09
N PRO A 471 32.01 9.53 27.82
CA PRO A 471 32.30 8.14 27.42
C PRO A 471 33.47 7.65 28.27
N PHE A 472 33.42 6.38 28.64
CA PHE A 472 34.41 5.83 29.58
C PHE A 472 35.05 4.59 28.96
N SER A 473 36.38 4.58 28.90
CA SER A 473 37.15 3.41 28.47
C SER A 473 38.04 2.97 29.65
N PRO A 474 37.88 1.72 30.16
CA PRO A 474 38.60 1.43 31.40
C PRO A 474 39.98 0.82 31.22
N GLY A 475 40.80 0.94 32.26
CA GLY A 475 42.14 0.35 32.29
C GLY A 475 42.12 -1.15 32.59
N GLU A 476 43.32 -1.74 32.69
CA GLU A 476 43.47 -3.19 32.89
C GLU A 476 42.89 -3.66 34.24
N ASP A 477 43.00 -2.81 35.26
CA ASP A 477 42.46 -3.11 36.59
C ASP A 477 41.60 -1.96 37.14
N GLU A 478 40.72 -1.44 36.29
CA GLU A 478 39.93 -0.24 36.57
C GLU A 478 39.18 -0.26 37.91
N PHE A 479 38.46 -1.34 38.19
CA PHE A 479 37.64 -1.42 39.41
C PHE A 479 38.17 -2.46 40.39
N LYS A 480 39.39 -2.95 40.16
CA LYS A 480 40.00 -3.99 40.99
C LYS A 480 40.21 -3.50 42.43
N CYS A 481 39.33 -3.94 43.32
CA CYS A 481 39.46 -3.70 44.75
C CYS A 481 40.75 -4.27 45.32
N PRO A 482 41.40 -3.54 46.24
CA PRO A 482 42.45 -4.19 47.01
C PRO A 482 41.86 -5.24 47.96
N ILE A 483 42.64 -6.29 48.19
CA ILE A 483 42.29 -7.38 49.11
C ILE A 483 42.95 -7.02 50.44
N LYS A 484 42.13 -6.80 51.47
CA LYS A 484 42.63 -6.49 52.81
C LYS A 484 43.30 -7.73 53.40
N GLU A 485 42.55 -8.81 53.48
CA GLU A 485 43.10 -10.11 53.89
C GLU A 485 42.49 -11.25 53.08
N GLU A 486 43.13 -12.41 53.19
CA GLU A 486 42.73 -13.61 52.45
C GLU A 486 43.28 -14.83 53.20
N ILE A 487 42.37 -15.57 53.83
CA ILE A 487 42.71 -16.68 54.72
C ILE A 487 42.27 -18.00 54.08
N ALA A 488 43.16 -19.00 54.11
CA ALA A 488 42.83 -20.36 53.66
C ALA A 488 42.14 -21.09 54.77
N LEU A 489 40.86 -21.42 54.56
CA LEU A 489 40.06 -22.17 55.56
C LEU A 489 40.32 -23.67 55.48
N THR A 490 40.73 -24.11 54.28
CA THR A 490 41.08 -25.50 54.00
C THR A 490 42.33 -25.51 53.14
N SER A 491 43.08 -26.60 53.23
CA SER A 491 44.30 -26.76 52.45
C SER A 491 44.67 -28.24 52.29
N GLY A 492 45.48 -28.54 51.27
CA GLY A 492 46.04 -29.88 51.06
C GLY A 492 45.72 -30.50 49.71
N GLU A 493 46.33 -31.66 49.48
CA GLU A 493 46.19 -32.45 48.25
C GLU A 493 44.82 -33.18 48.19
N TRP A 494 43.76 -32.40 48.09
CA TRP A 494 42.37 -32.85 48.07
C TRP A 494 41.47 -31.63 47.83
N GLU A 495 40.17 -31.85 47.60
CA GLU A 495 39.34 -30.72 47.14
C GLU A 495 37.99 -30.59 47.83
N VAL A 496 37.55 -29.34 47.95
CA VAL A 496 36.22 -28.98 48.42
C VAL A 496 35.31 -29.16 47.20
N LEU A 497 34.09 -29.65 47.43
CA LEU A 497 33.13 -29.82 46.35
C LEU A 497 32.32 -28.54 46.17
N ALA A 498 32.43 -27.92 45.00
CA ALA A 498 31.76 -26.66 44.68
C ALA A 498 30.98 -26.61 43.36
N ARG A 499 30.88 -27.73 42.65
CA ARG A 499 30.16 -27.75 41.35
C ARG A 499 29.01 -28.75 41.35
N HIS A 500 28.23 -28.70 40.27
CA HIS A 500 27.17 -29.68 39.98
C HIS A 500 26.29 -30.04 41.15
N GLY A 501 25.86 -29.02 41.87
CA GLY A 501 24.93 -29.18 42.97
C GLY A 501 25.61 -29.20 44.32
N SER A 502 26.94 -29.28 44.34
CA SER A 502 27.67 -29.22 45.60
C SER A 502 27.61 -27.79 46.14
N LYS A 503 27.46 -27.66 47.45
CA LYS A 503 27.38 -26.35 48.10
C LYS A 503 27.79 -26.43 49.56
N ILE A 504 28.00 -25.25 50.14
CA ILE A 504 28.33 -25.12 51.57
C ILE A 504 27.12 -24.56 52.33
N TRP A 505 27.21 -24.73 53.65
CA TRP A 505 26.23 -24.22 54.62
C TRP A 505 27.02 -23.43 55.69
N VAL A 506 26.62 -22.17 55.87
CA VAL A 506 27.32 -21.25 56.76
C VAL A 506 26.40 -20.90 57.92
N ASN A 507 26.81 -21.26 59.14
CA ASN A 507 26.12 -20.84 60.38
C ASN A 507 26.87 -19.67 61.02
N GLU A 508 26.23 -18.51 61.01
CA GLU A 508 26.85 -17.26 61.47
C GLU A 508 26.87 -17.06 63.00
N GLU A 509 25.95 -17.69 63.74
CA GLU A 509 26.03 -17.72 65.21
C GLU A 509 27.30 -18.42 65.66
N THR A 510 27.55 -19.62 65.13
CA THR A 510 28.68 -20.48 65.53
C THR A 510 30.00 -20.23 64.79
N LYS A 511 29.91 -19.49 63.69
CA LYS A 511 31.06 -19.14 62.83
C LYS A 511 31.65 -20.33 62.06
N LEU A 512 30.80 -21.35 61.82
CA LEU A 512 31.20 -22.60 61.17
C LEU A 512 30.67 -22.65 59.74
N VAL A 513 31.52 -23.11 58.83
CA VAL A 513 31.14 -23.44 57.47
C VAL A 513 31.13 -24.97 57.31
N TYR A 514 30.04 -25.52 56.77
CA TYR A 514 29.91 -26.96 56.55
C TYR A 514 30.07 -27.21 55.05
N PHE A 515 30.86 -28.22 54.66
CA PHE A 515 31.10 -28.51 53.23
C PHE A 515 31.38 -29.98 52.94
N GLN A 516 31.45 -30.34 51.65
CA GLN A 516 31.77 -31.71 51.26
C GLN A 516 33.14 -31.75 50.60
N GLY A 517 33.85 -32.88 50.77
CA GLY A 517 35.22 -32.97 50.25
C GLY A 517 35.74 -34.39 50.15
N THR A 518 36.90 -34.49 49.49
CA THR A 518 37.61 -35.75 49.25
C THR A 518 38.86 -35.87 50.15
N LYS A 519 38.85 -35.13 51.26
CA LYS A 519 39.98 -35.03 52.17
C LYS A 519 40.41 -36.41 52.69
N ASP A 520 39.44 -37.21 53.13
CA ASP A 520 39.70 -38.60 53.52
C ASP A 520 40.23 -39.44 52.34
N THR A 521 39.59 -39.34 51.18
CA THR A 521 39.99 -40.08 49.99
C THR A 521 39.24 -39.54 48.75
N PRO A 522 39.84 -39.62 47.52
CA PRO A 522 39.12 -39.16 46.30
C PRO A 522 38.01 -40.05 45.80
N LEU A 523 37.81 -41.21 46.42
CA LEU A 523 36.77 -42.15 46.09
C LEU A 523 35.54 -42.01 47.01
N GLU A 524 35.59 -41.11 47.98
CA GLU A 524 34.43 -40.91 48.86
C GLU A 524 34.15 -39.43 49.01
N HIS A 525 32.87 -39.06 49.00
CA HIS A 525 32.44 -37.71 49.36
C HIS A 525 32.04 -37.70 50.83
N HIS A 526 32.66 -36.81 51.61
CA HIS A 526 32.29 -36.65 53.03
C HIS A 526 31.86 -35.22 53.39
N LEU A 527 31.14 -35.13 54.52
CA LEU A 527 30.67 -33.85 55.08
C LEU A 527 31.65 -33.42 56.18
N TYR A 528 32.19 -32.20 56.09
CA TYR A 528 33.12 -31.68 57.11
C TYR A 528 32.63 -30.36 57.66
N VAL A 529 33.17 -30.00 58.83
CA VAL A 529 32.93 -28.69 59.42
C VAL A 529 34.26 -28.05 59.87
N VAL A 530 34.46 -26.78 59.49
CA VAL A 530 35.64 -26.01 59.90
C VAL A 530 35.19 -24.60 60.26
N SER A 531 35.94 -23.91 61.11
CA SER A 531 35.54 -22.58 61.53
C SER A 531 36.02 -21.60 60.49
N TYR A 532 35.12 -20.71 60.05
CA TYR A 532 35.53 -19.62 59.18
C TYR A 532 36.11 -18.45 60.00
N GLU A 533 35.71 -18.35 61.27
CA GLU A 533 36.34 -17.40 62.21
C GLU A 533 37.78 -17.79 62.53
N ALA A 534 37.97 -19.03 62.97
CA ALA A 534 39.29 -19.56 63.38
C ALA A 534 39.65 -20.82 62.62
N ALA A 535 40.47 -20.68 61.58
CA ALA A 535 40.80 -21.81 60.71
C ALA A 535 41.76 -22.79 61.37
N GLY A 536 41.21 -23.82 62.01
CA GLY A 536 42.00 -24.85 62.64
C GLY A 536 41.56 -26.25 62.21
N GLU A 537 40.81 -26.91 63.09
CA GLU A 537 40.46 -28.32 62.93
C GLU A 537 39.21 -28.56 62.08
N ILE A 538 39.38 -29.31 60.99
CA ILE A 538 38.29 -29.78 60.13
C ILE A 538 37.78 -31.06 60.74
N VAL A 539 36.51 -31.10 61.11
CA VAL A 539 35.87 -32.29 61.66
C VAL A 539 35.01 -32.95 60.57
N ARG A 540 35.20 -34.27 60.39
CA ARG A 540 34.37 -35.10 59.51
C ARG A 540 33.17 -35.58 60.29
N LEU A 541 31.99 -35.52 59.66
CA LEU A 541 30.70 -35.91 60.27
C LEU A 541 30.06 -37.13 59.64
N THR A 542 30.64 -37.64 58.55
CA THR A 542 30.11 -38.79 57.84
C THR A 542 30.98 -40.02 58.08
N THR A 543 30.36 -41.19 58.12
CA THR A 543 31.06 -42.45 58.43
C THR A 543 31.91 -42.93 57.26
N PRO A 544 33.16 -43.38 57.51
CA PRO A 544 33.99 -43.86 56.37
C PRO A 544 33.52 -45.17 55.77
N GLY A 545 34.08 -45.52 54.63
CA GLY A 545 33.64 -46.70 53.87
C GLY A 545 32.50 -46.45 52.90
N PHE A 546 31.92 -45.24 52.93
CA PHE A 546 30.84 -44.87 52.03
C PHE A 546 31.06 -43.49 51.43
N SER A 547 30.33 -43.21 50.35
CA SER A 547 30.34 -41.90 49.71
C SER A 547 28.99 -41.24 49.97
N HIS A 548 29.01 -40.04 50.55
CA HIS A 548 27.76 -39.39 50.98
C HIS A 548 27.34 -38.19 50.12
N SER A 549 26.04 -38.03 49.93
CA SER A 549 25.47 -36.83 49.34
C SER A 549 24.56 -36.22 50.41
N CYS A 550 24.97 -35.08 50.97
CA CYS A 550 24.30 -34.54 52.15
C CYS A 550 23.58 -33.23 51.92
N SER A 551 22.54 -33.02 52.73
CA SER A 551 21.72 -31.81 52.77
C SER A 551 21.71 -31.36 54.24
N MET A 552 22.03 -30.09 54.47
CA MET A 552 22.14 -29.55 55.83
C MET A 552 20.92 -28.66 56.11
N SER A 553 20.37 -28.77 57.32
CA SER A 553 19.29 -27.89 57.80
C SER A 553 19.79 -26.46 57.99
N GLN A 554 18.99 -25.48 57.57
CA GLN A 554 19.29 -24.04 57.78
C GLN A 554 19.46 -23.73 59.27
N ASN A 555 18.77 -24.47 60.13
CA ASN A 555 18.92 -24.38 61.60
C ASN A 555 20.15 -25.09 62.17
N PHE A 556 20.85 -25.84 61.32
CA PHE A 556 22.07 -26.60 61.69
C PHE A 556 21.89 -27.57 62.88
N ASP A 557 20.65 -27.96 63.17
CA ASP A 557 20.37 -28.92 64.24
C ASP A 557 20.22 -30.36 63.72
N MET A 558 20.11 -30.51 62.40
CA MET A 558 19.79 -31.79 61.77
C MET A 558 20.40 -31.83 60.38
N PHE A 559 20.80 -33.00 59.91
CA PHE A 559 21.29 -33.15 58.51
C PHE A 559 20.92 -34.52 57.90
N VAL A 560 20.84 -34.57 56.57
CA VAL A 560 20.53 -35.81 55.83
C VAL A 560 21.76 -36.23 55.05
N SER A 561 22.03 -37.54 55.01
CA SER A 561 23.03 -38.15 54.12
C SER A 561 22.44 -39.28 53.29
N HIS A 562 22.53 -39.13 51.97
CA HIS A 562 22.22 -40.17 50.99
C HIS A 562 23.56 -40.75 50.57
N TYR A 563 23.84 -41.98 50.99
CA TYR A 563 25.16 -42.60 50.80
C TYR A 563 25.11 -44.06 50.42
N SER A 564 26.23 -44.56 49.92
CA SER A 564 26.35 -45.95 49.48
C SER A 564 27.82 -46.37 49.41
N SER A 565 28.04 -47.62 49.04
CA SER A 565 29.37 -48.09 48.64
C SER A 565 29.27 -48.95 47.37
N VAL A 566 30.43 -49.24 46.79
CA VAL A 566 30.56 -50.18 45.66
C VAL A 566 29.86 -51.53 45.90
N SER A 567 29.94 -52.00 47.15
CA SER A 567 29.34 -53.27 47.61
C SER A 567 27.99 -53.14 48.36
N THR A 568 27.45 -51.93 48.51
CA THR A 568 26.17 -51.69 49.23
C THR A 568 25.29 -50.58 48.56
N PRO A 569 23.96 -50.82 48.31
CA PRO A 569 23.06 -49.88 47.60
C PRO A 569 22.69 -48.60 48.39
N PRO A 570 22.17 -47.47 47.76
CA PRO A 570 22.28 -46.39 48.72
C PRO A 570 21.27 -46.44 49.88
N CYS A 571 21.62 -45.71 50.93
CA CYS A 571 20.76 -45.49 52.08
C CYS A 571 20.46 -43.99 52.18
N VAL A 572 19.49 -43.63 53.00
CA VAL A 572 19.21 -42.22 53.30
C VAL A 572 18.87 -42.14 54.77
N HIS A 573 19.79 -41.60 55.57
CA HIS A 573 19.63 -41.51 57.02
C HIS A 573 19.56 -40.05 57.44
N VAL A 574 18.78 -39.79 58.49
CA VAL A 574 18.69 -38.48 59.14
C VAL A 574 19.59 -38.49 60.38
N TYR A 575 20.50 -37.51 60.46
CA TYR A 575 21.42 -37.38 61.61
C TYR A 575 21.15 -36.08 62.35
N LYS A 576 21.04 -36.19 63.68
CA LYS A 576 20.90 -35.06 64.58
C LYS A 576 22.28 -34.68 65.12
N LEU A 577 22.61 -33.39 65.06
CA LEU A 577 23.88 -32.90 65.59
C LEU A 577 23.71 -32.61 67.08
N SER A 578 24.48 -33.28 67.92
CA SER A 578 24.38 -33.12 69.38
C SER A 578 25.70 -32.85 70.10
N GLY A 579 25.58 -32.37 71.33
CA GLY A 579 26.73 -31.96 72.16
C GLY A 579 26.43 -30.62 72.82
N PRO A 580 27.26 -30.21 73.81
CA PRO A 580 27.00 -28.90 74.39
C PRO A 580 27.27 -27.76 73.40
N ASP A 581 26.55 -26.66 73.59
CA ASP A 581 26.68 -25.48 72.73
C ASP A 581 27.99 -24.71 72.97
N ASP A 582 28.72 -25.08 74.02
CA ASP A 582 30.09 -24.62 74.33
C ASP A 582 31.10 -24.79 73.18
N ASP A 583 31.08 -25.94 72.48
CA ASP A 583 32.00 -26.25 71.35
C ASP A 583 31.32 -26.73 70.07
N PRO A 584 30.64 -25.83 69.33
CA PRO A 584 29.80 -26.32 68.21
C PRO A 584 30.56 -27.06 67.11
N LEU A 585 31.82 -26.72 66.90
CA LEU A 585 32.69 -27.48 66.01
C LEU A 585 32.68 -28.97 66.33
N HIS A 586 32.60 -29.29 67.62
CA HIS A 586 32.66 -30.69 68.07
C HIS A 586 31.32 -31.35 68.37
N LYS A 587 30.25 -30.88 67.73
CA LYS A 587 28.95 -31.57 67.83
C LYS A 587 29.10 -32.94 67.19
N GLN A 588 28.51 -33.96 67.80
CA GLN A 588 28.55 -35.33 67.27
C GLN A 588 27.29 -35.62 66.41
N PRO A 589 27.47 -36.13 65.17
CA PRO A 589 26.28 -36.58 64.47
C PRO A 589 25.84 -37.89 65.08
N ARG A 590 24.55 -38.01 65.33
CA ARG A 590 23.99 -39.19 65.94
C ARG A 590 22.85 -39.63 65.05
N PHE A 591 22.83 -40.91 64.70
CA PHE A 591 21.80 -41.47 63.81
C PHE A 591 20.43 -41.25 64.46
N TRP A 592 19.52 -40.61 63.73
CA TRP A 592 18.19 -40.32 64.26
C TRP A 592 17.16 -41.27 63.71
N ALA A 593 17.13 -41.39 62.38
CA ALA A 593 16.22 -42.30 61.70
C ALA A 593 16.65 -42.54 60.27
N SER A 594 16.02 -43.51 59.64
CA SER A 594 16.26 -43.85 58.25
C SER A 594 15.09 -43.41 57.41
N MET A 595 15.40 -42.89 56.22
CA MET A 595 14.40 -42.64 55.16
C MET A 595 14.36 -43.75 54.10
N MET A 596 15.45 -44.49 53.97
CA MET A 596 15.59 -45.53 52.97
C MET A 596 16.67 -46.54 53.40
N GLU A 597 16.41 -47.82 53.17
CA GLU A 597 17.35 -48.88 53.50
C GLU A 597 17.50 -49.78 52.28
N ALA A 598 18.74 -50.04 51.88
CA ALA A 598 19.03 -50.98 50.78
C ALA A 598 18.27 -50.63 49.48
N ASP A 604 21.43 -61.73 39.83
CA ASP A 604 22.61 -61.95 40.64
C ASP A 604 23.62 -60.84 40.40
N TYR A 605 23.76 -59.93 41.36
CA TYR A 605 24.72 -58.83 41.29
C TYR A 605 25.96 -59.14 42.11
N VAL A 606 27.14 -58.88 41.54
CA VAL A 606 28.41 -59.00 42.26
C VAL A 606 29.15 -57.68 42.10
N PRO A 607 29.41 -56.95 43.22
CA PRO A 607 30.04 -55.65 43.04
C PRO A 607 31.40 -55.71 42.39
N PRO A 608 31.82 -54.62 41.74
CA PRO A 608 33.19 -54.61 41.24
C PRO A 608 34.19 -54.32 42.36
N GLU A 609 35.47 -54.37 42.03
CA GLU A 609 36.53 -54.18 43.00
C GLU A 609 37.33 -52.95 42.61
N ILE A 610 37.53 -52.02 43.55
CA ILE A 610 38.41 -50.86 43.31
C ILE A 610 39.85 -51.30 43.56
N PHE A 611 40.73 -50.79 42.70
CA PHE A 611 42.16 -50.96 42.81
C PHE A 611 42.86 -49.68 42.41
N HIS A 612 44.16 -49.62 42.66
CA HIS A 612 44.99 -48.49 42.25
C HIS A 612 46.32 -48.97 41.75
N PHE A 613 46.92 -48.21 40.85
CA PHE A 613 48.25 -48.52 40.30
C PHE A 613 48.98 -47.23 39.96
N HIS A 614 50.29 -47.34 39.72
CA HIS A 614 51.15 -46.21 39.37
C HIS A 614 51.66 -46.26 37.93
N THR A 615 51.56 -45.15 37.22
CA THR A 615 51.99 -45.09 35.82
C THR A 615 53.51 -45.06 35.78
N ARG A 616 54.08 -45.36 34.61
CA ARG A 616 55.53 -45.24 34.39
C ARG A 616 56.07 -43.80 34.57
N SER A 617 55.18 -42.81 34.57
CA SER A 617 55.49 -41.43 35.02
C SER A 617 55.18 -41.17 36.51
N ASP A 618 54.92 -42.24 37.25
CA ASP A 618 54.63 -42.22 38.69
C ASP A 618 53.42 -41.36 39.10
N VAL A 619 52.31 -41.59 38.40
CA VAL A 619 51.00 -40.99 38.74
C VAL A 619 50.12 -42.14 39.25
N ARG A 620 49.31 -41.88 40.26
CA ARG A 620 48.46 -42.90 40.84
C ARG A 620 47.11 -42.82 40.19
N LEU A 621 46.69 -43.90 39.52
CA LEU A 621 45.39 -43.98 38.84
C LEU A 621 44.57 -45.02 39.51
N TYR A 622 43.27 -44.75 39.67
CA TYR A 622 42.32 -45.72 40.21
C TYR A 622 41.65 -46.49 39.08
N GLY A 623 41.26 -47.71 39.42
CA GLY A 623 40.59 -48.57 38.52
C GLY A 623 39.50 -49.36 39.21
N MET A 624 38.76 -50.09 38.40
CA MET A 624 37.61 -50.86 38.86
C MET A 624 37.57 -52.08 37.96
N ILE A 625 37.47 -53.26 38.56
CA ILE A 625 37.23 -54.46 37.78
C ILE A 625 35.98 -55.23 38.28
N TYR A 626 35.20 -55.72 37.31
CA TYR A 626 34.16 -56.64 37.56
C TYR A 626 34.72 -57.99 37.10
N LYS A 627 34.94 -58.91 38.05
CA LYS A 627 35.53 -60.22 37.73
C LYS A 627 34.44 -61.06 37.06
N PRO A 628 34.83 -61.97 36.14
CA PRO A 628 33.77 -62.85 35.60
C PRO A 628 33.14 -63.72 36.66
N HIS A 629 31.81 -63.80 36.68
CA HIS A 629 31.12 -64.55 37.73
C HIS A 629 31.53 -66.02 37.65
N ALA A 630 31.39 -66.74 38.75
CA ALA A 630 31.86 -68.14 38.82
C ALA A 630 33.20 -68.34 38.11
N LEU A 631 34.16 -67.46 38.40
CA LEU A 631 35.50 -67.52 37.82
C LEU A 631 36.28 -68.78 38.25
N GLN A 632 36.97 -69.39 37.30
CA GLN A 632 37.80 -70.56 37.50
C GLN A 632 39.28 -70.16 37.23
N PRO A 633 40.09 -69.96 38.31
CA PRO A 633 41.45 -69.49 38.09
C PRO A 633 42.25 -70.34 37.13
N GLY A 634 43.04 -69.69 36.29
CA GLY A 634 43.71 -70.32 35.17
C GLY A 634 43.10 -70.03 33.81
N LYS A 635 41.82 -69.67 33.77
CA LYS A 635 41.15 -69.31 32.53
C LYS A 635 41.48 -67.87 32.17
N LYS A 636 41.61 -67.59 30.87
CA LYS A 636 41.77 -66.23 30.36
C LYS A 636 40.48 -65.84 29.66
N HIS A 637 39.88 -64.73 30.09
CA HIS A 637 38.54 -64.31 29.63
C HIS A 637 38.58 -63.14 28.68
N PRO A 638 37.59 -63.03 27.75
CA PRO A 638 37.56 -61.81 26.95
C PRO A 638 37.14 -60.59 27.80
N THR A 639 37.71 -59.44 27.51
CA THR A 639 37.59 -58.27 28.38
C THR A 639 37.02 -57.06 27.63
N VAL A 640 36.05 -56.43 28.28
CA VAL A 640 35.52 -55.13 27.86
C VAL A 640 36.16 -54.02 28.70
N LEU A 641 36.96 -53.17 28.06
CA LEU A 641 37.42 -51.95 28.69
C LEU A 641 36.29 -50.92 28.55
N PHE A 642 35.54 -50.69 29.63
CA PHE A 642 34.48 -49.68 29.58
C PHE A 642 35.11 -48.32 29.83
N VAL A 643 34.90 -47.36 28.92
CA VAL A 643 35.54 -46.06 29.05
C VAL A 643 34.59 -44.89 28.96
N TYR A 644 34.97 -43.77 29.59
CA TYR A 644 34.48 -42.41 29.33
C TYR A 644 35.69 -41.51 29.10
N GLY A 645 36.41 -41.16 30.18
CA GLY A 645 37.75 -40.52 30.08
C GLY A 645 37.85 -39.02 29.82
N GLY A 646 36.70 -38.35 29.72
CA GLY A 646 36.66 -36.91 29.52
C GLY A 646 36.65 -36.13 30.81
N PRO A 647 36.97 -34.81 30.75
CA PRO A 647 36.85 -34.02 31.96
C PRO A 647 35.40 -33.92 32.52
N GLN A 648 35.33 -33.55 33.79
CA GLN A 648 34.09 -33.32 34.55
C GLN A 648 33.42 -34.60 35.00
N VAL A 649 34.01 -35.76 34.69
CA VAL A 649 33.45 -37.04 35.16
C VAL A 649 34.51 -37.89 35.82
N GLN A 650 34.07 -38.66 36.83
CA GLN A 650 34.89 -39.66 37.53
C GLN A 650 34.04 -40.92 37.64
N LEU A 651 34.48 -42.00 37.00
CA LEU A 651 33.76 -43.29 37.02
C LEU A 651 34.12 -44.16 38.22
N VAL A 652 35.39 -44.13 38.59
CA VAL A 652 35.93 -44.98 39.65
C VAL A 652 35.92 -44.22 40.96
N ASN A 653 34.92 -44.52 41.78
CA ASN A 653 34.83 -44.06 43.15
C ASN A 653 33.99 -45.06 43.99
N ASN A 654 34.08 -44.95 45.31
CA ASN A 654 33.41 -45.87 46.24
C ASN A 654 31.97 -45.54 46.49
N SER A 655 31.12 -45.91 45.53
CA SER A 655 29.66 -45.73 45.61
C SER A 655 29.02 -46.78 44.75
N PHE A 656 27.74 -47.09 45.00
CA PHE A 656 27.03 -48.15 44.28
C PHE A 656 26.95 -47.86 42.77
N LYS A 657 27.40 -48.82 41.97
CA LYS A 657 27.38 -48.74 40.51
C LYS A 657 26.26 -49.59 39.85
N GLY A 658 25.60 -50.41 40.66
CA GLY A 658 24.59 -51.35 40.16
C GLY A 658 23.42 -50.76 39.41
N ILE A 659 23.01 -49.53 39.77
CA ILE A 659 21.86 -48.86 39.15
C ILE A 659 22.25 -48.40 37.73
N LYS A 660 23.21 -47.49 37.69
CA LYS A 660 23.64 -46.85 36.44
C LYS A 660 24.39 -47.84 35.54
N TYR A 661 25.17 -48.76 36.13
CA TYR A 661 26.02 -49.67 35.35
C TYR A 661 25.69 -51.15 35.54
N LEU A 662 24.40 -51.46 35.36
CA LEU A 662 23.89 -52.83 35.40
C LEU A 662 24.41 -53.68 34.27
N ARG A 663 24.50 -53.09 33.09
CA ARG A 663 25.00 -53.80 31.91
C ARG A 663 26.36 -54.39 32.11
N LEU A 664 27.22 -53.68 32.83
CA LEU A 664 28.58 -54.15 33.12
C LEU A 664 28.59 -55.41 33.97
N ASN A 665 27.67 -55.48 34.94
CA ASN A 665 27.39 -56.72 35.66
C ASN A 665 26.78 -57.82 34.78
N THR A 666 25.88 -57.45 33.90
CA THR A 666 25.36 -58.43 32.92
C THR A 666 26.49 -59.02 32.08
N LEU A 667 27.41 -58.18 31.61
CA LEU A 667 28.60 -58.65 30.89
C LEU A 667 29.42 -59.67 31.72
N ALA A 668 29.59 -59.36 33.00
CA ALA A 668 30.36 -60.19 33.91
C ALA A 668 29.73 -61.56 34.09
N SER A 669 28.40 -61.58 34.27
CA SER A 669 27.63 -62.84 34.37
C SER A 669 27.77 -63.79 33.17
N LEU A 670 27.97 -63.21 31.97
CA LEU A 670 28.21 -63.99 30.75
C LEU A 670 29.63 -64.50 30.67
N GLY A 671 30.56 -63.87 31.39
CA GLY A 671 31.94 -64.32 31.42
C GLY A 671 32.96 -63.35 30.87
N TYR A 672 32.54 -62.11 30.60
CA TYR A 672 33.48 -61.05 30.23
C TYR A 672 34.12 -60.48 31.50
N ALA A 673 35.42 -60.19 31.46
CA ALA A 673 36.04 -59.32 32.45
C ALA A 673 35.71 -57.88 32.03
N VAL A 674 35.30 -57.02 32.96
CA VAL A 674 35.05 -55.59 32.63
C VAL A 674 35.97 -54.70 33.47
N VAL A 675 36.72 -53.83 32.80
CA VAL A 675 37.71 -52.96 33.43
C VAL A 675 37.31 -51.49 33.22
N VAL A 676 37.46 -50.66 34.25
CA VAL A 676 37.27 -49.20 34.17
C VAL A 676 38.45 -48.48 34.81
N ILE A 677 39.12 -47.62 34.05
CA ILE A 677 40.29 -46.86 34.49
C ILE A 677 39.93 -45.34 34.51
N ASP A 678 40.21 -44.64 35.61
CA ASP A 678 40.15 -43.16 35.63
C ASP A 678 41.54 -42.60 35.33
N GLY A 679 41.78 -42.31 34.05
CA GLY A 679 43.05 -41.74 33.59
C GLY A 679 43.12 -40.23 33.79
N ARG A 680 44.29 -39.66 33.54
CA ARG A 680 44.50 -38.22 33.60
C ARG A 680 43.53 -37.48 32.68
N GLY A 681 42.99 -36.37 33.19
CA GLY A 681 41.94 -35.63 32.55
C GLY A 681 40.63 -35.77 33.32
N SER A 682 40.45 -36.88 34.01
CA SER A 682 39.25 -37.10 34.86
C SER A 682 39.28 -36.15 36.07
N CYS A 683 38.16 -36.06 36.79
CA CYS A 683 37.99 -35.07 37.87
C CYS A 683 38.15 -35.67 39.28
N GLN A 684 38.09 -34.77 40.26
CA GLN A 684 38.18 -35.01 41.72
C GLN A 684 39.59 -35.41 42.14
N ARG A 685 40.58 -34.90 41.39
CA ARG A 685 42.03 -35.07 41.62
C ARG A 685 42.75 -33.75 41.40
N GLY A 686 42.00 -32.63 41.35
CA GLY A 686 42.58 -31.29 41.19
C GLY A 686 42.96 -30.90 39.77
N LEU A 687 43.27 -29.61 39.61
CA LEU A 687 43.47 -29.00 38.29
C LEU A 687 44.59 -29.62 37.46
N ARG A 688 45.71 -29.93 38.09
CA ARG A 688 46.90 -30.44 37.37
C ARG A 688 46.72 -31.86 36.83
N PHE A 689 45.85 -32.65 37.46
CA PHE A 689 45.51 -33.99 36.97
C PHE A 689 44.66 -33.84 35.71
N GLU A 690 43.67 -32.97 35.83
CA GLU A 690 42.76 -32.61 34.75
C GLU A 690 43.50 -31.96 33.59
N GLY A 691 44.51 -31.16 33.93
CA GLY A 691 45.28 -30.35 32.97
C GLY A 691 46.18 -31.06 31.98
N ALA A 692 46.44 -32.35 32.18
CA ALA A 692 47.21 -33.16 31.21
C ALA A 692 46.53 -33.30 29.80
N LEU A 693 45.21 -33.14 29.78
CA LEU A 693 44.40 -33.04 28.54
C LEU A 693 44.70 -31.82 27.68
N LYS A 694 45.10 -30.73 28.33
CA LYS A 694 45.17 -29.39 27.70
C LYS A 694 45.74 -29.42 26.28
N ASN A 695 44.85 -29.16 25.32
CA ASN A 695 45.19 -29.03 23.89
C ASN A 695 45.71 -30.30 23.25
N GLN A 696 45.41 -31.45 23.86
CA GLN A 696 45.72 -32.72 23.25
C GLN A 696 44.71 -33.76 23.62
N MET A 697 43.43 -33.41 23.47
CA MET A 697 42.36 -34.40 23.69
C MET A 697 42.46 -35.55 22.71
N GLY A 698 42.23 -36.76 23.20
CA GLY A 698 42.53 -38.00 22.45
C GLY A 698 43.95 -38.56 22.53
N GLN A 699 44.95 -37.73 22.85
CA GLN A 699 46.38 -38.13 22.80
C GLN A 699 46.96 -38.79 24.07
N VAL A 700 46.49 -38.36 25.25
CA VAL A 700 46.99 -38.85 26.56
C VAL A 700 46.17 -40.01 27.15
N GLU A 701 44.87 -40.02 26.89
CA GLU A 701 43.92 -40.84 27.64
C GLU A 701 44.14 -42.34 27.40
N ILE A 702 44.30 -42.71 26.15
CA ILE A 702 44.46 -44.13 25.79
C ILE A 702 45.67 -44.78 26.46
N GLU A 703 46.76 -44.03 26.58
CA GLU A 703 47.96 -44.53 27.24
C GLU A 703 47.59 -44.98 28.67
N ASP A 704 46.93 -44.10 29.41
CA ASP A 704 46.49 -44.41 30.78
C ASP A 704 45.58 -45.61 30.84
N GLN A 705 44.71 -45.74 29.83
CA GLN A 705 43.82 -46.88 29.68
C GLN A 705 44.61 -48.16 29.39
N VAL A 706 45.57 -48.09 28.48
CA VAL A 706 46.39 -49.25 28.14
C VAL A 706 47.25 -49.68 29.33
N GLU A 707 47.95 -48.73 29.95
CA GLU A 707 48.67 -48.97 31.21
C GLU A 707 47.79 -49.67 32.23
N GLY A 708 46.62 -49.09 32.47
CA GLY A 708 45.59 -49.68 33.32
C GLY A 708 45.16 -51.09 32.98
N LEU A 709 45.02 -51.38 31.69
CA LEU A 709 44.70 -52.73 31.23
C LEU A 709 45.83 -53.77 31.47
N GLN A 710 47.02 -53.45 31.01
CA GLN A 710 48.22 -54.28 31.24
C GLN A 710 48.49 -54.49 32.73
N PHE A 711 48.24 -53.47 33.55
CA PHE A 711 48.42 -53.59 35.00
C PHE A 711 47.48 -54.65 35.56
N VAL A 712 46.21 -54.52 35.19
CA VAL A 712 45.14 -55.42 35.66
C VAL A 712 45.42 -56.86 35.19
N ALA A 713 46.06 -56.98 34.02
CA ALA A 713 46.52 -58.29 33.53
C ALA A 713 47.50 -58.97 34.50
N GLU A 714 48.45 -58.21 35.04
CA GLU A 714 49.49 -58.77 35.94
C GLU A 714 48.92 -59.17 37.31
N LYS A 715 48.18 -58.26 37.93
CA LYS A 715 47.57 -58.47 39.25
C LYS A 715 46.56 -59.64 39.28
N TYR A 716 45.52 -59.52 38.46
CA TYR A 716 44.49 -60.55 38.33
C TYR A 716 44.94 -61.37 37.14
N GLY A 717 44.87 -62.68 37.23
CA GLY A 717 45.41 -63.50 36.12
C GLY A 717 44.40 -63.99 35.08
N PHE A 718 43.24 -63.33 34.97
CA PHE A 718 42.08 -63.88 34.21
C PHE A 718 41.74 -63.10 32.94
N ILE A 719 42.65 -62.21 32.53
CA ILE A 719 42.43 -61.28 31.41
C ILE A 719 43.13 -61.84 30.20
N ASP A 720 42.40 -62.06 29.11
CA ASP A 720 42.97 -62.46 27.81
C ASP A 720 43.21 -61.19 27.03
N LEU A 721 44.49 -60.81 26.88
CA LEU A 721 44.86 -59.58 26.15
C LEU A 721 44.73 -59.69 24.63
N SER A 722 44.55 -60.91 24.12
CA SER A 722 44.28 -61.15 22.69
C SER A 722 42.81 -60.97 22.37
N ARG A 723 41.97 -60.79 23.40
CA ARG A 723 40.54 -60.52 23.19
C ARG A 723 40.02 -59.34 24.04
N VAL A 724 40.40 -58.12 23.67
CA VAL A 724 39.97 -56.96 24.45
C VAL A 724 39.17 -56.02 23.56
N ALA A 725 38.01 -55.62 24.08
CA ALA A 725 37.12 -54.69 23.39
C ALA A 725 37.05 -53.40 24.17
N ILE A 726 36.99 -52.28 23.45
CA ILE A 726 36.84 -50.93 24.01
C ILE A 726 35.45 -50.36 23.73
N HIS A 727 34.79 -49.84 24.75
CA HIS A 727 33.43 -49.33 24.52
C HIS A 727 33.04 -48.27 25.55
N GLY A 728 32.41 -47.20 25.05
CA GLY A 728 31.90 -46.09 25.86
C GLY A 728 31.01 -45.17 25.02
N TRP A 729 30.32 -44.25 25.67
N TRP A 729 30.30 -44.27 25.69
CA TRP A 729 29.33 -43.38 25.03
CA TRP A 729 29.37 -43.34 25.04
C TRP A 729 29.80 -41.96 25.29
C TRP A 729 29.87 -41.95 25.26
N SER A 730 29.58 -41.05 24.33
CA SER A 730 29.92 -39.62 24.51
C SER A 730 31.46 -39.47 24.37
N TYR A 731 32.15 -38.87 25.33
CA TYR A 731 33.62 -38.90 25.39
C TYR A 731 34.15 -40.32 25.21
N GLY A 732 33.44 -41.33 25.72
CA GLY A 732 33.88 -42.72 25.64
C GLY A 732 33.82 -43.36 24.25
N GLY A 733 32.92 -42.87 23.42
CA GLY A 733 32.86 -43.27 22.02
C GLY A 733 33.98 -42.63 21.24
N PHE A 734 34.25 -41.36 21.51
CA PHE A 734 35.43 -40.67 20.97
C PHE A 734 36.73 -41.40 21.30
N LEU A 735 36.86 -41.82 22.54
CA LEU A 735 38.01 -42.60 22.97
C LEU A 735 38.05 -44.03 22.42
N SER A 736 36.89 -44.64 22.22
CA SER A 736 36.82 -45.99 21.65
C SER A 736 37.36 -45.98 20.21
N LEU A 737 36.99 -44.95 19.46
CA LEU A 737 37.56 -44.72 18.14
C LEU A 737 39.06 -44.40 18.18
N MET A 738 39.48 -43.56 19.13
CA MET A 738 40.94 -43.34 19.36
C MET A 738 41.73 -44.58 19.79
N GLY A 739 41.09 -45.43 20.58
CA GLY A 739 41.71 -46.67 20.99
C GLY A 739 42.00 -47.58 19.81
N LEU A 740 41.06 -47.66 18.87
CA LEU A 740 41.20 -48.49 17.66
C LEU A 740 42.11 -47.84 16.62
N ILE A 741 42.10 -46.52 16.57
CA ILE A 741 43.03 -45.76 15.74
C ILE A 741 44.50 -45.93 16.19
N HIS A 742 44.77 -45.64 17.46
CA HIS A 742 46.15 -45.65 17.99
C HIS A 742 46.64 -46.99 18.55
N LYS A 743 45.73 -47.87 18.97
CA LYS A 743 46.10 -49.17 19.54
C LYS A 743 45.38 -50.35 18.86
N PRO A 744 45.53 -50.51 17.52
CA PRO A 744 44.81 -51.57 16.81
C PRO A 744 45.20 -53.02 17.16
N GLN A 745 46.45 -53.22 17.59
CA GLN A 745 46.88 -54.55 18.10
C GLN A 745 46.50 -54.80 19.57
N VAL A 746 46.09 -53.77 20.30
CA VAL A 746 45.58 -53.92 21.67
C VAL A 746 44.06 -54.18 21.71
N PHE A 747 43.30 -53.48 20.87
CA PHE A 747 41.83 -53.63 20.86
C PHE A 747 41.31 -54.28 19.57
N LYS A 748 40.75 -55.49 19.71
CA LYS A 748 40.20 -56.22 18.55
C LYS A 748 38.95 -55.51 18.02
N VAL A 749 38.05 -55.07 18.89
CA VAL A 749 36.86 -54.35 18.44
C VAL A 749 36.53 -53.07 19.25
N ALA A 750 35.98 -52.05 18.57
CA ALA A 750 35.48 -50.84 19.24
C ALA A 750 34.02 -50.67 18.99
N ILE A 751 33.27 -50.36 20.05
CA ILE A 751 31.84 -50.02 20.00
C ILE A 751 31.70 -48.59 20.51
N ALA A 752 31.59 -47.62 19.60
CA ALA A 752 31.53 -46.20 19.97
C ALA A 752 30.14 -45.63 19.76
N GLY A 753 29.58 -45.01 20.82
CA GLY A 753 28.27 -44.38 20.78
C GLY A 753 28.38 -42.88 21.00
N ALA A 754 27.51 -42.12 20.31
CA ALA A 754 27.41 -40.65 20.38
C ALA A 754 28.79 -39.96 20.43
N PRO A 755 29.69 -40.28 19.48
CA PRO A 755 30.97 -39.66 19.66
C PRO A 755 31.11 -38.35 18.94
N VAL A 756 32.09 -37.55 19.39
CA VAL A 756 32.53 -36.36 18.69
C VAL A 756 33.67 -36.87 17.83
N THR A 757 33.50 -36.68 16.50
CA THR A 757 34.49 -37.07 15.50
C THR A 757 35.25 -35.92 14.82
N VAL A 758 34.80 -34.69 15.04
CA VAL A 758 35.44 -33.48 14.47
C VAL A 758 35.27 -32.37 15.51
N TRP A 759 36.36 -32.00 16.20
CA TRP A 759 36.28 -30.93 17.23
C TRP A 759 35.77 -29.58 16.71
N MET A 760 36.07 -29.25 15.44
CA MET A 760 35.54 -28.04 14.78
C MET A 760 34.02 -27.92 14.77
N ALA A 761 33.34 -29.06 14.75
CA ALA A 761 31.88 -29.11 14.81
C ALA A 761 31.34 -28.99 16.24
N TYR A 762 32.19 -28.99 17.25
CA TYR A 762 31.70 -28.92 18.65
C TYR A 762 31.59 -27.46 19.10
N ASP A 763 30.95 -27.24 20.26
CA ASP A 763 30.67 -25.89 20.74
C ASP A 763 31.87 -25.11 21.33
N THR A 764 31.63 -23.84 21.65
CA THR A 764 32.66 -22.93 22.14
C THR A 764 33.06 -23.19 23.57
N GLY A 765 32.07 -23.20 24.46
CA GLY A 765 32.27 -23.40 25.91
C GLY A 765 33.16 -24.55 26.37
N TYR A 766 32.81 -25.77 25.98
CA TYR A 766 33.63 -26.95 26.28
C TYR A 766 34.94 -27.02 25.48
N THR A 767 34.89 -26.78 24.18
CA THR A 767 36.04 -27.05 23.31
C THR A 767 37.16 -26.06 23.56
N GLU A 768 36.82 -24.78 23.59
CA GLU A 768 37.81 -23.72 23.68
C GLU A 768 38.51 -23.73 25.03
N ARG A 769 37.80 -24.14 26.08
CA ARG A 769 38.35 -24.31 27.42
C ARG A 769 39.52 -25.31 27.46
N TYR A 770 39.33 -26.51 26.89
CA TYR A 770 40.35 -27.55 26.91
C TYR A 770 41.24 -27.67 25.67
N MET A 771 40.78 -27.18 24.52
CA MET A 771 41.51 -27.31 23.25
C MET A 771 41.86 -26.00 22.51
N ASP A 772 41.56 -24.85 23.13
CA ASP A 772 41.86 -23.52 22.57
C ASP A 772 40.99 -23.28 21.34
N VAL A 773 41.13 -22.11 20.74
CA VAL A 773 40.41 -21.77 19.51
C VAL A 773 41.07 -22.55 18.34
N PRO A 774 40.28 -22.99 17.30
CA PRO A 774 40.95 -23.80 16.25
C PRO A 774 42.15 -23.16 15.54
N GLU A 775 42.10 -21.86 15.34
CA GLU A 775 43.23 -21.08 14.79
C GLU A 775 44.50 -21.07 15.67
N ASN A 776 44.36 -21.37 16.97
CA ASN A 776 45.49 -21.46 17.88
C ASN A 776 45.94 -22.88 18.23
N ASN A 777 45.25 -23.90 17.72
CA ASN A 777 45.64 -25.31 17.99
C ASN A 777 45.25 -26.25 16.84
N GLN A 778 45.83 -26.01 15.68
CA GLN A 778 45.48 -26.76 14.47
C GLN A 778 45.99 -28.21 14.59
N HIS A 779 47.20 -28.40 15.12
CA HIS A 779 47.79 -29.73 15.38
C HIS A 779 46.86 -30.60 16.25
N GLY A 780 46.32 -30.01 17.32
CA GLY A 780 45.52 -30.73 18.32
C GLY A 780 44.11 -31.05 17.88
N TYR A 781 43.43 -30.07 17.30
CA TYR A 781 42.16 -30.31 16.59
C TYR A 781 42.30 -31.44 15.54
N GLU A 782 43.40 -31.44 14.80
CA GLU A 782 43.63 -32.47 13.77
C GLU A 782 44.02 -33.82 14.38
N ALA A 783 44.93 -33.85 15.33
CA ALA A 783 45.32 -35.10 16.01
C ALA A 783 44.20 -35.68 16.87
N GLY A 784 43.37 -34.80 17.43
CA GLY A 784 42.24 -35.21 18.26
C GLY A 784 40.92 -35.52 17.55
N SER A 785 40.86 -35.33 16.22
CA SER A 785 39.61 -35.50 15.44
C SER A 785 39.59 -36.86 14.75
N VAL A 786 38.80 -37.81 15.28
CA VAL A 786 38.81 -39.21 14.76
C VAL A 786 38.44 -39.35 13.29
N ALA A 787 37.56 -38.48 12.80
CA ALA A 787 37.10 -38.52 11.41
C ALA A 787 38.21 -38.21 10.38
N LEU A 788 39.21 -37.41 10.79
CA LEU A 788 40.36 -37.13 9.96
C LEU A 788 41.44 -38.21 10.02
N HIS A 789 41.26 -39.30 10.78
CA HIS A 789 42.28 -40.36 10.86
C HIS A 789 41.77 -41.71 10.43
N VAL A 790 40.71 -41.66 9.62
CA VAL A 790 40.00 -42.84 9.12
C VAL A 790 40.92 -43.82 8.37
N GLU A 791 41.96 -43.33 7.69
CA GLU A 791 42.97 -44.26 7.09
C GLU A 791 43.52 -45.24 8.16
N LYS A 792 43.67 -44.73 9.38
CA LYS A 792 44.21 -45.51 10.51
C LYS A 792 43.24 -46.53 11.07
N LEU A 793 41.95 -46.43 10.73
CA LEU A 793 40.96 -47.45 11.14
C LEU A 793 41.18 -48.75 10.40
N PRO A 794 40.57 -49.85 10.88
CA PRO A 794 40.97 -51.12 10.27
C PRO A 794 40.34 -51.46 8.91
N ASN A 795 40.99 -52.41 8.25
CA ASN A 795 40.61 -52.97 6.96
C ASN A 795 39.78 -54.20 7.10
N GLU A 796 39.68 -54.70 8.33
CA GLU A 796 38.95 -55.94 8.61
C GLU A 796 37.54 -55.54 9.10
N PRO A 797 36.47 -56.05 8.49
CA PRO A 797 35.16 -55.76 9.07
C PRO A 797 34.92 -56.42 10.41
N ASN A 798 33.85 -56.01 11.07
CA ASN A 798 33.46 -56.51 12.40
C ASN A 798 34.34 -56.10 13.60
N ARG A 799 35.22 -55.14 13.37
CA ARG A 799 36.06 -54.54 14.40
C ARG A 799 35.53 -53.17 14.89
N LEU A 800 34.51 -52.60 14.23
CA LEU A 800 33.95 -51.27 14.61
C LEU A 800 32.42 -51.18 14.44
N LEU A 801 31.72 -50.94 15.55
CA LEU A 801 30.28 -50.75 15.61
C LEU A 801 30.04 -49.32 16.05
N ILE A 802 29.35 -48.53 15.24
CA ILE A 802 29.09 -47.10 15.58
C ILE A 802 27.62 -46.97 15.97
N LEU A 803 27.33 -46.23 17.05
CA LEU A 803 25.96 -46.02 17.56
C LEU A 803 25.74 -44.49 17.76
N HIS A 804 24.55 -44.00 17.46
CA HIS A 804 24.29 -42.55 17.59
C HIS A 804 22.78 -42.30 17.53
N GLY A 805 22.33 -41.36 18.36
CA GLY A 805 20.92 -40.97 18.47
C GLY A 805 20.63 -39.96 17.38
N PHE A 806 19.56 -40.17 16.62
CA PHE A 806 19.22 -39.28 15.51
C PHE A 806 18.84 -37.88 15.97
N LEU A 807 18.20 -37.78 17.12
CA LEU A 807 17.74 -36.48 17.62
C LEU A 807 18.78 -35.71 18.47
N ASP A 808 20.03 -36.19 18.53
CA ASP A 808 21.08 -35.62 19.39
C ASP A 808 21.33 -34.15 19.01
N GLU A 809 21.02 -33.25 19.96
CA GLU A 809 21.18 -31.79 19.79
C GLU A 809 22.44 -31.26 20.50
N ASN A 810 23.28 -32.18 20.97
CA ASN A 810 24.50 -31.86 21.73
C ASN A 810 25.68 -32.29 20.90
N VAL A 811 25.80 -33.61 20.73
CA VAL A 811 26.72 -34.22 19.80
C VAL A 811 25.86 -34.57 18.59
N HIS A 812 25.74 -33.62 17.68
CA HIS A 812 24.87 -33.77 16.52
C HIS A 812 25.16 -35.07 15.75
N PHE A 813 24.11 -35.68 15.21
CA PHE A 813 24.25 -36.88 14.37
C PHE A 813 25.28 -36.64 13.27
N PHE A 814 25.42 -35.39 12.87
CA PHE A 814 26.42 -35.01 11.89
C PHE A 814 27.75 -35.72 12.12
N HIS A 815 28.21 -35.72 13.36
CA HIS A 815 29.51 -36.30 13.73
C HIS A 815 29.69 -37.72 13.22
N THR A 816 28.69 -38.58 13.44
CA THR A 816 28.72 -39.96 12.92
C THR A 816 28.57 -39.96 11.42
N ASN A 817 27.67 -39.10 10.93
CA ASN A 817 27.40 -38.99 9.49
C ASN A 817 28.67 -38.59 8.76
N PHE A 818 29.43 -37.68 9.35
CA PHE A 818 30.74 -37.27 8.80
C PHE A 818 31.80 -38.38 8.85
N LEU A 819 31.83 -39.14 9.94
CA LEU A 819 32.76 -40.26 10.07
C LEU A 819 32.47 -41.36 9.04
N VAL A 820 31.19 -41.65 8.80
CA VAL A 820 30.77 -42.62 7.77
C VAL A 820 31.21 -42.12 6.37
N SER A 821 31.02 -40.82 6.13
CA SER A 821 31.46 -40.20 4.89
C SER A 821 32.94 -40.45 4.66
N GLN A 822 33.74 -40.23 5.70
CA GLN A 822 35.20 -40.43 5.63
C GLN A 822 35.59 -41.90 5.52
N LEU A 823 34.87 -42.78 6.24
CA LEU A 823 35.05 -44.24 6.17
C LEU A 823 34.85 -44.74 4.73
N ILE A 824 33.80 -44.25 4.07
CA ILE A 824 33.48 -44.61 2.67
C ILE A 824 34.59 -44.17 1.71
N ARG A 825 35.08 -42.95 1.88
CA ARG A 825 36.21 -42.42 1.09
C ARG A 825 37.49 -43.27 1.25
N ALA A 826 37.75 -43.73 2.47
CA ALA A 826 38.92 -44.57 2.76
C ALA A 826 38.73 -46.06 2.48
N GLY A 827 37.52 -46.46 2.09
CA GLY A 827 37.18 -47.86 1.81
C GLY A 827 37.09 -48.75 3.04
N LYS A 828 36.60 -48.18 4.13
CA LYS A 828 36.68 -48.85 5.42
C LYS A 828 35.33 -49.43 5.84
N PRO A 829 35.30 -50.73 6.19
CA PRO A 829 34.05 -51.26 6.73
C PRO A 829 33.62 -50.62 8.06
N TYR A 830 32.31 -50.72 8.32
CA TYR A 830 31.68 -50.23 9.54
C TYR A 830 30.34 -50.89 9.65
N GLN A 831 29.91 -51.00 10.91
CA GLN A 831 28.52 -51.32 11.26
C GLN A 831 27.98 -50.09 11.93
N LEU A 832 26.67 -49.93 11.95
CA LEU A 832 26.05 -48.70 12.46
C LEU A 832 24.67 -48.99 13.00
N GLN A 833 24.33 -48.35 14.13
CA GLN A 833 22.99 -48.43 14.75
C GLN A 833 22.51 -47.02 15.06
N ILE A 834 21.31 -46.70 14.60
CA ILE A 834 20.71 -45.40 14.81
C ILE A 834 19.63 -45.62 15.86
N TYR A 835 19.49 -44.64 16.75
CA TYR A 835 18.38 -44.53 17.71
C TYR A 835 17.55 -43.33 17.21
N PRO A 836 16.41 -43.62 16.52
CA PRO A 836 15.75 -42.49 15.89
C PRO A 836 15.01 -41.54 16.83
N ASN A 837 14.56 -42.05 17.98
CA ASN A 837 13.74 -41.29 18.95
C ASN A 837 14.52 -40.94 20.22
N GLU A 838 15.80 -40.60 20.02
CA GLU A 838 16.77 -40.46 21.13
C GLU A 838 17.78 -39.36 20.82
N ARG A 839 18.06 -38.56 21.83
CA ARG A 839 19.08 -37.54 21.71
C ARG A 839 20.37 -38.16 22.27
N HIS A 840 21.18 -37.38 22.99
CA HIS A 840 22.51 -37.82 23.41
C HIS A 840 22.59 -39.11 24.23
N SER A 841 21.54 -39.39 25.00
CA SER A 841 21.42 -40.58 25.85
C SER A 841 20.12 -41.34 25.58
N ILE A 842 20.15 -42.66 25.71
CA ILE A 842 18.98 -43.49 25.42
C ILE A 842 18.10 -43.58 26.69
N ARG A 843 16.89 -43.05 26.60
CA ARG A 843 15.93 -43.03 27.71
C ARG A 843 14.67 -43.91 27.55
N CYS A 844 14.33 -44.32 26.32
CA CYS A 844 13.21 -45.25 26.10
C CYS A 844 13.69 -46.68 26.42
N PRO A 845 13.08 -47.33 27.42
CA PRO A 845 13.64 -48.62 27.81
C PRO A 845 13.70 -49.64 26.67
N GLU A 846 12.71 -49.62 25.78
CA GLU A 846 12.64 -50.50 24.62
C GLU A 846 13.92 -50.37 23.80
N SER A 847 14.38 -49.14 23.62
CA SER A 847 15.64 -48.87 22.90
C SER A 847 16.88 -49.28 23.70
N GLY A 848 16.86 -49.00 25.01
CA GLY A 848 17.94 -49.37 25.90
C GLY A 848 18.22 -50.87 25.88
N GLU A 849 17.14 -51.66 25.97
CA GLU A 849 17.25 -53.10 25.90
C GLU A 849 17.83 -53.57 24.58
N HIS A 850 17.37 -52.98 23.47
CA HIS A 850 17.90 -53.28 22.15
C HIS A 850 19.40 -52.93 22.07
N TYR A 851 19.78 -51.79 22.66
CA TYR A 851 21.20 -51.39 22.67
C TYR A 851 22.06 -52.45 23.37
N GLU A 852 21.60 -52.96 24.49
CA GLU A 852 22.35 -53.96 25.21
C GLU A 852 22.40 -55.28 24.43
N VAL A 853 21.24 -55.71 23.93
CA VAL A 853 21.17 -56.95 23.14
C VAL A 853 22.15 -56.86 21.97
N THR A 854 22.21 -55.68 21.36
CA THR A 854 23.09 -55.48 20.20
C THR A 854 24.54 -55.62 20.63
N LEU A 855 24.86 -55.06 21.80
CA LEU A 855 26.22 -55.10 22.34
C LEU A 855 26.68 -56.54 22.59
N LEU A 856 25.85 -57.32 23.26
CA LEU A 856 26.17 -58.72 23.56
C LEU A 856 26.38 -59.55 22.31
N HIS A 857 25.51 -59.34 21.32
CA HIS A 857 25.64 -60.01 20.05
C HIS A 857 26.95 -59.62 19.39
N PHE A 858 27.23 -58.32 19.28
CA PHE A 858 28.48 -57.88 18.64
C PHE A 858 29.70 -58.57 19.29
N LEU A 859 29.74 -58.56 20.61
CA LEU A 859 30.84 -59.14 21.36
C LEU A 859 30.97 -60.65 21.09
N GLN A 860 29.86 -61.36 21.26
CA GLN A 860 29.81 -62.81 21.07
C GLN A 860 30.28 -63.24 19.67
N GLU A 861 29.76 -62.59 18.64
CA GLU A 861 30.09 -62.96 17.25
C GLU A 861 31.49 -62.56 16.80
N TYR A 862 31.93 -61.37 17.20
CA TYR A 862 33.14 -60.77 16.64
C TYR A 862 34.31 -60.55 17.59
N LEU A 863 34.14 -60.74 18.91
CA LEU A 863 35.30 -60.54 19.80
C LEU A 863 36.12 -61.85 19.92
N HIS A 864 37.31 -61.87 19.29
CA HIS A 864 38.19 -63.07 19.25
C HIS A 864 39.65 -62.72 18.95
N PRO B 20 25.49 -81.44 0.16
CA PRO B 20 26.71 -82.25 -0.08
C PRO B 20 27.82 -81.44 -0.80
N ALA B 21 28.71 -82.13 -1.53
CA ALA B 21 29.70 -81.46 -2.39
C ALA B 21 29.07 -80.82 -3.65
N ALA B 22 27.79 -81.10 -3.89
CA ALA B 22 26.96 -80.38 -4.87
C ALA B 22 26.84 -78.86 -4.62
N ARG B 23 26.82 -78.43 -3.36
CA ARG B 23 26.68 -77.01 -3.03
C ARG B 23 27.95 -76.24 -3.35
N PHE B 24 27.90 -75.40 -4.37
CA PHE B 24 29.02 -74.53 -4.73
C PHE B 24 29.20 -73.47 -3.63
N GLN B 25 30.46 -73.28 -3.19
CA GLN B 25 30.79 -72.32 -2.13
C GLN B 25 31.61 -71.19 -2.69
N VAL B 26 31.07 -69.98 -2.57
CA VAL B 26 31.78 -68.80 -3.03
C VAL B 26 33.07 -68.68 -2.22
N GLN B 27 34.18 -68.44 -2.90
CA GLN B 27 35.44 -68.11 -2.26
C GLN B 27 35.35 -66.89 -1.32
N LYS B 28 35.82 -67.03 -0.09
CA LYS B 28 35.83 -65.95 0.88
C LYS B 28 37.10 -65.09 0.73
N HIS B 29 36.91 -63.81 0.39
CA HIS B 29 38.02 -62.86 0.30
C HIS B 29 38.02 -61.94 1.51
N SER B 30 39.18 -61.43 1.89
CA SER B 30 39.26 -60.30 2.82
C SER B 30 38.55 -59.08 2.24
N TRP B 31 38.33 -58.06 3.06
CA TRP B 31 37.69 -56.82 2.56
C TRP B 31 38.58 -56.15 1.53
N ASP B 32 39.86 -56.05 1.82
CA ASP B 32 40.80 -55.53 0.84
C ASP B 32 40.67 -56.29 -0.48
N GLY B 33 40.63 -57.62 -0.40
CA GLY B 33 40.45 -58.47 -1.58
C GLY B 33 39.22 -58.15 -2.41
N LEU B 34 38.06 -58.08 -1.76
CA LEU B 34 36.81 -57.61 -2.39
C LEU B 34 36.94 -56.22 -3.06
N ARG B 35 37.62 -55.29 -2.39
CA ARG B 35 37.86 -53.95 -2.93
C ARG B 35 38.65 -53.98 -4.24
N SER B 36 39.66 -54.85 -4.32
CA SER B 36 40.45 -54.98 -5.56
C SER B 36 39.61 -55.60 -6.69
N ILE B 37 38.78 -56.58 -6.35
CA ILE B 37 37.88 -57.23 -7.30
C ILE B 37 36.88 -56.23 -7.87
N ILE B 38 36.27 -55.44 -7.00
CA ILE B 38 35.34 -54.41 -7.43
C ILE B 38 36.08 -53.34 -8.22
N HIS B 39 37.27 -52.94 -7.77
CA HIS B 39 38.05 -51.92 -8.48
C HIS B 39 38.49 -52.39 -9.87
N GLY B 40 38.84 -53.67 -9.98
CA GLY B 40 39.21 -54.31 -11.24
C GLY B 40 38.08 -54.39 -12.26
N SER B 41 36.88 -54.68 -11.78
CA SER B 41 35.69 -54.73 -12.65
C SER B 41 35.40 -53.39 -13.35
N ARG B 42 35.49 -52.30 -12.60
CA ARG B 42 35.19 -50.95 -13.11
C ARG B 42 36.36 -50.24 -13.82
N LYS B 43 37.54 -50.86 -13.87
CA LYS B 43 38.70 -50.28 -14.55
C LYS B 43 38.64 -50.52 -16.07
N ASN B 50 30.25 -43.91 -21.63
CA ASN B 50 30.25 -42.45 -21.44
C ASN B 50 29.02 -41.67 -21.97
N LYS B 51 28.04 -42.35 -22.58
CA LYS B 51 26.81 -41.78 -23.17
C LYS B 51 26.96 -41.52 -24.70
N ALA B 52 26.25 -42.35 -25.48
CA ALA B 52 26.30 -42.29 -26.94
C ALA B 52 25.59 -41.03 -27.44
N PRO B 53 25.89 -40.61 -28.70
CA PRO B 53 25.20 -39.41 -29.14
C PRO B 53 23.68 -39.48 -28.95
N HIS B 54 23.10 -38.37 -28.53
CA HIS B 54 21.67 -38.25 -28.32
C HIS B 54 21.31 -36.78 -28.55
N ASP B 55 20.02 -36.47 -28.46
CA ASP B 55 19.50 -35.10 -28.63
C ASP B 55 20.02 -34.51 -29.96
N PHE B 56 19.56 -35.08 -31.07
CA PHE B 56 20.09 -34.71 -32.39
C PHE B 56 19.30 -33.60 -33.06
N GLN B 57 19.95 -32.93 -33.99
CA GLN B 57 19.33 -31.99 -34.92
C GLN B 57 19.88 -32.30 -36.32
N PHE B 58 19.00 -32.65 -37.25
CA PHE B 58 19.38 -32.90 -38.65
C PHE B 58 19.25 -31.60 -39.42
N VAL B 59 20.30 -31.19 -40.11
CA VAL B 59 20.27 -29.94 -40.89
C VAL B 59 20.76 -30.22 -42.31
N GLN B 60 19.93 -29.91 -43.32
CA GLN B 60 20.32 -30.02 -44.72
C GLN B 60 21.26 -28.87 -45.10
N LYS B 61 22.23 -29.18 -45.96
CA LYS B 61 23.29 -28.23 -46.33
C LYS B 61 22.87 -27.10 -47.28
N THR B 62 22.05 -27.43 -48.28
CA THR B 62 21.58 -26.48 -49.33
C THR B 62 22.71 -25.98 -50.23
N ASP B 63 23.48 -26.93 -50.73
CA ASP B 63 24.65 -26.68 -51.56
C ASP B 63 24.89 -27.92 -52.42
N GLU B 64 24.46 -27.86 -53.68
CA GLU B 64 24.65 -28.95 -54.65
C GLU B 64 26.13 -29.27 -54.94
N SER B 65 26.97 -28.24 -54.90
CA SER B 65 28.41 -28.38 -55.16
C SER B 65 29.20 -29.12 -54.05
N GLY B 66 28.76 -28.97 -52.80
CA GLY B 66 29.47 -29.51 -51.63
C GLY B 66 29.49 -31.03 -51.55
N PRO B 67 30.37 -31.62 -50.71
CA PRO B 67 30.43 -33.08 -50.57
C PRO B 67 29.59 -33.67 -49.42
N HIS B 68 28.89 -32.82 -48.65
CA HIS B 68 28.03 -33.28 -47.53
C HIS B 68 26.55 -32.95 -47.79
N SER B 69 25.67 -33.92 -47.56
CA SER B 69 24.21 -33.72 -47.73
C SER B 69 23.57 -33.07 -46.51
N HIS B 70 24.03 -33.46 -45.32
CA HIS B 70 23.53 -32.97 -44.04
C HIS B 70 24.68 -32.70 -43.08
N ARG B 71 24.40 -31.83 -42.10
CA ARG B 71 25.19 -31.75 -40.88
C ARG B 71 24.29 -32.19 -39.74
N LEU B 72 24.78 -33.16 -38.96
CA LEU B 72 24.05 -33.70 -37.82
C LEU B 72 24.61 -33.12 -36.51
N TYR B 73 23.77 -32.43 -35.76
CA TYR B 73 24.17 -31.84 -34.48
C TYR B 73 23.66 -32.72 -33.38
N TYR B 74 24.44 -32.82 -32.30
CA TYR B 74 24.06 -33.69 -31.19
C TYR B 74 24.88 -33.46 -29.94
N LEU B 75 24.32 -33.90 -28.81
CA LEU B 75 25.03 -33.94 -27.54
C LEU B 75 25.71 -35.30 -27.41
N GLY B 76 26.94 -35.29 -26.89
CA GLY B 76 27.73 -36.50 -26.69
C GLY B 76 29.00 -36.29 -25.88
N MET B 77 29.56 -37.41 -25.42
CA MET B 77 30.70 -37.42 -24.54
C MET B 77 31.76 -38.31 -25.20
N PRO B 78 32.88 -37.71 -25.68
CA PRO B 78 34.02 -38.49 -26.21
C PRO B 78 34.78 -39.27 -25.13
N TYR B 79 35.44 -40.37 -25.52
CA TYR B 79 36.10 -41.31 -24.58
C TYR B 79 37.15 -40.64 -23.69
N ARG B 82 35.30 -37.03 -20.85
CA ARG B 82 35.39 -36.05 -19.78
C ARG B 82 34.03 -35.44 -19.40
N GLU B 83 33.37 -34.77 -20.35
CA GLU B 83 32.00 -34.27 -20.15
C GLU B 83 31.15 -34.28 -21.43
N ASN B 84 29.83 -34.31 -21.23
CA ASN B 84 28.84 -34.17 -22.29
C ASN B 84 28.98 -32.80 -22.98
N SER B 85 28.98 -32.78 -24.32
CA SER B 85 29.19 -31.54 -25.09
C SER B 85 28.44 -31.51 -26.42
N LEU B 86 28.27 -30.32 -26.98
CA LEU B 86 27.64 -30.12 -28.29
C LEU B 86 28.62 -30.51 -29.38
N LEU B 87 28.17 -31.39 -30.28
CA LEU B 87 29.04 -31.99 -31.28
C LEU B 87 28.35 -32.00 -32.63
N TYR B 88 29.12 -32.26 -33.68
CA TYR B 88 28.54 -32.40 -34.99
C TYR B 88 29.31 -33.39 -35.86
N SER B 89 28.58 -34.00 -36.80
CA SER B 89 29.15 -34.87 -37.80
C SER B 89 28.70 -34.34 -39.15
N GLU B 90 29.49 -34.63 -40.19
CA GLU B 90 29.16 -34.31 -41.56
C GLU B 90 28.65 -35.57 -42.22
N ILE B 91 27.46 -35.52 -42.79
CA ILE B 91 26.91 -36.67 -43.52
C ILE B 91 27.29 -36.50 -44.99
N PRO B 92 28.02 -37.46 -45.59
CA PRO B 92 28.46 -37.29 -46.98
C PRO B 92 27.38 -37.66 -48.02
N LYS B 93 27.66 -37.24 -49.25
CA LYS B 93 26.75 -37.43 -50.38
C LYS B 93 26.85 -38.81 -51.00
N LYS B 94 28.07 -39.37 -51.03
CA LYS B 94 28.25 -40.77 -51.42
C LYS B 94 29.24 -41.46 -50.51
N VAL B 95 29.04 -42.77 -50.34
CA VAL B 95 29.91 -43.65 -49.57
C VAL B 95 30.33 -44.73 -50.55
N ARG B 96 31.57 -45.24 -50.45
CA ARG B 96 32.05 -46.31 -51.35
C ARG B 96 31.16 -47.55 -51.24
N LYS B 97 30.78 -47.89 -50.00
CA LYS B 97 29.91 -49.06 -49.67
C LYS B 97 30.69 -50.40 -49.71
N GLU B 98 31.93 -50.35 -50.20
CA GLU B 98 32.88 -51.45 -50.08
C GLU B 98 33.37 -51.59 -48.65
N ALA B 99 33.51 -50.45 -47.95
CA ALA B 99 33.86 -50.37 -46.53
C ALA B 99 32.86 -49.57 -45.72
N LEU B 100 32.79 -49.87 -44.42
CA LEU B 100 31.92 -49.15 -43.49
C LEU B 100 32.50 -47.75 -43.26
N LEU B 101 31.63 -46.75 -43.25
CA LEU B 101 32.05 -45.37 -43.05
C LEU B 101 31.84 -45.00 -41.57
N LEU B 102 32.88 -44.51 -40.92
CA LEU B 102 32.77 -44.03 -39.53
C LEU B 102 32.83 -42.49 -39.50
N LEU B 103 31.74 -41.86 -39.04
CA LEU B 103 31.65 -40.40 -39.00
C LEU B 103 32.48 -39.83 -37.85
N SER B 104 33.13 -38.70 -38.10
CA SER B 104 33.95 -38.01 -37.08
C SER B 104 33.05 -37.15 -36.19
N TRP B 105 33.34 -37.17 -34.88
CA TRP B 105 32.70 -36.31 -33.91
C TRP B 105 33.53 -35.03 -33.82
N LYS B 106 33.00 -33.95 -34.39
CA LYS B 106 33.66 -32.64 -34.39
C LYS B 106 33.14 -31.84 -33.21
N GLN B 107 34.04 -31.12 -32.53
CA GLN B 107 33.67 -30.24 -31.43
C GLN B 107 33.02 -28.99 -32.00
N MET B 108 31.93 -28.55 -31.37
CA MET B 108 31.30 -27.26 -31.66
C MET B 108 32.01 -26.12 -30.94
N LEU B 109 32.30 -26.35 -29.66
CA LEU B 109 32.90 -25.35 -28.78
C LEU B 109 34.42 -25.59 -28.70
N ASP B 110 35.21 -24.52 -28.64
CA ASP B 110 36.68 -24.61 -28.55
C ASP B 110 37.14 -24.62 -27.10
N HIS B 111 37.56 -25.80 -26.60
CA HIS B 111 38.10 -25.96 -25.24
C HIS B 111 37.22 -25.37 -24.13
N PHE B 112 35.94 -25.71 -24.17
CA PHE B 112 34.95 -25.12 -23.27
C PHE B 112 34.51 -26.12 -22.21
N GLN B 113 34.54 -25.68 -20.96
CA GLN B 113 34.04 -26.48 -19.85
C GLN B 113 32.63 -25.99 -19.48
N ALA B 114 31.64 -26.84 -19.74
CA ALA B 114 30.25 -26.59 -19.39
C ALA B 114 29.90 -27.00 -17.96
N THR B 115 30.73 -27.83 -17.34
CA THR B 115 30.49 -28.30 -15.97
C THR B 115 30.94 -27.19 -15.02
N PRO B 116 30.15 -26.89 -13.94
CA PRO B 116 30.63 -25.89 -12.98
C PRO B 116 31.83 -26.41 -12.21
N HIS B 117 32.57 -25.50 -11.58
CA HIS B 117 33.82 -25.87 -10.89
C HIS B 117 33.63 -26.94 -9.79
N HIS B 118 34.41 -28.01 -9.91
CA HIS B 118 34.30 -29.21 -9.08
C HIS B 118 32.98 -29.99 -9.25
N GLY B 119 32.32 -29.82 -10.39
CA GLY B 119 31.04 -30.48 -10.65
C GLY B 119 29.95 -30.15 -9.63
N VAL B 120 29.99 -28.95 -9.06
CA VAL B 120 29.02 -28.53 -8.04
C VAL B 120 28.05 -27.51 -8.66
N TYR B 121 26.81 -27.96 -8.83
CA TYR B 121 25.72 -27.17 -9.41
C TYR B 121 24.93 -26.48 -8.31
N SER B 122 24.15 -25.47 -8.70
CA SER B 122 23.21 -24.79 -7.77
C SER B 122 22.11 -25.76 -7.32
N ARG B 123 21.42 -25.45 -6.22
CA ARG B 123 20.35 -26.35 -5.75
C ARG B 123 19.29 -26.59 -6.84
N GLU B 124 18.90 -25.52 -7.53
CA GLU B 124 17.92 -25.63 -8.60
C GLU B 124 18.44 -26.57 -9.72
N GLU B 125 19.62 -26.30 -10.24
CA GLU B 125 20.16 -27.10 -11.36
C GLU B 125 20.42 -28.55 -10.91
N GLU B 126 20.92 -28.74 -9.70
CA GLU B 126 21.16 -30.08 -9.18
C GLU B 126 19.88 -30.85 -8.93
N LEU B 127 18.82 -30.18 -8.47
CA LEU B 127 17.51 -30.83 -8.25
C LEU B 127 16.85 -31.26 -9.56
N LEU B 128 17.08 -30.49 -10.63
CA LEU B 128 16.54 -30.82 -11.96
C LEU B 128 17.29 -32.02 -12.58
N ARG B 129 18.57 -32.16 -12.26
CA ARG B 129 19.38 -33.29 -12.73
C ARG B 129 18.86 -34.56 -12.09
N GLU B 130 18.38 -34.43 -10.86
CA GLU B 130 17.82 -35.51 -10.06
C GLU B 130 16.49 -35.93 -10.61
N ARG B 131 15.62 -34.95 -10.81
CA ARG B 131 14.30 -35.14 -11.43
C ARG B 131 14.42 -35.75 -12.82
N LYS B 132 15.44 -35.32 -13.58
CA LYS B 132 15.70 -35.88 -14.92
C LYS B 132 16.52 -37.19 -14.91
N ARG B 133 16.97 -37.63 -13.73
CA ARG B 133 17.91 -38.78 -13.60
C ARG B 133 19.12 -38.62 -14.49
N LEU B 134 19.66 -37.41 -14.51
CA LEU B 134 20.89 -37.07 -15.26
C LEU B 134 22.13 -37.27 -14.41
N GLY B 135 22.97 -38.21 -14.85
CA GLY B 135 24.24 -38.48 -14.19
C GLY B 135 25.41 -37.76 -14.81
N VAL B 136 25.38 -37.64 -16.13
CA VAL B 136 26.52 -37.15 -16.90
C VAL B 136 26.70 -35.65 -16.65
N PHE B 137 27.94 -35.20 -16.76
CA PHE B 137 28.28 -33.77 -16.59
C PHE B 137 28.37 -33.04 -17.94
N GLY B 138 28.33 -31.71 -17.87
CA GLY B 138 28.38 -30.84 -19.05
C GLY B 138 26.99 -30.45 -19.52
N ILE B 139 26.86 -30.26 -20.83
CA ILE B 139 25.64 -29.75 -21.46
C ILE B 139 24.67 -30.92 -21.57
N THR B 140 23.57 -30.85 -20.82
CA THR B 140 22.59 -31.96 -20.77
C THR B 140 21.30 -31.70 -21.57
N SER B 141 21.12 -30.47 -22.01
CA SER B 141 20.04 -30.12 -22.92
C SER B 141 20.47 -28.88 -23.69
N TYR B 142 19.76 -28.57 -24.76
CA TYR B 142 19.92 -27.29 -25.46
C TYR B 142 18.70 -26.99 -26.32
N ASP B 143 18.48 -25.71 -26.61
CA ASP B 143 17.48 -25.27 -27.59
C ASP B 143 18.15 -24.91 -28.95
N PHE B 144 17.39 -25.08 -30.03
CA PHE B 144 17.90 -24.84 -31.39
C PHE B 144 16.84 -24.19 -32.25
N HIS B 145 17.20 -23.09 -32.90
CA HIS B 145 16.33 -22.39 -33.85
C HIS B 145 16.89 -22.69 -35.24
N SER B 146 16.11 -23.44 -36.03
CA SER B 146 16.52 -23.92 -37.36
C SER B 146 16.89 -22.82 -38.36
N GLU B 147 16.06 -21.77 -38.44
CA GLU B 147 16.21 -20.70 -39.45
C GLU B 147 17.51 -19.91 -39.28
N SER B 148 17.83 -19.52 -38.04
CA SER B 148 19.04 -18.72 -37.74
C SER B 148 20.26 -19.56 -37.33
N GLY B 149 20.05 -20.84 -37.01
CA GLY B 149 21.13 -21.71 -36.57
C GLY B 149 21.66 -21.30 -35.19
N LEU B 150 20.75 -20.91 -34.31
CA LEU B 150 21.10 -20.42 -32.97
C LEU B 150 20.97 -21.57 -31.98
N PHE B 151 22.01 -21.79 -31.19
CA PHE B 151 22.00 -22.80 -30.11
C PHE B 151 21.99 -22.10 -28.77
N LEU B 152 21.08 -22.51 -27.88
CA LEU B 152 20.92 -21.90 -26.54
C LEU B 152 20.91 -22.97 -25.46
N PHE B 153 21.75 -22.77 -24.41
CA PHE B 153 21.96 -23.81 -23.39
C PHE B 153 22.57 -23.30 -22.09
N GLN B 154 22.32 -24.05 -21.01
CA GLN B 154 22.97 -23.82 -19.71
C GLN B 154 24.36 -24.43 -19.70
N ALA B 155 25.32 -23.68 -19.18
CA ALA B 155 26.71 -24.12 -19.03
C ALA B 155 27.30 -23.31 -17.92
N SER B 156 28.30 -23.87 -17.26
CA SER B 156 28.85 -23.31 -16.01
C SER B 156 27.66 -23.08 -15.08
N ASN B 157 27.53 -21.88 -14.51
CA ASN B 157 26.33 -21.49 -13.80
C ASN B 157 25.76 -20.23 -14.47
N SER B 158 25.66 -20.29 -15.81
CA SER B 158 25.17 -19.19 -16.62
C SER B 158 24.59 -19.71 -17.95
N LEU B 159 24.25 -18.78 -18.84
CA LEU B 159 23.68 -19.08 -20.14
C LEU B 159 24.69 -18.73 -21.22
N PHE B 160 24.73 -19.58 -22.25
CA PHE B 160 25.65 -19.43 -23.37
C PHE B 160 24.92 -19.66 -24.68
N HIS B 161 25.55 -19.25 -25.78
CA HIS B 161 24.99 -19.45 -27.10
C HIS B 161 26.07 -19.45 -28.17
N CYS B 162 25.71 -20.00 -29.32
CA CYS B 162 26.55 -20.03 -30.50
C CYS B 162 25.65 -20.18 -31.73
N ARG B 163 26.19 -19.81 -32.89
CA ARG B 163 25.47 -19.84 -34.14
C ARG B 163 26.23 -20.71 -35.12
N ASP B 164 25.50 -21.60 -35.79
CA ASP B 164 26.05 -22.40 -36.89
C ASP B 164 24.96 -22.78 -37.91
N GLY B 165 25.32 -22.72 -39.18
CA GLY B 165 24.39 -23.02 -40.28
C GLY B 165 23.43 -21.89 -40.57
N GLY B 166 22.54 -22.14 -41.52
CA GLY B 166 21.54 -21.15 -41.96
C GLY B 166 22.20 -19.92 -42.57
N LYS B 167 21.67 -18.74 -42.23
CA LYS B 167 22.20 -17.44 -42.71
C LYS B 167 23.65 -17.19 -42.26
N ASN B 168 23.98 -17.68 -41.06
CA ASN B 168 25.32 -17.60 -40.48
C ASN B 168 26.38 -18.45 -41.16
N GLY B 169 25.99 -19.55 -41.81
CA GLY B 169 26.93 -20.44 -42.52
C GLY B 169 27.61 -21.49 -41.65
N PHE B 170 28.15 -22.54 -42.28
CA PHE B 170 28.66 -23.73 -41.58
C PHE B 170 30.17 -23.75 -41.27
N MET B 171 30.52 -23.60 -40.00
CA MET B 171 31.92 -23.61 -39.56
C MET B 171 32.61 -24.97 -39.83
N VAL B 172 33.93 -24.94 -40.01
CA VAL B 172 34.76 -26.14 -40.15
C VAL B 172 35.64 -26.38 -38.92
N SER B 173 35.55 -25.50 -37.92
CA SER B 173 36.29 -25.63 -36.67
C SER B 173 35.60 -24.98 -35.50
N PRO B 174 35.97 -25.40 -34.27
CA PRO B 174 35.19 -24.93 -33.13
C PRO B 174 35.30 -23.41 -32.85
N MET B 175 34.22 -22.86 -32.34
CA MET B 175 34.09 -21.44 -32.00
C MET B 175 33.71 -21.36 -30.53
N LYS B 176 34.20 -20.33 -29.86
CA LYS B 176 33.96 -20.16 -28.42
C LYS B 176 32.49 -19.73 -28.21
N PRO B 177 31.79 -20.33 -27.21
CA PRO B 177 30.40 -19.86 -26.99
C PRO B 177 30.36 -18.56 -26.20
N LEU B 178 29.40 -17.71 -26.52
CA LEU B 178 29.29 -16.39 -25.92
C LEU B 178 28.35 -16.43 -24.73
N GLU B 179 28.85 -16.01 -23.56
CA GLU B 179 28.05 -15.92 -22.34
C GLU B 179 27.06 -14.77 -22.49
N ILE B 180 25.82 -15.01 -22.05
CA ILE B 180 24.77 -14.01 -22.12
C ILE B 180 24.72 -13.30 -20.78
N LYS B 181 24.95 -11.99 -20.79
CA LYS B 181 25.03 -11.20 -19.55
C LYS B 181 23.63 -10.95 -18.99
N THR B 182 23.52 -10.88 -17.67
CA THR B 182 22.24 -10.67 -17.00
C THR B 182 22.47 -9.75 -15.81
N GLN B 183 21.46 -8.94 -15.47
CA GLN B 183 21.47 -8.22 -14.22
C GLN B 183 20.65 -9.02 -13.18
N CYS B 184 20.28 -10.26 -13.50
CA CYS B 184 19.67 -11.14 -12.51
C CYS B 184 20.69 -11.72 -11.54
N SER B 185 20.20 -12.14 -10.38
CA SER B 185 20.96 -12.87 -9.37
C SER B 185 20.31 -14.25 -9.23
N GLY B 186 21.13 -15.27 -8.97
CA GLY B 186 20.67 -16.68 -8.92
C GLY B 186 20.61 -17.27 -10.31
N PRO B 187 20.41 -18.60 -10.43
CA PRO B 187 20.40 -19.17 -11.78
C PRO B 187 19.19 -18.82 -12.67
N ARG B 188 19.48 -18.71 -13.97
CA ARG B 188 18.50 -18.57 -15.03
C ARG B 188 18.22 -19.98 -15.57
N MET B 189 17.02 -20.49 -15.30
CA MET B 189 16.65 -21.88 -15.56
C MET B 189 15.71 -21.98 -16.73
N ASP B 190 15.77 -23.10 -17.44
CA ASP B 190 14.82 -23.46 -18.50
C ASP B 190 14.83 -22.43 -19.60
N PRO B 191 16.02 -22.15 -20.20
CA PRO B 191 16.05 -21.17 -21.27
C PRO B 191 15.49 -21.72 -22.59
N LYS B 192 14.78 -20.87 -23.35
CA LYS B 192 14.17 -21.26 -24.67
C LYS B 192 14.18 -20.08 -25.65
N ILE B 193 14.50 -20.38 -26.90
CA ILE B 193 14.52 -19.39 -27.99
C ILE B 193 13.08 -19.15 -28.45
N CYS B 194 12.71 -17.89 -28.70
CA CYS B 194 11.37 -17.54 -29.21
C CYS B 194 11.23 -18.11 -30.62
N PRO B 195 10.24 -19.00 -30.87
CA PRO B 195 10.20 -19.60 -32.21
C PRO B 195 9.85 -18.60 -33.31
N ALA B 196 9.03 -17.61 -32.98
CA ALA B 196 8.63 -16.56 -33.93
C ALA B 196 9.71 -15.53 -34.21
N ASP B 197 10.64 -15.32 -33.26
CA ASP B 197 11.70 -14.30 -33.36
C ASP B 197 12.95 -14.74 -32.57
N PRO B 198 14.00 -15.21 -33.27
CA PRO B 198 15.19 -15.71 -32.59
C PRO B 198 16.09 -14.63 -31.96
N ALA B 199 15.77 -13.35 -32.16
CA ALA B 199 16.36 -12.28 -31.35
C ALA B 199 16.01 -12.40 -29.86
N PHE B 200 14.86 -13.01 -29.54
CA PHE B 200 14.40 -13.19 -28.17
C PHE B 200 14.56 -14.60 -27.64
N PHE B 201 14.50 -14.69 -26.31
CA PHE B 201 14.56 -15.95 -25.56
C PHE B 201 13.96 -15.74 -24.18
N SER B 202 13.63 -16.83 -23.50
CA SER B 202 13.02 -16.74 -22.18
C SER B 202 13.80 -17.58 -21.19
N PHE B 203 13.46 -17.43 -19.91
CA PHE B 203 14.08 -18.17 -18.82
C PHE B 203 13.33 -17.96 -17.51
N ILE B 204 13.59 -18.84 -16.55
CA ILE B 204 13.00 -18.70 -15.21
C ILE B 204 14.08 -18.20 -14.24
N ASN B 205 13.75 -17.12 -13.55
CA ASN B 205 14.58 -16.55 -12.52
C ASN B 205 13.75 -16.23 -11.26
N ASN B 206 14.04 -16.95 -10.19
CA ASN B 206 13.43 -16.77 -8.88
C ASN B 206 11.93 -16.93 -8.98
N SER B 207 11.54 -18.08 -9.50
CA SER B 207 10.13 -18.48 -9.64
C SER B 207 9.23 -17.53 -10.45
N ASP B 208 9.81 -16.83 -11.41
CA ASP B 208 9.07 -15.96 -12.30
C ASP B 208 9.64 -16.03 -13.69
N LEU B 209 8.82 -15.60 -14.65
CA LEU B 209 9.16 -15.63 -16.06
C LEU B 209 9.87 -14.34 -16.46
N TRP B 210 10.92 -14.49 -17.26
CA TRP B 210 11.69 -13.39 -17.82
C TRP B 210 11.87 -13.64 -19.32
N VAL B 211 12.12 -12.56 -20.05
CA VAL B 211 12.42 -12.59 -21.46
C VAL B 211 13.56 -11.61 -21.69
N ALA B 212 14.31 -11.83 -22.76
CA ALA B 212 15.47 -11.01 -23.08
C ALA B 212 15.77 -11.09 -24.54
N ASN B 213 16.57 -10.15 -25.02
CA ASN B 213 16.94 -10.07 -26.42
C ASN B 213 18.44 -10.31 -26.48
N ILE B 214 18.84 -11.49 -26.96
CA ILE B 214 20.28 -11.82 -27.13
C ILE B 214 21.06 -10.77 -27.93
N GLU B 215 20.42 -10.14 -28.91
CA GLU B 215 21.11 -9.18 -29.78
C GLU B 215 21.40 -7.83 -29.11
N THR B 216 20.50 -7.35 -28.25
CA THR B 216 20.66 -6.04 -27.56
C THR B 216 20.96 -6.13 -26.06
N GLY B 217 20.88 -7.32 -25.48
CA GLY B 217 21.06 -7.50 -24.04
C GLY B 217 19.92 -7.06 -23.14
N GLU B 218 18.80 -6.60 -23.69
CA GLU B 218 17.69 -6.10 -22.87
C GLU B 218 16.98 -7.24 -22.17
N GLU B 219 16.76 -7.09 -20.87
CA GLU B 219 16.06 -8.08 -20.06
C GLU B 219 14.74 -7.50 -19.56
N ARG B 220 13.69 -8.32 -19.56
CA ARG B 220 12.42 -7.89 -19.00
C ARG B 220 11.71 -9.02 -18.25
N ARG B 221 11.29 -8.72 -17.03
CA ARG B 221 10.53 -9.63 -16.18
C ARG B 221 9.03 -9.51 -16.49
N LEU B 222 8.37 -10.66 -16.67
CA LEU B 222 6.96 -10.72 -17.05
C LEU B 222 5.97 -11.18 -15.97
N THR B 223 6.47 -11.73 -14.86
CA THR B 223 5.60 -12.18 -13.78
C THR B 223 6.20 -11.72 -12.45
N PHE B 224 5.32 -11.58 -11.45
CA PHE B 224 5.66 -11.00 -10.16
C PHE B 224 5.00 -11.80 -9.04
N CYS B 225 5.15 -13.12 -9.12
CA CYS B 225 4.66 -14.05 -8.09
C CYS B 225 5.61 -14.20 -6.88
N HIS B 226 6.88 -13.85 -7.08
CA HIS B 226 7.93 -14.01 -6.07
C HIS B 226 8.42 -12.66 -5.55
N GLN B 227 8.70 -12.62 -4.24
CA GLN B 227 9.03 -11.38 -3.49
C GLN B 227 10.35 -11.63 -2.68
N GLY B 228 10.36 -11.33 -1.37
CA GLY B 228 11.50 -11.62 -0.49
C GLY B 228 11.14 -12.62 0.60
N VAL B 232 11.42 -19.38 2.45
CA VAL B 232 10.41 -19.27 1.38
C VAL B 232 9.04 -19.92 1.75
N LEU B 233 8.78 -20.11 3.05
CA LEU B 233 7.44 -20.42 3.54
C LEU B 233 6.57 -19.18 3.37
N ASP B 234 7.22 -18.01 3.50
CA ASP B 234 6.59 -16.71 3.27
C ASP B 234 6.14 -16.50 1.81
N ASP B 235 6.98 -16.92 0.86
CA ASP B 235 6.76 -16.73 -0.59
C ASP B 235 6.30 -18.04 -1.28
N PRO B 236 4.97 -18.28 -1.40
CA PRO B 236 4.57 -19.60 -1.92
C PRO B 236 4.14 -19.67 -3.39
N LYS B 237 4.17 -18.54 -4.11
CA LYS B 237 3.66 -18.43 -5.48
C LYS B 237 4.80 -18.37 -6.48
N SER B 238 4.60 -19.07 -7.60
CA SER B 238 5.58 -19.11 -8.68
C SER B 238 4.88 -19.02 -10.02
N ALA B 239 5.61 -18.63 -11.06
CA ALA B 239 5.08 -18.64 -12.42
C ALA B 239 6.07 -19.22 -13.40
N GLY B 240 5.57 -20.05 -14.30
CA GLY B 240 6.39 -20.65 -15.36
C GLY B 240 7.16 -21.89 -14.91
N VAL B 241 6.85 -22.39 -13.71
CA VAL B 241 7.63 -23.41 -13.03
C VAL B 241 6.83 -24.69 -12.79
N ALA B 242 7.47 -25.82 -13.08
CA ALA B 242 6.92 -27.12 -12.80
C ALA B 242 7.32 -27.43 -11.38
N THR B 243 6.35 -27.78 -10.54
CA THR B 243 6.55 -28.08 -9.13
C THR B 243 7.06 -29.52 -8.98
N PHE B 244 7.44 -29.89 -7.76
CA PHE B 244 8.10 -31.16 -7.46
C PHE B 244 7.39 -32.38 -8.07
N VAL B 245 6.13 -32.62 -7.66
CA VAL B 245 5.34 -33.77 -8.13
C VAL B 245 5.16 -33.78 -9.65
N ILE B 246 4.88 -32.62 -10.24
CA ILE B 246 4.81 -32.54 -11.69
C ILE B 246 6.08 -33.09 -12.34
N GLN B 247 7.25 -32.71 -11.80
CA GLN B 247 8.52 -33.14 -12.34
C GLN B 247 8.80 -34.62 -12.00
N GLU B 248 8.60 -35.02 -10.76
CA GLU B 248 8.99 -36.37 -10.29
C GLU B 248 8.00 -37.43 -10.73
N GLU B 249 6.72 -37.06 -10.80
CA GLU B 249 5.62 -38.03 -11.03
C GLU B 249 4.87 -37.89 -12.35
N PHE B 250 5.14 -36.83 -13.12
CA PHE B 250 4.44 -36.57 -14.42
C PHE B 250 5.39 -36.26 -15.59
N ASP B 251 6.69 -36.33 -15.35
CA ASP B 251 7.66 -36.20 -16.38
C ASP B 251 7.48 -34.87 -17.18
N ARG B 252 7.00 -33.82 -16.53
CA ARG B 252 7.00 -32.47 -17.10
C ARG B 252 7.95 -31.62 -16.30
N PHE B 253 8.87 -30.94 -16.97
CA PHE B 253 9.91 -30.08 -16.34
C PHE B 253 9.80 -28.58 -16.66
N THR B 254 8.76 -28.17 -17.35
CA THR B 254 8.60 -26.77 -17.72
C THR B 254 7.24 -26.31 -17.34
N GLY B 255 7.12 -25.01 -17.07
CA GLY B 255 5.81 -24.43 -16.74
C GLY B 255 5.42 -23.29 -17.64
N TYR B 256 6.02 -23.26 -18.83
CA TYR B 256 5.70 -22.24 -19.81
C TYR B 256 5.96 -22.74 -21.21
N TRP B 257 5.36 -22.04 -22.17
CA TRP B 257 5.33 -22.46 -23.56
C TRP B 257 5.17 -21.27 -24.52
N TRP B 258 6.22 -21.02 -25.31
CA TRP B 258 6.22 -19.98 -26.34
C TRP B 258 5.08 -20.20 -27.32
N CYS B 259 4.34 -19.12 -27.64
CA CYS B 259 3.41 -19.17 -28.77
C CYS B 259 4.26 -19.27 -30.04
N PRO B 260 3.94 -20.18 -30.98
CA PRO B 260 4.90 -20.34 -32.11
C PRO B 260 4.97 -19.17 -33.08
N THR B 261 3.96 -18.30 -33.10
CA THR B 261 3.91 -17.15 -34.03
C THR B 261 3.76 -15.81 -33.31
N ALA B 262 4.00 -14.75 -34.08
CA ALA B 262 3.82 -13.36 -33.67
C ALA B 262 2.57 -12.81 -34.32
N SER B 263 2.01 -11.75 -33.72
CA SER B 263 0.90 -11.00 -34.33
C SER B 263 1.19 -9.49 -34.39
N TRP B 264 0.59 -8.83 -35.37
CA TRP B 264 0.84 -7.39 -35.61
C TRP B 264 -0.49 -6.62 -35.61
N LEU B 270 4.51 -2.08 -34.32
CA LEU B 270 4.76 -3.06 -33.27
C LEU B 270 4.44 -4.49 -33.72
N LYS B 271 4.96 -5.46 -32.97
CA LYS B 271 4.51 -6.85 -33.07
C LYS B 271 4.46 -7.48 -31.68
N THR B 272 3.40 -8.25 -31.42
CA THR B 272 3.21 -8.94 -30.14
C THR B 272 3.73 -10.40 -30.17
N LEU B 273 4.31 -10.82 -29.04
CA LEU B 273 4.74 -12.20 -28.79
C LEU B 273 4.02 -12.70 -27.54
N ARG B 274 3.89 -14.01 -27.39
CA ARG B 274 3.10 -14.59 -26.30
C ARG B 274 3.76 -15.80 -25.65
N ILE B 275 3.37 -16.05 -24.40
CA ILE B 275 3.80 -17.21 -23.62
C ILE B 275 2.64 -17.68 -22.72
N LEU B 276 2.17 -18.90 -22.98
CA LEU B 276 1.24 -19.59 -22.10
C LEU B 276 2.04 -20.02 -20.85
N TYR B 277 1.48 -19.87 -19.65
CA TYR B 277 2.21 -20.29 -18.45
C TYR B 277 1.34 -20.70 -17.29
N GLU B 278 1.86 -21.67 -16.54
CA GLU B 278 1.18 -22.18 -15.37
C GLU B 278 1.58 -21.32 -14.22
N GLU B 279 0.60 -20.77 -13.50
CA GLU B 279 0.84 -20.01 -12.27
C GLU B 279 0.49 -20.92 -11.13
N VAL B 280 1.32 -20.95 -10.10
CA VAL B 280 1.17 -21.92 -9.03
C VAL B 280 1.30 -21.30 -7.64
N ASP B 281 0.46 -21.80 -6.72
CA ASP B 281 0.41 -21.34 -5.34
C ASP B 281 0.50 -22.56 -4.39
N GLU B 282 1.64 -22.71 -3.71
CA GLU B 282 1.91 -23.87 -2.83
C GLU B 282 1.68 -23.64 -1.33
N SER B 283 0.91 -22.59 -0.97
CA SER B 283 0.74 -22.14 0.42
C SER B 283 0.22 -23.23 1.34
N GLU B 284 -0.80 -23.92 0.87
CA GLU B 284 -1.49 -24.96 1.62
C GLU B 284 -0.79 -26.35 1.53
N VAL B 285 0.28 -26.44 0.73
CA VAL B 285 1.05 -27.68 0.57
C VAL B 285 1.99 -27.86 1.74
N GLU B 286 2.00 -29.08 2.29
CA GLU B 286 2.90 -29.42 3.41
C GLU B 286 4.38 -29.18 3.13
N VAL B 287 5.05 -28.66 4.16
CA VAL B 287 6.48 -28.37 4.13
C VAL B 287 7.21 -29.44 4.91
N ILE B 288 8.29 -29.94 4.34
CA ILE B 288 9.18 -30.86 5.05
C ILE B 288 10.64 -30.46 4.87
N HIS B 289 11.49 -30.86 5.82
CA HIS B 289 12.92 -30.52 5.78
C HIS B 289 13.80 -31.73 5.46
N VAL B 290 14.65 -31.55 4.44
CA VAL B 290 15.66 -32.54 4.00
C VAL B 290 17.06 -31.94 4.13
N PRO B 291 18.09 -32.75 4.52
CA PRO B 291 19.42 -32.16 4.73
C PRO B 291 20.11 -31.63 3.46
N SER B 292 20.83 -30.52 3.62
CA SER B 292 21.58 -29.89 2.53
C SER B 292 22.83 -30.71 2.19
N PRO B 293 23.32 -30.67 0.92
CA PRO B 293 24.60 -31.36 0.66
C PRO B 293 25.80 -30.83 1.47
N ALA B 294 25.80 -29.54 1.79
CA ALA B 294 26.81 -28.91 2.64
C ALA B 294 26.65 -29.42 4.07
N LEU B 295 27.16 -30.63 4.32
CA LEU B 295 27.00 -31.34 5.60
C LEU B 295 27.55 -30.57 6.80
N GLU B 296 28.68 -29.89 6.61
CA GLU B 296 29.31 -29.09 7.69
C GLU B 296 28.44 -27.91 8.20
N GLU B 297 27.55 -27.43 7.33
CA GLU B 297 26.56 -26.42 7.67
C GLU B 297 25.49 -26.97 8.57
N ARG B 298 25.28 -28.28 8.54
CA ARG B 298 24.27 -28.92 9.42
C ARG B 298 22.87 -28.28 9.33
N LYS B 299 22.50 -27.92 8.10
CA LYS B 299 21.22 -27.33 7.80
C LYS B 299 20.42 -28.21 6.80
N THR B 300 19.13 -27.95 6.75
CA THR B 300 18.20 -28.57 5.87
C THR B 300 17.69 -27.56 4.85
N ASP B 301 17.00 -28.11 3.86
CA ASP B 301 16.25 -27.35 2.88
C ASP B 301 14.78 -27.67 3.12
N SER B 302 13.92 -26.68 2.86
CA SER B 302 12.48 -26.83 2.95
C SER B 302 11.95 -27.13 1.56
N TYR B 303 10.98 -28.02 1.49
CA TYR B 303 10.34 -28.42 0.23
C TYR B 303 8.87 -28.36 0.46
N ARG B 304 8.12 -28.01 -0.57
CA ARG B 304 6.68 -28.26 -0.60
C ARG B 304 6.49 -29.71 -1.05
N TYR B 305 6.09 -30.57 -0.12
CA TYR B 305 5.98 -32.02 -0.40
C TYR B 305 4.55 -32.50 -0.18
N PRO B 306 3.76 -32.62 -1.29
CA PRO B 306 2.39 -33.06 -1.12
C PRO B 306 2.37 -34.55 -0.86
N ARG B 307 2.17 -34.92 0.39
CA ARG B 307 2.07 -36.33 0.72
C ARG B 307 0.68 -36.80 0.37
N THR B 308 0.59 -38.05 -0.06
CA THR B 308 -0.67 -38.71 -0.35
C THR B 308 -1.80 -38.30 0.60
N GLY B 309 -2.91 -37.90 0.03
CA GLY B 309 -4.03 -37.46 0.82
C GLY B 309 -4.01 -36.02 1.27
N SER B 310 -3.10 -35.16 0.80
CA SER B 310 -3.34 -33.73 1.06
C SER B 310 -3.08 -32.80 -0.09
N LYS B 311 -3.09 -31.49 0.18
CA LYS B 311 -3.26 -30.50 -0.84
C LYS B 311 -2.06 -30.52 -1.79
N ASN B 312 -2.37 -30.66 -3.09
CA ASN B 312 -1.47 -30.30 -4.20
C ASN B 312 -1.47 -28.78 -4.33
N PRO B 313 -0.51 -28.22 -5.06
CA PRO B 313 -0.60 -26.77 -5.19
C PRO B 313 -1.89 -26.30 -5.92
N LYS B 314 -2.35 -25.09 -5.60
CA LYS B 314 -3.34 -24.40 -6.40
C LYS B 314 -2.67 -23.96 -7.69
N ILE B 315 -3.31 -24.21 -8.84
CA ILE B 315 -2.72 -23.91 -10.14
C ILE B 315 -3.70 -23.19 -11.06
N ALA B 316 -3.16 -22.54 -12.08
CA ALA B 316 -3.96 -21.96 -13.15
C ALA B 316 -3.09 -21.73 -14.37
N LEU B 317 -3.73 -21.65 -15.55
CA LEU B 317 -3.07 -21.27 -16.79
C LEU B 317 -3.27 -19.77 -17.06
N LYS B 318 -2.17 -19.07 -17.31
CA LYS B 318 -2.19 -17.63 -17.59
C LYS B 318 -1.44 -17.38 -18.89
N LEU B 319 -1.48 -16.14 -19.33
CA LEU B 319 -0.86 -15.75 -20.57
C LEU B 319 -0.13 -14.43 -20.36
N ALA B 320 1.11 -14.39 -20.82
CA ALA B 320 1.94 -13.19 -20.76
C ALA B 320 2.23 -12.72 -22.16
N GLU B 321 1.91 -11.45 -22.45
CA GLU B 321 2.20 -10.83 -23.74
C GLU B 321 3.30 -9.79 -23.58
N PHE B 322 3.98 -9.50 -24.69
CA PHE B 322 4.93 -8.38 -24.79
C PHE B 322 5.11 -7.95 -26.22
N GLN B 323 5.20 -6.63 -26.44
CA GLN B 323 5.33 -6.05 -27.77
C GLN B 323 6.79 -5.60 -28.01
N THR B 324 7.27 -5.79 -29.24
CA THR B 324 8.60 -5.30 -29.63
C THR B 324 8.45 -4.35 -30.82
N ASP B 325 9.37 -3.42 -30.95
CA ASP B 325 9.41 -2.55 -32.14
C ASP B 325 10.31 -3.21 -33.18
N SER B 326 10.53 -2.54 -34.31
CA SER B 326 11.41 -3.07 -35.38
C SER B 326 12.89 -3.08 -35.00
N GLN B 327 13.29 -2.21 -34.08
CA GLN B 327 14.67 -2.16 -33.55
C GLN B 327 14.96 -3.23 -32.46
N GLY B 328 13.92 -3.92 -32.01
CA GLY B 328 14.04 -5.01 -31.06
C GLY B 328 13.78 -4.62 -29.62
N LYS B 329 13.35 -3.38 -29.38
CA LYS B 329 13.12 -2.89 -28.01
C LYS B 329 11.79 -3.49 -27.54
N ILE B 330 11.77 -3.95 -26.29
CA ILE B 330 10.56 -4.40 -25.64
C ILE B 330 9.84 -3.13 -25.21
N VAL B 331 8.73 -2.84 -25.88
CA VAL B 331 7.97 -1.60 -25.67
C VAL B 331 7.06 -1.74 -24.45
N SER B 332 6.31 -2.83 -24.43
CA SER B 332 5.28 -3.06 -23.41
C SER B 332 5.17 -4.54 -23.11
N THR B 333 4.54 -4.84 -21.98
CA THR B 333 4.29 -6.21 -21.53
C THR B 333 2.94 -6.24 -20.83
N GLN B 334 2.34 -7.41 -20.74
CA GLN B 334 1.05 -7.54 -20.07
C GLN B 334 0.79 -8.92 -19.46
N GLU B 335 0.23 -8.92 -18.26
CA GLU B 335 -0.15 -10.12 -17.55
C GLU B 335 -1.63 -10.36 -17.83
N LYS B 336 -1.97 -11.53 -18.36
CA LYS B 336 -3.34 -11.89 -18.64
C LYS B 336 -3.79 -13.15 -17.93
N GLU B 337 -5.08 -13.23 -17.68
CA GLU B 337 -5.72 -14.35 -17.02
C GLU B 337 -7.01 -14.74 -17.75
N LEU B 338 -7.45 -15.97 -17.50
CA LEU B 338 -8.72 -16.44 -18.01
C LEU B 338 -9.85 -15.52 -17.55
N VAL B 339 -10.75 -15.17 -18.48
CA VAL B 339 -11.89 -14.27 -18.20
C VAL B 339 -12.70 -14.70 -16.95
N GLN B 340 -12.79 -16.01 -16.74
CA GLN B 340 -13.38 -16.58 -15.53
C GLN B 340 -12.27 -17.37 -14.83
N PRO B 341 -12.36 -17.56 -13.49
CA PRO B 341 -11.28 -18.33 -12.88
C PRO B 341 -11.10 -19.73 -13.50
N PHE B 342 -9.85 -20.14 -13.66
CA PHE B 342 -9.49 -21.48 -14.09
C PHE B 342 -10.17 -22.55 -13.23
N SER B 343 -10.21 -22.32 -11.91
CA SER B 343 -10.91 -23.24 -10.99
C SER B 343 -12.43 -23.36 -11.24
N SER B 344 -13.08 -22.30 -11.74
CA SER B 344 -14.51 -22.35 -12.07
C SER B 344 -14.77 -22.98 -13.43
N LEU B 345 -13.95 -22.65 -14.43
CA LEU B 345 -14.06 -23.20 -15.79
C LEU B 345 -13.80 -24.71 -15.83
N PHE B 346 -12.78 -25.13 -15.08
CA PHE B 346 -12.40 -26.54 -15.02
C PHE B 346 -12.39 -27.05 -13.56
N PRO B 347 -13.59 -27.14 -12.92
CA PRO B 347 -13.66 -27.41 -11.47
C PRO B 347 -12.99 -28.68 -11.00
N LYS B 348 -12.98 -29.71 -11.85
CA LYS B 348 -12.43 -31.03 -11.48
C LYS B 348 -10.93 -31.22 -11.69
N VAL B 349 -10.27 -30.24 -12.31
CA VAL B 349 -8.87 -30.38 -12.73
C VAL B 349 -7.94 -30.27 -11.53
N GLU B 350 -7.08 -31.29 -11.33
CA GLU B 350 -6.09 -31.31 -10.22
C GLU B 350 -4.66 -31.04 -10.68
N TYR B 351 -4.25 -31.60 -11.80
CA TYR B 351 -2.90 -31.36 -12.33
C TYR B 351 -2.94 -30.94 -13.80
N ILE B 352 -1.99 -30.08 -14.20
CA ILE B 352 -1.78 -29.79 -15.61
C ILE B 352 -0.64 -30.68 -16.02
N ALA B 353 -0.94 -31.74 -16.75
CA ALA B 353 0.08 -32.66 -17.23
C ALA B 353 0.93 -32.08 -18.36
N ARG B 354 0.32 -31.51 -19.39
CA ARG B 354 1.09 -30.95 -20.53
C ARG B 354 0.40 -29.73 -21.10
N ALA B 355 1.14 -28.97 -21.88
CA ALA B 355 0.59 -27.80 -22.55
C ALA B 355 1.42 -27.42 -23.75
N GLY B 356 0.93 -26.46 -24.51
CA GLY B 356 1.54 -26.02 -25.75
C GLY B 356 0.50 -25.33 -26.62
N TRP B 357 0.87 -25.09 -27.89
CA TRP B 357 0.04 -24.35 -28.83
C TRP B 357 -0.08 -25.08 -30.16
N THR B 358 -1.15 -24.79 -30.89
CA THR B 358 -1.28 -25.22 -32.29
C THR B 358 -0.18 -24.48 -33.09
N ARG B 359 0.23 -25.04 -34.22
CA ARG B 359 1.38 -24.48 -34.99
C ARG B 359 1.19 -23.09 -35.60
N ASP B 360 -0.06 -22.67 -35.76
CA ASP B 360 -0.39 -21.34 -36.28
C ASP B 360 -0.56 -20.31 -35.16
N GLY B 361 -0.59 -20.78 -33.93
CA GLY B 361 -0.73 -19.92 -32.77
C GLY B 361 -2.16 -19.55 -32.45
N LYS B 362 -3.09 -20.17 -33.18
CA LYS B 362 -4.52 -19.89 -33.05
C LYS B 362 -4.99 -20.20 -31.63
N TYR B 363 -4.72 -21.42 -31.19
CA TYR B 363 -5.19 -21.89 -29.89
C TYR B 363 -4.04 -22.37 -29.01
N ALA B 364 -4.12 -22.05 -27.72
CA ALA B 364 -3.28 -22.72 -26.73
C ALA B 364 -3.94 -24.05 -26.48
N TRP B 365 -3.18 -24.99 -25.89
CA TRP B 365 -3.74 -26.27 -25.47
C TRP B 365 -3.18 -26.80 -24.15
N ALA B 366 -4.00 -27.57 -23.47
CA ALA B 366 -3.61 -28.07 -22.18
C ALA B 366 -4.22 -29.47 -21.96
N MET B 367 -3.38 -30.39 -21.48
CA MET B 367 -3.77 -31.73 -21.09
C MET B 367 -4.07 -31.70 -19.57
N PHE B 368 -5.31 -32.02 -19.16
CA PHE B 368 -5.78 -31.86 -17.76
C PHE B 368 -6.02 -33.21 -17.15
N LEU B 369 -5.93 -33.29 -15.82
CA LEU B 369 -6.14 -34.54 -15.07
C LEU B 369 -6.88 -34.31 -13.73
N ASP B 370 -7.78 -35.22 -13.36
CA ASP B 370 -8.49 -35.15 -12.06
C ASP B 370 -7.63 -35.83 -10.98
N ARG B 371 -8.03 -35.71 -9.71
CA ARG B 371 -7.15 -36.13 -8.61
C ARG B 371 -6.89 -37.63 -8.52
N PRO B 372 -7.94 -38.46 -8.69
CA PRO B 372 -7.74 -39.92 -8.83
C PRO B 372 -6.96 -40.34 -10.08
N GLN B 373 -6.70 -39.39 -10.98
CA GLN B 373 -6.01 -39.65 -12.21
C GLN B 373 -6.72 -40.76 -12.99
N GLN B 374 -8.01 -40.55 -13.23
CA GLN B 374 -8.86 -41.46 -14.02
C GLN B 374 -9.64 -40.79 -15.18
N TRP B 375 -9.35 -39.53 -15.46
CA TRP B 375 -10.10 -38.72 -16.39
C TRP B 375 -9.13 -37.70 -16.84
N LEU B 376 -8.91 -37.65 -18.14
CA LEU B 376 -8.04 -36.70 -18.75
C LEU B 376 -8.88 -35.88 -19.73
N GLN B 377 -8.42 -34.66 -20.02
CA GLN B 377 -9.06 -33.76 -20.99
C GLN B 377 -8.02 -32.96 -21.79
N LEU B 378 -8.00 -33.08 -23.11
CA LEU B 378 -7.29 -32.13 -23.98
C LEU B 378 -8.24 -30.96 -24.28
N VAL B 379 -7.80 -29.76 -23.91
CA VAL B 379 -8.62 -28.54 -23.97
C VAL B 379 -7.90 -27.49 -24.81
N LEU B 380 -8.60 -26.89 -25.77
CA LEU B 380 -8.09 -25.73 -26.53
C LEU B 380 -8.55 -24.45 -25.86
N LEU B 381 -7.61 -23.54 -25.60
CA LEU B 381 -7.92 -22.25 -25.01
C LEU B 381 -7.59 -21.20 -26.06
N PRO B 382 -8.63 -20.58 -26.66
CA PRO B 382 -8.31 -19.50 -27.59
C PRO B 382 -7.77 -18.23 -26.84
N PRO B 383 -6.67 -17.55 -27.38
CA PRO B 383 -6.08 -16.39 -26.63
C PRO B 383 -7.04 -15.27 -26.20
N ALA B 384 -8.02 -14.99 -27.04
CA ALA B 384 -9.08 -14.03 -26.75
C ALA B 384 -9.87 -14.34 -25.46
N LEU B 385 -9.86 -15.59 -25.06
CA LEU B 385 -10.37 -16.04 -23.75
C LEU B 385 -9.64 -15.44 -22.55
N PHE B 386 -8.42 -14.96 -22.76
CA PHE B 386 -7.62 -14.37 -21.69
C PHE B 386 -7.72 -12.85 -21.75
N ILE B 387 -7.89 -12.23 -20.58
CA ILE B 387 -8.00 -10.76 -20.44
C ILE B 387 -6.90 -10.22 -19.53
N PRO B 388 -6.49 -8.96 -19.71
CA PRO B 388 -5.53 -8.36 -18.78
C PRO B 388 -5.94 -8.49 -17.32
N SER B 389 -4.98 -8.81 -16.45
CA SER B 389 -5.20 -8.80 -15.00
C SER B 389 -5.17 -7.35 -14.52
N THR B 390 -6.15 -7.00 -13.67
CA THR B 390 -6.23 -5.68 -13.01
C THR B 390 -6.89 -5.78 -11.64
N GLU B 391 -6.48 -4.91 -10.72
CA GLU B 391 -7.08 -4.85 -9.39
C GLU B 391 -8.46 -4.19 -9.45
N ASN B 392 -8.63 -3.26 -10.41
CA ASN B 392 -9.90 -2.55 -10.66
C ASN B 392 -11.02 -3.47 -11.18
N GLU B 393 -12.09 -3.62 -10.40
CA GLU B 393 -13.27 -4.44 -10.80
C GLU B 393 -14.01 -3.94 -12.04
N GLU B 394 -13.97 -2.62 -12.27
CA GLU B 394 -14.63 -1.99 -13.42
C GLU B 394 -13.89 -2.36 -14.71
N GLN B 395 -12.58 -2.11 -14.74
CA GLN B 395 -11.71 -2.45 -15.88
C GLN B 395 -11.82 -3.93 -16.26
N ARG B 396 -11.87 -4.80 -15.23
CA ARG B 396 -12.01 -6.25 -15.41
C ARG B 396 -13.33 -6.57 -16.12
N LEU B 397 -14.42 -5.95 -15.67
CA LEU B 397 -15.73 -6.13 -16.29
C LEU B 397 -15.80 -5.56 -17.71
N ALA B 398 -15.05 -4.49 -17.98
CA ALA B 398 -14.94 -3.95 -19.33
C ALA B 398 -14.28 -4.95 -20.27
N SER B 399 -13.18 -5.53 -19.82
CA SER B 399 -12.47 -6.56 -20.60
C SER B 399 -13.29 -7.84 -20.80
N ALA B 400 -14.06 -8.20 -19.78
CA ALA B 400 -15.00 -9.35 -19.83
C ALA B 400 -16.15 -9.19 -20.83
N ARG B 401 -16.82 -8.03 -20.77
CA ARG B 401 -17.84 -7.64 -21.76
C ARG B 401 -17.30 -7.67 -23.19
N ALA B 402 -16.05 -7.23 -23.36
CA ALA B 402 -15.43 -7.16 -24.68
C ALA B 402 -15.14 -8.52 -25.38
N VAL B 403 -14.99 -9.61 -24.61
CA VAL B 403 -14.61 -10.93 -25.18
C VAL B 403 -15.77 -11.46 -26.03
N PRO B 404 -15.49 -11.83 -27.31
CA PRO B 404 -16.62 -12.31 -28.09
C PRO B 404 -17.33 -13.46 -27.43
N ARG B 405 -18.64 -13.52 -27.65
CA ARG B 405 -19.49 -14.54 -27.07
C ARG B 405 -19.18 -15.89 -27.70
N ASN B 406 -18.70 -15.88 -28.95
CA ASN B 406 -18.36 -17.09 -29.68
C ASN B 406 -16.99 -17.73 -29.27
N VAL B 407 -16.16 -17.01 -28.51
CA VAL B 407 -14.89 -17.54 -27.98
C VAL B 407 -15.15 -18.38 -26.74
N GLN B 408 -14.52 -19.56 -26.67
CA GLN B 408 -14.74 -20.49 -25.55
C GLN B 408 -13.69 -21.64 -25.47
N PRO B 409 -13.60 -22.30 -24.31
CA PRO B 409 -12.79 -23.53 -24.30
C PRO B 409 -13.39 -24.59 -25.22
N TYR B 410 -12.52 -25.37 -25.86
CA TYR B 410 -12.94 -26.54 -26.66
C TYR B 410 -12.28 -27.79 -26.13
N VAL B 411 -13.08 -28.71 -25.58
CA VAL B 411 -12.56 -29.97 -25.07
C VAL B 411 -12.65 -30.95 -26.22
N VAL B 412 -11.58 -31.02 -26.99
CA VAL B 412 -11.52 -31.90 -28.16
C VAL B 412 -11.31 -33.39 -27.82
N TYR B 413 -10.92 -33.70 -26.58
CA TYR B 413 -10.75 -35.10 -26.19
C TYR B 413 -10.90 -35.37 -24.67
N GLU B 414 -11.25 -36.60 -24.37
CA GLU B 414 -11.47 -37.04 -23.02
C GLU B 414 -11.23 -38.56 -22.97
N GLU B 415 -10.30 -39.00 -22.14
CA GLU B 415 -9.97 -40.44 -21.94
C GLU B 415 -10.37 -40.82 -20.52
N VAL B 416 -11.04 -41.95 -20.35
CA VAL B 416 -11.54 -42.39 -19.04
C VAL B 416 -11.19 -43.88 -18.79
N THR B 417 -10.97 -44.24 -17.53
CA THR B 417 -10.60 -45.61 -17.18
C THR B 417 -10.89 -45.99 -15.71
N ASN B 418 -10.95 -47.31 -15.49
CA ASN B 418 -11.15 -47.92 -14.16
C ASN B 418 -9.84 -48.19 -13.41
N VAL B 419 -8.72 -48.16 -14.14
CA VAL B 419 -7.40 -48.42 -13.59
C VAL B 419 -6.74 -47.06 -13.26
N TRP B 420 -6.01 -46.46 -14.21
CA TRP B 420 -5.41 -45.13 -14.05
C TRP B 420 -5.00 -44.62 -15.45
N ILE B 421 -4.92 -43.30 -15.59
CA ILE B 421 -4.52 -42.66 -16.86
C ILE B 421 -3.02 -42.39 -16.84
N ASN B 422 -2.28 -43.14 -17.64
CA ASN B 422 -0.89 -42.88 -17.86
C ASN B 422 -0.85 -41.68 -18.81
N VAL B 423 -0.04 -40.68 -18.49
CA VAL B 423 0.14 -39.52 -19.34
C VAL B 423 1.01 -39.86 -20.57
N HIS B 424 0.37 -39.96 -21.73
CA HIS B 424 1.10 -40.17 -23.00
C HIS B 424 1.26 -38.83 -23.74
N ASP B 425 2.44 -38.65 -24.32
CA ASP B 425 2.88 -37.33 -24.78
C ASP B 425 2.46 -36.99 -26.18
N ILE B 426 2.07 -37.98 -26.96
CA ILE B 426 1.71 -37.78 -28.37
C ILE B 426 0.43 -36.99 -28.47
N PHE B 427 0.49 -35.87 -29.20
CA PHE B 427 -0.70 -35.08 -29.52
C PHE B 427 -0.30 -34.13 -30.62
N TYR B 428 -0.73 -34.42 -31.85
CA TYR B 428 -0.31 -33.67 -33.00
C TYR B 428 -1.51 -32.99 -33.67
N PRO B 429 -1.74 -31.69 -33.37
CA PRO B 429 -2.82 -30.97 -34.06
C PRO B 429 -2.41 -30.55 -35.49
N PHE B 430 -3.20 -30.95 -36.49
CA PHE B 430 -2.93 -30.60 -37.91
C PHE B 430 -3.47 -29.21 -38.16
N PRO B 431 -2.88 -28.48 -39.14
CA PRO B 431 -3.43 -27.14 -39.34
C PRO B 431 -4.87 -27.24 -39.84
N GLN B 432 -5.66 -26.21 -39.52
CA GLN B 432 -7.09 -26.20 -39.85
C GLN B 432 -7.27 -25.75 -41.29
N SER B 433 -6.95 -26.68 -42.21
CA SER B 433 -7.07 -26.45 -43.66
C SER B 433 -8.52 -26.55 -44.10
N GLU B 434 -9.24 -27.49 -43.49
CA GLU B 434 -10.67 -27.76 -43.83
C GLU B 434 -11.58 -26.73 -43.14
N GLY B 435 -11.03 -25.53 -42.88
CA GLY B 435 -11.74 -24.43 -42.24
C GLY B 435 -11.81 -24.57 -40.74
N GLU B 436 -12.44 -23.60 -40.09
CA GLU B 436 -12.64 -23.63 -38.64
C GLU B 436 -13.88 -24.52 -38.40
N ASP B 437 -14.31 -24.66 -37.16
CA ASP B 437 -15.44 -25.53 -36.80
C ASP B 437 -15.04 -27.02 -36.73
N GLU B 438 -13.78 -27.33 -37.00
CA GLU B 438 -13.30 -28.72 -36.85
C GLU B 438 -11.78 -28.74 -36.66
N LEU B 439 -11.31 -29.78 -35.97
CA LEU B 439 -9.90 -29.95 -35.67
C LEU B 439 -9.52 -31.44 -35.79
N CYS B 440 -8.55 -31.70 -36.65
CA CYS B 440 -8.00 -33.04 -36.84
C CYS B 440 -6.68 -33.14 -36.02
N PHE B 441 -6.56 -34.19 -35.23
CA PHE B 441 -5.30 -34.51 -34.60
C PHE B 441 -5.04 -36.02 -34.39
N LEU B 442 -3.77 -36.38 -34.33
CA LEU B 442 -3.38 -37.71 -33.92
C LEU B 442 -3.29 -37.72 -32.40
N ARG B 443 -3.59 -38.88 -31.81
CA ARG B 443 -3.52 -39.00 -30.37
C ARG B 443 -3.22 -40.43 -29.95
N ALA B 444 -2.27 -40.56 -29.02
CA ALA B 444 -1.93 -41.84 -28.40
C ALA B 444 -2.88 -42.03 -27.24
N ASN B 445 -3.64 -43.13 -27.31
CA ASN B 445 -4.66 -43.48 -26.34
C ASN B 445 -4.38 -44.91 -25.91
N GLU B 446 -4.38 -45.14 -24.60
CA GLU B 446 -4.21 -46.48 -24.01
C GLU B 446 -5.49 -47.02 -23.38
N CYS B 447 -6.32 -46.13 -22.83
CA CYS B 447 -7.55 -46.54 -22.16
C CYS B 447 -8.60 -47.20 -23.05
N LYS B 448 -8.57 -46.92 -24.36
CA LYS B 448 -9.62 -47.43 -25.27
C LYS B 448 -9.67 -48.95 -25.32
N THR B 449 -8.54 -49.56 -25.66
CA THR B 449 -8.44 -51.03 -25.77
C THR B 449 -7.53 -51.71 -24.74
N GLY B 450 -6.82 -50.91 -23.92
CA GLY B 450 -5.88 -51.42 -22.92
C GLY B 450 -4.42 -51.41 -23.35
N PHE B 451 -4.15 -50.87 -24.53
CA PHE B 451 -2.79 -50.70 -24.98
C PHE B 451 -2.70 -49.37 -25.70
N CYS B 452 -1.52 -48.78 -25.71
CA CYS B 452 -1.27 -47.48 -26.32
C CYS B 452 -1.14 -47.60 -27.84
N HIS B 453 -2.07 -46.97 -28.54
CA HIS B 453 -2.10 -46.93 -29.99
C HIS B 453 -2.48 -45.55 -30.45
N LEU B 454 -2.15 -45.32 -31.72
CA LEU B 454 -2.39 -44.06 -32.41
C LEU B 454 -3.78 -44.07 -33.06
N TYR B 455 -4.46 -42.94 -32.90
CA TYR B 455 -5.81 -42.70 -33.43
C TYR B 455 -5.78 -41.35 -34.16
N LYS B 456 -6.55 -41.22 -35.24
CA LYS B 456 -6.74 -39.93 -35.90
C LYS B 456 -8.13 -39.49 -35.46
N VAL B 457 -8.24 -38.27 -34.97
CA VAL B 457 -9.48 -37.76 -34.38
C VAL B 457 -9.86 -36.43 -35.02
N THR B 458 -11.15 -36.23 -35.20
CA THR B 458 -11.69 -34.98 -35.73
C THR B 458 -12.77 -34.56 -34.76
N ALA B 459 -12.53 -33.46 -34.05
CA ALA B 459 -13.47 -32.93 -33.09
C ALA B 459 -14.16 -31.71 -33.69
N VAL B 460 -15.46 -31.60 -33.43
CA VAL B 460 -16.27 -30.49 -33.94
C VAL B 460 -16.26 -29.30 -32.94
N LEU B 461 -15.70 -28.18 -33.39
CA LEU B 461 -15.70 -26.92 -32.63
C LEU B 461 -16.94 -26.09 -33.03
N LYS B 462 -17.97 -26.08 -32.19
CA LYS B 462 -19.20 -25.34 -32.47
C LYS B 462 -19.51 -24.44 -31.30
N SER B 463 -19.38 -23.13 -31.50
CA SER B 463 -19.50 -22.16 -30.42
C SER B 463 -20.94 -21.99 -29.94
N GLN B 464 -21.18 -22.42 -28.70
CA GLN B 464 -22.48 -22.29 -28.08
C GLN B 464 -22.87 -20.83 -27.81
N GLY B 465 -21.89 -20.00 -27.47
CA GLY B 465 -22.11 -18.57 -27.19
C GLY B 465 -22.27 -18.33 -25.69
N TYR B 466 -21.42 -17.46 -25.10
CA TYR B 466 -21.43 -17.22 -23.65
C TYR B 466 -21.42 -15.76 -23.24
N ASP B 467 -22.02 -15.50 -22.08
CA ASP B 467 -22.00 -14.21 -21.45
C ASP B 467 -20.82 -14.23 -20.50
N TRP B 468 -19.65 -13.90 -21.03
CA TRP B 468 -18.42 -13.90 -20.21
C TRP B 468 -18.40 -12.81 -19.16
N SER B 469 -19.23 -11.78 -19.34
CA SER B 469 -19.44 -10.75 -18.33
C SER B 469 -20.07 -11.29 -17.04
N GLU B 470 -21.01 -12.23 -17.17
CA GLU B 470 -21.70 -12.83 -15.99
C GLU B 470 -21.00 -14.13 -15.58
N PRO B 471 -20.67 -14.30 -14.28
CA PRO B 471 -20.06 -15.59 -13.92
C PRO B 471 -21.09 -16.73 -13.90
N PHE B 472 -20.61 -17.93 -14.23
CA PHE B 472 -21.46 -19.12 -14.22
C PHE B 472 -20.61 -20.33 -13.81
N SER B 473 -21.27 -21.38 -13.33
CA SER B 473 -20.57 -22.61 -12.97
C SER B 473 -20.83 -23.70 -14.02
N PRO B 474 -19.88 -23.89 -14.97
CA PRO B 474 -20.06 -24.93 -15.97
C PRO B 474 -20.23 -26.32 -15.39
N GLY B 475 -21.18 -27.07 -15.94
CA GLY B 475 -21.39 -28.45 -15.55
C GLY B 475 -20.43 -29.41 -16.18
N GLU B 476 -20.86 -30.67 -16.20
CA GLU B 476 -20.08 -31.76 -16.79
C GLU B 476 -20.33 -31.73 -18.28
N ASP B 477 -19.26 -32.01 -19.03
CA ASP B 477 -19.33 -32.02 -20.49
C ASP B 477 -19.81 -30.66 -21.04
N GLU B 478 -19.41 -29.58 -20.36
CA GLU B 478 -19.84 -28.24 -20.70
C GLU B 478 -19.23 -27.77 -22.03
N PHE B 479 -17.95 -28.09 -22.25
CA PHE B 479 -17.25 -27.67 -23.46
C PHE B 479 -16.93 -28.87 -24.35
N LYS B 480 -17.56 -30.03 -24.09
CA LYS B 480 -17.36 -31.26 -24.87
C LYS B 480 -17.71 -31.06 -26.35
N CYS B 481 -16.69 -31.09 -27.19
CA CYS B 481 -16.85 -31.12 -28.63
C CYS B 481 -17.41 -32.49 -29.05
N PRO B 482 -18.38 -32.50 -29.98
CA PRO B 482 -18.69 -33.81 -30.57
C PRO B 482 -17.52 -34.29 -31.44
N ILE B 483 -17.31 -35.61 -31.45
CA ILE B 483 -16.23 -36.23 -32.21
C ILE B 483 -16.84 -36.62 -33.56
N LYS B 484 -16.32 -36.06 -34.64
CA LYS B 484 -16.85 -36.30 -35.98
C LYS B 484 -16.47 -37.71 -36.42
N GLU B 485 -15.17 -38.00 -36.32
CA GLU B 485 -14.67 -39.36 -36.51
C GLU B 485 -13.49 -39.68 -35.62
N GLU B 486 -13.17 -40.96 -35.53
CA GLU B 486 -12.06 -41.47 -34.70
C GLU B 486 -11.59 -42.79 -35.31
N ILE B 487 -10.42 -42.77 -35.96
CA ILE B 487 -9.92 -43.92 -36.68
C ILE B 487 -8.73 -44.50 -35.94
N ALA B 488 -8.72 -45.83 -35.74
CA ALA B 488 -7.54 -46.58 -35.24
C ALA B 488 -6.46 -46.66 -36.27
N LEU B 489 -5.27 -46.09 -36.01
CA LEU B 489 -4.10 -46.22 -36.95
C LEU B 489 -3.21 -47.47 -36.69
N THR B 490 -3.31 -47.99 -35.47
CA THR B 490 -2.54 -49.09 -35.02
C THR B 490 -3.48 -49.82 -34.08
N SER B 491 -3.30 -51.14 -33.98
CA SER B 491 -4.11 -51.96 -33.07
C SER B 491 -3.32 -53.23 -32.74
N GLY B 492 -3.81 -53.98 -31.75
CA GLY B 492 -3.21 -55.27 -31.35
C GLY B 492 -2.70 -55.34 -29.91
N GLU B 493 -2.21 -56.53 -29.55
CA GLU B 493 -1.67 -56.84 -28.22
C GLU B 493 -0.20 -56.36 -28.01
N TRP B 494 -0.02 -55.05 -28.10
CA TRP B 494 1.28 -54.43 -28.11
C TRP B 494 1.08 -52.92 -28.04
N GLU B 495 2.15 -52.15 -27.86
CA GLU B 495 2.01 -50.71 -27.62
C GLU B 495 2.93 -49.78 -28.39
N VAL B 496 2.35 -48.64 -28.75
CA VAL B 496 3.09 -47.51 -29.28
C VAL B 496 3.78 -46.82 -28.11
N LEU B 497 5.04 -46.44 -28.34
CA LEU B 497 5.82 -45.75 -27.33
C LEU B 497 5.53 -44.27 -27.40
N ALA B 498 5.09 -43.72 -26.27
CA ALA B 498 4.64 -42.33 -26.19
C ALA B 498 4.95 -41.61 -24.91
N ARG B 499 5.80 -42.20 -24.04
CA ARG B 499 6.13 -41.61 -22.73
C ARG B 499 7.63 -41.46 -22.64
N HIS B 500 8.10 -40.69 -21.66
CA HIS B 500 9.53 -40.67 -21.25
C HIS B 500 10.52 -40.43 -22.39
N GLY B 501 10.16 -39.46 -23.22
CA GLY B 501 10.97 -39.07 -24.35
C GLY B 501 10.54 -39.64 -25.70
N SER B 502 9.72 -40.68 -25.69
CA SER B 502 9.25 -41.29 -26.94
C SER B 502 8.36 -40.30 -27.68
N LYS B 503 8.53 -40.24 -28.99
CA LYS B 503 7.71 -39.36 -29.82
C LYS B 503 7.38 -39.95 -31.21
N ILE B 504 6.46 -39.28 -31.91
CA ILE B 504 6.18 -39.54 -33.32
C ILE B 504 6.78 -38.45 -34.22
N TRP B 505 6.83 -38.77 -35.50
CA TRP B 505 7.27 -37.88 -36.56
C TRP B 505 6.21 -38.00 -37.66
N VAL B 506 5.57 -36.87 -37.99
CA VAL B 506 4.50 -36.83 -38.99
C VAL B 506 4.90 -36.06 -40.24
N ASN B 507 5.00 -36.75 -41.39
CA ASN B 507 5.29 -36.09 -42.68
C ASN B 507 3.98 -35.82 -43.38
N GLU B 508 3.71 -34.54 -43.61
CA GLU B 508 2.43 -34.12 -44.14
C GLU B 508 2.30 -34.22 -45.65
N GLU B 509 3.43 -34.15 -46.37
CA GLU B 509 3.40 -34.35 -47.81
C GLU B 509 2.97 -35.78 -48.09
N THR B 510 3.58 -36.74 -47.40
CA THR B 510 3.37 -38.17 -47.67
C THR B 510 2.27 -38.80 -46.83
N LYS B 511 1.69 -38.06 -45.89
CA LYS B 511 0.60 -38.57 -45.04
C LYS B 511 1.00 -39.78 -44.15
N LEU B 512 2.27 -39.84 -43.77
CA LEU B 512 2.81 -40.96 -42.98
C LEU B 512 3.13 -40.50 -41.57
N VAL B 513 2.88 -41.39 -40.61
CA VAL B 513 3.35 -41.18 -39.24
C VAL B 513 4.40 -42.23 -38.90
N TYR B 514 5.56 -41.77 -38.46
CA TYR B 514 6.62 -42.64 -37.97
C TYR B 514 6.49 -42.71 -36.45
N PHE B 515 6.66 -43.90 -35.89
CA PHE B 515 6.62 -44.12 -34.46
C PHE B 515 7.45 -45.30 -33.98
N GLN B 516 7.54 -45.44 -32.64
CA GLN B 516 8.27 -46.53 -32.01
C GLN B 516 7.36 -47.45 -31.19
N GLY B 517 7.73 -48.72 -31.13
CA GLY B 517 6.84 -49.71 -30.61
C GLY B 517 7.40 -51.11 -30.33
N THR B 518 6.53 -51.89 -29.68
CA THR B 518 6.81 -53.27 -29.31
C THR B 518 6.00 -54.27 -30.16
N LYS B 519 5.60 -53.87 -31.36
CA LYS B 519 4.75 -54.69 -32.20
C LYS B 519 5.37 -56.06 -32.45
N ASP B 520 6.67 -56.08 -32.72
CA ASP B 520 7.40 -57.31 -32.96
C ASP B 520 7.55 -58.14 -31.69
N THR B 521 7.86 -57.49 -30.56
CA THR B 521 8.06 -58.14 -29.26
C THR B 521 8.24 -57.11 -28.10
N PRO B 522 7.81 -57.46 -26.87
CA PRO B 522 7.96 -56.50 -25.76
C PRO B 522 9.38 -56.28 -25.27
N LEU B 523 10.29 -57.12 -25.73
CA LEU B 523 11.70 -57.03 -25.39
C LEU B 523 12.53 -56.14 -26.33
N GLU B 524 11.96 -55.65 -27.42
CA GLU B 524 12.70 -54.83 -28.37
C GLU B 524 11.87 -53.62 -28.82
N HIS B 525 12.44 -52.42 -28.77
CA HIS B 525 11.78 -51.24 -29.35
C HIS B 525 12.12 -51.13 -30.83
N HIS B 526 11.10 -50.99 -31.69
CA HIS B 526 11.39 -50.80 -33.11
C HIS B 526 10.74 -49.58 -33.69
N LEU B 527 11.33 -49.11 -34.80
CA LEU B 527 10.81 -47.99 -35.56
C LEU B 527 9.81 -48.51 -36.61
N TYR B 528 8.65 -47.85 -36.72
CA TYR B 528 7.56 -48.23 -37.62
C TYR B 528 7.05 -47.01 -38.36
N VAL B 529 6.44 -47.26 -39.52
CA VAL B 529 5.75 -46.23 -40.27
C VAL B 529 4.38 -46.76 -40.67
N VAL B 530 3.39 -45.87 -40.62
CA VAL B 530 2.02 -46.23 -41.05
C VAL B 530 1.37 -44.96 -41.56
N SER B 531 0.43 -45.12 -42.50
CA SER B 531 -0.24 -43.96 -43.05
C SER B 531 -1.29 -43.43 -42.07
N TYR B 532 -1.32 -42.11 -41.90
CA TYR B 532 -2.35 -41.50 -41.10
C TYR B 532 -3.58 -41.17 -41.94
N GLU B 533 -3.49 -41.38 -43.25
CA GLU B 533 -4.59 -41.19 -44.18
C GLU B 533 -5.31 -42.53 -44.38
N ALA B 534 -4.52 -43.53 -44.78
CA ALA B 534 -5.01 -44.87 -45.10
C ALA B 534 -4.37 -45.91 -44.19
N ALA B 535 -4.91 -45.99 -42.98
CA ALA B 535 -4.40 -46.91 -41.95
C ALA B 535 -4.44 -48.39 -42.35
N GLY B 536 -3.38 -48.86 -42.99
CA GLY B 536 -3.25 -50.27 -43.37
C GLY B 536 -1.95 -50.89 -42.87
N GLU B 537 -0.99 -51.05 -43.79
CA GLU B 537 0.26 -51.73 -43.52
C GLU B 537 1.22 -50.90 -42.65
N ILE B 538 1.60 -51.45 -41.50
CA ILE B 538 2.70 -50.93 -40.67
C ILE B 538 3.98 -51.56 -41.22
N VAL B 539 4.99 -50.76 -41.47
CA VAL B 539 6.24 -51.21 -42.03
C VAL B 539 7.28 -50.95 -41.00
N ARG B 540 8.05 -51.99 -40.64
CA ARG B 540 9.21 -51.87 -39.71
C ARG B 540 10.48 -51.45 -40.46
N LEU B 541 11.17 -50.43 -39.95
CA LEU B 541 12.39 -49.91 -40.58
C LEU B 541 13.69 -50.30 -39.86
N THR B 542 13.58 -50.95 -38.71
CA THR B 542 14.73 -51.34 -37.87
C THR B 542 14.94 -52.87 -37.91
N THR B 543 16.17 -53.32 -37.76
CA THR B 543 16.52 -54.76 -37.93
C THR B 543 16.21 -55.54 -36.66
N PRO B 544 15.59 -56.74 -36.77
CA PRO B 544 15.30 -57.49 -35.53
C PRO B 544 16.54 -58.08 -34.90
N GLY B 545 16.39 -58.63 -33.70
CA GLY B 545 17.54 -59.00 -32.84
C GLY B 545 17.97 -57.92 -31.86
N PHE B 546 17.53 -56.68 -32.09
CA PHE B 546 18.02 -55.50 -31.38
C PHE B 546 16.90 -54.55 -30.93
N SER B 547 17.14 -53.82 -29.85
CA SER B 547 16.19 -52.80 -29.36
C SER B 547 16.74 -51.45 -29.76
N HIS B 548 15.91 -50.61 -30.39
CA HIS B 548 16.41 -49.37 -31.01
C HIS B 548 15.86 -48.09 -30.40
N SER B 549 16.73 -47.08 -30.33
CA SER B 549 16.40 -45.72 -29.88
C SER B 549 16.62 -44.82 -31.07
N CYS B 550 15.54 -44.35 -31.70
CA CYS B 550 15.69 -43.65 -33.00
C CYS B 550 15.31 -42.17 -32.99
N SER B 551 15.92 -41.43 -33.92
CA SER B 551 15.66 -40.01 -34.16
C SER B 551 15.47 -39.85 -35.66
N MET B 552 14.33 -39.28 -36.06
CA MET B 552 13.97 -39.09 -37.48
C MET B 552 14.33 -37.66 -37.89
N SER B 553 14.86 -37.47 -39.10
CA SER B 553 15.05 -36.13 -39.66
C SER B 553 13.69 -35.47 -39.91
N GLN B 554 13.60 -34.16 -39.73
CA GLN B 554 12.36 -33.43 -40.05
C GLN B 554 12.07 -33.40 -41.55
N ASN B 555 13.10 -33.63 -42.38
CA ASN B 555 12.96 -33.84 -43.83
C ASN B 555 12.63 -35.28 -44.28
N PHE B 556 12.60 -36.21 -43.33
CA PHE B 556 12.21 -37.62 -43.56
C PHE B 556 13.03 -38.41 -44.57
N ASP B 557 14.24 -37.92 -44.83
CA ASP B 557 15.17 -38.56 -45.75
C ASP B 557 16.18 -39.49 -45.05
N MET B 558 16.28 -39.39 -43.72
CA MET B 558 17.22 -40.21 -42.95
C MET B 558 16.92 -40.18 -41.44
N PHE B 559 17.27 -41.27 -40.75
CA PHE B 559 17.08 -41.38 -39.30
C PHE B 559 18.33 -42.01 -38.70
N VAL B 560 18.48 -41.83 -37.39
CA VAL B 560 19.57 -42.43 -36.63
C VAL B 560 18.98 -43.46 -35.67
N SER B 561 19.66 -44.61 -35.55
CA SER B 561 19.28 -45.64 -34.56
C SER B 561 20.43 -45.93 -33.61
N HIS B 562 20.17 -45.75 -32.32
CA HIS B 562 21.08 -46.08 -31.24
C HIS B 562 20.46 -47.34 -30.62
N TYR B 563 21.13 -48.48 -30.79
CA TYR B 563 20.52 -49.76 -30.45
C TYR B 563 21.53 -50.79 -30.00
N SER B 564 21.00 -51.88 -29.42
CA SER B 564 21.84 -52.98 -28.94
C SER B 564 21.04 -54.25 -28.64
N SER B 565 21.77 -55.26 -28.20
CA SER B 565 21.19 -56.46 -27.67
C SER B 565 21.88 -56.79 -26.35
N VAL B 566 21.26 -57.73 -25.63
CA VAL B 566 21.80 -58.34 -24.41
C VAL B 566 23.21 -58.88 -24.61
N SER B 567 23.46 -59.45 -25.79
CA SER B 567 24.74 -60.03 -26.16
C SER B 567 25.75 -59.09 -26.82
N THR B 568 25.34 -57.86 -27.16
CA THR B 568 26.19 -56.95 -27.95
C THR B 568 26.07 -55.49 -27.45
N PRO B 569 27.22 -54.79 -27.31
CA PRO B 569 27.21 -53.37 -26.89
C PRO B 569 26.55 -52.43 -27.89
N PRO B 570 25.94 -51.30 -27.41
CA PRO B 570 25.21 -50.46 -28.37
C PRO B 570 26.04 -49.79 -29.46
N CYS B 571 25.40 -49.54 -30.59
CA CYS B 571 25.99 -48.85 -31.73
C CYS B 571 25.07 -47.69 -32.13
N VAL B 572 25.60 -46.73 -32.88
CA VAL B 572 24.75 -45.65 -33.40
C VAL B 572 25.00 -45.57 -34.93
N HIS B 573 24.03 -46.00 -35.73
CA HIS B 573 24.15 -46.00 -37.17
C HIS B 573 23.22 -44.95 -37.79
N VAL B 574 23.64 -44.45 -38.94
CA VAL B 574 22.85 -43.52 -39.75
C VAL B 574 22.29 -44.30 -40.93
N TYR B 575 20.96 -44.17 -41.10
CA TYR B 575 20.22 -44.84 -42.16
C TYR B 575 19.58 -43.81 -43.08
N LYS B 576 19.77 -44.00 -44.38
CA LYS B 576 19.12 -43.20 -45.40
C LYS B 576 17.84 -43.95 -45.80
N LEU B 577 16.73 -43.23 -45.99
CA LEU B 577 15.52 -43.82 -46.59
C LEU B 577 15.51 -43.61 -48.12
N SER B 578 15.68 -44.71 -48.85
CA SER B 578 15.87 -44.69 -50.30
C SER B 578 14.73 -45.42 -50.99
N GLY B 579 14.33 -44.90 -52.16
CA GLY B 579 13.31 -45.53 -52.99
C GLY B 579 12.55 -44.57 -53.87
N PRO B 580 11.58 -45.10 -54.66
CA PRO B 580 10.71 -44.24 -55.45
C PRO B 580 9.84 -43.32 -54.58
N ASP B 581 9.74 -42.05 -54.97
CA ASP B 581 8.92 -41.07 -54.25
C ASP B 581 7.41 -41.27 -54.44
N ASP B 582 7.00 -42.11 -55.39
CA ASP B 582 5.58 -42.51 -55.55
C ASP B 582 5.08 -43.65 -54.59
N ASP B 583 5.99 -44.24 -53.79
CA ASP B 583 5.63 -45.29 -52.83
C ASP B 583 6.34 -45.03 -51.49
N PRO B 584 5.96 -43.94 -50.79
CA PRO B 584 6.74 -43.51 -49.62
C PRO B 584 6.67 -44.47 -48.44
N LEU B 585 5.54 -45.17 -48.29
CA LEU B 585 5.40 -46.13 -47.21
C LEU B 585 6.47 -47.23 -47.23
N HIS B 586 6.89 -47.62 -48.44
CA HIS B 586 7.87 -48.67 -48.64
C HIS B 586 9.27 -48.13 -49.00
N LYS B 587 9.63 -46.96 -48.48
CA LYS B 587 11.04 -46.52 -48.53
C LYS B 587 11.91 -47.55 -47.78
N GLN B 588 13.01 -47.97 -48.38
CA GLN B 588 13.88 -49.00 -47.78
C GLN B 588 15.00 -48.29 -47.03
N PRO B 589 15.11 -48.53 -45.69
CA PRO B 589 16.21 -47.88 -44.99
C PRO B 589 17.50 -48.60 -45.29
N ARG B 590 18.47 -47.84 -45.74
CA ARG B 590 19.77 -48.39 -46.12
C ARG B 590 20.84 -47.78 -45.21
N PHE B 591 21.67 -48.65 -44.64
CA PHE B 591 22.75 -48.23 -43.77
C PHE B 591 23.63 -47.25 -44.54
N TRP B 592 23.86 -46.08 -43.95
CA TRP B 592 24.64 -45.01 -44.57
C TRP B 592 26.01 -44.88 -43.95
N ALA B 593 26.04 -44.78 -42.62
CA ALA B 593 27.30 -44.61 -41.89
C ALA B 593 27.11 -44.94 -40.42
N SER B 594 28.22 -45.14 -39.73
CA SER B 594 28.22 -45.46 -38.29
C SER B 594 28.77 -44.26 -37.51
N MET B 595 28.14 -43.96 -36.38
CA MET B 595 28.59 -42.92 -35.46
C MET B 595 29.25 -43.50 -34.20
N MET B 596 28.96 -44.77 -33.90
CA MET B 596 29.52 -45.45 -32.72
C MET B 596 29.41 -46.95 -32.92
N GLU B 597 30.30 -47.72 -32.30
CA GLU B 597 30.36 -49.18 -32.53
C GLU B 597 30.94 -49.92 -31.35
N ALA B 598 31.02 -51.24 -31.50
CA ALA B 598 31.83 -52.07 -30.62
C ALA B 598 32.18 -53.36 -31.37
N ASP B 604 35.53 -59.01 -17.91
CA ASP B 604 35.24 -60.43 -18.14
C ASP B 604 33.72 -60.64 -18.24
N TYR B 605 33.08 -59.87 -19.13
CA TYR B 605 31.61 -59.85 -19.22
C TYR B 605 31.05 -61.08 -19.90
N VAL B 606 29.97 -61.63 -19.33
CA VAL B 606 29.20 -62.74 -19.92
C VAL B 606 27.73 -62.33 -19.96
N PRO B 607 27.16 -62.15 -21.19
CA PRO B 607 25.76 -61.68 -21.23
C PRO B 607 24.76 -62.62 -20.56
N PRO B 608 23.70 -62.05 -19.97
CA PRO B 608 22.67 -62.92 -19.40
C PRO B 608 21.81 -63.43 -20.55
N GLU B 609 20.86 -64.30 -20.21
CA GLU B 609 20.00 -64.96 -21.22
C GLU B 609 18.59 -64.64 -20.87
N ILE B 610 17.79 -64.31 -21.88
CA ILE B 610 16.36 -64.01 -21.66
C ILE B 610 15.58 -65.30 -21.82
N PHE B 611 14.52 -65.44 -21.03
CA PHE B 611 13.62 -66.58 -21.06
C PHE B 611 12.25 -66.10 -20.68
N HIS B 612 11.31 -67.04 -20.73
CA HIS B 612 9.95 -66.75 -20.43
C HIS B 612 9.34 -67.98 -19.89
N PHE B 613 8.32 -67.78 -19.08
CA PHE B 613 7.49 -68.86 -18.57
C PHE B 613 6.08 -68.37 -18.36
N HIS B 614 5.20 -69.30 -18.03
CA HIS B 614 3.82 -68.94 -17.68
C HIS B 614 3.52 -69.21 -16.21
N THR B 615 2.75 -68.29 -15.61
CA THR B 615 2.29 -68.43 -14.23
C THR B 615 1.14 -69.44 -14.09
N ARG B 616 0.87 -69.84 -12.85
CA ARG B 616 -0.29 -70.72 -12.54
C ARG B 616 -1.66 -70.09 -12.79
N SER B 617 -1.69 -68.80 -13.14
CA SER B 617 -2.85 -68.14 -13.76
C SER B 617 -2.70 -67.88 -15.30
N ASP B 618 -1.78 -68.61 -15.94
CA ASP B 618 -1.47 -68.56 -17.38
C ASP B 618 -1.05 -67.17 -17.96
N VAL B 619 -0.31 -66.41 -17.17
CA VAL B 619 0.28 -65.12 -17.61
C VAL B 619 1.76 -65.31 -17.99
N ARG B 620 2.13 -64.83 -19.18
CA ARG B 620 3.48 -64.95 -19.68
C ARG B 620 4.36 -63.88 -19.07
N LEU B 621 5.37 -64.32 -18.31
CA LEU B 621 6.35 -63.43 -17.69
C LEU B 621 7.69 -63.71 -18.32
N TYR B 622 8.49 -62.66 -18.50
CA TYR B 622 9.87 -62.77 -18.99
C TYR B 622 10.85 -62.60 -17.86
N GLY B 623 12.03 -63.16 -18.08
CA GLY B 623 13.03 -63.18 -17.07
C GLY B 623 14.39 -63.11 -17.70
N MET B 624 15.39 -62.99 -16.85
CA MET B 624 16.76 -62.87 -17.26
C MET B 624 17.61 -63.66 -16.26
N ILE B 625 18.58 -64.42 -16.75
CA ILE B 625 19.52 -65.10 -15.89
C ILE B 625 21.00 -64.86 -16.29
N TYR B 626 21.79 -64.52 -15.29
CA TYR B 626 23.23 -64.48 -15.40
C TYR B 626 23.71 -65.82 -14.80
N LYS B 627 24.27 -66.68 -15.64
CA LYS B 627 24.72 -68.00 -15.19
C LYS B 627 26.04 -67.81 -14.45
N PRO B 628 26.33 -68.64 -13.44
CA PRO B 628 27.66 -68.53 -12.84
C PRO B 628 28.78 -68.77 -13.84
N HIS B 629 29.88 -68.01 -13.71
CA HIS B 629 31.05 -68.14 -14.58
C HIS B 629 31.74 -69.47 -14.29
N ALA B 630 32.51 -69.96 -15.25
CA ALA B 630 33.05 -71.33 -15.18
C ALA B 630 32.08 -72.30 -14.49
N LEU B 631 30.83 -72.34 -14.95
CA LEU B 631 29.82 -73.24 -14.38
C LEU B 631 30.24 -74.69 -14.61
N GLN B 632 29.97 -75.51 -13.60
CA GLN B 632 30.20 -76.94 -13.64
C GLN B 632 28.86 -77.61 -13.35
N PRO B 633 28.20 -78.14 -14.40
CA PRO B 633 26.87 -78.72 -14.20
C PRO B 633 26.86 -79.78 -13.09
N GLY B 634 25.77 -79.79 -12.33
CA GLY B 634 25.62 -80.62 -11.14
C GLY B 634 25.75 -79.85 -9.83
N LYS B 635 26.41 -78.70 -9.86
CA LYS B 635 26.58 -77.84 -8.70
C LYS B 635 25.33 -76.99 -8.54
N LYS B 636 24.91 -76.79 -7.29
CA LYS B 636 23.87 -75.84 -6.95
C LYS B 636 24.52 -74.59 -6.34
N HIS B 637 24.21 -73.42 -6.92
CA HIS B 637 24.90 -72.18 -6.60
C HIS B 637 24.01 -71.28 -5.79
N PRO B 638 24.62 -70.43 -4.96
CA PRO B 638 23.82 -69.47 -4.25
C PRO B 638 23.30 -68.43 -5.24
N THR B 639 22.15 -67.85 -4.94
CA THR B 639 21.41 -67.08 -5.92
C THR B 639 20.99 -65.71 -5.36
N VAL B 640 21.15 -64.69 -6.20
CA VAL B 640 20.70 -63.33 -5.90
C VAL B 640 19.52 -63.00 -6.82
N LEU B 641 18.34 -62.84 -6.25
CA LEU B 641 17.18 -62.33 -7.02
C LEU B 641 17.24 -60.83 -7.03
N PHE B 642 17.80 -60.27 -8.08
CA PHE B 642 17.81 -58.82 -8.27
C PHE B 642 16.45 -58.33 -8.74
N VAL B 643 15.90 -57.36 -8.00
CA VAL B 643 14.50 -56.93 -8.20
C VAL B 643 14.32 -55.42 -8.24
N TYR B 644 13.38 -54.97 -9.05
CA TYR B 644 12.79 -53.61 -9.01
C TYR B 644 11.30 -53.84 -8.74
N GLY B 645 10.55 -54.22 -9.78
CA GLY B 645 9.19 -54.74 -9.61
C GLY B 645 8.03 -53.78 -9.47
N GLY B 646 8.28 -52.48 -9.66
CA GLY B 646 7.19 -51.46 -9.64
C GLY B 646 6.76 -51.01 -11.02
N PRO B 647 5.75 -50.09 -11.10
CA PRO B 647 5.40 -49.63 -12.43
C PRO B 647 6.35 -48.63 -13.08
N GLN B 648 6.23 -48.54 -14.40
CA GLN B 648 7.03 -47.66 -15.28
C GLN B 648 8.44 -48.18 -15.53
N VAL B 649 8.76 -49.39 -15.10
CA VAL B 649 10.12 -49.93 -15.34
C VAL B 649 10.01 -51.37 -15.85
N GLN B 650 10.84 -51.68 -16.84
CA GLN B 650 10.94 -53.01 -17.40
C GLN B 650 12.44 -53.32 -17.42
N LEU B 651 12.88 -54.27 -16.60
CA LEU B 651 14.31 -54.66 -16.52
C LEU B 651 14.69 -55.67 -17.58
N VAL B 652 13.76 -56.59 -17.84
CA VAL B 652 13.93 -57.67 -18.79
C VAL B 652 13.51 -57.22 -20.19
N ASN B 653 14.51 -56.87 -20.98
CA ASN B 653 14.32 -56.65 -22.37
C ASN B 653 15.64 -56.83 -23.07
N ASN B 654 15.55 -56.97 -24.40
CA ASN B 654 16.69 -57.32 -25.22
C ASN B 654 17.48 -56.10 -25.56
N SER B 655 18.26 -55.65 -24.60
CA SER B 655 19.26 -54.58 -24.81
C SER B 655 20.44 -54.81 -23.92
N PHE B 656 21.55 -54.17 -24.24
CA PHE B 656 22.77 -54.33 -23.47
C PHE B 656 22.63 -53.87 -22.03
N LYS B 657 22.96 -54.76 -21.09
CA LYS B 657 22.88 -54.51 -19.63
C LYS B 657 24.24 -54.26 -18.96
N GLY B 658 25.34 -54.56 -19.64
CA GLY B 658 26.68 -54.49 -19.06
C GLY B 658 27.18 -53.16 -18.51
N ILE B 659 26.58 -52.06 -18.96
CA ILE B 659 26.91 -50.72 -18.47
C ILE B 659 26.25 -50.51 -17.11
N LYS B 660 24.91 -50.41 -17.10
CA LYS B 660 24.16 -50.10 -15.88
C LYS B 660 24.23 -51.22 -14.81
N TYR B 661 24.21 -52.48 -15.26
CA TYR B 661 24.16 -53.65 -14.38
C TYR B 661 25.43 -54.51 -14.42
N LEU B 662 26.58 -53.84 -14.40
CA LEU B 662 27.87 -54.49 -14.30
C LEU B 662 28.01 -55.32 -13.01
N ARG B 663 27.54 -54.79 -11.90
CA ARG B 663 27.62 -55.50 -10.62
C ARG B 663 27.01 -56.90 -10.67
N LEU B 664 25.96 -57.07 -11.48
CA LEU B 664 25.30 -58.37 -11.59
C LEU B 664 26.21 -59.40 -12.27
N ASN B 665 26.94 -58.95 -13.29
CA ASN B 665 28.02 -59.75 -13.89
C ASN B 665 29.12 -60.02 -12.87
N THR B 666 29.50 -59.02 -12.09
CA THR B 666 30.49 -59.21 -11.03
C THR B 666 30.08 -60.32 -10.07
N LEU B 667 28.81 -60.30 -9.66
CA LEU B 667 28.28 -61.36 -8.80
C LEU B 667 28.35 -62.74 -9.46
N ALA B 668 28.06 -62.77 -10.76
CA ALA B 668 28.15 -63.99 -11.53
C ALA B 668 29.58 -64.52 -11.63
N SER B 669 30.55 -63.63 -11.82
CA SER B 669 31.98 -63.99 -11.86
C SER B 669 32.51 -64.63 -10.57
N LEU B 670 31.95 -64.23 -9.42
CA LEU B 670 32.25 -64.87 -8.13
C LEU B 670 31.53 -66.19 -7.95
N GLY B 671 30.47 -66.42 -8.74
CA GLY B 671 29.79 -67.71 -8.78
C GLY B 671 28.38 -67.73 -8.25
N TYR B 672 27.77 -66.56 -8.12
CA TYR B 672 26.37 -66.46 -7.74
C TYR B 672 25.53 -66.58 -9.02
N ALA B 673 24.42 -67.32 -8.94
CA ALA B 673 23.39 -67.19 -9.93
C ALA B 673 22.68 -65.86 -9.67
N VAL B 674 22.42 -65.09 -10.73
CA VAL B 674 21.60 -63.84 -10.64
C VAL B 674 20.37 -63.95 -11.56
N VAL B 675 19.21 -63.72 -10.94
CA VAL B 675 17.92 -63.89 -11.57
C VAL B 675 17.17 -62.56 -11.52
N VAL B 676 16.63 -62.15 -12.66
CA VAL B 676 15.76 -60.97 -12.73
C VAL B 676 14.44 -61.38 -13.38
N ILE B 677 13.32 -61.08 -12.71
CA ILE B 677 11.96 -61.36 -13.21
C ILE B 677 11.19 -60.03 -13.40
N ASP B 678 10.49 -59.89 -14.54
CA ASP B 678 9.56 -58.75 -14.78
C ASP B 678 8.14 -59.21 -14.46
N GLY B 679 7.72 -59.00 -13.22
CA GLY B 679 6.41 -59.43 -12.75
C GLY B 679 5.31 -58.46 -13.14
N ARG B 680 4.07 -58.89 -12.98
CA ARG B 680 2.90 -58.03 -13.25
C ARG B 680 3.01 -56.73 -12.47
N GLY B 681 2.64 -55.62 -13.13
CA GLY B 681 2.87 -54.28 -12.62
C GLY B 681 4.02 -53.62 -13.35
N SER B 682 4.90 -54.43 -13.95
CA SER B 682 6.00 -53.94 -14.80
C SER B 682 5.38 -53.39 -16.07
N CYS B 683 6.16 -52.61 -16.83
CA CYS B 683 5.58 -51.90 -17.99
C CYS B 683 5.96 -52.56 -19.35
N GLN B 684 5.47 -51.95 -20.43
CA GLN B 684 5.61 -52.37 -21.83
C GLN B 684 4.69 -53.54 -22.17
N ARG B 685 3.75 -53.84 -21.26
CA ARG B 685 2.82 -54.97 -21.43
C ARG B 685 1.37 -54.55 -21.37
N GLY B 686 1.10 -53.25 -21.48
CA GLY B 686 -0.28 -52.75 -21.49
C GLY B 686 -0.89 -52.58 -20.11
N LEU B 687 -1.98 -51.80 -20.08
CA LEU B 687 -2.56 -51.33 -18.83
C LEU B 687 -3.00 -52.46 -17.90
N ARG B 688 -3.66 -53.49 -18.45
CA ARG B 688 -4.18 -54.60 -17.63
C ARG B 688 -3.11 -55.46 -16.93
N PHE B 689 -1.91 -55.49 -17.49
CA PHE B 689 -0.78 -56.23 -16.90
C PHE B 689 -0.23 -55.39 -15.72
N GLU B 690 -0.06 -54.11 -16.00
CA GLU B 690 0.34 -53.09 -15.01
C GLU B 690 -0.71 -52.94 -13.91
N GLY B 691 -1.98 -53.05 -14.31
CA GLY B 691 -3.12 -52.84 -13.41
C GLY B 691 -3.33 -53.90 -12.34
N ALA B 692 -2.61 -55.01 -12.43
CA ALA B 692 -2.62 -56.03 -11.38
C ALA B 692 -2.20 -55.51 -10.00
N LEU B 693 -1.41 -54.44 -9.98
CA LEU B 693 -1.00 -53.74 -8.74
C LEU B 693 -2.05 -52.88 -8.05
N LYS B 694 -3.12 -52.51 -8.74
CA LYS B 694 -4.03 -51.46 -8.28
C LYS B 694 -4.52 -51.72 -6.86
N ASN B 695 -4.22 -50.76 -5.99
CA ASN B 695 -4.58 -50.78 -4.56
C ASN B 695 -4.02 -51.90 -3.68
N GLN B 696 -3.05 -52.66 -4.17
CA GLN B 696 -2.43 -53.74 -3.41
C GLN B 696 -0.93 -53.88 -3.66
N MET B 697 -0.22 -52.74 -3.68
CA MET B 697 1.24 -52.78 -3.89
C MET B 697 1.86 -53.53 -2.74
N GLY B 698 2.93 -54.28 -3.03
CA GLY B 698 3.50 -55.26 -2.11
C GLY B 698 2.87 -56.64 -2.07
N GLN B 699 1.60 -56.78 -2.51
CA GLN B 699 0.85 -58.05 -2.38
C GLN B 699 1.05 -59.03 -3.57
N VAL B 700 1.10 -58.52 -4.80
CA VAL B 700 1.12 -59.35 -6.03
C VAL B 700 2.53 -59.68 -6.56
N GLU B 701 3.50 -58.85 -6.20
CA GLU B 701 4.78 -58.83 -6.89
C GLU B 701 5.72 -59.98 -6.52
N ILE B 702 5.72 -60.36 -5.26
CA ILE B 702 6.60 -61.39 -4.78
C ILE B 702 6.23 -62.77 -5.34
N GLU B 703 4.93 -63.07 -5.43
CA GLU B 703 4.46 -64.32 -6.01
C GLU B 703 5.09 -64.55 -7.39
N ASP B 704 4.98 -63.56 -8.25
CA ASP B 704 5.57 -63.65 -9.59
C ASP B 704 7.05 -63.88 -9.47
N GLN B 705 7.69 -63.23 -8.48
CA GLN B 705 9.13 -63.40 -8.27
C GLN B 705 9.47 -64.81 -7.77
N VAL B 706 8.65 -65.31 -6.87
CA VAL B 706 8.83 -66.65 -6.35
C VAL B 706 8.56 -67.69 -7.46
N GLU B 707 7.44 -67.56 -8.17
CA GLU B 707 7.17 -68.40 -9.36
C GLU B 707 8.40 -68.42 -10.28
N GLY B 708 8.79 -67.25 -10.76
CA GLY B 708 9.99 -67.12 -11.60
C GLY B 708 11.24 -67.81 -11.06
N LEU B 709 11.45 -67.72 -9.76
CA LEU B 709 12.60 -68.33 -9.08
C LEU B 709 12.55 -69.88 -9.16
N GLN B 710 11.42 -70.43 -8.73
CA GLN B 710 11.12 -71.85 -8.90
C GLN B 710 11.19 -72.37 -10.33
N PHE B 711 10.80 -71.54 -11.29
CA PHE B 711 10.86 -71.92 -12.70
C PHE B 711 12.31 -72.08 -13.09
N VAL B 712 13.09 -71.05 -12.79
CA VAL B 712 14.51 -71.02 -13.07
C VAL B 712 15.26 -72.22 -12.45
N ALA B 713 14.81 -72.64 -11.26
CA ALA B 713 15.38 -73.80 -10.56
C ALA B 713 15.22 -75.13 -11.32
N GLU B 714 14.07 -75.32 -12.00
CA GLU B 714 13.81 -76.50 -12.81
C GLU B 714 14.61 -76.47 -14.13
N LYS B 715 14.43 -75.38 -14.88
CA LYS B 715 14.97 -75.19 -16.23
C LYS B 715 16.48 -75.30 -16.22
N TYR B 716 17.10 -74.37 -15.49
CA TYR B 716 18.56 -74.33 -15.35
C TYR B 716 18.91 -75.22 -14.18
N GLY B 717 19.96 -76.01 -14.30
CA GLY B 717 20.24 -77.00 -13.25
C GLY B 717 20.97 -76.54 -11.99
N PHE B 718 21.20 -75.23 -11.86
CA PHE B 718 22.33 -74.70 -11.06
C PHE B 718 21.96 -73.77 -9.89
N ILE B 719 20.67 -73.72 -9.55
CA ILE B 719 20.18 -72.84 -8.48
C ILE B 719 20.09 -73.68 -7.22
N ASP B 720 20.68 -73.20 -6.12
CA ASP B 720 20.42 -73.72 -4.76
C ASP B 720 19.36 -72.84 -4.10
N LEU B 721 18.17 -73.40 -3.93
CA LEU B 721 17.06 -72.70 -3.31
C LEU B 721 17.21 -72.49 -1.78
N SER B 722 18.09 -73.26 -1.14
CA SER B 722 18.47 -73.03 0.26
C SER B 722 19.29 -71.76 0.55
N ARG B 723 19.88 -71.16 -0.49
CA ARG B 723 20.71 -69.96 -0.36
C ARG B 723 20.30 -68.90 -1.37
N VAL B 724 19.21 -68.22 -1.09
CA VAL B 724 18.69 -67.23 -2.01
C VAL B 724 18.60 -65.88 -1.29
N ALA B 725 19.26 -64.89 -1.88
CA ALA B 725 19.18 -63.52 -1.40
C ALA B 725 18.26 -62.68 -2.29
N ILE B 726 17.50 -61.77 -1.69
CA ILE B 726 16.73 -60.74 -2.42
C ILE B 726 17.38 -59.38 -2.24
N HIS B 727 17.41 -58.59 -3.30
CA HIS B 727 18.12 -57.37 -3.27
C HIS B 727 17.63 -56.46 -4.37
N GLY B 728 17.35 -55.21 -3.99
CA GLY B 728 16.94 -54.15 -4.92
C GLY B 728 17.09 -52.77 -4.30
N TRP B 729 16.83 -51.75 -5.10
CA TRP B 729 16.90 -50.35 -4.68
C TRP B 729 15.57 -49.70 -5.06
N SER B 730 15.10 -48.74 -4.26
CA SER B 730 13.89 -47.98 -4.58
C SER B 730 12.67 -48.89 -4.45
N TYR B 731 11.89 -49.08 -5.52
CA TYR B 731 10.80 -50.06 -5.48
C TYR B 731 11.38 -51.44 -5.13
N GLY B 732 12.60 -51.72 -5.61
CA GLY B 732 13.30 -52.98 -5.39
C GLY B 732 13.57 -53.23 -3.94
N GLY B 733 13.91 -52.17 -3.22
CA GLY B 733 14.17 -52.22 -1.78
C GLY B 733 12.90 -52.49 -0.99
N PHE B 734 11.81 -51.83 -1.38
CA PHE B 734 10.48 -52.06 -0.78
C PHE B 734 10.08 -53.53 -0.93
N LEU B 735 10.35 -54.09 -2.10
CA LEU B 735 10.06 -55.49 -2.40
C LEU B 735 11.02 -56.47 -1.74
N SER B 736 12.29 -56.08 -1.56
CA SER B 736 13.25 -56.92 -0.83
C SER B 736 12.82 -57.16 0.61
N LEU B 737 12.20 -56.14 1.21
CA LEU B 737 11.63 -56.22 2.56
C LEU B 737 10.32 -57.02 2.59
N MET B 738 9.43 -56.78 1.62
CA MET B 738 8.22 -57.61 1.47
C MET B 738 8.54 -59.08 1.24
N GLY B 739 9.58 -59.36 0.45
CA GLY B 739 10.07 -60.72 0.23
C GLY B 739 10.48 -61.45 1.50
N LEU B 740 11.09 -60.73 2.42
CA LEU B 740 11.54 -61.29 3.67
C LEU B 740 10.36 -61.42 4.65
N ILE B 741 9.52 -60.39 4.68
CA ILE B 741 8.26 -60.43 5.42
C ILE B 741 7.43 -61.68 5.05
N HIS B 742 6.99 -61.73 3.79
CA HIS B 742 6.02 -62.72 3.36
C HIS B 742 6.59 -64.10 2.97
N LYS B 743 7.86 -64.14 2.56
CA LYS B 743 8.50 -65.39 2.11
C LYS B 743 9.86 -65.67 2.78
N PRO B 744 9.88 -65.71 4.13
CA PRO B 744 11.13 -65.90 4.89
C PRO B 744 11.78 -67.27 4.69
N GLN B 745 10.97 -68.28 4.41
CA GLN B 745 11.50 -69.60 4.06
C GLN B 745 12.13 -69.70 2.66
N VAL B 746 11.88 -68.72 1.79
CA VAL B 746 12.43 -68.68 0.42
C VAL B 746 13.71 -67.85 0.31
N PHE B 747 13.70 -66.68 0.95
CA PHE B 747 14.84 -65.76 0.95
C PHE B 747 15.56 -65.77 2.29
N LYS B 748 16.80 -66.25 2.27
CA LYS B 748 17.65 -66.28 3.46
C LYS B 748 18.13 -64.88 3.93
N VAL B 749 18.49 -63.98 3.00
CA VAL B 749 18.82 -62.61 3.35
C VAL B 749 18.13 -61.60 2.44
N ALA B 750 17.91 -60.38 2.96
CA ALA B 750 17.47 -59.19 2.18
C ALA B 750 18.46 -58.03 2.26
N ILE B 751 18.88 -57.48 1.12
CA ILE B 751 19.62 -56.23 1.07
C ILE B 751 18.77 -55.16 0.40
N ALA B 752 18.17 -54.26 1.19
CA ALA B 752 17.10 -53.36 0.74
C ALA B 752 17.60 -51.95 0.75
N GLY B 753 17.73 -51.36 -0.44
CA GLY B 753 18.18 -49.96 -0.56
C GLY B 753 17.06 -48.97 -0.88
N ALA B 754 17.16 -47.76 -0.32
CA ALA B 754 16.23 -46.63 -0.56
C ALA B 754 14.77 -47.05 -0.57
N PRO B 755 14.30 -47.84 0.44
CA PRO B 755 12.94 -48.32 0.26
C PRO B 755 11.86 -47.36 0.75
N VAL B 756 10.67 -47.50 0.18
CA VAL B 756 9.49 -46.83 0.71
C VAL B 756 8.92 -47.85 1.68
N THR B 757 8.90 -47.48 2.96
CA THR B 757 8.39 -48.31 4.05
C THR B 757 7.03 -47.89 4.64
N VAL B 758 6.60 -46.68 4.31
CA VAL B 758 5.31 -46.15 4.77
C VAL B 758 4.69 -45.33 3.65
N TRP B 759 3.67 -45.92 2.99
CA TRP B 759 3.00 -45.30 1.85
C TRP B 759 2.37 -43.96 2.16
N MET B 760 1.82 -43.78 3.38
CA MET B 760 1.30 -42.47 3.83
C MET B 760 2.35 -41.33 3.75
N ALA B 761 3.61 -41.69 3.88
CA ALA B 761 4.69 -40.75 3.74
C ALA B 761 5.16 -40.49 2.30
N TYR B 762 4.62 -41.19 1.29
CA TYR B 762 5.05 -40.90 -0.11
C TYR B 762 4.13 -39.84 -0.74
N ASP B 763 4.49 -39.27 -1.88
CA ASP B 763 3.65 -38.20 -2.49
C ASP B 763 2.26 -38.57 -3.10
N THR B 764 1.53 -37.54 -3.50
CA THR B 764 0.20 -37.63 -4.11
C THR B 764 0.21 -38.31 -5.47
N GLY B 765 1.03 -37.77 -6.38
CA GLY B 765 1.04 -38.14 -7.79
C GLY B 765 1.20 -39.62 -8.08
N TYR B 766 2.22 -40.20 -7.46
CA TYR B 766 2.52 -41.61 -7.60
C TYR B 766 1.56 -42.45 -6.79
N THR B 767 1.45 -42.17 -5.50
CA THR B 767 0.74 -43.06 -4.56
C THR B 767 -0.77 -43.19 -4.84
N GLU B 768 -1.42 -42.06 -5.11
CA GLU B 768 -2.87 -42.04 -5.31
C GLU B 768 -3.30 -42.72 -6.62
N ARG B 769 -2.49 -42.55 -7.64
CA ARG B 769 -2.69 -43.17 -8.93
C ARG B 769 -2.79 -44.70 -8.83
N TYR B 770 -1.87 -45.32 -8.08
CA TYR B 770 -1.85 -46.77 -7.93
C TYR B 770 -2.48 -47.32 -6.66
N MET B 771 -2.59 -46.51 -5.61
CA MET B 771 -3.08 -46.98 -4.30
C MET B 771 -4.30 -46.24 -3.76
N ASP B 772 -4.83 -45.30 -4.56
CA ASP B 772 -5.94 -44.47 -4.14
C ASP B 772 -5.46 -43.58 -2.96
N VAL B 773 -6.37 -42.76 -2.46
CA VAL B 773 -6.16 -41.90 -1.29
C VAL B 773 -6.25 -42.76 0.00
N PRO B 774 -5.49 -42.42 1.08
CA PRO B 774 -5.49 -43.31 2.28
C PRO B 774 -6.87 -43.58 2.90
N GLU B 775 -7.74 -42.57 2.92
CA GLU B 775 -9.14 -42.72 3.36
C GLU B 775 -9.93 -43.82 2.62
N ASN B 776 -9.56 -44.11 1.38
CA ASN B 776 -10.24 -45.09 0.53
C ASN B 776 -9.50 -46.42 0.36
N ASN B 777 -8.39 -46.61 1.07
CA ASN B 777 -7.60 -47.84 0.92
C ASN B 777 -6.74 -48.12 2.14
N GLN B 778 -7.34 -48.11 3.32
CA GLN B 778 -6.57 -48.35 4.56
C GLN B 778 -5.96 -49.75 4.55
N HIS B 779 -6.71 -50.73 4.03
CA HIS B 779 -6.26 -52.11 3.91
C HIS B 779 -4.97 -52.23 3.08
N GLY B 780 -4.93 -51.61 1.91
CA GLY B 780 -3.75 -51.64 1.03
C GLY B 780 -2.54 -50.86 1.58
N TYR B 781 -2.77 -49.63 1.98
CA TYR B 781 -1.76 -48.80 2.66
C TYR B 781 -1.10 -49.56 3.80
N GLU B 782 -1.90 -50.25 4.60
CA GLU B 782 -1.39 -50.99 5.74
C GLU B 782 -0.68 -52.24 5.26
N ALA B 783 -1.34 -53.02 4.41
CA ALA B 783 -0.81 -54.29 3.92
C ALA B 783 0.43 -54.10 3.08
N GLY B 784 0.57 -52.94 2.44
CA GLY B 784 1.75 -52.59 1.65
C GLY B 784 2.89 -51.82 2.32
N SER B 785 2.71 -51.38 3.57
CA SER B 785 3.71 -50.61 4.31
C SER B 785 4.60 -51.53 5.17
N VAL B 786 5.83 -51.77 4.74
CA VAL B 786 6.71 -52.78 5.39
C VAL B 786 7.08 -52.44 6.84
N ALA B 787 7.06 -51.15 7.19
CA ALA B 787 7.34 -50.67 8.55
C ALA B 787 6.28 -51.08 9.58
N LEU B 788 5.04 -51.31 9.12
CA LEU B 788 3.94 -51.79 9.97
C LEU B 788 3.88 -53.31 10.12
N HIS B 789 4.78 -54.06 9.50
CA HIS B 789 4.79 -55.53 9.58
C HIS B 789 6.09 -56.09 10.15
N VAL B 790 6.78 -55.24 10.88
CA VAL B 790 8.10 -55.54 11.40
C VAL B 790 8.18 -56.79 12.32
N GLU B 791 7.08 -57.15 13.00
CA GLU B 791 7.04 -58.43 13.74
C GLU B 791 7.33 -59.60 12.80
N LYS B 792 6.87 -59.50 11.55
CA LYS B 792 7.07 -60.59 10.60
C LYS B 792 8.50 -60.68 10.09
N LEU B 793 9.32 -59.65 10.31
CA LEU B 793 10.75 -59.71 10.00
C LEU B 793 11.52 -60.67 10.93
N PRO B 794 12.73 -61.08 10.53
CA PRO B 794 13.32 -62.21 11.26
C PRO B 794 13.91 -61.88 12.65
N ASN B 795 13.95 -62.91 13.48
CA ASN B 795 14.59 -62.90 14.79
C ASN B 795 16.05 -63.23 14.72
N GLU B 796 16.48 -63.70 13.57
CA GLU B 796 17.85 -64.10 13.33
C GLU B 796 18.61 -62.87 12.78
N PRO B 797 19.73 -62.49 13.41
CA PRO B 797 20.53 -61.42 12.82
C PRO B 797 21.17 -61.83 11.50
N ASN B 798 21.75 -60.87 10.80
CA ASN B 798 22.42 -61.09 9.49
C ASN B 798 21.52 -61.48 8.30
N ARG B 799 20.23 -61.25 8.42
CA ARG B 799 19.29 -61.56 7.34
C ARG B 799 18.71 -60.29 6.69
N LEU B 800 19.04 -59.13 7.23
CA LEU B 800 18.49 -57.87 6.73
C LEU B 800 19.55 -56.77 6.80
N LEU B 801 19.97 -56.31 5.63
CA LEU B 801 20.81 -55.13 5.46
C LEU B 801 19.96 -54.02 4.83
N ILE B 802 19.89 -52.86 5.49
CA ILE B 802 19.19 -51.64 5.02
C ILE B 802 20.21 -50.62 4.53
N LEU B 803 19.94 -49.97 3.40
CA LEU B 803 20.83 -48.97 2.78
C LEU B 803 20.00 -47.74 2.38
N HIS B 804 20.54 -46.54 2.52
CA HIS B 804 19.73 -45.35 2.21
C HIS B 804 20.60 -44.11 2.16
N GLY B 805 20.31 -43.25 1.18
CA GLY B 805 21.04 -42.02 0.95
C GLY B 805 20.49 -40.95 1.84
N PHE B 806 21.33 -40.41 2.73
CA PHE B 806 20.92 -39.42 3.72
C PHE B 806 20.26 -38.16 3.10
N LEU B 807 20.74 -37.72 1.94
CA LEU B 807 20.23 -36.52 1.30
C LEU B 807 19.00 -36.79 0.45
N ASP B 808 18.36 -37.96 0.59
CA ASP B 808 17.33 -38.37 -0.34
C ASP B 808 16.12 -37.44 -0.14
N GLU B 809 15.70 -36.78 -1.22
CA GLU B 809 14.57 -35.82 -1.21
C GLU B 809 13.34 -36.33 -1.95
N ASN B 810 13.37 -37.63 -2.30
CA ASN B 810 12.31 -38.31 -3.01
C ASN B 810 11.77 -39.37 -2.10
N VAL B 811 12.59 -40.38 -1.79
CA VAL B 811 12.27 -41.40 -0.74
C VAL B 811 13.03 -40.93 0.48
N HIS B 812 12.41 -40.13 1.34
CA HIS B 812 13.16 -39.45 2.43
C HIS B 812 13.80 -40.47 3.40
N PHE B 813 15.02 -40.20 3.85
CA PHE B 813 15.66 -41.04 4.85
C PHE B 813 14.71 -41.39 6.01
N PHE B 814 13.78 -40.51 6.32
CA PHE B 814 12.66 -40.86 7.22
C PHE B 814 12.10 -42.30 7.07
N HIS B 815 11.97 -42.79 5.83
CA HIS B 815 11.47 -44.12 5.58
C HIS B 815 12.30 -45.21 6.27
N THR B 816 13.60 -45.17 6.08
CA THR B 816 14.55 -46.06 6.80
C THR B 816 14.52 -45.78 8.32
N ASN B 817 14.40 -44.51 8.65
CA ASN B 817 14.45 -44.06 10.01
C ASN B 817 13.28 -44.60 10.83
N PHE B 818 12.11 -44.56 10.23
CA PHE B 818 10.90 -45.05 10.84
C PHE B 818 10.87 -46.59 10.94
N LEU B 819 11.39 -47.25 9.90
CA LEU B 819 11.61 -48.71 9.88
C LEU B 819 12.56 -49.23 11.02
N VAL B 820 13.65 -48.53 11.28
CA VAL B 820 14.56 -48.88 12.39
C VAL B 820 13.84 -48.67 13.72
N SER B 821 13.15 -47.54 13.82
CA SER B 821 12.36 -47.25 14.98
C SER B 821 11.47 -48.41 15.31
N GLN B 822 10.75 -48.92 14.31
CA GLN B 822 9.80 -50.03 14.50
C GLN B 822 10.47 -51.39 14.70
N LEU B 823 11.59 -51.59 14.03
CA LEU B 823 12.48 -52.71 14.29
C LEU B 823 12.97 -52.75 15.75
N ILE B 824 13.30 -51.57 16.31
CA ILE B 824 13.78 -51.46 17.69
C ILE B 824 12.67 -51.83 18.68
N ARG B 825 11.49 -51.25 18.50
CA ARG B 825 10.31 -51.57 19.30
C ARG B 825 9.93 -53.07 19.29
N ALA B 826 10.03 -53.69 18.11
CA ALA B 826 9.76 -55.14 17.94
C ALA B 826 10.91 -56.06 18.37
N GLY B 827 12.07 -55.48 18.71
CA GLY B 827 13.23 -56.22 19.21
C GLY B 827 13.91 -57.05 18.15
N LYS B 828 13.96 -56.50 16.94
CA LYS B 828 14.52 -57.19 15.77
C LYS B 828 15.91 -56.67 15.42
N PRO B 829 16.83 -57.57 15.02
CA PRO B 829 18.14 -57.13 14.53
C PRO B 829 18.10 -56.48 13.18
N TYR B 830 19.13 -55.73 12.87
CA TYR B 830 19.30 -55.08 11.57
C TYR B 830 20.75 -54.65 11.41
N GLN B 831 21.12 -54.46 10.15
CA GLN B 831 22.35 -53.81 9.82
C GLN B 831 21.95 -52.63 8.95
N LEU B 832 22.82 -51.63 8.88
CA LEU B 832 22.48 -50.36 8.24
C LEU B 832 23.71 -49.71 7.63
N GLN B 833 23.55 -49.22 6.40
CA GLN B 833 24.57 -48.38 5.76
C GLN B 833 23.90 -47.09 5.26
N ILE B 834 24.58 -45.97 5.46
CA ILE B 834 24.13 -44.62 5.07
C ILE B 834 25.09 -44.12 4.01
N TYR B 835 24.55 -43.39 3.05
CA TYR B 835 25.38 -42.67 2.11
C TYR B 835 25.12 -41.21 2.45
N PRO B 836 26.12 -40.56 3.14
CA PRO B 836 25.82 -39.19 3.62
C PRO B 836 25.80 -38.11 2.59
N ASN B 837 26.43 -38.35 1.44
CA ASN B 837 26.49 -37.37 0.36
C ASN B 837 25.72 -37.83 -0.89
N GLU B 838 24.66 -38.61 -0.69
CA GLU B 838 23.90 -39.18 -1.78
C GLU B 838 22.38 -39.00 -1.57
N ARG B 839 21.66 -38.70 -2.66
CA ARG B 839 20.21 -38.64 -2.61
C ARG B 839 19.67 -40.04 -2.97
N HIS B 840 18.60 -40.13 -3.75
CA HIS B 840 17.95 -41.41 -4.07
C HIS B 840 18.87 -42.45 -4.70
N SER B 841 19.80 -42.00 -5.54
CA SER B 841 20.76 -42.87 -6.19
C SER B 841 22.15 -42.54 -5.71
N ILE B 842 23.02 -43.55 -5.75
CA ILE B 842 24.46 -43.37 -5.52
C ILE B 842 25.15 -42.94 -6.83
N ARG B 843 25.69 -41.73 -6.86
CA ARG B 843 26.37 -41.23 -8.04
C ARG B 843 27.90 -41.01 -7.89
N CYS B 844 28.40 -40.76 -6.68
CA CYS B 844 29.86 -40.69 -6.46
C CYS B 844 30.49 -42.10 -6.58
N PRO B 845 31.47 -42.26 -7.49
CA PRO B 845 32.02 -43.59 -7.77
C PRO B 845 32.59 -44.35 -6.57
N GLU B 846 33.22 -43.65 -5.64
CA GLU B 846 33.81 -44.27 -4.45
C GLU B 846 32.75 -44.81 -3.49
N SER B 847 31.63 -44.10 -3.38
CA SER B 847 30.49 -44.57 -2.63
C SER B 847 29.87 -45.79 -3.30
N GLY B 848 29.81 -45.77 -4.62
CA GLY B 848 29.30 -46.90 -5.39
C GLY B 848 30.13 -48.15 -5.18
N GLU B 849 31.44 -48.02 -5.32
CA GLU B 849 32.37 -49.13 -5.06
C GLU B 849 32.20 -49.67 -3.64
N HIS B 850 32.12 -48.76 -2.65
CA HIS B 850 31.86 -49.15 -1.28
C HIS B 850 30.54 -49.94 -1.16
N TYR B 851 29.51 -49.46 -1.85
CA TYR B 851 28.23 -50.18 -1.91
C TYR B 851 28.40 -51.61 -2.45
N GLU B 852 29.15 -51.77 -3.53
CA GLU B 852 29.34 -53.08 -4.13
C GLU B 852 30.20 -54.00 -3.25
N VAL B 853 31.25 -53.44 -2.63
CA VAL B 853 32.11 -54.21 -1.71
C VAL B 853 31.32 -54.70 -0.50
N THR B 854 30.52 -53.83 0.08
CA THR B 854 29.63 -54.19 1.17
C THR B 854 28.67 -55.32 0.79
N LEU B 855 28.08 -55.23 -0.39
CA LEU B 855 27.12 -56.23 -0.86
C LEU B 855 27.81 -57.60 -0.97
N LEU B 856 29.01 -57.60 -1.52
CA LEU B 856 29.80 -58.82 -1.68
C LEU B 856 30.19 -59.45 -0.35
N HIS B 857 30.56 -58.60 0.60
CA HIS B 857 30.93 -59.08 1.92
C HIS B 857 29.70 -59.62 2.62
N PHE B 858 28.59 -58.88 2.61
CA PHE B 858 27.35 -59.38 3.26
C PHE B 858 26.92 -60.79 2.76
N LEU B 859 27.00 -60.99 1.45
CA LEU B 859 26.60 -62.25 0.83
C LEU B 859 27.59 -63.37 1.19
N GLN B 860 28.86 -63.11 0.91
CA GLN B 860 29.95 -64.02 1.24
C GLN B 860 29.77 -64.62 2.64
N GLU B 861 29.58 -63.75 3.62
CA GLU B 861 29.51 -64.13 5.02
C GLU B 861 28.19 -64.80 5.42
N TYR B 862 27.07 -64.29 4.91
CA TYR B 862 25.76 -64.60 5.49
C TYR B 862 24.76 -65.32 4.61
N LEU B 863 25.05 -65.50 3.33
CA LEU B 863 24.19 -66.29 2.46
C LEU B 863 24.84 -67.65 2.28
N PRO C 20 -30.86 78.57 3.17
CA PRO C 20 -30.84 79.79 2.35
C PRO C 20 -29.46 80.03 1.72
N ALA C 21 -28.95 81.27 1.73
CA ALA C 21 -27.53 81.55 1.47
C ALA C 21 -26.61 80.92 2.55
N ALA C 22 -27.15 80.76 3.76
CA ALA C 22 -26.51 79.99 4.85
C ALA C 22 -26.11 78.54 4.47
N ARG C 23 -26.91 77.86 3.64
CA ARG C 23 -26.57 76.50 3.19
C ARG C 23 -25.52 76.59 2.13
N PHE C 24 -24.30 76.14 2.46
CA PHE C 24 -23.17 76.13 1.51
C PHE C 24 -23.39 75.03 0.49
N GLN C 25 -23.21 75.39 -0.79
CA GLN C 25 -23.40 74.46 -1.92
C GLN C 25 -22.04 74.15 -2.54
N VAL C 26 -21.68 72.87 -2.56
CA VAL C 26 -20.44 72.42 -3.14
C VAL C 26 -20.52 72.71 -4.64
N GLN C 27 -19.48 73.29 -5.21
CA GLN C 27 -19.44 73.53 -6.65
C GLN C 27 -19.64 72.20 -7.36
N LYS C 28 -20.58 72.16 -8.30
CA LYS C 28 -20.85 70.96 -9.09
C LYS C 28 -19.89 70.95 -10.27
N HIS C 29 -19.10 69.88 -10.38
CA HIS C 29 -18.14 69.66 -11.47
C HIS C 29 -18.58 68.60 -12.50
N SER C 30 -18.09 68.73 -13.73
CA SER C 30 -18.19 67.62 -14.68
C SER C 30 -17.35 66.44 -14.16
N TRP C 31 -17.65 65.24 -14.65
CA TRP C 31 -16.91 64.04 -14.25
C TRP C 31 -15.43 64.17 -14.59
N ASP C 32 -15.12 64.78 -15.73
CA ASP C 32 -13.71 65.04 -16.10
C ASP C 32 -13.04 65.97 -15.11
N GLY C 33 -13.72 67.06 -14.79
CA GLY C 33 -13.27 68.00 -13.77
C GLY C 33 -12.97 67.31 -12.44
N LEU C 34 -13.91 66.48 -11.99
CA LEU C 34 -13.69 65.66 -10.80
C LEU C 34 -12.42 64.78 -10.88
N ARG C 35 -12.19 64.17 -12.03
CA ARG C 35 -11.00 63.34 -12.25
C ARG C 35 -9.70 64.15 -12.14
N SER C 36 -9.72 65.39 -12.60
CA SER C 36 -8.56 66.27 -12.53
C SER C 36 -8.31 66.68 -11.07
N ILE C 37 -9.39 66.93 -10.33
CA ILE C 37 -9.29 67.27 -8.90
C ILE C 37 -8.64 66.12 -8.13
N ILE C 38 -9.14 64.90 -8.33
CA ILE C 38 -8.58 63.70 -7.71
C ILE C 38 -7.17 63.41 -8.19
N HIS C 39 -6.88 63.69 -9.46
CA HIS C 39 -5.53 63.45 -9.98
C HIS C 39 -4.57 64.46 -9.35
N GLY C 40 -5.00 65.72 -9.25
CA GLY C 40 -4.21 66.78 -8.63
C GLY C 40 -3.90 66.57 -7.15
N SER C 41 -4.84 65.97 -6.43
CA SER C 41 -4.65 65.70 -4.99
C SER C 41 -3.50 64.71 -4.76
N ARG C 42 -3.49 63.63 -5.53
CA ARG C 42 -2.46 62.59 -5.43
C ARG C 42 -1.05 63.03 -5.88
N LYS C 43 -0.95 63.95 -6.84
CA LYS C 43 0.36 64.51 -7.29
C LYS C 43 1.15 65.16 -6.15
N VAL C 49 5.02 59.70 1.79
CA VAL C 49 4.05 58.73 1.25
C VAL C 49 4.65 57.33 1.08
N ASN C 50 5.91 57.26 0.67
CA ASN C 50 6.64 55.99 0.64
C ASN C 50 6.88 55.55 2.07
N LYS C 51 7.05 54.25 2.25
CA LYS C 51 7.14 53.61 3.57
C LYS C 51 8.39 54.07 4.33
N ALA C 52 8.20 54.37 5.62
CA ALA C 52 9.29 54.82 6.48
C ALA C 52 10.15 53.60 6.91
N PRO C 53 11.37 53.85 7.41
CA PRO C 53 12.20 52.76 7.90
C PRO C 53 11.51 51.91 8.96
N HIS C 54 11.66 50.60 8.84
CA HIS C 54 11.02 49.65 9.74
C HIS C 54 11.77 48.33 9.70
N ASP C 55 11.39 47.42 10.59
CA ASP C 55 12.06 46.11 10.75
C ASP C 55 13.56 46.34 10.91
N PHE C 56 13.97 46.87 12.07
CA PHE C 56 15.38 47.22 12.35
C PHE C 56 16.21 46.14 13.02
N GLN C 57 17.51 46.19 12.78
CA GLN C 57 18.48 45.39 13.51
C GLN C 57 19.65 46.31 13.87
N PHE C 58 19.93 46.45 15.16
CA PHE C 58 21.07 47.23 15.66
C PHE C 58 22.27 46.30 15.83
N VAL C 59 23.40 46.65 15.20
CA VAL C 59 24.63 45.85 15.32
C VAL C 59 25.78 46.74 15.79
N GLN C 60 26.43 46.35 16.89
CA GLN C 60 27.60 47.07 17.39
C GLN C 60 28.81 46.75 16.51
N LYS C 61 29.64 47.76 16.27
CA LYS C 61 30.77 47.68 15.32
C LYS C 61 32.03 46.99 15.88
N THR C 62 32.38 47.28 17.13
CA THR C 62 33.56 46.70 17.81
C THR C 62 34.92 47.19 17.28
N ASP C 63 34.93 48.16 16.37
CA ASP C 63 36.16 48.80 15.92
C ASP C 63 36.25 50.10 16.71
N GLU C 64 37.19 50.14 17.66
CA GLU C 64 37.30 51.26 18.58
C GLU C 64 37.87 52.49 17.87
N SER C 65 38.86 52.24 17.02
CA SER C 65 39.43 53.27 16.13
C SER C 65 38.55 53.69 14.93
N GLY C 66 37.43 52.99 14.71
CA GLY C 66 36.46 53.35 13.65
C GLY C 66 35.63 54.57 14.04
N PRO C 67 34.91 55.20 13.06
CA PRO C 67 34.09 56.36 13.42
C PRO C 67 32.61 56.09 13.72
N HIS C 68 32.17 54.83 13.57
CA HIS C 68 30.77 54.45 13.74
C HIS C 68 30.63 53.48 14.93
N SER C 69 29.68 53.78 15.81
CA SER C 69 29.39 52.94 16.97
C SER C 69 28.53 51.75 16.59
N HIS C 70 27.72 51.90 15.55
CA HIS C 70 26.84 50.82 15.11
C HIS C 70 26.54 50.94 13.65
N ARG C 71 26.04 49.84 13.11
CA ARG C 71 25.32 49.82 11.84
C ARG C 71 23.86 49.44 12.15
N LEU C 72 22.94 50.22 11.60
CA LEU C 72 21.50 49.98 11.71
C LEU C 72 21.00 49.45 10.38
N TYR C 73 20.52 48.21 10.37
CA TYR C 73 19.92 47.57 9.18
C TYR C 73 18.42 47.67 9.28
N TYR C 74 17.76 47.87 8.14
CA TYR C 74 16.31 48.05 8.13
C TYR C 74 15.71 47.97 6.74
N LEU C 75 14.39 47.79 6.73
CA LEU C 75 13.61 47.72 5.51
C LEU C 75 13.12 49.13 5.21
N GLY C 76 13.31 49.58 3.97
CA GLY C 76 12.90 50.93 3.59
C GLY C 76 12.85 51.15 2.09
N MET C 77 12.04 52.11 1.70
CA MET C 77 11.79 52.44 0.29
C MET C 77 12.41 53.80 0.04
N PRO C 78 13.52 53.86 -0.74
CA PRO C 78 14.06 55.21 -0.97
C PRO C 78 13.10 56.02 -1.85
N TYR C 79 13.00 57.30 -1.57
CA TYR C 79 12.06 58.19 -2.26
C TYR C 79 12.67 58.73 -3.54
N ARG C 82 9.97 53.78 -5.14
CA ARG C 82 10.56 52.69 -5.91
C ARG C 82 10.07 51.30 -5.46
N GLU C 83 10.70 50.75 -4.42
CA GLU C 83 10.38 49.42 -3.91
C GLU C 83 11.06 49.24 -2.54
N ASN C 84 10.37 48.55 -1.65
CA ASN C 84 10.88 48.26 -0.33
C ASN C 84 12.13 47.38 -0.44
N SER C 85 13.19 47.75 0.25
CA SER C 85 14.45 47.02 0.13
C SER C 85 15.24 47.03 1.44
N LEU C 86 16.24 46.16 1.47
CA LEU C 86 17.17 46.06 2.59
C LEU C 86 18.11 47.23 2.50
N LEU C 87 18.22 47.99 3.59
CA LEU C 87 19.06 49.20 3.62
C LEU C 87 19.93 49.22 4.86
N TYR C 88 20.74 50.26 5.01
CA TYR C 88 21.48 50.48 6.25
C TYR C 88 21.97 51.93 6.41
N SER C 89 22.08 52.35 7.67
CA SER C 89 22.80 53.56 8.05
C SER C 89 23.96 53.22 8.97
N GLU C 90 24.84 54.18 9.14
CA GLU C 90 26.00 54.08 10.01
C GLU C 90 25.78 55.08 11.13
N ILE C 91 25.67 54.61 12.35
CA ILE C 91 25.48 55.50 13.48
C ILE C 91 26.87 55.97 13.90
N PRO C 92 27.11 57.30 13.89
CA PRO C 92 28.43 57.84 14.26
C PRO C 92 28.69 57.77 15.77
N LYS C 93 29.96 57.72 16.14
CA LYS C 93 30.40 57.78 17.54
C LYS C 93 30.24 59.19 18.12
N LYS C 94 30.58 60.20 17.33
CA LYS C 94 30.47 61.61 17.74
C LYS C 94 29.70 62.41 16.67
N VAL C 95 28.78 63.25 17.13
CA VAL C 95 27.90 64.07 16.27
C VAL C 95 28.07 65.55 16.66
N ARG C 96 28.22 66.39 15.64
CA ARG C 96 28.30 67.84 15.82
C ARG C 96 27.06 68.32 16.57
N LYS C 97 27.27 68.94 17.74
CA LYS C 97 26.15 69.44 18.57
C LYS C 97 25.32 70.47 17.81
N GLU C 98 25.98 71.31 17.02
CA GLU C 98 25.31 72.43 16.38
C GLU C 98 24.47 72.03 15.16
N ALA C 99 24.96 71.16 14.29
CA ALA C 99 24.20 70.83 13.08
C ALA C 99 23.47 69.52 13.28
N LEU C 100 22.17 69.52 12.96
CA LEU C 100 21.39 68.30 12.92
C LEU C 100 21.98 67.31 11.93
N LEU C 101 22.20 66.08 12.40
CA LEU C 101 22.77 65.04 11.56
C LEU C 101 21.66 64.19 10.93
N LEU C 102 21.60 64.18 9.61
CA LEU C 102 20.71 63.31 8.87
C LEU C 102 21.51 62.14 8.25
N LEU C 103 21.14 60.91 8.59
CA LEU C 103 21.88 59.73 8.16
C LEU C 103 21.50 59.26 6.74
N SER C 104 22.52 58.91 5.95
CA SER C 104 22.33 58.33 4.63
C SER C 104 21.67 56.94 4.70
N TRP C 105 20.84 56.69 3.69
CA TRP C 105 20.20 55.39 3.49
C TRP C 105 21.04 54.61 2.50
N LYS C 106 21.97 53.80 3.00
CA LYS C 106 22.84 52.99 2.13
C LYS C 106 22.06 51.77 1.65
N GLN C 107 22.44 51.22 0.50
CA GLN C 107 21.80 50.03 -0.03
C GLN C 107 22.67 48.81 0.16
N MET C 108 22.06 47.73 0.65
CA MET C 108 22.72 46.44 0.82
C MET C 108 22.87 45.77 -0.53
N LEU C 109 21.77 45.72 -1.28
CA LEU C 109 21.69 44.97 -2.53
C LEU C 109 22.06 45.86 -3.71
N ASP C 110 22.82 45.31 -4.65
CA ASP C 110 23.28 46.08 -5.82
C ASP C 110 22.29 45.91 -6.96
N HIS C 111 21.52 46.97 -7.25
CA HIS C 111 20.59 47.00 -8.41
C HIS C 111 19.79 45.70 -8.49
N PHE C 112 19.09 45.37 -7.41
CA PHE C 112 18.34 44.12 -7.32
C PHE C 112 16.85 44.40 -7.29
N GLN C 113 16.11 43.74 -8.19
CA GLN C 113 14.64 43.76 -8.17
C GLN C 113 14.14 42.55 -7.36
N ALA C 114 13.67 42.85 -6.15
CA ALA C 114 12.97 41.89 -5.32
C ALA C 114 11.50 41.65 -5.74
N THR C 115 10.86 42.60 -6.43
CA THR C 115 9.44 42.45 -6.84
C THR C 115 9.37 41.49 -8.04
N PRO C 116 8.34 40.59 -8.10
CA PRO C 116 8.18 39.80 -9.33
C PRO C 116 7.99 40.69 -10.55
N HIS C 117 8.23 40.15 -11.75
CA HIS C 117 8.34 40.95 -12.96
C HIS C 117 7.23 41.99 -13.18
N HIS C 118 5.97 41.59 -12.97
CA HIS C 118 4.84 42.50 -13.18
C HIS C 118 4.11 42.92 -11.89
N GLY C 119 4.74 42.67 -10.74
CA GLY C 119 4.07 42.88 -9.43
C GLY C 119 3.02 41.81 -9.14
N VAL C 120 3.13 40.70 -9.87
CA VAL C 120 2.22 39.57 -9.76
C VAL C 120 2.96 38.51 -8.96
N TYR C 121 2.62 38.43 -7.68
CA TYR C 121 3.16 37.43 -6.76
C TYR C 121 2.44 36.09 -6.98
N SER C 122 3.05 34.99 -6.57
CA SER C 122 2.36 33.71 -6.60
C SER C 122 1.14 33.84 -5.69
N ARG C 123 0.16 32.97 -5.90
CA ARG C 123 -1.10 33.00 -5.15
C ARG C 123 -0.82 33.01 -3.64
N GLU C 124 -0.05 32.03 -3.19
CA GLU C 124 0.26 31.87 -1.78
C GLU C 124 0.90 33.13 -1.19
N GLU C 125 1.88 33.69 -1.91
CA GLU C 125 2.57 34.92 -1.49
C GLU C 125 1.64 36.15 -1.56
N GLU C 126 0.79 36.22 -2.57
CA GLU C 126 -0.13 37.34 -2.69
C GLU C 126 -1.16 37.31 -1.56
N LEU C 127 -1.63 36.11 -1.22
CA LEU C 127 -2.61 35.92 -0.14
C LEU C 127 -2.00 36.27 1.23
N LEU C 128 -0.73 35.96 1.41
CA LEU C 128 -0.03 36.33 2.65
C LEU C 128 0.04 37.86 2.78
N ARG C 129 0.28 38.55 1.68
CA ARG C 129 0.28 40.03 1.67
C ARG C 129 -1.10 40.61 2.03
N GLU C 130 -2.17 39.91 1.66
CA GLU C 130 -3.52 40.31 1.99
C GLU C 130 -3.71 40.15 3.49
N ARG C 131 -3.38 38.97 4.00
CA ARG C 131 -3.48 38.64 5.45
C ARG C 131 -2.64 39.61 6.28
N LYS C 132 -1.46 39.96 5.77
CA LYS C 132 -0.56 40.90 6.41
C LYS C 132 -0.87 42.39 6.10
N ARG C 133 -1.93 42.66 5.35
CA ARG C 133 -2.27 44.04 4.94
C ARG C 133 -1.02 44.80 4.44
N LEU C 134 -0.23 44.12 3.61
CA LEU C 134 1.03 44.66 3.05
C LEU C 134 0.79 45.19 1.64
N GLY C 135 0.91 46.50 1.44
CA GLY C 135 0.69 47.07 0.09
C GLY C 135 1.97 47.30 -0.72
N VAL C 136 3.06 47.58 0.00
CA VAL C 136 4.29 48.00 -0.64
C VAL C 136 4.87 46.81 -1.37
N PHE C 137 5.67 47.09 -2.40
CA PHE C 137 6.40 46.07 -3.18
C PHE C 137 7.86 45.93 -2.78
N GLY C 138 8.40 44.73 -3.05
CA GLY C 138 9.78 44.37 -2.71
C GLY C 138 9.84 43.49 -1.48
N ILE C 139 10.93 43.62 -0.72
CA ILE C 139 11.18 42.78 0.45
C ILE C 139 10.34 43.34 1.60
N THR C 140 9.31 42.62 2.00
CA THR C 140 8.41 43.06 3.07
C THR C 140 8.72 42.39 4.41
N SER C 141 9.64 41.42 4.40
CA SER C 141 10.11 40.76 5.62
C SER C 141 11.49 40.16 5.37
N TYR C 142 12.23 39.85 6.44
CA TYR C 142 13.52 39.14 6.30
C TYR C 142 13.92 38.47 7.61
N ASP C 143 14.79 37.47 7.54
CA ASP C 143 15.33 36.79 8.73
C ASP C 143 16.81 37.21 8.92
N PHE C 144 17.24 37.38 10.17
CA PHE C 144 18.64 37.78 10.44
C PHE C 144 19.25 36.94 11.56
N HIS C 145 20.45 36.41 11.34
CA HIS C 145 21.21 35.69 12.37
C HIS C 145 22.35 36.61 12.79
N SER C 146 22.36 36.98 14.06
CA SER C 146 23.31 37.97 14.58
C SER C 146 24.78 37.54 14.48
N GLU C 147 25.09 36.33 14.94
CA GLU C 147 26.48 35.83 14.98
C GLU C 147 27.13 35.72 13.58
N SER C 148 26.39 35.17 12.61
CA SER C 148 26.90 34.97 11.23
C SER C 148 26.67 36.20 10.36
N GLY C 149 25.80 37.12 10.80
CA GLY C 149 25.43 38.28 9.98
C GLY C 149 24.69 37.88 8.71
N LEU C 150 23.87 36.83 8.82
CA LEU C 150 23.16 36.25 7.68
C LEU C 150 21.78 36.86 7.55
N PHE C 151 21.44 37.35 6.36
CA PHE C 151 20.07 37.83 6.04
C PHE C 151 19.39 36.86 5.09
N LEU C 152 18.18 36.41 5.43
CA LEU C 152 17.45 35.44 4.60
C LEU C 152 16.07 36.01 4.34
N PHE C 153 15.62 36.00 3.09
CA PHE C 153 14.34 36.64 2.72
C PHE C 153 13.76 36.15 1.40
N GLN C 154 12.51 36.51 1.16
CA GLN C 154 11.84 36.21 -0.12
C GLN C 154 12.12 37.37 -1.09
N ALA C 155 12.33 37.03 -2.36
CA ALA C 155 12.54 38.02 -3.40
C ALA C 155 12.20 37.34 -4.72
N SER C 156 11.74 38.14 -5.69
CA SER C 156 11.22 37.61 -6.97
C SER C 156 10.15 36.55 -6.63
N ASN C 157 10.28 35.34 -7.15
CA ASN C 157 9.45 34.22 -6.71
C ASN C 157 10.39 33.10 -6.26
N SER C 158 11.49 33.51 -5.59
CA SER C 158 12.54 32.60 -5.11
C SER C 158 13.07 33.07 -3.75
N LEU C 159 14.10 32.36 -3.25
CA LEU C 159 14.79 32.68 -1.99
C LEU C 159 16.19 33.27 -2.25
N PHE C 160 16.55 34.27 -1.45
CA PHE C 160 17.85 34.94 -1.56
C PHE C 160 18.47 35.16 -0.18
N HIS C 161 19.76 35.46 -0.18
CA HIS C 161 20.49 35.77 1.04
C HIS C 161 21.72 36.61 0.75
N CYS C 162 22.19 37.27 1.80
CA CYS C 162 23.44 37.99 1.80
C CYS C 162 24.02 38.00 3.22
N ARG C 163 25.30 38.33 3.30
CA ARG C 163 26.04 38.36 4.55
C ARG C 163 26.67 39.73 4.74
N ASP C 164 26.60 40.24 5.97
CA ASP C 164 27.27 41.49 6.34
C ASP C 164 27.43 41.53 7.86
N GLY C 165 28.55 42.07 8.32
CA GLY C 165 28.84 42.16 9.77
C GLY C 165 29.30 40.84 10.38
N GLY C 166 29.67 40.91 11.65
CA GLY C 166 30.14 39.75 12.41
C GLY C 166 31.40 39.12 11.82
N LYS C 167 31.31 37.83 11.51
CA LYS C 167 32.39 37.02 10.91
C LYS C 167 32.82 37.57 9.55
N ASN C 168 31.84 38.05 8.77
CA ASN C 168 32.04 38.51 7.41
C ASN C 168 32.66 39.90 7.25
N GLY C 169 32.58 40.75 8.27
CA GLY C 169 33.06 42.14 8.19
C GLY C 169 32.04 43.07 7.53
N PHE C 170 32.15 44.37 7.79
CA PHE C 170 31.17 45.36 7.30
C PHE C 170 31.50 45.94 5.91
N MET C 171 30.64 45.66 4.94
CA MET C 171 30.78 46.15 3.56
C MET C 171 30.53 47.67 3.46
N VAL C 172 31.26 48.33 2.57
CA VAL C 172 31.09 49.77 2.28
C VAL C 172 30.26 50.03 1.01
N SER C 173 30.04 49.00 0.18
CA SER C 173 29.32 49.13 -1.11
C SER C 173 28.37 47.94 -1.32
N PRO C 174 27.23 48.17 -2.03
CA PRO C 174 26.31 47.03 -2.22
C PRO C 174 26.88 45.77 -2.85
N MET C 175 26.21 44.65 -2.57
CA MET C 175 26.62 43.32 -3.01
C MET C 175 25.38 42.60 -3.54
N LYS C 176 25.55 41.80 -4.60
CA LYS C 176 24.40 41.06 -5.16
C LYS C 176 23.87 40.02 -4.18
N PRO C 177 22.53 39.93 -4.01
CA PRO C 177 22.08 38.82 -3.14
C PRO C 177 22.19 37.47 -3.84
N LEU C 178 22.64 36.46 -3.12
CA LEU C 178 22.83 35.14 -3.69
C LEU C 178 21.52 34.39 -3.71
N GLU C 179 21.11 33.90 -4.88
CA GLU C 179 19.89 33.10 -5.01
C GLU C 179 20.15 31.69 -4.45
N ILE C 180 19.14 31.11 -3.80
CA ILE C 180 19.23 29.76 -3.22
C ILE C 180 18.52 28.77 -4.15
N LYS C 181 19.29 27.83 -4.71
CA LYS C 181 18.75 26.85 -5.65
C LYS C 181 17.87 25.83 -4.91
N THR C 182 16.84 25.32 -5.59
CA THR C 182 15.93 24.32 -5.01
C THR C 182 15.53 23.27 -6.03
N GLN C 183 15.19 22.08 -5.54
CA GLN C 183 14.64 20.99 -6.34
C GLN C 183 13.12 21.09 -6.33
N CYS C 184 12.58 21.85 -5.37
CA CYS C 184 11.14 21.96 -5.17
C CYS C 184 10.49 22.75 -6.29
N SER C 185 9.21 22.46 -6.49
CA SER C 185 8.35 23.15 -7.44
C SER C 185 7.23 23.82 -6.63
N GLY C 186 6.88 25.04 -7.02
CA GLY C 186 6.00 25.92 -6.26
C GLY C 186 6.84 26.77 -5.31
N PRO C 187 6.27 27.84 -4.73
CA PRO C 187 7.03 28.75 -3.86
C PRO C 187 7.53 28.17 -2.51
N ARG C 188 8.67 28.68 -2.03
CA ARG C 188 9.24 28.37 -0.69
C ARG C 188 8.83 29.52 0.22
N MET C 189 7.92 29.20 1.15
CA MET C 189 7.18 30.18 1.94
C MET C 189 7.78 30.15 3.35
N ASP C 190 7.73 31.30 4.03
CA ASP C 190 8.05 31.41 5.45
C ASP C 190 9.47 30.92 5.81
N PRO C 191 10.50 31.41 5.10
CA PRO C 191 11.85 30.99 5.39
C PRO C 191 12.35 31.52 6.72
N LYS C 192 13.10 30.68 7.45
CA LYS C 192 13.76 31.08 8.71
C LYS C 192 15.10 30.39 8.84
N ILE C 193 16.10 31.13 9.31
CA ILE C 193 17.40 30.58 9.64
C ILE C 193 17.30 29.80 10.97
N CYS C 194 17.96 28.64 11.02
CA CYS C 194 18.06 27.84 12.23
C CYS C 194 18.91 28.62 13.27
N PRO C 195 18.32 28.97 14.43
CA PRO C 195 19.06 29.80 15.40
C PRO C 195 20.33 29.14 15.93
N ALA C 196 20.22 27.85 16.26
CA ALA C 196 21.35 27.02 16.74
C ALA C 196 22.50 26.83 15.75
N ASP C 197 22.22 26.87 14.45
CA ASP C 197 23.22 26.62 13.42
C ASP C 197 22.84 27.36 12.14
N PRO C 198 23.58 28.45 11.80
CA PRO C 198 23.17 29.22 10.61
C PRO C 198 23.45 28.58 9.25
N ALA C 199 24.08 27.42 9.22
CA ALA C 199 24.20 26.65 7.97
C ALA C 199 22.82 26.21 7.48
N PHE C 200 21.89 26.02 8.42
CA PHE C 200 20.55 25.55 8.12
C PHE C 200 19.48 26.65 8.11
N PHE C 201 18.42 26.33 7.37
CA PHE C 201 17.23 27.16 7.25
C PHE C 201 16.05 26.24 6.94
N SER C 202 14.85 26.75 7.12
CA SER C 202 13.64 25.98 6.91
C SER C 202 12.73 26.80 6.01
N PHE C 203 11.69 26.14 5.52
CA PHE C 203 10.73 26.78 4.63
C PHE C 203 9.57 25.85 4.41
N ILE C 204 8.44 26.41 3.97
CA ILE C 204 7.26 25.61 3.64
C ILE C 204 7.18 25.49 2.13
N ASN C 205 7.08 24.27 1.65
CA ASN C 205 6.83 23.98 0.26
C ASN C 205 5.69 22.96 0.15
N ASN C 206 4.65 23.32 -0.58
CA ASN C 206 3.49 22.47 -0.75
C ASN C 206 3.03 21.88 0.61
N SER C 207 2.58 22.76 1.51
CA SER C 207 1.97 22.41 2.81
C SER C 207 2.73 21.34 3.62
N ASP C 208 4.05 21.37 3.52
CA ASP C 208 4.91 20.52 4.31
C ASP C 208 6.17 21.27 4.67
N LEU C 209 6.81 20.82 5.75
CA LEU C 209 8.04 21.45 6.24
C LEU C 209 9.26 20.86 5.54
N TRP C 210 10.16 21.74 5.12
CA TRP C 210 11.40 21.36 4.47
C TRP C 210 12.55 22.06 5.18
N VAL C 211 13.74 21.44 5.16
CA VAL C 211 14.96 22.06 5.71
C VAL C 211 16.04 21.87 4.66
N ALA C 212 16.98 22.82 4.60
CA ALA C 212 18.10 22.75 3.68
C ALA C 212 19.32 23.41 4.28
N ASN C 213 20.49 23.11 3.72
CA ASN C 213 21.76 23.68 4.16
C ASN C 213 22.20 24.70 3.12
N ILE C 214 22.34 25.95 3.55
CA ILE C 214 22.68 27.06 2.65
C ILE C 214 24.03 26.85 2.00
N GLU C 215 24.97 26.28 2.77
CA GLU C 215 26.36 26.01 2.36
C GLU C 215 26.52 24.78 1.45
N THR C 216 25.83 23.68 1.76
CA THR C 216 25.90 22.44 0.96
C THR C 216 24.81 22.35 -0.12
N GLY C 217 23.80 23.21 -0.06
CA GLY C 217 22.68 23.16 -1.02
C GLY C 217 21.75 21.95 -0.88
N GLU C 218 21.92 21.18 0.19
CA GLU C 218 21.15 19.96 0.43
C GLU C 218 19.77 20.31 0.99
N GLU C 219 18.71 19.83 0.35
CA GLU C 219 17.31 20.02 0.79
C GLU C 219 16.82 18.72 1.39
N ARG C 220 15.86 18.81 2.32
CA ARG C 220 15.27 17.62 2.98
C ARG C 220 13.87 17.89 3.48
N ARG C 221 12.90 17.14 2.96
CA ARG C 221 11.50 17.26 3.38
C ARG C 221 11.34 16.63 4.74
N LEU C 222 10.58 17.26 5.62
CA LEU C 222 10.35 16.73 6.98
C LEU C 222 8.93 16.25 7.23
N THR C 223 7.96 16.69 6.43
CA THR C 223 6.56 16.29 6.69
C THR C 223 5.95 15.70 5.44
N PHE C 224 4.96 14.85 5.60
CA PHE C 224 4.33 14.13 4.47
C PHE C 224 2.78 14.14 4.59
N CYS C 225 2.25 15.32 4.93
CA CYS C 225 0.80 15.57 4.97
C CYS C 225 0.19 15.78 3.58
N HIS C 226 0.98 16.32 2.66
CA HIS C 226 0.54 16.58 1.28
C HIS C 226 0.73 15.33 0.43
N GLN C 227 -0.39 14.72 0.00
CA GLN C 227 -0.33 13.47 -0.77
C GLN C 227 0.25 13.68 -2.16
N GLY C 228 0.41 14.94 -2.58
CA GLY C 228 1.08 15.27 -3.85
C GLY C 228 0.13 15.59 -4.98
N LEU C 229 -1.16 15.73 -4.65
CA LEU C 229 -2.18 16.12 -5.63
C LEU C 229 -2.21 17.65 -5.53
N SER C 230 -1.81 18.36 -6.58
CA SER C 230 -1.87 19.83 -6.51
C SER C 230 -3.29 20.27 -6.13
N ASN C 231 -4.30 19.61 -6.73
CA ASN C 231 -5.73 19.82 -6.35
C ASN C 231 -5.84 19.48 -4.88
N VAL C 232 -6.50 20.33 -4.07
CA VAL C 232 -6.44 20.18 -2.60
C VAL C 232 -7.82 19.99 -1.97
N LEU C 233 -8.70 19.22 -2.61
CA LEU C 233 -9.99 18.89 -1.96
C LEU C 233 -9.79 17.59 -1.20
N ASP C 234 -9.20 16.61 -1.89
CA ASP C 234 -8.87 15.30 -1.32
C ASP C 234 -7.57 15.34 -0.51
N ASP C 235 -6.80 16.42 -0.62
CA ASP C 235 -5.52 16.58 0.09
C ASP C 235 -5.63 17.65 1.20
N PRO C 236 -6.31 17.33 2.33
CA PRO C 236 -6.61 18.45 3.23
C PRO C 236 -5.72 18.55 4.50
N LYS C 237 -4.57 17.88 4.46
CA LYS C 237 -3.66 17.88 5.57
C LYS C 237 -2.40 18.71 5.24
N SER C 238 -1.96 19.52 6.20
CA SER C 238 -0.79 20.39 6.04
C SER C 238 0.11 20.31 7.30
N ALA C 239 1.36 20.73 7.18
CA ALA C 239 2.27 20.78 8.33
C ALA C 239 3.04 22.10 8.37
N GLY C 240 3.17 22.66 9.56
CA GLY C 240 3.87 23.94 9.77
C GLY C 240 3.19 25.17 9.19
N VAL C 241 1.88 25.08 8.99
CA VAL C 241 1.13 26.12 8.27
C VAL C 241 0.02 26.72 9.13
N ALA C 242 -0.06 28.05 9.17
CA ALA C 242 -1.16 28.76 9.81
C ALA C 242 -2.33 28.76 8.81
N THR C 243 -3.52 28.30 9.23
CA THR C 243 -4.68 28.27 8.35
C THR C 243 -5.34 29.66 8.24
N PHE C 244 -6.30 29.77 7.33
CA PHE C 244 -6.92 31.07 6.99
C PHE C 244 -7.32 31.86 8.25
N VAL C 245 -8.22 31.27 9.05
CA VAL C 245 -8.74 31.95 10.24
C VAL C 245 -7.61 32.32 11.22
N ILE C 246 -6.61 31.46 11.35
CA ILE C 246 -5.45 31.77 12.17
C ILE C 246 -4.70 32.97 11.62
N GLN C 247 -4.55 33.06 10.30
CA GLN C 247 -3.89 34.21 9.69
C GLN C 247 -4.72 35.49 9.81
N GLU C 248 -5.99 35.42 9.41
CA GLU C 248 -6.87 36.59 9.34
C GLU C 248 -7.41 37.02 10.73
N GLU C 249 -7.66 36.08 11.64
CA GLU C 249 -8.28 36.44 12.91
C GLU C 249 -7.41 36.30 14.15
N PHE C 250 -6.21 35.73 14.04
CA PHE C 250 -5.32 35.59 15.21
C PHE C 250 -3.91 36.21 15.00
N ASP C 251 -3.71 36.90 13.88
CA ASP C 251 -2.46 37.57 13.59
C ASP C 251 -1.25 36.63 13.74
N ARG C 252 -1.42 35.33 13.48
CA ARG C 252 -0.29 34.38 13.43
C ARG C 252 -0.13 33.94 11.98
N PHE C 253 1.08 34.09 11.45
CA PHE C 253 1.39 33.78 10.03
C PHE C 253 2.34 32.60 9.87
N THR C 254 2.70 31.95 10.97
CA THR C 254 3.56 30.77 10.89
C THR C 254 2.98 29.61 11.67
N GLY C 255 3.35 28.40 11.25
CA GLY C 255 2.92 27.18 11.95
C GLY C 255 4.06 26.29 12.34
N TYR C 256 5.25 26.87 12.42
CA TYR C 256 6.41 26.14 12.85
C TYR C 256 7.31 27.07 13.62
N TRP C 257 8.13 26.47 14.48
CA TRP C 257 9.01 27.21 15.38
C TRP C 257 10.26 26.41 15.68
N TRP C 258 11.41 26.96 15.26
CA TRP C 258 12.69 26.37 15.54
C TRP C 258 12.94 26.26 17.04
N CYS C 259 13.47 25.10 17.43
CA CYS C 259 14.11 25.00 18.73
C CYS C 259 15.40 25.84 18.65
N PRO C 260 15.69 26.66 19.68
CA PRO C 260 16.84 27.59 19.62
C PRO C 260 18.21 27.00 19.93
N THR C 261 18.25 25.76 20.42
CA THR C 261 19.50 25.08 20.77
C THR C 261 19.59 23.70 20.13
N ALA C 262 20.83 23.26 19.93
CA ALA C 262 21.13 21.94 19.41
C ALA C 262 21.41 21.00 20.56
N SER C 263 21.27 19.69 20.31
CA SER C 263 21.58 18.66 21.32
C SER C 263 22.54 17.64 20.74
N TRP C 264 23.49 17.18 21.54
CA TRP C 264 24.52 16.24 21.12
C TRP C 264 24.38 14.94 21.89
N LEU C 270 27.33 13.26 16.17
CA LEU C 270 26.16 13.90 15.61
C LEU C 270 25.64 15.06 16.48
N LYS C 271 24.81 15.91 15.89
CA LYS C 271 23.96 16.83 16.65
C LYS C 271 22.56 16.87 16.05
N THR C 272 21.55 16.93 16.91
CA THR C 272 20.16 17.06 16.45
C THR C 272 19.72 18.52 16.50
N LEU C 273 18.83 18.85 15.59
CA LEU C 273 18.11 20.10 15.60
C LEU C 273 16.63 19.75 15.58
N ARG C 274 15.81 20.68 16.06
CA ARG C 274 14.39 20.44 16.28
C ARG C 274 13.52 21.56 15.75
N ILE C 275 12.28 21.20 15.43
CA ILE C 275 11.28 22.20 15.05
C ILE C 275 9.92 21.72 15.59
N LEU C 276 9.30 22.56 16.41
CA LEU C 276 7.92 22.33 16.86
C LEU C 276 7.04 22.80 15.71
N TYR C 277 5.97 22.07 15.39
CA TYR C 277 5.09 22.49 14.30
C TYR C 277 3.66 22.08 14.55
N GLU C 278 2.74 22.75 13.87
CA GLU C 278 1.32 22.47 14.02
C GLU C 278 0.93 21.61 12.83
N GLU C 279 0.32 20.47 13.08
CA GLU C 279 -0.20 19.63 12.00
C GLU C 279 -1.68 19.97 11.90
N VAL C 280 -2.20 20.10 10.68
CA VAL C 280 -3.59 20.53 10.50
C VAL C 280 -4.31 19.65 9.49
N ASP C 281 -5.54 19.24 9.83
CA ASP C 281 -6.42 18.47 8.95
C ASP C 281 -7.70 19.29 8.67
N GLU C 282 -7.84 19.79 7.46
CA GLU C 282 -8.99 20.65 7.08
C GLU C 282 -10.16 19.90 6.45
N SER C 283 -10.16 18.56 6.55
CA SER C 283 -11.11 17.71 5.80
C SER C 283 -12.56 18.08 6.05
N GLU C 284 -12.88 18.35 7.32
CA GLU C 284 -14.22 18.66 7.76
C GLU C 284 -14.57 20.16 7.69
N VAL C 285 -13.72 20.95 7.05
CA VAL C 285 -13.91 22.41 6.92
C VAL C 285 -14.53 22.76 5.57
N GLU C 286 -15.55 23.60 5.61
CA GLU C 286 -16.29 23.99 4.42
C GLU C 286 -15.39 24.61 3.35
N VAL C 287 -15.61 24.19 2.10
CA VAL C 287 -14.88 24.74 0.94
C VAL C 287 -15.82 25.72 0.27
N ILE C 288 -15.31 26.86 -0.17
CA ILE C 288 -16.11 27.84 -0.92
C ILE C 288 -15.26 28.22 -2.10
N HIS C 289 -15.87 28.78 -3.14
CA HIS C 289 -15.13 29.19 -4.35
C HIS C 289 -15.07 30.72 -4.48
N VAL C 290 -13.87 31.27 -4.68
CA VAL C 290 -13.68 32.71 -4.94
C VAL C 290 -13.07 32.95 -6.33
N PRO C 291 -13.49 34.01 -7.07
CA PRO C 291 -12.87 34.16 -8.39
C PRO C 291 -11.39 34.50 -8.31
N SER C 292 -10.63 33.94 -9.27
CA SER C 292 -9.17 34.14 -9.37
C SER C 292 -8.89 35.53 -9.94
N PRO C 293 -7.67 36.09 -9.69
CA PRO C 293 -7.36 37.37 -10.33
C PRO C 293 -7.22 37.31 -11.86
N ALA C 294 -6.93 36.12 -12.41
CA ALA C 294 -6.82 35.92 -13.85
C ALA C 294 -8.22 35.81 -14.44
N LEU C 295 -8.87 36.97 -14.59
CA LEU C 295 -10.27 37.04 -14.98
C LEU C 295 -10.62 36.32 -16.28
N GLU C 296 -9.67 36.31 -17.21
CA GLU C 296 -9.85 35.75 -18.57
C GLU C 296 -9.95 34.22 -18.55
N GLU C 297 -9.33 33.59 -17.56
CA GLU C 297 -9.52 32.14 -17.32
C GLU C 297 -10.92 31.78 -16.84
N ARG C 298 -11.68 32.76 -16.34
CA ARG C 298 -13.05 32.53 -15.84
C ARG C 298 -13.13 31.33 -14.89
N LYS C 299 -12.11 31.21 -14.03
CA LYS C 299 -12.01 30.14 -13.03
C LYS C 299 -11.99 30.76 -11.62
N THR C 300 -11.99 29.91 -10.60
CA THR C 300 -12.06 30.32 -9.22
C THR C 300 -11.03 29.56 -8.43
N ASP C 301 -10.79 30.02 -7.20
CA ASP C 301 -9.93 29.37 -6.25
C ASP C 301 -10.80 28.76 -5.15
N SER C 302 -10.40 27.59 -4.64
CA SER C 302 -11.07 26.90 -3.56
C SER C 302 -10.41 27.34 -2.27
N TYR C 303 -11.19 27.53 -1.21
CA TYR C 303 -10.68 27.97 0.09
C TYR C 303 -11.31 27.15 1.20
N ARG C 304 -10.53 26.68 2.15
CA ARG C 304 -11.11 26.07 3.36
C ARG C 304 -11.58 27.25 4.22
N TYR C 305 -12.89 27.46 4.29
CA TYR C 305 -13.46 28.64 4.99
C TYR C 305 -14.43 28.24 6.10
N PRO C 306 -13.92 28.26 7.35
CA PRO C 306 -14.81 27.95 8.47
C PRO C 306 -15.73 29.13 8.75
N ARG C 307 -16.99 29.01 8.36
CA ARG C 307 -17.98 30.03 8.68
C ARG C 307 -18.44 29.84 10.14
N THR C 308 -18.83 30.93 10.79
CA THR C 308 -19.34 30.90 12.16
C THR C 308 -20.23 29.68 12.42
N GLY C 309 -19.94 28.95 13.48
CA GLY C 309 -20.71 27.75 13.83
C GLY C 309 -20.33 26.48 13.10
N SER C 310 -19.48 26.55 12.09
CA SER C 310 -19.08 25.36 11.34
C SER C 310 -17.77 24.85 11.95
N LYS C 311 -17.27 23.73 11.45
CA LYS C 311 -16.04 23.14 11.99
C LYS C 311 -14.79 23.90 11.56
N ASN C 312 -13.86 24.04 12.51
CA ASN C 312 -12.52 24.60 12.29
C ASN C 312 -11.61 23.44 11.92
N PRO C 313 -10.34 23.71 11.49
CA PRO C 313 -9.50 22.54 11.21
C PRO C 313 -9.17 21.74 12.46
N LYS C 314 -9.02 20.40 12.30
CA LYS C 314 -8.50 19.55 13.37
C LYS C 314 -6.99 19.82 13.46
N ILE C 315 -6.46 20.01 14.67
CA ILE C 315 -5.07 20.48 14.88
C ILE C 315 -4.33 19.64 15.93
N ALA C 316 -3.00 19.77 15.93
CA ALA C 316 -2.13 19.10 16.91
C ALA C 316 -0.72 19.70 16.84
N LEU C 317 0.05 19.57 17.92
CA LEU C 317 1.43 20.08 17.93
C LEU C 317 2.40 18.90 17.82
N LYS C 318 3.26 18.91 16.80
CA LYS C 318 4.19 17.80 16.53
C LYS C 318 5.58 18.33 16.64
N LEU C 319 6.52 17.41 16.62
CA LEU C 319 7.90 17.72 16.78
C LEU C 319 8.65 16.96 15.68
N ALA C 320 9.42 17.67 14.88
CA ALA C 320 10.23 17.08 13.81
C ALA C 320 11.71 17.25 14.17
N GLU C 321 12.46 16.17 14.18
CA GLU C 321 13.89 16.23 14.47
C GLU C 321 14.71 15.90 13.24
N PHE C 322 15.95 16.34 13.26
CA PHE C 322 16.88 15.95 12.20
C PHE C 322 18.28 16.04 12.75
N GLN C 323 19.14 15.14 12.31
CA GLN C 323 20.52 15.11 12.82
C GLN C 323 21.45 15.51 11.70
N THR C 324 22.51 16.22 12.07
CA THR C 324 23.58 16.60 11.13
C THR C 324 24.95 16.06 11.60
N ASP C 325 25.82 15.73 10.65
CA ASP C 325 27.21 15.42 11.01
C ASP C 325 27.99 16.73 11.04
N SER C 326 29.28 16.64 11.30
CA SER C 326 30.15 17.81 11.40
C SER C 326 30.43 18.50 10.05
N GLN C 327 30.23 17.77 8.95
CA GLN C 327 30.35 18.31 7.59
C GLN C 327 29.05 19.01 7.12
N GLY C 328 27.99 18.91 7.92
CA GLY C 328 26.74 19.61 7.67
C GLY C 328 25.75 18.78 6.89
N LYS C 329 26.00 17.47 6.84
CA LYS C 329 25.16 16.55 6.10
C LYS C 329 24.00 16.15 7.01
N ILE C 330 22.79 16.22 6.49
CA ILE C 330 21.60 15.78 7.21
C ILE C 330 21.56 14.26 7.11
N VAL C 331 21.96 13.61 8.20
CA VAL C 331 22.09 12.15 8.27
C VAL C 331 20.72 11.48 8.34
N SER C 332 19.85 11.99 9.21
CA SER C 332 18.57 11.36 9.52
C SER C 332 17.55 12.39 9.97
N THR C 333 16.29 11.98 9.93
CA THR C 333 15.18 12.83 10.32
C THR C 333 14.15 11.94 10.99
N GLN C 334 13.20 12.56 11.69
CA GLN C 334 12.16 11.84 12.42
C GLN C 334 10.89 12.67 12.69
N GLU C 335 9.73 12.05 12.49
CA GLU C 335 8.44 12.67 12.78
C GLU C 335 8.05 12.25 14.21
N LYS C 336 7.82 13.21 15.11
CA LYS C 336 7.47 12.90 16.51
C LYS C 336 6.15 13.53 16.92
N GLU C 337 5.37 12.81 17.71
CA GLU C 337 4.05 13.24 18.17
C GLU C 337 3.92 13.06 19.66
N LEU C 338 3.09 13.88 20.27
CA LEU C 338 2.77 13.74 21.70
C LEU C 338 2.44 12.27 22.01
N VAL C 339 2.97 11.78 23.13
CA VAL C 339 2.78 10.40 23.59
C VAL C 339 1.30 10.01 23.73
N GLN C 340 0.45 11.00 23.98
CA GLN C 340 -1.01 10.79 23.95
C GLN C 340 -1.60 11.75 22.89
N PRO C 341 -2.85 11.49 22.44
CA PRO C 341 -3.35 12.47 21.48
C PRO C 341 -3.44 13.88 22.08
N PHE C 342 -3.14 14.88 21.27
CA PHE C 342 -3.30 16.30 21.65
C PHE C 342 -4.75 16.58 22.06
N SER C 343 -5.71 16.03 21.30
CA SER C 343 -7.15 16.19 21.60
C SER C 343 -7.56 15.58 22.97
N SER C 344 -6.92 14.48 23.36
CA SER C 344 -7.17 13.88 24.67
C SER C 344 -6.43 14.64 25.79
N LEU C 345 -5.16 14.99 25.55
CA LEU C 345 -4.33 15.75 26.51
C LEU C 345 -4.95 17.11 26.77
N PHE C 346 -5.37 17.77 25.70
CA PHE C 346 -5.94 19.11 25.78
C PHE C 346 -7.32 19.11 25.12
N PRO C 347 -8.30 18.49 25.80
CA PRO C 347 -9.60 18.27 25.14
C PRO C 347 -10.40 19.49 24.70
N LYS C 348 -10.29 20.62 25.40
CA LYS C 348 -11.09 21.82 25.11
C LYS C 348 -10.40 22.82 24.18
N VAL C 349 -9.22 22.48 23.68
CA VAL C 349 -8.45 23.42 22.83
C VAL C 349 -9.00 23.44 21.42
N GLU C 350 -9.34 24.63 20.93
CA GLU C 350 -9.88 24.83 19.57
C GLU C 350 -8.86 25.45 18.61
N TYR C 351 -8.08 26.43 19.08
CA TYR C 351 -7.08 27.09 18.22
C TYR C 351 -5.75 27.18 18.97
N ILE C 352 -4.67 27.07 18.23
CA ILE C 352 -3.34 27.27 18.79
C ILE C 352 -2.99 28.69 18.41
N ALA C 353 -3.22 29.62 19.32
CA ALA C 353 -2.90 31.02 19.07
C ALA C 353 -1.41 31.27 18.89
N ARG C 354 -0.57 30.78 19.82
CA ARG C 354 0.89 31.04 19.77
C ARG C 354 1.67 29.80 20.17
N ALA C 355 2.96 29.79 19.84
CA ALA C 355 3.85 28.69 20.17
C ALA C 355 5.31 29.20 20.16
N GLY C 356 6.20 28.41 20.73
CA GLY C 356 7.60 28.78 20.77
C GLY C 356 8.39 27.96 21.76
N TRP C 357 9.59 28.42 22.07
CA TRP C 357 10.45 27.70 22.97
C TRP C 357 11.04 28.61 24.04
N THR C 358 11.41 28.01 25.16
CA THR C 358 12.26 28.67 26.12
C THR C 358 13.62 28.87 25.45
N ARG C 359 14.45 29.76 25.98
CA ARG C 359 15.70 30.15 25.32
C ARG C 359 16.79 29.09 25.33
N ASP C 360 16.73 28.20 26.32
CA ASP C 360 17.72 27.11 26.49
C ASP C 360 17.29 25.82 25.80
N GLY C 361 16.11 25.82 25.20
CA GLY C 361 15.58 24.68 24.45
C GLY C 361 14.89 23.65 25.32
N LYS C 362 14.83 23.93 26.62
CA LYS C 362 14.34 22.97 27.62
C LYS C 362 12.88 22.64 27.38
N TYR C 363 12.02 23.65 27.24
CA TYR C 363 10.62 23.39 26.99
C TYR C 363 10.13 24.13 25.75
N ALA C 364 9.23 23.50 25.00
CA ALA C 364 8.48 24.19 23.96
C ALA C 364 7.26 24.78 24.67
N TRP C 365 6.69 25.84 24.13
CA TRP C 365 5.47 26.39 24.75
C TRP C 365 4.36 26.70 23.73
N ALA C 366 3.12 26.67 24.20
CA ALA C 366 2.01 26.96 23.34
C ALA C 366 0.93 27.71 24.11
N MET C 367 0.32 28.71 23.46
CA MET C 367 -0.81 29.47 23.98
C MET C 367 -2.10 28.87 23.38
N PHE C 368 -2.96 28.27 24.21
CA PHE C 368 -4.18 27.57 23.71
C PHE C 368 -5.40 28.44 23.92
N LEU C 369 -6.46 28.12 23.19
CA LEU C 369 -7.72 28.85 23.28
C LEU C 369 -8.91 27.93 23.02
N ASP C 370 -10.02 28.15 23.73
CA ASP C 370 -11.24 27.36 23.52
C ASP C 370 -12.08 28.03 22.43
N ARG C 371 -13.18 27.39 22.05
CA ARG C 371 -13.96 27.84 20.91
C ARG C 371 -14.66 29.19 21.19
N PRO C 372 -15.28 29.31 22.37
CA PRO C 372 -15.83 30.63 22.68
C PRO C 372 -14.80 31.74 22.84
N GLN C 373 -13.51 31.37 22.91
CA GLN C 373 -12.42 32.28 23.15
C GLN C 373 -12.66 33.08 24.41
N GLN C 374 -12.84 32.34 25.49
CA GLN C 374 -12.99 32.88 26.85
C GLN C 374 -12.11 32.17 27.88
N TRP C 375 -11.16 31.40 27.44
N TRP C 375 -11.14 31.43 27.45
CA TRP C 375 -10.33 30.58 28.31
CA TRP C 375 -10.31 30.59 28.30
C TRP C 375 -9.07 30.30 27.52
C TRP C 375 -9.06 30.31 27.51
N LEU C 376 -7.99 30.76 28.00
CA LEU C 376 -6.68 30.62 27.40
C LEU C 376 -5.75 29.88 28.38
N GLN C 377 -4.73 29.22 27.83
CA GLN C 377 -3.76 28.48 28.59
C GLN C 377 -2.35 28.54 28.01
N LEU C 378 -1.40 29.03 28.81
CA LEU C 378 0.01 28.92 28.47
C LEU C 378 0.49 27.59 29.03
N VAL C 379 1.02 26.74 28.16
CA VAL C 379 1.39 25.35 28.46
C VAL C 379 2.84 25.15 28.04
N LEU C 380 3.61 24.42 28.84
CA LEU C 380 5.00 24.03 28.51
C LEU C 380 5.02 22.58 28.02
N LEU C 381 5.69 22.32 26.90
CA LEU C 381 5.75 20.96 26.35
C LEU C 381 7.17 20.44 26.42
N PRO C 382 7.46 19.54 27.40
CA PRO C 382 8.83 18.99 27.38
C PRO C 382 9.04 18.15 26.12
N PRO C 383 10.21 18.30 25.45
CA PRO C 383 10.45 17.46 24.25
C PRO C 383 10.40 15.94 24.49
N ALA C 384 10.86 15.49 25.66
CA ALA C 384 10.75 14.06 26.06
C ALA C 384 9.32 13.58 26.06
N LEU C 385 8.37 14.51 26.11
CA LEU C 385 6.93 14.27 26.00
C LEU C 385 6.47 13.79 24.61
N PHE C 386 7.32 13.96 23.58
CA PHE C 386 6.98 13.56 22.22
C PHE C 386 7.75 12.29 21.86
N ILE C 387 7.07 11.34 21.21
CA ILE C 387 7.69 10.06 20.77
C ILE C 387 7.66 9.86 19.22
N PRO C 388 8.49 8.95 18.68
CA PRO C 388 8.42 8.74 17.24
C PRO C 388 7.07 8.24 16.78
N SER C 389 6.60 8.70 15.61
CA SER C 389 5.34 8.20 15.05
C SER C 389 5.68 6.89 14.37
N THR C 390 4.88 5.87 14.63
CA THR C 390 4.99 4.57 13.98
C THR C 390 3.58 3.97 13.87
N GLU C 391 3.32 3.31 12.74
CA GLU C 391 2.04 2.62 12.53
C GLU C 391 2.02 1.26 13.23
N ASN C 392 3.16 0.87 13.82
CA ASN C 392 3.31 -0.33 14.63
C ASN C 392 3.00 -0.02 16.09
N GLU C 393 1.90 -0.58 16.60
CA GLU C 393 1.44 -0.33 17.99
C GLU C 393 2.49 -0.77 19.01
N GLU C 394 3.12 -1.93 18.78
CA GLU C 394 4.14 -2.43 19.72
C GLU C 394 5.29 -1.42 19.86
N GLN C 395 5.69 -0.83 18.74
CA GLN C 395 6.76 0.18 18.73
C GLN C 395 6.32 1.47 19.44
N ARG C 396 5.06 1.88 19.23
CA ARG C 396 4.49 3.04 19.94
C ARG C 396 4.50 2.79 21.45
N LEU C 397 4.10 1.58 21.84
CA LEU C 397 4.09 1.21 23.27
C LEU C 397 5.50 1.16 23.85
N ALA C 398 6.46 0.70 23.05
CA ALA C 398 7.87 0.66 23.46
C ALA C 398 8.34 2.07 23.85
N SER C 399 8.10 3.03 22.96
CA SER C 399 8.43 4.46 23.21
C SER C 399 7.60 5.10 24.33
N ALA C 400 6.33 4.72 24.46
CA ALA C 400 5.44 5.23 25.51
C ALA C 400 5.88 4.77 26.89
N ARG C 401 6.30 3.51 26.98
CA ARG C 401 6.86 2.93 28.21
C ARG C 401 8.12 3.68 28.66
N ALA C 402 8.96 4.08 27.71
CA ALA C 402 10.24 4.77 27.99
C ALA C 402 10.16 6.31 28.21
N VAL C 403 8.95 6.85 28.35
CA VAL C 403 8.81 8.28 28.63
C VAL C 403 8.97 8.46 30.16
N PRO C 404 9.87 9.39 30.60
CA PRO C 404 9.92 9.54 32.06
C PRO C 404 8.55 9.86 32.64
N ARG C 405 8.29 9.25 33.78
CA ARG C 405 7.00 9.29 34.47
C ARG C 405 6.76 10.68 35.06
N ASN C 406 7.85 11.36 35.43
CA ASN C 406 7.75 12.72 35.97
C ASN C 406 7.42 13.73 34.86
N VAL C 407 7.90 13.50 33.64
CA VAL C 407 7.59 14.31 32.45
C VAL C 407 6.08 14.51 32.23
N GLN C 408 5.67 15.76 31.95
CA GLN C 408 4.26 16.10 31.72
C GLN C 408 4.07 17.52 31.15
N PRO C 409 2.86 17.82 30.62
CA PRO C 409 2.68 19.24 30.27
C PRO C 409 2.51 20.07 31.55
N TYR C 410 2.97 21.30 31.49
CA TYR C 410 2.86 22.23 32.61
C TYR C 410 2.07 23.44 32.14
N VAL C 411 0.87 23.59 32.69
CA VAL C 411 0.04 24.78 32.50
C VAL C 411 0.48 25.86 33.51
N VAL C 412 1.45 26.66 33.09
CA VAL C 412 1.95 27.77 33.89
C VAL C 412 1.02 29.00 34.03
N TYR C 413 -0.03 29.11 33.22
CA TYR C 413 -0.89 30.30 33.29
C TYR C 413 -2.23 30.06 32.62
N GLU C 414 -3.25 30.75 33.11
CA GLU C 414 -4.61 30.59 32.61
C GLU C 414 -5.36 31.92 32.75
N GLU C 415 -5.89 32.44 31.64
CA GLU C 415 -6.67 33.72 31.65
C GLU C 415 -8.15 33.37 31.36
N VAL C 416 -9.08 33.90 32.15
CA VAL C 416 -10.51 33.61 32.00
C VAL C 416 -11.34 34.92 31.95
N THR C 417 -12.41 34.95 31.15
CA THR C 417 -13.22 36.18 30.99
C THR C 417 -14.67 35.95 30.55
N ASN C 418 -15.53 36.89 30.94
CA ASN C 418 -16.94 36.95 30.51
C ASN C 418 -17.12 37.70 29.19
N VAL C 419 -16.11 38.46 28.78
CA VAL C 419 -16.13 39.22 27.53
C VAL C 419 -15.46 38.36 26.46
N TRP C 420 -14.15 38.52 26.24
CA TRP C 420 -13.38 37.63 25.35
C TRP C 420 -11.89 37.84 25.57
N ILE C 421 -11.11 36.84 25.15
CA ILE C 421 -9.65 36.86 25.27
C ILE C 421 -9.06 37.38 23.96
N ASN C 422 -8.69 38.64 23.93
CA ASN C 422 -7.82 39.16 22.90
C ASN C 422 -6.49 38.49 23.11
N VAL C 423 -5.85 38.07 22.01
CA VAL C 423 -4.56 37.37 22.08
C VAL C 423 -3.43 38.42 22.16
N HIS C 424 -2.87 38.60 23.35
CA HIS C 424 -1.69 39.43 23.53
C HIS C 424 -0.44 38.56 23.35
N ASP C 425 0.54 39.10 22.64
CA ASP C 425 1.77 38.37 22.25
C ASP C 425 2.86 38.28 23.31
N ILE C 426 2.95 39.26 24.20
CA ILE C 426 4.02 39.32 25.22
C ILE C 426 4.02 38.09 26.14
N PHE C 427 5.14 37.35 26.10
CA PHE C 427 5.35 36.20 26.97
C PHE C 427 6.85 36.01 26.95
N TYR C 428 7.52 36.38 28.03
CA TYR C 428 8.96 36.32 28.11
C TYR C 428 9.40 35.35 29.23
N PRO C 429 9.73 34.09 28.89
CA PRO C 429 10.29 33.17 29.90
C PRO C 429 11.77 33.46 30.25
N PHE C 430 12.03 33.73 31.52
CA PHE C 430 13.38 33.96 32.04
C PHE C 430 14.14 32.65 32.16
N PRO C 431 15.50 32.71 32.26
CA PRO C 431 16.20 31.44 32.40
C PRO C 431 16.05 30.97 33.80
N GLN C 432 15.78 29.69 33.97
CA GLN C 432 15.69 29.08 35.30
C GLN C 432 17.12 28.82 35.76
N SER C 433 17.42 29.11 37.02
CA SER C 433 18.75 28.83 37.55
C SER C 433 18.79 27.38 38.03
N GLU C 434 19.31 27.11 39.23
CA GLU C 434 19.36 25.74 39.79
C GLU C 434 17.92 25.17 40.00
N GLY C 435 16.93 26.08 40.01
CA GLY C 435 15.52 25.72 40.16
C GLY C 435 14.95 25.19 38.85
N GLU C 436 14.72 23.89 38.82
CA GLU C 436 14.04 23.19 37.72
C GLU C 436 12.55 23.13 38.01
N ASP C 437 12.19 23.38 39.27
CA ASP C 437 10.81 23.30 39.80
C ASP C 437 10.10 24.66 39.81
N GLU C 438 10.62 25.62 39.03
CA GLU C 438 10.05 26.95 38.91
C GLU C 438 10.24 27.48 37.48
N LEU C 439 9.28 28.26 37.00
CA LEU C 439 9.41 29.08 35.80
C LEU C 439 8.89 30.50 36.06
N CYS C 440 9.77 31.47 35.88
CA CYS C 440 9.48 32.88 36.12
C CYS C 440 9.38 33.58 34.78
N PHE C 441 8.25 34.21 34.50
CA PHE C 441 8.06 34.89 33.22
C PHE C 441 7.25 36.17 33.32
N LEU C 442 7.41 37.02 32.30
CA LEU C 442 6.56 38.22 32.16
C LEU C 442 5.41 37.84 31.24
N ARG C 443 4.25 38.45 31.47
CA ARG C 443 3.07 38.14 30.65
C ARG C 443 2.16 39.37 30.57
N ALA C 444 1.68 39.67 29.35
CA ALA C 444 0.73 40.76 29.16
C ALA C 444 -0.65 40.16 29.39
N ASN C 445 -1.36 40.64 30.42
CA ASN C 445 -2.67 40.11 30.85
C ASN C 445 -3.65 41.27 30.93
N GLU C 446 -4.82 41.10 30.30
CA GLU C 446 -5.87 42.15 30.23
C GLU C 446 -7.17 41.76 30.95
N CYS C 447 -7.43 40.46 31.08
CA CYS C 447 -8.64 39.97 31.73
C CYS C 447 -8.64 40.19 33.25
N LYS C 448 -7.47 40.37 33.83
CA LYS C 448 -7.36 40.48 35.30
C LYS C 448 -8.10 41.71 35.84
N THR C 449 -7.75 42.89 35.30
CA THR C 449 -8.30 44.18 35.72
C THR C 449 -9.15 44.93 34.70
N GLY C 450 -9.10 44.50 33.43
CA GLY C 450 -9.82 45.14 32.33
C GLY C 450 -8.89 45.83 31.34
N PHE C 451 -7.65 46.07 31.73
CA PHE C 451 -6.68 46.66 30.81
C PHE C 451 -5.44 45.78 30.73
N CYS C 452 -4.74 45.85 29.60
CA CYS C 452 -3.52 45.06 29.34
C CYS C 452 -2.33 45.67 30.07
N HIS C 453 -1.77 44.89 30.98
CA HIS C 453 -0.67 45.29 31.84
C HIS C 453 0.30 44.14 32.02
N LEU C 454 1.51 44.50 32.42
CA LEU C 454 2.62 43.56 32.56
C LEU C 454 2.66 42.99 33.98
N TYR C 455 2.85 41.69 34.07
CA TYR C 455 2.87 40.96 35.33
C TYR C 455 4.13 40.10 35.34
N LYS C 456 4.78 39.96 36.50
CA LYS C 456 5.87 38.98 36.67
C LYS C 456 5.20 37.78 37.32
N VAL C 457 5.38 36.60 36.74
CA VAL C 457 4.71 35.38 37.21
C VAL C 457 5.74 34.30 37.49
N THR C 458 5.58 33.58 38.60
CA THR C 458 6.38 32.39 38.91
C THR C 458 5.40 31.26 39.13
N ALA C 459 5.54 30.21 38.32
CA ALA C 459 4.72 29.01 38.47
C ALA C 459 5.60 27.87 38.99
N VAL C 460 5.02 27.01 39.79
CA VAL C 460 5.74 25.92 40.41
C VAL C 460 5.54 24.67 39.55
N LEU C 461 6.64 24.14 39.00
CA LEU C 461 6.59 22.88 38.23
C LEU C 461 6.87 21.69 39.14
N LYS C 462 5.80 21.04 39.57
CA LYS C 462 5.87 19.79 40.35
C LYS C 462 5.17 18.66 39.56
N SER C 463 5.97 17.68 39.13
CA SER C 463 5.49 16.48 38.39
C SER C 463 4.57 15.61 39.22
N GLN C 464 3.32 15.42 38.78
CA GLN C 464 2.38 14.53 39.50
C GLN C 464 2.73 13.05 39.23
N GLY C 465 3.55 12.79 38.21
CA GLY C 465 3.92 11.43 37.84
C GLY C 465 2.77 10.79 37.07
N TYR C 466 3.03 10.36 35.84
CA TYR C 466 1.98 9.71 35.03
C TYR C 466 2.48 8.45 34.36
N ASP C 467 1.56 7.49 34.11
CA ASP C 467 1.85 6.29 33.32
C ASP C 467 1.41 6.61 31.89
N TRP C 468 2.38 6.95 31.03
CA TRP C 468 2.09 7.40 29.66
C TRP C 468 1.82 6.27 28.69
N SER C 469 2.25 5.06 29.02
CA SER C 469 1.88 3.87 28.25
C SER C 469 0.37 3.54 28.31
N GLU C 470 -0.30 3.88 29.42
CA GLU C 470 -1.77 3.75 29.56
C GLU C 470 -2.46 5.03 29.10
N PRO C 471 -3.65 4.91 28.43
CA PRO C 471 -4.32 6.16 28.08
C PRO C 471 -5.19 6.64 29.24
N PHE C 472 -5.27 7.95 29.43
CA PHE C 472 -6.12 8.51 30.49
C PHE C 472 -6.82 9.79 30.01
N SER C 473 -7.88 10.16 30.72
CA SER C 473 -8.62 11.41 30.45
C SER C 473 -8.37 12.42 31.57
N PRO C 474 -7.63 13.53 31.29
CA PRO C 474 -7.37 14.44 32.41
C PRO C 474 -8.59 15.20 32.90
N GLY C 475 -8.60 15.50 34.21
CA GLY C 475 -9.66 16.31 34.85
C GLY C 475 -9.71 17.76 34.39
N GLU C 476 -10.50 18.58 35.08
CA GLU C 476 -10.73 19.98 34.68
C GLU C 476 -9.50 20.88 34.89
N ASP C 477 -8.68 20.59 35.91
CA ASP C 477 -7.45 21.36 36.18
C ASP C 477 -6.26 20.42 36.37
N GLU C 478 -6.00 19.60 35.35
CA GLU C 478 -5.06 18.49 35.44
C GLU C 478 -3.60 18.91 35.56
N PHE C 479 -3.14 19.70 34.59
CA PHE C 479 -1.74 20.14 34.52
C PHE C 479 -1.52 21.52 35.13
N LYS C 480 -2.62 22.15 35.60
CA LYS C 480 -2.57 23.51 36.17
C LYS C 480 -1.61 23.62 37.34
N CYS C 481 -0.38 24.10 37.06
CA CYS C 481 0.60 24.44 38.09
C CYS C 481 0.01 25.43 39.08
N PRO C 482 0.46 25.37 40.35
CA PRO C 482 0.07 26.45 41.23
C PRO C 482 1.02 27.65 41.00
N ILE C 483 0.56 28.85 41.30
CA ILE C 483 1.31 30.10 41.06
C ILE C 483 1.98 30.44 42.40
N LYS C 484 3.31 30.54 42.43
CA LYS C 484 4.01 30.91 43.68
C LYS C 484 3.79 32.40 43.99
N GLU C 485 3.87 33.24 42.97
CA GLU C 485 3.59 34.68 43.11
C GLU C 485 3.19 35.28 41.78
N GLU C 486 2.51 36.42 41.84
CA GLU C 486 2.09 37.15 40.62
C GLU C 486 2.11 38.63 40.95
N ILE C 487 3.07 39.36 40.40
CA ILE C 487 3.18 40.78 40.73
C ILE C 487 2.86 41.63 39.51
N ALA C 488 2.07 42.69 39.72
CA ALA C 488 1.74 43.67 38.67
C ALA C 488 2.86 44.68 38.51
N LEU C 489 3.46 44.76 37.32
CA LEU C 489 4.53 45.75 37.03
C LEU C 489 3.91 47.08 36.54
N THR C 490 2.64 47.04 36.15
CA THR C 490 1.91 48.19 35.63
C THR C 490 0.43 48.03 36.06
N SER C 491 -0.22 49.16 36.24
CA SER C 491 -1.61 49.20 36.62
C SER C 491 -2.14 50.57 36.20
N GLY C 492 -3.46 50.67 36.08
CA GLY C 492 -4.13 51.96 35.81
C GLY C 492 -5.09 51.86 34.65
N GLU C 493 -5.84 52.95 34.44
CA GLU C 493 -6.85 53.04 33.37
C GLU C 493 -6.22 53.37 31.99
N TRP C 494 -5.39 52.46 31.52
CA TRP C 494 -4.62 52.64 30.30
C TRP C 494 -4.00 51.28 29.98
N GLU C 495 -3.36 51.15 28.83
CA GLU C 495 -2.87 49.82 28.47
C GLU C 495 -1.47 49.77 27.89
N VAL C 496 -0.85 48.62 28.17
CA VAL C 496 0.38 48.19 27.53
C VAL C 496 0.05 47.60 26.15
N LEU C 497 0.85 47.98 25.14
CA LEU C 497 0.64 47.56 23.76
C LEU C 497 1.32 46.25 23.57
N ALA C 498 0.57 45.25 23.12
CA ALA C 498 1.06 43.88 23.05
C ALA C 498 0.59 43.09 21.85
N ARG C 499 -0.06 43.74 20.89
CA ARG C 499 -0.59 43.06 19.68
C ARG C 499 -0.07 43.75 18.42
N HIS C 500 -0.21 43.04 17.30
CA HIS C 500 0.07 43.63 15.97
C HIS C 500 1.48 44.23 15.90
N GLY C 501 2.45 43.48 16.39
CA GLY C 501 3.85 43.88 16.34
C GLY C 501 4.33 44.65 17.55
N SER C 502 3.43 45.08 18.43
CA SER C 502 3.85 45.80 19.63
C SER C 502 4.52 44.77 20.52
N LYS C 503 5.63 45.14 21.16
CA LYS C 503 6.39 44.18 21.98
C LYS C 503 7.12 44.85 23.12
N ILE C 504 7.79 44.03 23.93
CA ILE C 504 8.64 44.50 25.02
C ILE C 504 10.09 44.13 24.75
N TRP C 505 11.01 44.87 25.37
CA TRP C 505 12.43 44.57 25.31
C TRP C 505 12.86 44.45 26.76
N VAL C 506 13.49 43.33 27.10
CA VAL C 506 13.85 43.05 28.49
C VAL C 506 15.37 43.02 28.62
N ASN C 507 15.90 43.90 29.47
CA ASN C 507 17.33 43.93 29.80
C ASN C 507 17.49 43.18 31.13
N GLU C 508 18.26 42.10 31.09
CA GLU C 508 18.45 41.26 32.29
C GLU C 508 19.60 41.69 33.22
N GLU C 509 20.59 42.42 32.72
CA GLU C 509 21.63 43.01 33.59
C GLU C 509 21.00 44.07 34.50
N THR C 510 20.18 44.94 33.91
CA THR C 510 19.61 46.09 34.63
C THR C 510 18.24 45.82 35.25
N LYS C 511 17.68 44.64 34.98
CA LYS C 511 16.35 44.25 35.48
C LYS C 511 15.20 45.18 35.03
N LEU C 512 15.35 45.76 33.85
CA LEU C 512 14.35 46.71 33.33
C LEU C 512 13.61 46.13 32.13
N VAL C 513 12.32 46.43 32.04
CA VAL C 513 11.52 46.05 30.87
C VAL C 513 11.06 47.35 30.19
N TYR C 514 11.31 47.43 28.89
CA TYR C 514 10.91 48.57 28.06
C TYR C 514 9.66 48.13 27.30
N PHE C 515 8.66 49.00 27.23
CA PHE C 515 7.39 48.71 26.51
C PHE C 515 6.77 49.98 25.92
N GLN C 516 5.72 49.79 25.13
CA GLN C 516 4.94 50.90 24.59
C GLN C 516 3.58 50.91 25.27
N GLY C 517 2.98 52.10 25.40
CA GLY C 517 1.71 52.22 26.07
C GLY C 517 0.98 53.54 25.83
N THR C 518 -0.25 53.60 26.34
CA THR C 518 -1.13 54.78 26.24
C THR C 518 -1.25 55.51 27.59
N LYS C 519 -0.35 55.22 28.53
CA LYS C 519 -0.46 55.72 29.90
C LYS C 519 -0.62 57.22 29.90
N ASP C 520 0.14 57.90 29.04
CA ASP C 520 0.03 59.35 28.96
C ASP C 520 -1.32 59.75 28.36
N THR C 521 -1.74 59.08 27.29
CA THR C 521 -3.02 59.40 26.66
C THR C 521 -3.39 58.32 25.67
N PRO C 522 -4.71 58.01 25.53
CA PRO C 522 -5.12 57.01 24.50
C PRO C 522 -4.80 57.37 23.05
N LEU C 523 -4.51 58.64 22.78
CA LEU C 523 -4.26 59.15 21.44
C LEU C 523 -2.77 59.13 21.06
N GLU C 524 -1.90 58.62 21.91
CA GLU C 524 -0.46 58.64 21.63
C GLU C 524 0.18 57.35 22.15
N HIS C 525 0.89 56.63 21.30
CA HIS C 525 1.67 55.47 21.75
C HIS C 525 3.03 55.92 22.22
N HIS C 526 3.40 55.61 23.47
CA HIS C 526 4.68 56.09 24.02
C HIS C 526 5.58 54.96 24.51
N LEU C 527 6.88 55.23 24.51
CA LEU C 527 7.87 54.31 25.06
C LEU C 527 8.08 54.54 26.57
N TYR C 528 7.87 53.49 27.36
CA TYR C 528 8.08 53.52 28.83
C TYR C 528 9.09 52.46 29.28
N VAL C 529 9.64 52.66 30.47
CA VAL C 529 10.51 51.66 31.13
C VAL C 529 10.13 51.53 32.60
N VAL C 530 10.22 50.28 33.09
CA VAL C 530 9.89 49.96 34.49
C VAL C 530 10.74 48.76 34.90
N SER C 531 11.03 48.67 36.19
CA SER C 531 11.83 47.58 36.72
C SER C 531 10.96 46.36 36.85
N TYR C 532 11.49 45.20 36.48
CA TYR C 532 10.75 43.95 36.71
C TYR C 532 11.12 43.32 38.03
N GLU C 533 12.18 43.83 38.66
CA GLU C 533 12.59 43.43 39.99
C GLU C 533 11.73 44.14 41.02
N ALA C 534 11.70 45.47 40.88
CA ALA C 534 11.05 46.40 41.83
C ALA C 534 10.06 47.33 41.12
N ALA C 535 8.85 46.83 40.92
CA ALA C 535 7.81 47.56 40.18
C ALA C 535 7.37 48.91 40.83
N GLY C 536 8.13 49.97 40.55
CA GLY C 536 7.78 51.31 41.01
C GLY C 536 7.56 52.24 39.85
N GLU C 537 8.58 53.04 39.56
CA GLU C 537 8.43 54.22 38.74
C GLU C 537 8.52 53.86 37.26
N ILE C 538 7.46 54.21 36.54
CA ILE C 538 7.44 54.14 35.10
C ILE C 538 8.04 55.45 34.57
N VAL C 539 9.10 55.35 33.78
CA VAL C 539 9.75 56.50 33.15
C VAL C 539 9.45 56.52 31.66
N ARG C 540 8.80 57.59 31.18
CA ARG C 540 8.51 57.76 29.74
C ARG C 540 9.77 58.24 29.03
N LEU C 541 10.12 57.61 27.91
CA LEU C 541 11.32 57.99 27.15
C LEU C 541 11.00 58.76 25.86
N THR C 542 9.72 58.97 25.57
CA THR C 542 9.32 59.61 24.32
C THR C 542 8.70 61.00 24.57
N THR C 543 8.91 61.94 23.64
CA THR C 543 8.41 63.33 23.74
C THR C 543 6.88 63.36 23.67
N PRO C 544 6.21 64.07 24.61
CA PRO C 544 4.75 64.12 24.45
C PRO C 544 4.30 65.02 23.29
N GLY C 545 3.03 64.92 22.92
CA GLY C 545 2.46 65.66 21.78
C GLY C 545 2.53 64.89 20.46
N PHE C 546 3.17 63.72 20.46
CA PHE C 546 3.37 62.87 19.28
C PHE C 546 3.12 61.43 19.65
N SER C 547 2.76 60.62 18.65
CA SER C 547 2.52 59.18 18.81
C SER C 547 3.65 58.40 18.17
N HIS C 548 4.28 57.53 18.95
CA HIS C 548 5.57 56.95 18.55
C HIS C 548 5.49 55.45 18.29
N SER C 549 6.35 54.98 17.39
CA SER C 549 6.55 53.58 17.05
C SER C 549 8.01 53.23 17.13
N CYS C 550 8.39 52.62 18.25
CA CYS C 550 9.80 52.41 18.61
C CYS C 550 10.34 50.97 18.49
N SER C 551 11.67 50.90 18.43
CA SER C 551 12.44 49.66 18.36
C SER C 551 13.74 49.90 19.13
N MET C 552 13.95 49.09 20.18
CA MET C 552 15.11 49.18 21.08
C MET C 552 16.29 48.40 20.51
N SER C 553 17.50 48.86 20.81
CA SER C 553 18.73 48.10 20.53
C SER C 553 18.78 46.93 21.51
N GLN C 554 19.21 45.75 21.05
CA GLN C 554 19.33 44.60 21.99
C GLN C 554 20.36 44.88 23.07
N ASN C 555 21.31 45.76 22.76
CA ASN C 555 22.31 46.25 23.71
C ASN C 555 21.77 47.38 24.62
N PHE C 556 20.55 47.85 24.35
CA PHE C 556 19.85 48.86 25.18
C PHE C 556 20.64 50.18 25.36
N ASP C 557 21.44 50.51 24.33
CA ASP C 557 22.29 51.72 24.34
C ASP C 557 21.60 52.85 23.55
N MET C 558 20.81 52.49 22.54
CA MET C 558 20.07 53.45 21.74
C MET C 558 18.77 52.86 21.20
N PHE C 559 17.84 53.73 20.82
CA PHE C 559 16.60 53.29 20.20
C PHE C 559 16.19 54.22 19.04
N VAL C 560 15.30 53.72 18.19
CA VAL C 560 14.70 54.50 17.13
C VAL C 560 13.28 54.80 17.57
N SER C 561 12.79 55.98 17.20
CA SER C 561 11.32 56.27 17.20
C SER C 561 10.82 56.86 15.89
N HIS C 562 9.83 56.21 15.30
CA HIS C 562 9.10 56.70 14.14
C HIS C 562 7.75 57.26 14.63
N TYR C 563 7.56 58.57 14.45
CA TYR C 563 6.50 59.25 15.18
C TYR C 563 5.96 60.40 14.40
N SER C 564 4.80 60.88 14.84
CA SER C 564 4.11 61.96 14.16
C SER C 564 2.99 62.55 15.03
N SER C 565 2.43 63.67 14.57
CA SER C 565 1.16 64.19 15.08
C SER C 565 0.15 64.41 13.95
N VAL C 566 -1.10 64.66 14.34
CA VAL C 566 -2.17 65.02 13.41
C VAL C 566 -1.80 66.21 12.52
N SER C 567 -1.10 67.17 13.08
CA SER C 567 -0.64 68.39 12.36
C SER C 567 0.71 68.30 11.64
N THR C 568 1.52 67.28 11.96
CA THR C 568 2.94 67.20 11.50
C THR C 568 3.27 65.83 10.91
N PRO C 569 4.00 65.78 9.78
CA PRO C 569 4.28 64.52 9.14
C PRO C 569 5.33 63.68 9.90
N PRO C 570 5.43 62.38 9.60
CA PRO C 570 6.29 61.49 10.38
C PRO C 570 7.81 61.71 10.23
N CYS C 571 8.50 61.60 11.36
CA CYS C 571 9.97 61.70 11.49
C CYS C 571 10.49 60.36 12.05
N VAL C 572 11.72 60.00 11.74
CA VAL C 572 12.37 58.86 12.39
C VAL C 572 13.68 59.39 12.96
N HIS C 573 13.77 59.41 14.29
CA HIS C 573 14.96 59.92 14.96
C HIS C 573 15.62 58.77 15.74
N VAL C 574 16.94 58.83 15.81
CA VAL C 574 17.71 57.91 16.59
C VAL C 574 18.08 58.61 17.90
N TYR C 575 17.85 57.88 19.01
CA TYR C 575 18.09 58.37 20.39
C TYR C 575 19.08 57.49 21.17
N LYS C 576 20.10 58.12 21.74
CA LYS C 576 21.04 57.43 22.63
C LYS C 576 20.50 57.54 24.05
N LEU C 577 20.54 56.45 24.81
CA LEU C 577 20.22 56.48 26.24
C LEU C 577 21.52 56.74 27.02
N SER C 578 21.59 57.92 27.63
CA SER C 578 22.81 58.43 28.27
C SER C 578 22.59 58.64 29.76
N GLY C 579 23.65 58.46 30.55
CA GLY C 579 23.63 58.68 32.00
C GLY C 579 24.49 57.69 32.79
N PRO C 580 24.53 57.86 34.14
CA PRO C 580 25.28 56.95 34.99
C PRO C 580 24.76 55.51 34.98
N ASP C 581 25.66 54.53 34.83
CA ASP C 581 25.27 53.12 34.78
C ASP C 581 24.77 52.57 36.10
N ASP C 582 25.01 53.28 37.21
CA ASP C 582 24.41 52.95 38.52
C ASP C 582 22.92 53.36 38.70
N ASP C 583 22.35 54.10 37.74
CA ASP C 583 20.92 54.48 37.75
C ASP C 583 20.29 54.23 36.37
N PRO C 584 20.14 52.95 35.97
CA PRO C 584 19.67 52.67 34.60
C PRO C 584 18.23 53.09 34.30
N LEU C 585 17.35 53.02 35.29
CA LEU C 585 15.96 53.43 35.10
C LEU C 585 15.82 54.89 34.65
N HIS C 586 16.81 55.72 34.99
CA HIS C 586 16.78 57.15 34.67
C HIS C 586 17.82 57.57 33.64
N LYS C 587 18.14 56.68 32.71
CA LYS C 587 18.96 57.04 31.54
C LYS C 587 18.16 58.07 30.74
N GLN C 588 18.80 59.09 30.20
CA GLN C 588 18.07 60.15 29.47
C GLN C 588 18.12 59.87 27.96
N PRO C 589 16.95 59.83 27.28
CA PRO C 589 17.06 59.73 25.84
C PRO C 589 17.55 61.06 25.27
N ARG C 590 18.70 61.02 24.60
CA ARG C 590 19.28 62.20 23.93
C ARG C 590 19.21 62.00 22.43
N PHE C 591 18.70 63.00 21.71
CA PHE C 591 18.62 62.95 20.24
C PHE C 591 20.01 62.76 19.65
N TRP C 592 20.18 61.73 18.84
CA TRP C 592 21.46 61.42 18.24
C TRP C 592 21.51 61.82 16.78
N ALA C 593 20.53 61.37 16.01
CA ALA C 593 20.43 61.73 14.60
C ALA C 593 19.04 61.45 14.06
N SER C 594 18.78 61.99 12.87
CA SER C 594 17.54 61.76 12.12
C SER C 594 17.74 60.82 10.93
N MET C 595 16.73 60.02 10.66
CA MET C 595 16.70 59.13 9.48
C MET C 595 15.63 59.56 8.49
N MET C 596 14.73 60.44 8.91
CA MET C 596 13.65 60.90 8.04
C MET C 596 13.08 62.17 8.67
N GLU C 597 13.16 63.29 7.95
CA GLU C 597 12.55 64.54 8.42
C GLU C 597 11.13 64.70 7.89
N ALA C 598 10.40 65.65 8.47
CA ALA C 598 8.99 65.89 8.14
C ALA C 598 8.82 66.10 6.63
N ALA C 599 7.85 65.40 6.04
CA ALA C 599 7.60 65.48 4.58
C ALA C 599 7.06 66.86 4.16
N SER C 600 7.23 67.19 2.87
CA SER C 600 6.75 68.47 2.29
C SER C 600 5.44 68.28 1.52
N ASP C 604 -1.81 72.46 0.22
CA ASP C 604 -3.20 72.03 0.01
C ASP C 604 -3.77 71.13 1.13
N TYR C 605 -2.92 70.69 2.07
CA TYR C 605 -3.36 69.86 3.19
C TYR C 605 -3.65 70.68 4.45
N VAL C 606 -4.78 70.39 5.10
CA VAL C 606 -5.20 71.02 6.37
C VAL C 606 -5.52 69.90 7.41
N PRO C 607 -4.66 69.76 8.44
CA PRO C 607 -4.81 68.79 9.50
C PRO C 607 -6.19 68.84 10.14
N PRO C 608 -6.76 67.66 10.45
CA PRO C 608 -7.97 67.61 11.22
C PRO C 608 -7.68 68.05 12.65
N GLU C 609 -8.73 68.18 13.43
CA GLU C 609 -8.63 68.60 14.85
C GLU C 609 -9.25 67.52 15.70
N ILE C 610 -8.52 67.16 16.75
CA ILE C 610 -9.04 66.14 17.69
C ILE C 610 -9.85 66.82 18.81
N PHE C 611 -10.98 66.22 19.17
CA PHE C 611 -11.85 66.70 20.24
C PHE C 611 -12.40 65.50 21.00
N HIS C 612 -13.08 65.78 22.10
CA HIS C 612 -13.71 64.76 22.91
C HIS C 612 -14.99 65.29 23.47
N PHE C 613 -15.91 64.38 23.73
CA PHE C 613 -17.16 64.71 24.41
C PHE C 613 -17.58 63.52 25.26
N HIS C 614 -18.65 63.72 26.03
CA HIS C 614 -19.22 62.64 26.86
C HIS C 614 -20.62 62.28 26.39
N THR C 615 -20.90 60.98 26.33
CA THR C 615 -22.24 60.50 25.96
C THR C 615 -23.22 60.75 27.11
N ARG C 616 -24.51 60.59 26.86
CA ARG C 616 -25.52 60.77 27.92
C ARG C 616 -25.37 59.72 29.04
N SER C 617 -24.73 58.60 28.72
CA SER C 617 -24.35 57.56 29.71
C SER C 617 -23.06 57.94 30.46
N ASP C 618 -22.47 59.07 30.07
CA ASP C 618 -21.28 59.68 30.69
C ASP C 618 -19.98 58.93 30.33
N VAL C 619 -19.87 58.54 29.07
CA VAL C 619 -18.66 57.87 28.56
C VAL C 619 -17.94 58.89 27.68
N ARG C 620 -16.61 58.95 27.80
CA ARG C 620 -15.78 59.88 27.04
C ARG C 620 -15.40 59.26 25.71
N LEU C 621 -15.88 59.87 24.62
CA LEU C 621 -15.61 59.41 23.25
C LEU C 621 -14.76 60.46 22.55
N TYR C 622 -13.74 60.03 21.82
CA TYR C 622 -12.89 60.97 21.08
C TYR C 622 -13.41 61.06 19.66
N GLY C 623 -13.12 62.18 19.00
CA GLY C 623 -13.62 62.40 17.66
C GLY C 623 -12.60 63.19 16.88
N MET C 624 -12.82 63.33 15.58
CA MET C 624 -11.92 64.08 14.72
C MET C 624 -12.72 64.88 13.71
N ILE C 625 -12.34 66.14 13.46
CA ILE C 625 -13.01 66.91 12.42
C ILE C 625 -12.07 67.60 11.45
N TYR C 626 -12.40 67.49 10.17
CA TYR C 626 -11.75 68.22 9.09
C TYR C 626 -12.71 69.35 8.72
N LYS C 627 -12.36 70.57 9.09
CA LYS C 627 -13.24 71.74 8.81
C LYS C 627 -13.23 72.03 7.30
N PRO C 628 -14.35 72.51 6.74
CA PRO C 628 -14.27 72.97 5.36
C PRO C 628 -13.17 74.04 5.18
N HIS C 629 -12.40 73.89 4.10
CA HIS C 629 -11.29 74.79 3.82
C HIS C 629 -11.86 76.15 3.45
N ALA C 630 -11.06 77.20 3.61
CA ALA C 630 -11.58 78.58 3.52
C ALA C 630 -13.02 78.72 4.04
N LEU C 631 -13.25 78.21 5.25
CA LEU C 631 -14.54 78.32 5.92
C LEU C 631 -14.95 79.78 6.14
N GLN C 632 -16.24 80.03 6.01
CA GLN C 632 -16.83 81.35 6.27
C GLN C 632 -17.87 81.13 7.36
N PRO C 633 -17.56 81.56 8.61
CA PRO C 633 -18.49 81.33 9.72
C PRO C 633 -19.92 81.84 9.46
N GLY C 634 -20.91 81.05 9.90
CA GLY C 634 -22.33 81.26 9.57
C GLY C 634 -22.90 80.32 8.52
N LYS C 635 -22.05 79.79 7.65
CA LYS C 635 -22.47 78.81 6.64
C LYS C 635 -22.62 77.44 7.30
N LYS C 636 -23.62 76.69 6.85
CA LYS C 636 -23.86 75.31 7.25
C LYS C 636 -23.48 74.45 6.05
N HIS C 637 -22.53 73.54 6.24
CA HIS C 637 -21.93 72.76 5.14
C HIS C 637 -22.47 71.34 5.08
N PRO C 638 -22.54 70.76 3.86
CA PRO C 638 -22.95 69.36 3.84
C PRO C 638 -21.86 68.56 4.56
N THR C 639 -22.21 67.43 5.15
CA THR C 639 -21.24 66.73 5.98
C THR C 639 -21.16 65.25 5.62
N VAL C 640 -19.96 64.70 5.75
CA VAL C 640 -19.72 63.26 5.58
C VAL C 640 -19.20 62.65 6.89
N LEU C 641 -20.00 61.80 7.51
CA LEU C 641 -19.58 61.01 8.67
C LEU C 641 -18.77 59.79 8.19
N PHE C 642 -17.44 59.90 8.21
CA PHE C 642 -16.56 58.79 7.84
C PHE C 642 -16.43 57.83 9.02
N VAL C 643 -16.54 56.54 8.79
CA VAL C 643 -16.59 55.60 9.91
C VAL C 643 -15.92 54.27 9.61
N TYR C 644 -15.57 53.59 10.69
CA TYR C 644 -15.22 52.17 10.69
C TYR C 644 -16.03 51.55 11.82
N GLY C 645 -15.71 51.93 13.06
CA GLY C 645 -16.49 51.57 14.26
C GLY C 645 -16.49 50.12 14.70
N GLY C 646 -15.49 49.35 14.27
CA GLY C 646 -15.42 47.91 14.59
C GLY C 646 -14.28 47.60 15.54
N PRO C 647 -14.23 46.35 16.10
CA PRO C 647 -13.13 46.07 17.01
C PRO C 647 -11.76 46.03 16.38
N GLN C 648 -10.75 46.23 17.21
CA GLN C 648 -9.32 46.18 16.87
C GLN C 648 -8.82 47.39 16.12
N VAL C 649 -9.62 48.46 16.05
CA VAL C 649 -9.20 49.65 15.26
C VAL C 649 -9.52 50.92 16.03
N GLN C 650 -8.59 51.88 15.96
CA GLN C 650 -8.75 53.21 16.57
C GLN C 650 -8.46 54.24 15.49
N LEU C 651 -9.52 54.86 14.97
CA LEU C 651 -9.41 55.86 13.88
C LEU C 651 -8.87 57.18 14.41
N VAL C 652 -9.40 57.60 15.55
CA VAL C 652 -9.05 58.89 16.17
C VAL C 652 -7.90 58.71 17.17
N ASN C 653 -6.74 59.22 16.77
CA ASN C 653 -5.53 59.20 17.59
C ASN C 653 -4.66 60.31 17.10
N ASN C 654 -3.68 60.71 17.90
CA ASN C 654 -2.82 61.84 17.56
C ASN C 654 -1.64 61.37 16.75
N SER C 655 -1.88 61.15 15.46
CA SER C 655 -0.82 60.85 14.48
C SER C 655 -1.27 61.35 13.13
N PHE C 656 -0.32 61.47 12.21
CA PHE C 656 -0.58 62.02 10.88
C PHE C 656 -1.57 61.16 10.10
N LYS C 657 -2.63 61.79 9.60
CA LYS C 657 -3.66 61.06 8.85
C LYS C 657 -3.59 61.34 7.35
N GLY C 658 -2.69 62.23 6.95
CA GLY C 658 -2.62 62.69 5.55
C GLY C 658 -2.31 61.63 4.51
N ILE C 659 -1.55 60.62 4.90
CA ILE C 659 -1.09 59.59 3.95
C ILE C 659 -2.23 58.69 3.50
N LYS C 660 -2.96 58.08 4.43
CA LYS C 660 -4.03 57.12 4.08
C LYS C 660 -5.43 57.75 4.03
N TYR C 661 -5.59 58.98 4.52
CA TYR C 661 -6.91 59.63 4.55
C TYR C 661 -6.87 60.94 3.79
N LEU C 662 -6.14 60.93 2.68
CA LEU C 662 -6.02 62.10 1.82
C LEU C 662 -7.40 62.50 1.34
N ARG C 663 -8.19 61.52 0.91
CA ARG C 663 -9.52 61.73 0.35
C ARG C 663 -10.42 62.50 1.29
N LEU C 664 -10.23 62.33 2.61
CA LEU C 664 -11.00 63.09 3.60
C LEU C 664 -10.67 64.59 3.51
N ASN C 665 -9.39 64.92 3.39
CA ASN C 665 -8.96 66.30 3.16
C ASN C 665 -9.47 66.83 1.82
N THR C 666 -9.40 65.99 0.79
CA THR C 666 -9.96 66.34 -0.51
C THR C 666 -11.44 66.73 -0.40
N LEU C 667 -12.21 65.93 0.33
CA LEU C 667 -13.60 66.26 0.60
C LEU C 667 -13.70 67.64 1.25
N ALA C 668 -12.85 67.88 2.25
CA ALA C 668 -12.81 69.16 2.93
C ALA C 668 -12.45 70.33 2.02
N SER C 669 -11.50 70.12 1.11
CA SER C 669 -11.14 71.15 0.13
C SER C 669 -12.32 71.57 -0.76
N LEU C 670 -13.23 70.65 -1.05
CA LEU C 670 -14.45 70.94 -1.82
C LEU C 670 -15.54 71.54 -0.97
N GLY C 671 -15.40 71.52 0.35
CA GLY C 671 -16.36 72.20 1.22
C GLY C 671 -17.19 71.29 2.10
N TYR C 672 -16.90 70.00 2.04
CA TYR C 672 -17.58 69.04 2.90
C TYR C 672 -16.96 69.11 4.30
N ALA C 673 -17.81 69.01 5.31
CA ALA C 673 -17.33 68.82 6.69
C ALA C 673 -17.16 67.32 6.89
N VAL C 674 -15.99 66.89 7.35
CA VAL C 674 -15.71 65.44 7.56
C VAL C 674 -15.53 65.19 9.02
N VAL C 675 -16.36 64.28 9.54
CA VAL C 675 -16.43 63.95 10.97
C VAL C 675 -16.07 62.47 11.20
N VAL C 676 -15.12 62.21 12.10
CA VAL C 676 -14.75 60.83 12.48
C VAL C 676 -14.90 60.62 13.99
N ILE C 677 -15.70 59.63 14.39
CA ILE C 677 -15.96 59.33 15.81
C ILE C 677 -15.52 57.89 16.14
N ASP C 678 -14.76 57.71 17.22
CA ASP C 678 -14.46 56.37 17.77
C ASP C 678 -15.48 55.97 18.86
N GLY C 679 -16.52 55.26 18.48
CA GLY C 679 -17.57 54.83 19.41
C GLY C 679 -17.19 53.59 20.21
N ARG C 680 -18.06 53.20 21.14
CA ARG C 680 -17.81 52.04 22.00
C ARG C 680 -17.65 50.81 21.12
N GLY C 681 -16.62 50.00 21.41
CA GLY C 681 -16.20 48.88 20.57
C GLY C 681 -14.80 49.08 19.99
N SER C 682 -14.41 50.33 19.76
CA SER C 682 -13.06 50.67 19.26
C SER C 682 -11.98 50.32 20.32
N CYS C 683 -10.72 50.17 19.89
CA CYS C 683 -9.64 49.69 20.78
C CYS C 683 -8.80 50.82 21.43
N GLN C 684 -7.76 50.41 22.17
CA GLN C 684 -6.84 51.22 23.01
C GLN C 684 -7.58 51.96 24.13
N ARG C 685 -8.70 51.39 24.58
CA ARG C 685 -9.50 51.98 25.66
C ARG C 685 -9.89 50.93 26.69
N GLY C 686 -9.23 49.76 26.67
CA GLY C 686 -9.51 48.68 27.62
C GLY C 686 -10.62 47.73 27.17
N LEU C 687 -10.65 46.55 27.77
CA LEU C 687 -11.59 45.47 27.39
C LEU C 687 -13.08 45.85 27.49
N ARG C 688 -13.45 46.60 28.53
CA ARG C 688 -14.86 46.94 28.77
C ARG C 688 -15.44 47.88 27.73
N PHE C 689 -14.66 48.88 27.34
CA PHE C 689 -15.09 49.88 26.34
C PHE C 689 -15.43 49.18 25.04
N GLU C 690 -14.52 48.28 24.65
CA GLU C 690 -14.67 47.41 23.48
C GLU C 690 -15.84 46.44 23.66
N GLY C 691 -15.99 45.92 24.88
CA GLY C 691 -17.02 44.94 25.23
C GLY C 691 -18.47 45.35 25.10
N ALA C 692 -18.74 46.64 24.92
CA ALA C 692 -20.09 47.12 24.64
C ALA C 692 -20.77 46.47 23.40
N LEU C 693 -19.99 46.00 22.43
CA LEU C 693 -20.55 45.32 21.25
C LEU C 693 -20.95 43.86 21.50
N LYS C 694 -20.61 43.30 22.66
CA LYS C 694 -20.76 41.85 22.84
C LYS C 694 -22.19 41.40 22.49
N ASN C 695 -22.29 40.57 21.45
CA ASN C 695 -23.54 39.96 20.96
C ASN C 695 -24.54 40.89 20.25
N GLN C 696 -24.20 42.18 20.08
CA GLN C 696 -25.16 43.13 19.52
C GLN C 696 -24.48 44.05 18.54
N MET C 697 -23.67 43.46 17.66
CA MET C 697 -22.95 44.23 16.65
C MET C 697 -23.95 44.90 15.74
N GLY C 698 -23.61 46.12 15.33
CA GLY C 698 -24.56 47.03 14.70
C GLY C 698 -25.50 47.80 15.63
N GLN C 699 -25.88 47.23 16.78
CA GLN C 699 -26.88 47.86 17.67
C GLN C 699 -26.41 49.07 18.47
N VAL C 700 -25.18 49.05 18.97
CA VAL C 700 -24.66 50.13 19.85
C VAL C 700 -23.97 51.27 19.10
N GLU C 701 -23.27 50.91 18.02
CA GLU C 701 -22.30 51.78 17.33
C GLU C 701 -22.86 53.07 16.72
N ILE C 702 -24.04 53.02 16.13
CA ILE C 702 -24.62 54.20 15.46
C ILE C 702 -25.03 55.29 16.45
N GLU C 703 -25.62 54.91 17.58
CA GLU C 703 -25.97 55.85 18.65
C GLU C 703 -24.78 56.77 18.94
N ASP C 704 -23.62 56.15 19.23
CA ASP C 704 -22.41 56.89 19.54
C ASP C 704 -22.05 57.82 18.40
N GLN C 705 -22.23 57.34 17.16
CA GLN C 705 -21.90 58.11 15.97
C GLN C 705 -22.86 59.31 15.86
N VAL C 706 -24.13 59.06 16.19
CA VAL C 706 -25.15 60.08 16.13
C VAL C 706 -24.90 61.13 17.21
N GLU C 707 -24.64 60.69 18.45
CA GLU C 707 -24.28 61.59 19.56
C GLU C 707 -23.10 62.48 19.16
N GLY C 708 -22.02 61.86 18.71
CA GLY C 708 -20.84 62.60 18.22
C GLY C 708 -21.16 63.63 17.15
N LEU C 709 -22.00 63.25 16.18
CA LEU C 709 -22.44 64.11 15.09
C LEU C 709 -23.20 65.37 15.61
N GLN C 710 -24.21 65.15 16.45
CA GLN C 710 -24.97 66.23 17.13
C GLN C 710 -24.07 67.11 18.00
N PHE C 711 -23.10 66.49 18.67
CA PHE C 711 -22.14 67.22 19.50
C PHE C 711 -21.29 68.13 18.61
N VAL C 712 -20.88 67.61 17.46
CA VAL C 712 -20.00 68.35 16.54
C VAL C 712 -20.74 69.57 16.00
N ALA C 713 -22.06 69.43 15.84
CA ALA C 713 -22.89 70.50 15.32
C ALA C 713 -22.96 71.69 16.30
N GLU C 714 -23.13 71.41 17.59
CA GLU C 714 -23.19 72.47 18.60
C GLU C 714 -21.84 73.17 18.82
N LYS C 715 -20.76 72.39 18.93
CA LYS C 715 -19.42 72.90 19.19
C LYS C 715 -18.92 73.77 18.04
N TYR C 716 -18.98 73.23 16.82
CA TYR C 716 -18.57 73.94 15.60
C TYR C 716 -19.85 74.27 14.87
N GLY C 717 -20.08 75.53 14.55
CA GLY C 717 -21.38 75.92 13.98
C GLY C 717 -21.49 75.80 12.47
N PHE C 718 -20.72 74.89 11.86
CA PHE C 718 -20.64 74.81 10.39
C PHE C 718 -21.26 73.56 9.76
N ILE C 719 -21.91 72.72 10.57
CA ILE C 719 -22.52 71.46 10.12
C ILE C 719 -23.97 71.68 9.73
N ASP C 720 -24.35 71.24 8.52
CA ASP C 720 -25.77 71.17 8.10
C ASP C 720 -26.28 69.76 8.33
N LEU C 721 -27.03 69.56 9.41
CA LEU C 721 -27.62 68.24 9.71
C LEU C 721 -28.67 67.76 8.68
N SER C 722 -29.18 68.66 7.84
CA SER C 722 -30.09 68.23 6.78
C SER C 722 -29.34 67.54 5.64
N ARG C 723 -28.01 67.69 5.59
CA ARG C 723 -27.18 67.09 4.52
C ARG C 723 -26.01 66.25 5.09
N VAL C 724 -26.33 65.12 5.70
CA VAL C 724 -25.30 64.26 6.27
C VAL C 724 -25.23 62.91 5.56
N ALA C 725 -24.06 62.58 5.03
CA ALA C 725 -23.81 61.27 4.42
C ALA C 725 -22.96 60.42 5.34
N ILE C 726 -23.26 59.13 5.41
CA ILE C 726 -22.46 58.13 6.12
C ILE C 726 -21.69 57.32 5.10
N HIS C 727 -20.42 57.05 5.38
CA HIS C 727 -19.58 56.35 4.43
C HIS C 727 -18.40 55.70 5.10
N GLY C 728 -18.22 54.41 4.82
CA GLY C 728 -17.05 53.66 5.23
C GLY C 728 -16.88 52.37 4.47
N TRP C 729 -15.76 51.71 4.75
N TRP C 729 -15.75 51.73 4.74
CA TRP C 729 -15.39 50.46 4.09
CA TRP C 729 -15.38 50.46 4.10
C TRP C 729 -15.19 49.39 5.16
C TRP C 729 -15.21 49.40 5.17
N SER C 730 -15.47 48.15 4.79
CA SER C 730 -15.32 47.02 5.67
C SER C 730 -16.37 47.09 6.83
N TYR C 731 -15.92 47.11 8.10
CA TYR C 731 -16.87 47.32 9.19
C TYR C 731 -17.63 48.66 8.97
N GLY C 732 -16.96 49.66 8.38
CA GLY C 732 -17.60 50.93 8.01
C GLY C 732 -18.75 50.88 6.97
N GLY C 733 -18.70 49.89 6.09
CA GLY C 733 -19.75 49.70 5.11
C GLY C 733 -20.95 49.08 5.80
N PHE C 734 -20.69 48.00 6.53
CA PHE C 734 -21.67 47.39 7.45
C PHE C 734 -22.45 48.44 8.29
N LEU C 735 -21.70 49.33 8.91
CA LEU C 735 -22.25 50.40 9.73
C LEU C 735 -22.91 51.52 8.94
N SER C 736 -22.42 51.80 7.73
CA SER C 736 -23.10 52.76 6.85
C SER C 736 -24.51 52.34 6.46
N LEU C 737 -24.72 51.01 6.33
CA LEU C 737 -26.04 50.42 6.06
C LEU C 737 -26.94 50.39 7.30
N MET C 738 -26.40 50.01 8.46
CA MET C 738 -27.13 50.19 9.72
C MET C 738 -27.56 51.64 9.99
N GLY C 739 -26.68 52.58 9.73
CA GLY C 739 -27.01 53.99 9.85
C GLY C 739 -28.24 54.36 9.05
N LEU C 740 -28.31 53.86 7.82
CA LEU C 740 -29.41 54.16 6.92
C LEU C 740 -30.68 53.39 7.31
N ILE C 741 -30.50 52.15 7.78
CA ILE C 741 -31.58 51.34 8.34
C ILE C 741 -32.19 51.98 9.58
N HIS C 742 -31.38 52.19 10.62
CA HIS C 742 -31.83 52.70 11.93
C HIS C 742 -31.97 54.23 12.05
N LYS C 743 -31.28 54.98 11.21
CA LYS C 743 -31.29 56.46 11.28
C LYS C 743 -31.49 57.14 9.91
N PRO C 744 -32.58 56.78 9.20
CA PRO C 744 -32.86 57.36 7.88
C PRO C 744 -33.11 58.86 7.90
N GLN C 745 -33.66 59.36 9.00
CA GLN C 745 -33.92 60.80 9.18
C GLN C 745 -32.65 61.58 9.51
N VAL C 746 -31.55 60.88 9.79
CA VAL C 746 -30.26 61.52 10.13
C VAL C 746 -29.29 61.49 8.95
N PHE C 747 -29.21 60.36 8.25
CA PHE C 747 -28.31 60.18 7.12
C PHE C 747 -29.10 60.19 5.82
N LYS C 748 -28.83 61.20 5.00
CA LYS C 748 -29.51 61.38 3.70
C LYS C 748 -29.08 60.31 2.71
N VAL C 749 -27.79 59.98 2.71
CA VAL C 749 -27.25 58.95 1.84
C VAL C 749 -26.28 58.03 2.57
N ALA C 750 -26.11 56.81 2.07
CA ALA C 750 -25.04 55.91 2.51
C ALA C 750 -24.20 55.48 1.34
N ILE C 751 -22.86 55.51 1.49
CA ILE C 751 -21.95 54.85 0.57
C ILE C 751 -21.23 53.73 1.35
N ALA C 752 -21.57 52.48 1.06
CA ALA C 752 -21.15 51.34 1.88
C ALA C 752 -20.22 50.45 1.11
N GLY C 753 -18.97 50.37 1.57
CA GLY C 753 -17.93 49.57 0.92
C GLY C 753 -17.65 48.25 1.63
N ALA C 754 -17.41 47.23 0.83
CA ALA C 754 -17.15 45.84 1.30
C ALA C 754 -17.81 45.45 2.63
N PRO C 755 -19.14 45.53 2.70
CA PRO C 755 -19.82 45.28 3.95
C PRO C 755 -20.02 43.81 4.18
N VAL C 756 -20.09 43.41 5.46
CA VAL C 756 -20.64 42.11 5.87
C VAL C 756 -22.10 42.40 6.10
N THR C 757 -22.94 41.73 5.32
CA THR C 757 -24.38 41.88 5.35
C THR C 757 -25.12 40.69 6.01
N VAL C 758 -24.39 39.58 6.17
CA VAL C 758 -24.93 38.34 6.73
C VAL C 758 -23.87 37.74 7.63
N TRP C 759 -24.05 37.89 8.95
CA TRP C 759 -23.10 37.36 9.95
C TRP C 759 -22.84 35.84 9.81
N MET C 760 -23.89 35.09 9.50
CA MET C 760 -23.77 33.63 9.34
C MET C 760 -22.75 33.23 8.28
N ALA C 761 -22.57 34.10 7.30
CA ALA C 761 -21.61 33.87 6.22
C ALA C 761 -20.21 34.31 6.58
N TYR C 762 -20.01 34.91 7.76
CA TYR C 762 -18.65 35.35 8.12
C TYR C 762 -17.97 34.22 8.89
N ASP C 763 -16.67 34.35 9.10
CA ASP C 763 -15.87 33.26 9.70
C ASP C 763 -16.12 33.06 11.22
N THR C 764 -15.57 31.98 11.76
CA THR C 764 -15.66 31.58 13.17
C THR C 764 -14.84 32.48 14.09
N GLY C 765 -13.56 32.66 13.77
CA GLY C 765 -12.60 33.36 14.64
C GLY C 765 -13.03 34.74 15.08
N TYR C 766 -13.51 35.54 14.14
CA TYR C 766 -14.01 36.90 14.46
C TYR C 766 -15.45 36.88 14.92
N THR C 767 -16.32 36.20 14.21
CA THR C 767 -17.77 36.25 14.51
C THR C 767 -18.10 35.63 15.89
N GLU C 768 -17.60 34.44 16.15
CA GLU C 768 -17.91 33.72 17.39
C GLU C 768 -17.42 34.49 18.63
N ARG C 769 -16.21 35.03 18.52
CA ARG C 769 -15.60 35.85 19.55
C ARG C 769 -16.47 37.04 20.01
N TYR C 770 -17.03 37.81 19.07
CA TYR C 770 -17.84 38.99 19.44
C TYR C 770 -19.34 38.75 19.46
N MET C 771 -19.82 37.77 18.69
CA MET C 771 -21.26 37.51 18.59
C MET C 771 -21.68 36.14 19.06
N ASP C 772 -20.75 35.33 19.56
CA ASP C 772 -21.06 33.97 20.03
C ASP C 772 -21.42 33.12 18.81
N VAL C 773 -21.72 31.85 19.03
CA VAL C 773 -22.14 30.94 17.96
C VAL C 773 -23.59 31.28 17.53
N PRO C 774 -23.95 31.08 16.23
CA PRO C 774 -25.33 31.49 15.87
C PRO C 774 -26.47 30.80 16.64
N GLU C 775 -26.33 29.51 16.93
CA GLU C 775 -27.37 28.85 17.72
C GLU C 775 -27.53 29.44 19.16
N ASN C 776 -26.55 30.19 19.66
CA ASN C 776 -26.66 30.83 20.99
C ASN C 776 -26.89 32.35 20.89
N ASN C 777 -27.01 32.89 19.69
CA ASN C 777 -27.31 34.35 19.56
C ASN C 777 -28.11 34.66 18.31
N GLN C 778 -29.28 34.04 18.20
CA GLN C 778 -30.13 34.21 17.01
C GLN C 778 -30.52 35.68 16.88
N HIS C 779 -30.97 36.28 17.98
CA HIS C 779 -31.41 37.67 18.01
C HIS C 779 -30.30 38.63 17.54
N GLY C 780 -29.06 38.41 17.98
CA GLY C 780 -27.93 39.28 17.58
C GLY C 780 -27.55 39.13 16.12
N TYR C 781 -27.41 37.90 15.67
CA TYR C 781 -27.10 37.61 14.27
C TYR C 781 -28.14 38.27 13.35
N GLU C 782 -29.42 38.16 13.69
CA GLU C 782 -30.50 38.70 12.86
C GLU C 782 -30.54 40.21 12.94
N ALA C 783 -30.48 40.75 14.16
CA ALA C 783 -30.53 42.21 14.38
C ALA C 783 -29.33 42.94 13.79
N GLY C 784 -28.17 42.26 13.74
CA GLY C 784 -26.94 42.81 13.19
C GLY C 784 -26.70 42.55 11.70
N SER C 785 -27.56 41.74 11.06
CA SER C 785 -27.41 41.36 9.63
C SER C 785 -28.18 42.33 8.73
N VAL C 786 -27.47 43.21 8.02
CA VAL C 786 -28.16 44.26 7.23
C VAL C 786 -29.01 43.76 6.05
N ALA C 787 -28.68 42.58 5.51
CA ALA C 787 -29.43 41.97 4.41
C ALA C 787 -30.83 41.49 4.80
N LEU C 788 -31.02 41.19 6.10
CA LEU C 788 -32.32 40.79 6.63
C LEU C 788 -33.17 41.95 7.06
N HIS C 789 -32.75 43.20 6.80
CA HIS C 789 -33.55 44.37 7.19
C HIS C 789 -33.71 45.31 6.02
N VAL C 790 -33.66 44.75 4.82
CA VAL C 790 -33.78 45.49 3.55
C VAL C 790 -35.10 46.30 3.47
N GLU C 791 -36.19 45.81 4.08
CA GLU C 791 -37.46 46.57 4.13
C GLU C 791 -37.29 47.95 4.77
N LYS C 792 -36.40 48.03 5.76
CA LYS C 792 -36.11 49.28 6.45
C LYS C 792 -35.30 50.23 5.59
N LEU C 793 -34.69 49.73 4.51
CA LEU C 793 -33.95 50.60 3.58
C LEU C 793 -34.87 51.54 2.81
N PRO C 794 -34.29 52.57 2.15
CA PRO C 794 -35.22 53.59 1.64
C PRO C 794 -35.93 53.24 0.34
N ASN C 795 -37.07 53.88 0.14
CA ASN C 795 -37.86 53.74 -1.09
C ASN C 795 -37.45 54.79 -2.10
N GLU C 796 -36.69 55.79 -1.66
CA GLU C 796 -36.23 56.86 -2.55
C GLU C 796 -34.92 56.37 -3.16
N PRO C 797 -34.76 56.47 -4.50
CA PRO C 797 -33.42 56.09 -5.02
C PRO C 797 -32.37 57.18 -4.78
N ASN C 798 -31.11 56.86 -5.04
CA ASN C 798 -29.98 57.81 -4.85
C ASN C 798 -29.55 58.05 -3.38
N ARG C 799 -30.04 57.22 -2.47
CA ARG C 799 -29.67 57.30 -1.07
C ARG C 799 -28.76 56.13 -0.64
N LEU C 800 -28.41 55.24 -1.58
CA LEU C 800 -27.59 54.06 -1.26
C LEU C 800 -26.69 53.66 -2.41
N LEU C 801 -25.39 53.76 -2.19
CA LEU C 801 -24.37 53.30 -3.13
C LEU C 801 -23.60 52.17 -2.46
N ILE C 802 -23.55 51.00 -3.09
CA ILE C 802 -22.82 49.83 -2.61
C ILE C 802 -21.56 49.66 -3.48
N LEU C 803 -20.45 49.27 -2.85
CA LEU C 803 -19.17 49.06 -3.54
C LEU C 803 -18.57 47.74 -3.01
N HIS C 804 -17.90 46.97 -3.85
CA HIS C 804 -17.31 45.70 -3.41
C HIS C 804 -16.29 45.19 -4.42
N GLY C 805 -15.16 44.68 -3.91
CA GLY C 805 -14.13 44.10 -4.74
C GLY C 805 -14.55 42.69 -5.12
N PHE C 806 -14.65 42.42 -6.43
CA PHE C 806 -15.07 41.09 -6.95
C PHE C 806 -14.22 39.90 -6.45
N LEU C 807 -12.92 40.09 -6.29
CA LEU C 807 -12.03 39.01 -5.84
C LEU C 807 -11.93 38.91 -4.30
N ASP C 808 -12.87 39.51 -3.54
CA ASP C 808 -12.76 39.59 -2.06
C ASP C 808 -12.93 38.19 -1.44
N GLU C 809 -11.89 37.72 -0.76
CA GLU C 809 -11.81 36.36 -0.19
C GLU C 809 -11.98 36.38 1.32
N ASN C 810 -12.29 37.55 1.87
CA ASN C 810 -12.47 37.77 3.29
C ASN C 810 -13.94 38.06 3.46
N VAL C 811 -14.38 39.24 3.01
CA VAL C 811 -15.77 39.59 2.90
C VAL C 811 -16.19 39.24 1.43
N HIS C 812 -16.62 37.99 1.25
CA HIS C 812 -16.97 37.46 -0.07
C HIS C 812 -17.99 38.37 -0.77
N PHE C 813 -17.80 38.54 -2.09
CA PHE C 813 -18.70 39.37 -2.91
C PHE C 813 -20.13 38.90 -2.69
N PHE C 814 -20.27 37.63 -2.32
CA PHE C 814 -21.58 37.10 -1.92
C PHE C 814 -22.37 38.06 -1.00
N HIS C 815 -21.71 38.65 0.00
CA HIS C 815 -22.36 39.56 0.94
C HIS C 815 -23.15 40.67 0.26
N THR C 816 -22.52 41.35 -0.68
CA THR C 816 -23.19 42.34 -1.55
C THR C 816 -24.22 41.65 -2.48
N ASN C 817 -23.82 40.52 -3.05
CA ASN C 817 -24.68 39.75 -3.96
C ASN C 817 -26.00 39.34 -3.29
N PHE C 818 -25.91 38.94 -2.02
CA PHE C 818 -27.08 38.58 -1.24
C PHE C 818 -27.94 39.79 -0.85
N LEU C 819 -27.31 40.89 -0.51
CA LEU C 819 -27.99 42.14 -0.20
C LEU C 819 -28.77 42.67 -1.40
N VAL C 820 -28.19 42.60 -2.60
CA VAL C 820 -28.89 43.00 -3.83
C VAL C 820 -30.13 42.12 -4.05
N SER C 821 -29.91 40.81 -3.96
CA SER C 821 -30.98 39.84 -4.03
C SER C 821 -32.15 40.23 -3.11
N GLN C 822 -31.85 40.57 -1.86
CA GLN C 822 -32.90 40.97 -0.91
C GLN C 822 -33.49 42.34 -1.23
N LEU C 823 -32.67 43.26 -1.71
CA LEU C 823 -33.11 44.59 -2.19
C LEU C 823 -34.10 44.46 -3.33
N ILE C 824 -33.87 43.49 -4.22
CA ILE C 824 -34.76 43.24 -5.37
C ILE C 824 -36.11 42.69 -4.88
N ARG C 825 -36.08 41.70 -4.00
CA ARG C 825 -37.31 41.11 -3.42
C ARG C 825 -38.16 42.15 -2.70
N ALA C 826 -37.50 43.08 -2.01
CA ALA C 826 -38.20 44.16 -1.28
C ALA C 826 -38.63 45.35 -2.16
N GLY C 827 -38.19 45.37 -3.41
CA GLY C 827 -38.44 46.46 -4.36
C GLY C 827 -37.65 47.74 -4.16
N LYS C 828 -36.50 47.62 -3.48
CA LYS C 828 -35.67 48.79 -3.08
C LYS C 828 -34.62 49.18 -4.10
N PRO C 829 -34.47 50.53 -4.33
CA PRO C 829 -33.43 50.94 -5.27
C PRO C 829 -32.04 50.83 -4.70
N TYR C 830 -31.06 50.79 -5.59
CA TYR C 830 -29.65 50.75 -5.24
C TYR C 830 -28.80 51.13 -6.46
N GLN C 831 -27.62 51.66 -6.17
CA GLN C 831 -26.57 51.91 -7.17
C GLN C 831 -25.41 51.00 -6.76
N LEU C 832 -24.73 50.42 -7.74
CA LEU C 832 -23.70 49.43 -7.43
C LEU C 832 -22.43 49.69 -8.25
N GLN C 833 -21.27 49.53 -7.59
CA GLN C 833 -19.95 49.57 -8.25
C GLN C 833 -19.17 48.32 -7.88
N ILE C 834 -18.48 47.73 -8.86
CA ILE C 834 -17.64 46.55 -8.66
C ILE C 834 -16.20 46.94 -8.95
N TYR C 835 -15.26 46.37 -8.18
CA TYR C 835 -13.86 46.44 -8.52
C TYR C 835 -13.47 45.03 -8.93
N PRO C 836 -13.39 44.77 -10.25
CA PRO C 836 -13.18 43.39 -10.70
C PRO C 836 -11.84 42.77 -10.34
N ASN C 837 -10.83 43.60 -10.20
CA ASN C 837 -9.46 43.18 -9.98
C ASN C 837 -8.96 43.38 -8.54
N GLU C 838 -9.88 43.55 -7.58
CA GLU C 838 -9.52 43.93 -6.20
C GLU C 838 -10.18 43.01 -5.19
N ARG C 839 -9.46 42.69 -4.13
CA ARG C 839 -10.00 41.92 -3.04
C ARG C 839 -10.58 42.90 -2.03
N HIS C 840 -10.36 42.70 -0.72
CA HIS C 840 -11.02 43.50 0.30
C HIS C 840 -10.71 44.98 0.28
N SER C 841 -9.48 45.34 -0.09
CA SER C 841 -9.05 46.75 -0.22
C SER C 841 -8.72 47.09 -1.67
N ILE C 842 -8.81 48.38 -2.03
CA ILE C 842 -8.46 48.79 -3.40
C ILE C 842 -6.95 49.10 -3.47
N ARG C 843 -6.20 48.24 -4.17
CA ARG C 843 -4.75 48.38 -4.32
C ARG C 843 -4.32 49.13 -5.59
N CYS C 844 -4.91 48.83 -6.75
CA CYS C 844 -4.51 49.53 -7.99
C CYS C 844 -4.82 51.03 -7.89
N PRO C 845 -3.80 51.90 -8.15
CA PRO C 845 -4.07 53.33 -7.98
C PRO C 845 -5.13 53.89 -8.93
N GLU C 846 -5.22 53.35 -10.15
CA GLU C 846 -6.26 53.77 -11.12
C GLU C 846 -7.65 53.43 -10.58
N SER C 847 -7.81 52.23 -10.01
CA SER C 847 -9.10 51.82 -9.43
C SER C 847 -9.44 52.74 -8.26
N GLY C 848 -8.45 53.04 -7.43
CA GLY C 848 -8.61 53.94 -6.28
C GLY C 848 -9.07 55.35 -6.67
N GLU C 849 -8.45 55.92 -7.69
CA GLU C 849 -8.87 57.23 -8.25
C GLU C 849 -10.32 57.18 -8.74
N HIS C 850 -10.70 56.06 -9.36
CA HIS C 850 -12.07 55.90 -9.86
C HIS C 850 -13.04 55.85 -8.68
N TYR C 851 -12.63 55.22 -7.60
CA TYR C 851 -13.45 55.15 -6.38
C TYR C 851 -13.67 56.55 -5.78
N GLU C 852 -12.64 57.36 -5.78
CA GLU C 852 -12.76 58.71 -5.22
C GLU C 852 -13.61 59.63 -6.10
N VAL C 853 -13.44 59.51 -7.42
CA VAL C 853 -14.23 60.31 -8.36
C VAL C 853 -15.71 59.97 -8.25
N THR C 854 -16.02 58.67 -8.17
CA THR C 854 -17.43 58.20 -8.02
C THR C 854 -18.09 58.77 -6.77
N LEU C 855 -17.34 58.73 -5.67
CA LEU C 855 -17.82 59.20 -4.37
C LEU C 855 -18.12 60.70 -4.47
N LEU C 856 -17.19 61.45 -5.05
CA LEU C 856 -17.39 62.89 -5.19
C LEU C 856 -18.62 63.20 -6.03
N HIS C 857 -18.81 62.42 -7.10
CA HIS C 857 -19.96 62.57 -7.96
C HIS C 857 -21.25 62.22 -7.22
N PHE C 858 -21.26 61.08 -6.56
CA PHE C 858 -22.46 60.68 -5.81
C PHE C 858 -22.89 61.74 -4.78
N LEU C 859 -21.91 62.28 -4.06
CA LEU C 859 -22.12 63.34 -3.05
C LEU C 859 -22.61 64.66 -3.68
N GLN C 860 -21.95 65.05 -4.77
CA GLN C 860 -22.34 66.24 -5.52
C GLN C 860 -23.78 66.16 -6.05
N GLU C 861 -24.10 65.05 -6.71
CA GLU C 861 -25.42 64.88 -7.31
C GLU C 861 -26.52 64.64 -6.28
N TYR C 862 -26.27 63.81 -5.27
CA TYR C 862 -27.37 63.32 -4.40
C TYR C 862 -27.36 63.79 -2.97
N LEU C 863 -26.34 64.50 -2.53
CA LEU C 863 -26.38 65.20 -1.22
C LEU C 863 -26.76 66.70 -1.40
N HIS C 864 -27.16 67.07 -2.61
CA HIS C 864 -27.68 68.42 -2.96
C HIS C 864 -26.89 69.56 -2.28
N ASP D 18 -39.30 75.08 -33.59
CA ASP D 18 -39.98 73.77 -33.25
C ASP D 18 -39.30 73.08 -32.05
N ASP D 19 -38.88 73.89 -31.07
CA ASP D 19 -38.22 73.39 -29.87
C ASP D 19 -38.83 73.88 -28.52
N PRO D 20 -39.73 74.92 -28.51
CA PRO D 20 -40.10 75.37 -27.13
C PRO D 20 -41.11 74.50 -26.35
N ALA D 21 -42.28 74.24 -26.91
CA ALA D 21 -43.32 73.44 -26.22
C ALA D 21 -43.64 72.16 -26.98
N ALA D 22 -42.97 71.96 -28.12
CA ALA D 22 -43.08 70.73 -28.89
C ALA D 22 -42.56 69.53 -28.08
N ARG D 23 -41.51 69.73 -27.29
CA ARG D 23 -40.90 68.67 -26.46
C ARG D 23 -41.86 68.14 -25.40
N PHE D 24 -42.31 66.90 -25.55
CA PHE D 24 -43.21 66.28 -24.57
C PHE D 24 -42.36 65.78 -23.41
N GLN D 25 -42.82 66.04 -22.18
CA GLN D 25 -42.13 65.64 -20.95
C GLN D 25 -42.89 64.52 -20.26
N VAL D 26 -42.22 63.38 -20.10
CA VAL D 26 -42.80 62.24 -19.39
C VAL D 26 -42.99 62.68 -17.93
N GLN D 27 -44.15 62.37 -17.33
CA GLN D 27 -44.39 62.73 -15.93
C GLN D 27 -43.39 61.99 -15.06
N LYS D 28 -42.75 62.69 -14.12
CA LYS D 28 -41.75 62.08 -13.21
C LYS D 28 -42.45 61.50 -11.99
N HIS D 29 -42.30 60.20 -11.78
CA HIS D 29 -42.90 59.51 -10.65
C HIS D 29 -41.84 59.16 -9.58
N SER D 30 -42.30 59.08 -8.33
CA SER D 30 -41.49 58.57 -7.22
C SER D 30 -41.22 57.08 -7.50
N TRP D 31 -40.23 56.50 -6.83
CA TRP D 31 -39.91 55.09 -7.10
C TRP D 31 -41.10 54.16 -6.80
N ASP D 32 -41.83 54.42 -5.72
CA ASP D 32 -43.00 53.58 -5.40
C ASP D 32 -44.08 53.74 -6.46
N GLY D 33 -44.25 54.94 -6.99
CA GLY D 33 -45.19 55.17 -8.09
C GLY D 33 -44.87 54.36 -9.33
N LEU D 34 -43.59 54.28 -9.70
CA LEU D 34 -43.16 53.43 -10.83
C LEU D 34 -43.48 51.95 -10.56
N ARG D 35 -43.26 51.52 -9.33
CA ARG D 35 -43.58 50.14 -8.93
C ARG D 35 -45.08 49.83 -9.11
N SER D 36 -45.95 50.77 -8.77
CA SER D 36 -47.41 50.57 -8.91
C SER D 36 -47.80 50.53 -10.38
N ILE D 37 -47.18 51.40 -11.19
CA ILE D 37 -47.40 51.41 -12.65
C ILE D 37 -46.97 50.06 -13.22
N ILE D 38 -45.79 49.59 -12.83
CA ILE D 38 -45.30 48.28 -13.28
C ILE D 38 -46.21 47.16 -12.76
N HIS D 39 -46.64 47.25 -11.50
CA HIS D 39 -47.54 46.23 -10.92
C HIS D 39 -48.90 46.22 -11.63
N GLY D 40 -49.43 47.40 -11.93
CA GLY D 40 -50.70 47.55 -12.67
C GLY D 40 -50.68 46.99 -14.09
N SER D 41 -49.56 47.15 -14.80
CA SER D 41 -49.42 46.63 -16.17
C SER D 41 -49.60 45.12 -16.26
N ARG D 42 -48.98 44.38 -15.33
CA ARG D 42 -49.09 42.91 -15.29
C ARG D 42 -50.32 42.50 -14.47
N LYS D 43 -51.11 41.54 -14.96
CA LYS D 43 -52.34 41.08 -14.26
C LYS D 43 -52.38 39.55 -14.17
N ASN D 50 -50.69 32.69 -20.43
CA ASN D 50 -50.37 31.26 -20.24
C ASN D 50 -50.06 30.61 -21.58
N LYS D 51 -49.49 29.41 -21.53
CA LYS D 51 -49.03 28.71 -22.76
C LYS D 51 -50.21 28.09 -23.50
N ALA D 52 -50.31 28.37 -24.80
CA ALA D 52 -51.38 27.85 -25.68
C ALA D 52 -51.17 26.35 -25.95
N PRO D 53 -52.23 25.63 -26.39
CA PRO D 53 -51.95 24.23 -26.68
C PRO D 53 -50.76 24.01 -27.63
N HIS D 54 -49.95 23.01 -27.36
CA HIS D 54 -48.76 22.71 -28.18
C HIS D 54 -48.38 21.24 -28.02
N ASP D 55 -47.45 20.75 -28.85
CA ASP D 55 -47.01 19.34 -28.80
C ASP D 55 -48.26 18.44 -28.93
N PHE D 56 -49.01 18.62 -30.03
CA PHE D 56 -50.27 17.88 -30.25
C PHE D 56 -50.01 16.46 -30.74
N GLN D 57 -51.02 15.61 -30.58
CA GLN D 57 -51.03 14.22 -31.13
C GLN D 57 -52.45 13.93 -31.62
N PHE D 58 -52.63 13.70 -32.91
CA PHE D 58 -53.96 13.36 -33.47
C PHE D 58 -54.16 11.83 -33.43
N VAL D 59 -55.12 11.36 -32.63
CA VAL D 59 -55.45 9.92 -32.59
C VAL D 59 -56.88 9.71 -33.12
N GLN D 60 -57.04 8.88 -34.14
CA GLN D 60 -58.40 8.58 -34.65
C GLN D 60 -59.09 7.61 -33.71
N LYS D 61 -60.39 7.83 -33.49
CA LYS D 61 -61.21 7.02 -32.56
C LYS D 61 -61.54 5.62 -33.08
N THR D 62 -61.70 5.47 -34.41
CA THR D 62 -62.02 4.17 -35.04
C THR D 62 -63.28 3.53 -34.44
N ASP D 63 -64.33 4.33 -34.27
CA ASP D 63 -65.63 3.88 -33.73
C ASP D 63 -66.74 4.58 -34.52
N GLU D 64 -67.51 3.80 -35.28
CA GLU D 64 -68.62 4.35 -36.09
C GLU D 64 -69.75 4.85 -35.18
N SER D 65 -69.96 4.16 -34.07
CA SER D 65 -71.02 4.47 -33.11
C SER D 65 -70.82 5.73 -32.27
N GLY D 66 -69.56 6.05 -31.94
CA GLY D 66 -69.24 7.20 -31.09
C GLY D 66 -69.60 8.55 -31.72
N PRO D 67 -69.54 9.65 -30.94
CA PRO D 67 -69.79 10.94 -31.56
C PRO D 67 -68.52 11.77 -31.83
N HIS D 68 -67.34 11.26 -31.46
CA HIS D 68 -66.07 11.96 -31.62
C HIS D 68 -65.26 11.25 -32.71
N SER D 69 -64.71 12.01 -33.65
CA SER D 69 -63.91 11.44 -34.73
C SER D 69 -62.50 11.14 -34.24
N HIS D 70 -61.95 12.05 -33.43
CA HIS D 70 -60.59 11.90 -32.91
C HIS D 70 -60.52 12.38 -31.47
N ARG D 71 -59.37 12.06 -30.87
CA ARG D 71 -58.93 12.64 -29.60
C ARG D 71 -57.65 13.38 -29.92
N LEU D 72 -57.58 14.65 -29.54
CA LEU D 72 -56.39 15.48 -29.77
C LEU D 72 -55.64 15.62 -28.43
N TYR D 73 -54.42 15.08 -28.37
CA TYR D 73 -53.59 15.12 -27.16
C TYR D 73 -52.56 16.21 -27.33
N TYR D 74 -52.33 17.01 -26.30
CA TYR D 74 -51.39 18.14 -26.40
C TYR D 74 -50.97 18.67 -25.03
N LEU D 75 -49.95 19.51 -25.04
CA LEU D 75 -49.44 20.13 -23.82
C LEU D 75 -50.13 21.47 -23.69
N GLY D 76 -50.54 21.83 -22.47
CA GLY D 76 -51.22 23.10 -22.26
C GLY D 76 -51.31 23.51 -20.81
N MET D 77 -51.46 24.81 -20.60
CA MET D 77 -51.58 25.40 -19.26
C MET D 77 -52.91 26.13 -19.21
N PRO D 78 -53.95 25.49 -18.60
CA PRO D 78 -55.22 26.24 -18.50
C PRO D 78 -55.05 27.50 -17.66
N TYR D 79 -55.87 28.52 -17.91
CA TYR D 79 -55.73 29.80 -17.19
C TYR D 79 -55.70 29.55 -15.68
N GLY D 80 -56.67 28.77 -15.20
CA GLY D 80 -56.71 28.39 -13.79
C GLY D 80 -55.48 27.60 -13.37
N SER D 81 -55.00 26.74 -14.26
CA SER D 81 -53.82 25.90 -14.01
C SER D 81 -52.55 26.70 -13.73
N ARG D 82 -51.83 26.23 -12.72
CA ARG D 82 -50.53 26.75 -12.29
C ARG D 82 -49.41 26.37 -13.26
N GLU D 83 -49.47 25.14 -13.79
CA GLU D 83 -48.37 24.59 -14.62
C GLU D 83 -48.85 23.96 -15.92
N ASN D 84 -47.88 23.72 -16.79
CA ASN D 84 -48.09 23.04 -18.06
C ASN D 84 -48.39 21.56 -17.82
N SER D 85 -49.29 20.99 -18.62
CA SER D 85 -49.65 19.60 -18.40
C SER D 85 -50.23 18.94 -19.64
N LEU D 86 -50.34 17.61 -19.56
CA LEU D 86 -50.92 16.78 -20.60
C LEU D 86 -52.42 16.91 -20.53
N LEU D 87 -53.04 17.26 -21.66
CA LEU D 87 -54.50 17.47 -21.73
C LEU D 87 -55.01 16.74 -22.93
N TYR D 88 -56.33 16.76 -23.13
CA TYR D 88 -56.93 16.23 -24.36
C TYR D 88 -58.26 16.91 -24.64
N SER D 89 -58.64 16.94 -25.92
CA SER D 89 -59.95 17.46 -26.31
C SER D 89 -60.57 16.42 -27.22
N GLU D 90 -61.88 16.48 -27.38
CA GLU D 90 -62.60 15.52 -28.22
C GLU D 90 -63.10 16.24 -29.46
N ILE D 91 -62.73 15.76 -30.64
CA ILE D 91 -63.16 16.39 -31.91
C ILE D 91 -64.43 15.68 -32.35
N PRO D 92 -65.57 16.42 -32.52
CA PRO D 92 -66.79 15.68 -32.80
C PRO D 92 -66.92 15.33 -34.28
N LYS D 93 -67.76 14.34 -34.58
CA LYS D 93 -68.00 13.92 -35.96
C LYS D 93 -68.71 15.02 -36.75
N LYS D 94 -69.66 15.71 -36.12
CA LYS D 94 -70.30 16.87 -36.75
C LYS D 94 -70.57 17.96 -35.73
N VAL D 95 -70.65 19.21 -36.21
CA VAL D 95 -70.79 20.41 -35.38
C VAL D 95 -71.71 21.38 -36.11
N ARG D 96 -72.58 22.04 -35.37
CA ARG D 96 -73.56 22.97 -35.94
C ARG D 96 -72.82 24.26 -36.32
N LYS D 97 -72.67 24.54 -37.61
CA LYS D 97 -72.10 25.84 -38.05
C LYS D 97 -73.15 26.93 -37.75
N GLU D 98 -72.69 28.18 -37.67
CA GLU D 98 -73.52 29.31 -37.16
C GLU D 98 -73.60 29.24 -35.62
N ALA D 99 -72.83 28.33 -35.02
CA ALA D 99 -72.62 28.26 -33.58
C ALA D 99 -71.13 27.92 -33.41
N LEU D 100 -70.38 28.86 -32.85
CA LEU D 100 -68.94 28.68 -32.64
C LEU D 100 -68.73 27.57 -31.60
N LEU D 101 -68.01 26.53 -31.96
CA LEU D 101 -67.76 25.41 -31.04
C LEU D 101 -66.38 25.57 -30.43
N LEU D 102 -66.32 25.60 -29.09
CA LEU D 102 -65.06 25.63 -28.34
C LEU D 102 -64.91 24.28 -27.65
N LEU D 103 -63.79 23.59 -27.92
CA LEU D 103 -63.55 22.28 -27.35
C LEU D 103 -63.12 22.44 -25.89
N SER D 104 -63.59 21.53 -25.04
CA SER D 104 -63.20 21.49 -23.62
C SER D 104 -61.77 20.94 -23.51
N TRP D 105 -60.99 21.47 -22.57
CA TRP D 105 -59.66 20.96 -22.24
C TRP D 105 -59.83 19.93 -21.12
N LYS D 106 -59.50 18.68 -21.39
CA LYS D 106 -59.70 17.60 -20.41
C LYS D 106 -58.36 17.23 -19.78
N GLN D 107 -58.33 17.18 -18.45
CA GLN D 107 -57.13 16.74 -17.73
C GLN D 107 -56.93 15.23 -17.97
N MET D 108 -55.71 14.86 -18.30
CA MET D 108 -55.32 13.44 -18.43
C MET D 108 -54.89 12.89 -17.07
N LEU D 109 -54.14 13.70 -16.33
CA LEU D 109 -53.54 13.32 -15.05
C LEU D 109 -54.40 13.84 -13.91
N ASP D 110 -54.68 12.98 -12.93
CA ASP D 110 -55.60 13.32 -11.82
C ASP D 110 -54.81 14.02 -10.74
N HIS D 111 -55.12 15.30 -10.51
CA HIS D 111 -54.48 16.13 -9.46
C HIS D 111 -52.97 15.85 -9.29
N PHE D 112 -52.20 16.16 -10.33
CA PHE D 112 -50.80 15.75 -10.40
C PHE D 112 -49.87 16.95 -10.52
N GLN D 113 -48.94 17.05 -9.57
CA GLN D 113 -47.85 18.02 -9.63
C GLN D 113 -46.69 17.36 -10.37
N ALA D 114 -46.45 17.87 -11.58
CA ALA D 114 -45.26 17.58 -12.34
C ALA D 114 -44.09 18.50 -11.97
N THR D 115 -44.35 19.71 -11.49
CA THR D 115 -43.29 20.67 -11.11
C THR D 115 -42.63 20.19 -9.83
N PRO D 116 -41.27 20.20 -9.75
CA PRO D 116 -40.66 19.81 -8.46
C PRO D 116 -40.88 20.91 -7.41
N HIS D 117 -40.75 20.55 -6.13
CA HIS D 117 -41.08 21.48 -5.04
C HIS D 117 -40.37 22.85 -5.16
N HIS D 118 -41.17 23.90 -5.03
CA HIS D 118 -40.76 25.33 -5.14
C HIS D 118 -40.17 25.66 -6.51
N GLY D 119 -40.58 24.91 -7.53
CA GLY D 119 -40.06 25.08 -8.90
C GLY D 119 -38.55 24.90 -9.05
N VAL D 120 -37.94 24.16 -8.13
CA VAL D 120 -36.48 23.95 -8.14
C VAL D 120 -36.17 22.62 -8.85
N TYR D 121 -35.65 22.71 -10.07
CA TYR D 121 -35.31 21.53 -10.86
C TYR D 121 -33.89 21.06 -10.50
N SER D 122 -33.51 19.86 -10.93
CA SER D 122 -32.14 19.40 -10.76
C SER D 122 -31.28 20.18 -11.76
N ARG D 123 -29.99 20.31 -11.48
CA ARG D 123 -29.10 21.13 -12.31
C ARG D 123 -29.22 20.75 -13.78
N GLU D 124 -29.14 19.46 -14.07
CA GLU D 124 -29.16 18.97 -15.46
C GLU D 124 -30.43 19.38 -16.17
N GLU D 125 -31.56 19.20 -15.50
CA GLU D 125 -32.87 19.55 -16.06
C GLU D 125 -33.07 21.08 -16.16
N GLU D 126 -32.51 21.82 -15.21
CA GLU D 126 -32.67 23.27 -15.19
C GLU D 126 -31.86 23.88 -16.33
N LEU D 127 -30.70 23.29 -16.62
CA LEU D 127 -29.87 23.76 -17.73
C LEU D 127 -30.46 23.41 -19.09
N LEU D 128 -31.12 22.25 -19.16
CA LEU D 128 -31.86 21.86 -20.36
C LEU D 128 -33.00 22.85 -20.66
N ARG D 129 -33.61 23.40 -19.62
CA ARG D 129 -34.66 24.41 -19.76
C ARG D 129 -34.09 25.73 -20.30
N GLU D 130 -32.86 26.06 -19.92
CA GLU D 130 -32.19 27.27 -20.37
C GLU D 130 -31.82 27.12 -21.83
N ARG D 131 -31.17 26.00 -22.17
CA ARG D 131 -30.83 25.68 -23.56
C ARG D 131 -32.07 25.66 -24.45
N LYS D 132 -33.19 25.14 -23.92
CA LYS D 132 -34.46 25.13 -24.65
C LYS D 132 -35.33 26.39 -24.46
N ARG D 133 -34.83 27.41 -23.75
CA ARG D 133 -35.57 28.68 -23.51
C ARG D 133 -37.02 28.41 -23.06
N LEU D 134 -37.14 27.49 -22.10
CA LEU D 134 -38.43 27.05 -21.54
C LEU D 134 -38.73 27.87 -20.29
N GLY D 135 -39.80 28.66 -20.33
CA GLY D 135 -40.20 29.46 -19.16
C GLY D 135 -41.24 28.77 -18.29
N VAL D 136 -42.18 28.11 -18.96
CA VAL D 136 -43.31 27.44 -18.31
C VAL D 136 -42.85 26.31 -17.37
N PHE D 137 -43.71 25.98 -16.41
CA PHE D 137 -43.53 24.86 -15.45
C PHE D 137 -44.52 23.72 -15.71
N GLY D 138 -44.21 22.53 -15.21
CA GLY D 138 -45.02 21.32 -15.46
C GLY D 138 -44.35 20.46 -16.52
N ILE D 139 -45.15 19.71 -17.28
CA ILE D 139 -44.57 18.84 -18.33
C ILE D 139 -44.31 19.71 -19.56
N THR D 140 -43.04 19.82 -19.95
CA THR D 140 -42.65 20.64 -21.08
C THR D 140 -42.28 19.83 -22.34
N SER D 141 -42.21 18.51 -22.20
CA SER D 141 -41.98 17.61 -23.33
C SER D 141 -42.48 16.21 -22.95
N TYR D 142 -42.72 15.38 -23.95
CA TYR D 142 -43.17 14.01 -23.70
C TYR D 142 -43.06 13.14 -24.95
N ASP D 143 -42.85 11.84 -24.76
CA ASP D 143 -42.84 10.87 -25.83
C ASP D 143 -44.18 10.13 -25.93
N PHE D 144 -44.54 9.70 -27.14
CA PHE D 144 -45.80 8.97 -27.34
C PHE D 144 -45.67 7.84 -28.38
N HIS D 145 -46.06 6.63 -27.99
CA HIS D 145 -46.08 5.49 -28.90
C HIS D 145 -47.54 5.28 -29.38
N SER D 146 -47.71 5.39 -30.70
CA SER D 146 -49.03 5.42 -31.34
C SER D 146 -49.84 4.12 -31.17
N GLU D 147 -49.23 2.97 -31.43
CA GLU D 147 -49.94 1.67 -31.41
C GLU D 147 -50.45 1.27 -30.03
N SER D 148 -49.62 1.48 -29.00
CA SER D 148 -49.93 1.09 -27.60
C SER D 148 -50.54 2.24 -26.81
N GLY D 149 -50.44 3.47 -27.33
CA GLY D 149 -50.99 4.64 -26.65
C GLY D 149 -50.25 4.98 -25.37
N LEU D 150 -48.93 4.83 -25.40
CA LEU D 150 -48.07 5.04 -24.22
C LEU D 150 -47.45 6.43 -24.20
N PHE D 151 -47.64 7.17 -23.11
CA PHE D 151 -47.03 8.50 -22.93
C PHE D 151 -45.86 8.39 -21.98
N LEU D 152 -44.70 8.94 -22.35
CA LEU D 152 -43.49 8.91 -21.49
C LEU D 152 -42.85 10.29 -21.32
N PHE D 153 -42.72 10.74 -20.08
CA PHE D 153 -42.25 12.12 -19.79
C PHE D 153 -41.57 12.25 -18.45
N GLN D 154 -40.98 13.42 -18.23
CA GLN D 154 -40.32 13.78 -16.96
C GLN D 154 -41.32 14.57 -16.09
N ALA D 155 -41.38 14.23 -14.81
CA ALA D 155 -42.25 14.94 -13.86
C ALA D 155 -41.59 14.79 -12.49
N SER D 156 -41.76 15.82 -11.65
CA SER D 156 -41.05 15.91 -10.37
C SER D 156 -39.54 15.85 -10.66
N ASN D 157 -38.81 14.95 -10.02
CA ASN D 157 -37.43 14.67 -10.42
C ASN D 157 -37.33 13.16 -10.66
N SER D 158 -38.37 12.65 -11.33
CA SER D 158 -38.54 11.24 -11.69
C SER D 158 -39.06 11.11 -13.12
N LEU D 159 -39.40 9.88 -13.49
CA LEU D 159 -40.01 9.53 -14.78
C LEU D 159 -41.43 9.02 -14.54
N PHE D 160 -42.37 9.43 -15.39
CA PHE D 160 -43.76 8.99 -15.27
C PHE D 160 -44.28 8.51 -16.63
N HIS D 161 -45.35 7.71 -16.57
CA HIS D 161 -46.01 7.22 -17.76
C HIS D 161 -47.48 6.97 -17.51
N CYS D 162 -48.25 6.98 -18.60
CA CYS D 162 -49.66 6.66 -18.59
C CYS D 162 -50.07 6.14 -19.98
N ARG D 163 -51.22 5.46 -20.04
CA ARG D 163 -51.71 4.83 -21.26
C ARG D 163 -53.12 5.27 -21.58
N ASP D 164 -53.35 5.66 -22.83
CA ASP D 164 -54.68 6.05 -23.33
C ASP D 164 -54.78 5.77 -24.83
N GLY D 165 -55.95 5.30 -25.28
CA GLY D 165 -56.16 4.93 -26.68
C GLY D 165 -55.60 3.55 -27.01
N GLY D 166 -55.73 3.14 -28.27
CA GLY D 166 -55.24 1.83 -28.73
C GLY D 166 -55.97 0.66 -28.07
N LYS D 167 -55.18 -0.28 -27.53
CA LYS D 167 -55.70 -1.48 -26.83
C LYS D 167 -56.45 -1.13 -25.56
N ASN D 168 -55.95 -0.14 -24.82
CA ASN D 168 -56.54 0.32 -23.54
C ASN D 168 -57.92 0.95 -23.72
N GLY D 169 -58.10 1.72 -24.79
CA GLY D 169 -59.36 2.46 -25.04
C GLY D 169 -59.17 3.92 -24.67
N PHE D 170 -60.26 4.68 -24.58
CA PHE D 170 -60.16 6.11 -24.25
C PHE D 170 -60.78 6.41 -22.87
N MET D 171 -59.97 6.98 -21.97
CA MET D 171 -60.38 7.34 -20.61
C MET D 171 -61.41 8.49 -20.69
N VAL D 172 -62.43 8.45 -19.83
CA VAL D 172 -63.42 9.54 -19.73
C VAL D 172 -63.08 10.48 -18.56
N SER D 173 -62.11 10.09 -17.73
CA SER D 173 -61.66 10.88 -16.56
C SER D 173 -60.15 10.74 -16.36
N PRO D 174 -59.49 11.71 -15.65
CA PRO D 174 -58.04 11.55 -15.54
C PRO D 174 -57.58 10.40 -14.66
N MET D 175 -56.48 9.79 -15.07
CA MET D 175 -55.85 8.65 -14.39
C MET D 175 -54.50 9.10 -13.82
N LYS D 176 -54.19 8.69 -12.59
CA LYS D 176 -52.90 9.01 -11.96
C LYS D 176 -51.74 8.50 -12.83
N PRO D 177 -50.70 9.34 -13.04
CA PRO D 177 -49.56 8.77 -13.79
C PRO D 177 -48.79 7.79 -12.92
N LEU D 178 -48.22 6.76 -13.54
CA LEU D 178 -47.48 5.73 -12.79
C LEU D 178 -46.00 6.07 -12.78
N GLU D 179 -45.42 6.16 -11.58
CA GLU D 179 -43.99 6.47 -11.43
C GLU D 179 -43.19 5.24 -11.82
N ILE D 180 -42.06 5.45 -12.51
CA ILE D 180 -41.20 4.35 -12.98
C ILE D 180 -40.02 4.28 -12.02
N LYS D 181 -39.79 3.09 -11.45
CA LYS D 181 -38.81 2.93 -10.39
C LYS D 181 -37.42 2.73 -11.00
N THR D 182 -36.39 3.16 -10.27
CA THR D 182 -35.00 3.04 -10.71
C THR D 182 -33.97 2.72 -9.60
N GLN D 183 -32.93 2.02 -9.99
CA GLN D 183 -31.75 1.76 -9.14
C GLN D 183 -30.74 2.89 -9.27
N CYS D 184 -30.91 3.71 -10.31
CA CYS D 184 -30.00 4.82 -10.59
C CYS D 184 -30.13 5.92 -9.56
N SER D 185 -29.04 6.66 -9.41
CA SER D 185 -28.97 7.81 -8.54
C SER D 185 -28.70 8.98 -9.47
N GLY D 186 -29.36 10.10 -9.19
CA GLY D 186 -29.40 11.24 -10.08
C GLY D 186 -30.54 11.12 -11.08
N PRO D 187 -30.81 12.21 -11.84
CA PRO D 187 -31.91 12.23 -12.81
C PRO D 187 -31.70 11.32 -14.04
N ARG D 188 -32.83 10.88 -14.60
CA ARG D 188 -32.92 10.12 -15.85
C ARG D 188 -33.41 11.11 -16.89
N MET D 189 -32.52 11.40 -17.83
CA MET D 189 -32.69 12.54 -18.73
C MET D 189 -33.03 11.97 -20.10
N ASP D 190 -33.70 12.78 -20.91
CA ASP D 190 -34.00 12.48 -22.33
C ASP D 190 -34.65 11.12 -22.54
N PRO D 191 -35.79 10.84 -21.86
CA PRO D 191 -36.34 9.50 -22.10
C PRO D 191 -37.07 9.38 -23.42
N LYS D 192 -37.00 8.19 -24.02
CA LYS D 192 -37.71 7.90 -25.26
C LYS D 192 -38.17 6.44 -25.29
N ILE D 193 -39.40 6.23 -25.76
CA ILE D 193 -39.94 4.89 -25.96
C ILE D 193 -39.31 4.26 -27.20
N CYS D 194 -38.97 2.97 -27.10
CA CYS D 194 -38.41 2.21 -28.21
C CYS D 194 -39.49 2.01 -29.29
N PRO D 195 -39.32 2.65 -30.47
CA PRO D 195 -40.40 2.59 -31.49
C PRO D 195 -40.77 1.15 -31.88
N ALA D 196 -39.76 0.30 -32.07
CA ALA D 196 -39.91 -1.13 -32.44
C ALA D 196 -40.62 -1.99 -31.40
N ASP D 197 -40.43 -1.66 -30.12
CA ASP D 197 -41.04 -2.41 -29.01
C ASP D 197 -41.39 -1.47 -27.85
N PRO D 198 -42.67 -1.15 -27.64
CA PRO D 198 -43.04 -0.20 -26.58
C PRO D 198 -42.93 -0.71 -25.13
N ALA D 199 -42.49 -1.96 -24.94
CA ALA D 199 -42.17 -2.43 -23.59
C ALA D 199 -40.87 -1.77 -23.11
N PHE D 200 -40.07 -1.28 -24.07
CA PHE D 200 -38.78 -0.65 -23.80
C PHE D 200 -38.75 0.87 -23.96
N PHE D 201 -37.88 1.46 -23.15
CA PHE D 201 -37.60 2.89 -23.22
C PHE D 201 -36.12 3.12 -22.91
N SER D 202 -35.61 4.29 -23.22
CA SER D 202 -34.20 4.59 -22.95
C SER D 202 -34.10 5.88 -22.15
N PHE D 203 -32.93 6.14 -21.58
CA PHE D 203 -32.67 7.38 -20.87
C PHE D 203 -31.19 7.56 -20.64
N ILE D 204 -30.81 8.81 -20.38
CA ILE D 204 -29.42 9.12 -19.98
C ILE D 204 -29.38 9.25 -18.48
N ASN D 205 -28.41 8.56 -17.87
CA ASN D 205 -28.14 8.61 -16.43
C ASN D 205 -26.63 8.73 -16.23
N ASN D 206 -26.22 9.78 -15.56
CA ASN D 206 -24.82 10.04 -15.35
C ASN D 206 -23.96 9.86 -16.62
N SER D 207 -24.25 10.64 -17.66
CA SER D 207 -23.51 10.67 -18.94
C SER D 207 -23.30 9.29 -19.56
N ASP D 208 -24.30 8.40 -19.44
CA ASP D 208 -24.25 7.08 -20.05
C ASP D 208 -25.64 6.70 -20.54
N LEU D 209 -25.69 5.77 -21.49
CA LEU D 209 -26.97 5.31 -22.04
C LEU D 209 -27.51 4.09 -21.28
N TRP D 210 -28.77 4.20 -20.88
CA TRP D 210 -29.46 3.14 -20.14
C TRP D 210 -30.78 2.76 -20.85
N VAL D 211 -31.11 1.48 -20.87
CA VAL D 211 -32.41 1.00 -21.41
C VAL D 211 -33.10 0.21 -20.31
N ALA D 212 -34.43 0.22 -20.32
CA ALA D 212 -35.23 -0.51 -19.32
C ALA D 212 -36.54 -0.98 -19.92
N ASN D 213 -37.25 -1.81 -19.17
CA ASN D 213 -38.55 -2.38 -19.57
C ASN D 213 -39.62 -1.92 -18.57
N ILE D 214 -40.48 -0.99 -19.00
CA ILE D 214 -41.56 -0.46 -18.15
C ILE D 214 -42.42 -1.56 -17.54
N GLU D 215 -42.65 -2.64 -18.30
CA GLU D 215 -43.50 -3.77 -17.87
C GLU D 215 -42.84 -4.58 -16.75
N THR D 216 -41.56 -4.87 -16.87
CA THR D 216 -40.82 -5.70 -15.90
C THR D 216 -40.03 -4.89 -14.87
N GLY D 217 -39.85 -3.59 -15.09
CA GLY D 217 -39.05 -2.75 -14.17
C GLY D 217 -37.53 -2.92 -14.25
N GLU D 218 -37.05 -3.76 -15.17
CA GLU D 218 -35.62 -4.04 -15.36
C GLU D 218 -34.90 -2.89 -16.08
N GLU D 219 -33.77 -2.45 -15.50
CA GLU D 219 -32.89 -1.40 -16.03
C GLU D 219 -31.54 -2.01 -16.39
N ARG D 220 -30.94 -1.58 -17.50
CA ARG D 220 -29.65 -2.12 -17.95
C ARG D 220 -28.83 -1.01 -18.56
N ARG D 221 -27.59 -0.88 -18.08
CA ARG D 221 -26.63 0.13 -18.55
C ARG D 221 -26.03 -0.32 -19.86
N LEU D 222 -25.91 0.58 -20.84
CA LEU D 222 -25.34 0.20 -22.16
C LEU D 222 -23.97 0.79 -22.47
N THR D 223 -23.59 1.90 -21.83
CA THR D 223 -22.29 2.55 -22.10
C THR D 223 -21.54 2.72 -20.81
N PHE D 224 -20.23 2.86 -20.91
CA PHE D 224 -19.35 2.99 -19.71
C PHE D 224 -18.25 4.03 -19.94
N CYS D 225 -18.65 5.27 -20.24
CA CYS D 225 -17.73 6.41 -20.38
C CYS D 225 -17.59 7.15 -19.06
N HIS D 226 -18.46 6.82 -18.10
CA HIS D 226 -18.51 7.50 -16.80
C HIS D 226 -18.14 6.53 -15.67
N GLN D 227 -17.71 7.06 -14.54
CA GLN D 227 -17.17 6.21 -13.44
C GLN D 227 -17.52 6.74 -12.05
N VAL D 232 -14.47 14.90 -10.18
CA VAL D 232 -15.46 15.63 -10.98
C VAL D 232 -14.99 15.78 -12.43
N LEU D 233 -13.92 16.57 -12.65
CA LEU D 233 -13.43 16.91 -14.01
C LEU D 233 -12.46 15.89 -14.63
N ASP D 234 -12.05 14.89 -13.85
CA ASP D 234 -11.24 13.79 -14.40
C ASP D 234 -12.07 12.72 -15.13
N ASP D 235 -13.35 13.01 -15.36
CA ASP D 235 -14.31 12.10 -16.01
C ASP D 235 -14.96 12.81 -17.22
N PRO D 236 -14.18 12.99 -18.31
CA PRO D 236 -14.67 13.87 -19.35
C PRO D 236 -15.35 13.16 -20.53
N LYS D 237 -15.64 11.87 -20.39
CA LYS D 237 -16.25 11.15 -21.50
C LYS D 237 -17.72 10.88 -21.18
N SER D 238 -18.56 11.11 -22.18
CA SER D 238 -20.01 11.00 -22.06
C SER D 238 -20.50 10.15 -23.25
N ALA D 239 -21.69 9.54 -23.12
CA ALA D 239 -22.30 8.78 -24.20
C ALA D 239 -23.75 9.18 -24.32
N GLY D 240 -24.24 9.29 -25.55
CA GLY D 240 -25.63 9.66 -25.85
C GLY D 240 -26.04 11.07 -25.42
N VAL D 241 -25.05 11.96 -25.23
CA VAL D 241 -25.29 13.29 -24.68
C VAL D 241 -24.88 14.38 -25.65
N ALA D 242 -25.75 15.36 -25.84
CA ALA D 242 -25.42 16.57 -26.58
C ALA D 242 -24.69 17.50 -25.64
N THR D 243 -23.47 17.90 -26.00
CA THR D 243 -22.66 18.85 -25.23
C THR D 243 -23.18 20.30 -25.38
N PHE D 244 -22.54 21.22 -24.64
CA PHE D 244 -23.03 22.60 -24.47
C PHE D 244 -23.29 23.32 -25.80
N VAL D 245 -22.26 23.40 -26.64
CA VAL D 245 -22.34 24.11 -27.93
C VAL D 245 -23.40 23.47 -28.83
N ILE D 246 -23.53 22.15 -28.77
CA ILE D 246 -24.54 21.44 -29.55
C ILE D 246 -25.93 21.82 -29.10
N GLN D 247 -26.11 21.97 -27.79
CA GLN D 247 -27.42 22.37 -27.25
C GLN D 247 -27.70 23.87 -27.47
N GLU D 248 -26.70 24.70 -27.18
CA GLU D 248 -26.84 26.15 -27.29
C GLU D 248 -26.67 26.72 -28.73
N GLU D 249 -25.86 26.09 -29.58
CA GLU D 249 -25.57 26.69 -30.90
C GLU D 249 -26.05 25.90 -32.12
N PHE D 250 -26.50 24.66 -31.91
CA PHE D 250 -26.98 23.79 -32.99
C PHE D 250 -28.39 23.19 -32.75
N ASP D 251 -29.09 23.67 -31.71
CA ASP D 251 -30.48 23.27 -31.48
C ASP D 251 -30.73 21.75 -31.52
N ARG D 252 -29.74 20.98 -31.04
CA ARG D 252 -29.89 19.52 -30.83
C ARG D 252 -29.73 19.25 -29.35
N PHE D 253 -30.71 18.58 -28.76
CA PHE D 253 -30.72 18.31 -27.31
C PHE D 253 -30.53 16.83 -26.97
N THR D 254 -30.29 16.01 -27.97
CA THR D 254 -30.14 14.58 -27.75
C THR D 254 -28.88 14.10 -28.44
N GLY D 255 -28.30 13.01 -27.93
CA GLY D 255 -27.15 12.37 -28.58
C GLY D 255 -27.31 10.88 -28.77
N TYR D 256 -28.55 10.44 -28.77
CA TYR D 256 -28.85 9.07 -29.12
C TYR D 256 -30.13 8.99 -29.96
N TRP D 257 -30.25 7.90 -30.71
CA TRP D 257 -31.34 7.71 -31.70
C TRP D 257 -31.67 6.24 -31.84
N TRP D 258 -32.87 5.88 -31.40
CA TRP D 258 -33.38 4.53 -31.56
C TRP D 258 -33.42 4.14 -33.01
N CYS D 259 -32.95 2.93 -33.29
CA CYS D 259 -33.25 2.30 -34.56
C CYS D 259 -34.75 1.99 -34.52
N PRO D 260 -35.49 2.28 -35.62
CA PRO D 260 -36.96 2.13 -35.57
C PRO D 260 -37.50 0.68 -35.64
N THR D 261 -36.64 -0.26 -36.09
CA THR D 261 -37.01 -1.64 -36.35
C THR D 261 -36.16 -2.58 -35.52
N ALA D 262 -36.68 -3.78 -35.26
CA ALA D 262 -35.97 -4.84 -34.57
C ALA D 262 -35.39 -5.82 -35.58
N SER D 263 -34.40 -6.59 -35.15
CA SER D 263 -33.74 -7.60 -36.01
C SER D 263 -33.77 -8.97 -35.32
N TRP D 264 -33.52 -10.04 -36.09
CA TRP D 264 -33.60 -11.42 -35.57
C TRP D 264 -32.47 -12.32 -36.10
N GLU D 265 -31.30 -12.20 -35.50
CA GLU D 265 -30.11 -12.97 -35.94
C GLU D 265 -29.72 -13.98 -34.87
N GLY D 266 -28.94 -14.99 -35.27
CA GLY D 266 -28.43 -16.00 -34.33
C GLY D 266 -29.38 -17.14 -34.05
N SER D 267 -28.98 -18.00 -33.11
CA SER D 267 -29.75 -19.20 -32.73
C SER D 267 -30.72 -18.89 -31.59
N LEU D 270 -34.20 -14.94 -30.36
CA LEU D 270 -33.95 -13.65 -29.72
C LEU D 270 -34.23 -12.48 -30.67
N LYS D 271 -34.59 -11.34 -30.08
CA LYS D 271 -34.88 -10.09 -30.79
C LYS D 271 -33.79 -9.09 -30.44
N THR D 272 -33.20 -8.45 -31.45
CA THR D 272 -32.20 -7.41 -31.21
C THR D 272 -32.82 -6.03 -31.47
N LEU D 273 -32.44 -5.08 -30.61
CA LEU D 273 -32.80 -3.68 -30.75
C LEU D 273 -31.52 -2.87 -30.77
N ARG D 274 -31.61 -1.66 -31.32
CA ARG D 274 -30.43 -0.88 -31.64
C ARG D 274 -30.59 0.62 -31.38
N ILE D 275 -29.48 1.27 -31.00
CA ILE D 275 -29.46 2.71 -30.74
C ILE D 275 -28.16 3.27 -31.29
N LEU D 276 -28.28 4.21 -32.21
CA LEU D 276 -27.10 4.98 -32.69
C LEU D 276 -26.83 6.01 -31.60
N TYR D 277 -25.56 6.24 -31.28
CA TYR D 277 -25.25 7.23 -30.22
C TYR D 277 -23.93 7.92 -30.45
N GLU D 278 -23.88 9.18 -30.03
CA GLU D 278 -22.65 9.97 -30.16
C GLU D 278 -21.81 9.73 -28.90
N GLU D 279 -20.57 9.29 -29.05
CA GLU D 279 -19.65 9.21 -27.92
C GLU D 279 -18.87 10.51 -27.90
N VAL D 280 -18.69 11.09 -26.73
CA VAL D 280 -17.99 12.37 -26.63
C VAL D 280 -16.88 12.34 -25.59
N ASP D 281 -15.75 12.98 -25.91
CA ASP D 281 -14.57 13.13 -25.06
C ASP D 281 -14.19 14.63 -24.93
N GLU D 282 -14.51 15.23 -23.78
CA GLU D 282 -14.28 16.68 -23.60
C GLU D 282 -12.99 17.02 -22.84
N SER D 283 -12.02 16.11 -22.80
CA SER D 283 -10.77 16.33 -22.02
C SER D 283 -10.06 17.62 -22.42
N GLU D 284 -9.91 17.84 -23.72
CA GLU D 284 -9.17 18.99 -24.27
C GLU D 284 -9.94 20.28 -24.19
N VAL D 285 -11.22 20.20 -23.82
CA VAL D 285 -12.08 21.40 -23.77
C VAL D 285 -11.77 22.24 -22.52
N GLU D 286 -11.71 23.55 -22.70
CA GLU D 286 -11.51 24.48 -21.60
C GLU D 286 -12.60 24.36 -20.52
N VAL D 287 -12.20 24.44 -19.26
CA VAL D 287 -13.14 24.42 -18.14
C VAL D 287 -13.22 25.83 -17.58
N ILE D 288 -14.42 26.26 -17.25
CA ILE D 288 -14.61 27.56 -16.62
C ILE D 288 -15.59 27.30 -15.52
N HIS D 289 -15.58 28.14 -14.49
CA HIS D 289 -16.51 28.03 -13.36
C HIS D 289 -17.59 29.12 -13.41
N VAL D 290 -18.85 28.73 -13.18
CA VAL D 290 -19.98 29.67 -13.18
C VAL D 290 -20.65 29.54 -11.82
N PRO D 291 -21.11 30.68 -11.23
CA PRO D 291 -21.61 30.51 -9.87
C PRO D 291 -22.88 29.68 -9.85
N SER D 292 -23.03 28.90 -8.78
CA SER D 292 -24.19 28.00 -8.59
C SER D 292 -25.43 28.79 -8.17
N PRO D 293 -26.66 28.29 -8.50
CA PRO D 293 -27.86 29.00 -8.02
C PRO D 293 -28.06 29.04 -6.50
N ALA D 294 -27.42 28.11 -5.78
CA ALA D 294 -27.43 28.08 -4.30
C ALA D 294 -26.39 29.06 -3.76
N LEU D 295 -26.75 30.35 -3.75
CA LEU D 295 -25.82 31.44 -3.37
C LEU D 295 -25.18 31.26 -1.99
N GLU D 296 -25.94 30.73 -1.03
CA GLU D 296 -25.47 30.50 0.34
C GLU D 296 -24.25 29.55 0.36
N GLU D 297 -24.26 28.54 -0.51
CA GLU D 297 -23.15 27.58 -0.59
C GLU D 297 -21.84 28.26 -0.99
N ARG D 298 -21.93 29.37 -1.73
CA ARG D 298 -20.76 30.10 -2.23
C ARG D 298 -19.83 29.20 -3.09
N LYS D 299 -20.46 28.32 -3.87
CA LYS D 299 -19.72 27.41 -4.77
C LYS D 299 -20.16 27.66 -6.21
N THR D 300 -19.42 27.10 -7.16
CA THR D 300 -19.64 27.30 -8.59
C THR D 300 -19.84 25.95 -9.26
N ASP D 301 -20.24 25.98 -10.52
CA ASP D 301 -20.29 24.76 -11.32
C ASP D 301 -19.16 24.85 -12.35
N SER D 302 -18.58 23.70 -12.72
CA SER D 302 -17.56 23.58 -13.77
C SER D 302 -18.28 23.27 -15.09
N TYR D 303 -17.96 24.01 -16.14
CA TYR D 303 -18.56 23.83 -17.47
C TYR D 303 -17.46 23.54 -18.46
N ARG D 304 -17.61 22.53 -19.30
CA ARG D 304 -16.69 22.39 -20.44
C ARG D 304 -17.16 23.44 -21.45
N TYR D 305 -16.46 24.56 -21.54
CA TYR D 305 -16.89 25.68 -22.42
C TYR D 305 -15.91 25.92 -23.56
N PRO D 306 -16.22 25.44 -24.81
CA PRO D 306 -15.27 25.71 -25.90
C PRO D 306 -15.37 27.15 -26.39
N ARG D 307 -14.39 27.95 -26.01
CA ARG D 307 -14.36 29.36 -26.43
C ARG D 307 -13.88 29.38 -27.89
N THR D 308 -14.22 30.43 -28.62
CA THR D 308 -13.83 30.57 -30.02
C THR D 308 -12.33 30.35 -30.22
N GLY D 309 -11.99 29.52 -31.19
CA GLY D 309 -10.59 29.18 -31.51
C GLY D 309 -9.98 28.13 -30.60
N SER D 310 -10.75 27.63 -29.63
CA SER D 310 -10.24 26.63 -28.71
C SER D 310 -10.77 25.29 -29.16
N LYS D 311 -10.31 24.21 -28.52
CA LYS D 311 -10.73 22.86 -28.90
C LYS D 311 -12.19 22.54 -28.56
N ASN D 312 -12.91 21.99 -29.54
CA ASN D 312 -14.23 21.39 -29.33
C ASN D 312 -14.03 19.97 -28.82
N PRO D 313 -15.12 19.31 -28.38
CA PRO D 313 -14.87 17.94 -27.93
C PRO D 313 -14.60 16.95 -29.04
N LYS D 314 -13.72 15.96 -28.78
CA LYS D 314 -13.52 14.81 -29.69
C LYS D 314 -14.83 14.03 -29.73
N ILE D 315 -15.28 13.66 -30.93
CA ILE D 315 -16.59 12.98 -31.13
C ILE D 315 -16.48 11.68 -31.92
N ALA D 316 -17.55 10.90 -31.90
CA ALA D 316 -17.70 9.68 -32.71
C ALA D 316 -19.15 9.18 -32.66
N LEU D 317 -19.54 8.38 -33.66
CA LEU D 317 -20.88 7.74 -33.69
C LEU D 317 -20.69 6.25 -33.43
N LYS D 318 -21.43 5.71 -32.46
CA LYS D 318 -21.29 4.30 -32.05
C LYS D 318 -22.62 3.60 -32.19
N LEU D 319 -22.58 2.28 -32.11
CA LEU D 319 -23.77 1.48 -32.18
C LEU D 319 -23.88 0.61 -30.92
N ALA D 320 -24.97 0.77 -30.17
CA ALA D 320 -25.23 -0.06 -28.99
C ALA D 320 -26.37 -1.03 -29.32
N GLU D 321 -26.11 -2.33 -29.19
CA GLU D 321 -27.12 -3.33 -29.48
C GLU D 321 -27.50 -4.04 -28.20
N PHE D 322 -28.75 -4.47 -28.10
CA PHE D 322 -29.11 -5.36 -27.01
C PHE D 322 -30.14 -6.35 -27.49
N GLN D 323 -30.17 -7.52 -26.86
CA GLN D 323 -31.09 -8.58 -27.27
C GLN D 323 -32.09 -8.81 -26.16
N THR D 324 -33.32 -9.18 -26.53
CA THR D 324 -34.41 -9.47 -25.56
C THR D 324 -35.03 -10.83 -25.86
N ASP D 325 -35.57 -11.49 -24.84
CA ASP D 325 -36.28 -12.77 -25.05
C ASP D 325 -37.79 -12.50 -25.19
N SER D 326 -38.57 -13.55 -25.39
CA SER D 326 -40.03 -13.46 -25.48
C SER D 326 -40.63 -12.84 -24.22
N GLN D 327 -40.03 -13.15 -23.07
CA GLN D 327 -40.41 -12.61 -21.75
C GLN D 327 -40.05 -11.13 -21.55
N GLY D 328 -39.37 -10.51 -22.51
CA GLY D 328 -39.00 -9.11 -22.39
C GLY D 328 -37.75 -8.92 -21.56
N LYS D 329 -37.02 -10.00 -21.32
CA LYS D 329 -35.79 -9.97 -20.52
C LYS D 329 -34.65 -9.53 -21.45
N ILE D 330 -33.82 -8.62 -20.97
CA ILE D 330 -32.64 -8.09 -21.71
C ILE D 330 -31.46 -9.04 -21.46
N VAL D 331 -31.35 -10.05 -22.32
CA VAL D 331 -30.36 -11.13 -22.19
C VAL D 331 -28.92 -10.63 -22.40
N SER D 332 -28.68 -9.87 -23.46
CA SER D 332 -27.31 -9.43 -23.77
C SER D 332 -27.27 -8.01 -24.31
N THR D 333 -26.09 -7.39 -24.15
CA THR D 333 -25.83 -6.05 -24.66
C THR D 333 -24.46 -6.04 -25.35
N GLN D 334 -24.27 -5.12 -26.31
CA GLN D 334 -23.00 -4.97 -27.04
C GLN D 334 -22.68 -3.51 -27.37
N GLU D 335 -21.40 -3.16 -27.26
CA GLU D 335 -20.84 -1.84 -27.57
C GLU D 335 -20.18 -1.96 -28.96
N LYS D 336 -20.64 -1.18 -29.93
CA LYS D 336 -20.05 -1.27 -31.29
C LYS D 336 -19.45 0.06 -31.73
N GLU D 337 -18.44 -0.01 -32.58
CA GLU D 337 -17.77 1.17 -33.07
C GLU D 337 -17.38 0.97 -34.52
N LEU D 338 -17.22 2.08 -35.24
CA LEU D 338 -16.86 2.09 -36.67
C LEU D 338 -15.63 1.22 -36.91
N VAL D 339 -15.64 0.47 -38.01
CA VAL D 339 -14.53 -0.46 -38.39
C VAL D 339 -13.25 0.37 -38.50
N GLN D 340 -13.40 1.61 -38.95
CA GLN D 340 -12.30 2.60 -38.98
C GLN D 340 -12.67 3.74 -38.03
N PRO D 341 -11.67 4.41 -37.43
CA PRO D 341 -12.09 5.53 -36.58
C PRO D 341 -12.93 6.57 -37.33
N PHE D 342 -13.76 7.29 -36.59
CA PHE D 342 -14.57 8.37 -37.14
C PHE D 342 -13.70 9.50 -37.71
N SER D 343 -12.62 9.86 -37.01
CA SER D 343 -11.71 10.91 -37.54
C SER D 343 -10.92 10.53 -38.82
N SER D 344 -10.66 9.24 -39.03
CA SER D 344 -10.00 8.78 -40.25
C SER D 344 -10.98 8.67 -41.44
N LEU D 345 -12.19 8.15 -41.18
CA LEU D 345 -13.26 8.02 -42.21
C LEU D 345 -13.82 9.37 -42.63
N PHE D 346 -13.99 10.26 -41.65
CA PHE D 346 -14.50 11.62 -41.88
C PHE D 346 -13.53 12.64 -41.24
N PRO D 347 -12.33 12.80 -41.86
CA PRO D 347 -11.28 13.61 -41.22
C PRO D 347 -11.55 15.09 -40.95
N LYS D 348 -12.42 15.72 -41.74
CA LYS D 348 -12.67 17.15 -41.57
C LYS D 348 -13.95 17.47 -40.78
N VAL D 349 -14.58 16.47 -40.17
CA VAL D 349 -15.86 16.67 -39.50
C VAL D 349 -15.60 17.17 -38.09
N GLU D 350 -16.10 18.36 -37.80
CA GLU D 350 -16.01 18.95 -36.49
C GLU D 350 -17.25 18.74 -35.58
N TYR D 351 -18.45 18.79 -36.15
CA TYR D 351 -19.67 18.67 -35.33
C TYR D 351 -20.66 17.74 -36.00
N ILE D 352 -21.41 17.02 -35.19
CA ILE D 352 -22.48 16.19 -35.65
C ILE D 352 -23.69 16.99 -35.33
N ALA D 353 -24.27 17.60 -36.37
CA ALA D 353 -25.44 18.43 -36.23
C ALA D 353 -26.67 17.60 -35.95
N ARG D 354 -26.86 16.51 -36.70
CA ARG D 354 -28.09 15.72 -36.60
C ARG D 354 -27.78 14.27 -36.94
N ALA D 355 -28.73 13.40 -36.64
CA ALA D 355 -28.64 11.99 -36.93
C ALA D 355 -30.02 11.33 -36.79
N GLY D 356 -30.06 10.05 -37.16
CA GLY D 356 -31.28 9.23 -37.10
C GLY D 356 -31.15 8.01 -38.02
N TRP D 357 -32.28 7.40 -38.37
CA TRP D 357 -32.29 6.18 -39.18
C TRP D 357 -33.29 6.28 -40.32
N THR D 358 -33.06 5.50 -41.39
CA THR D 358 -34.08 5.30 -42.44
C THR D 358 -35.21 4.56 -41.72
N ARG D 359 -36.41 4.52 -42.28
CA ARG D 359 -37.58 4.02 -41.54
C ARG D 359 -37.60 2.51 -41.44
N ASP D 360 -36.89 1.86 -42.35
CA ASP D 360 -36.80 0.40 -42.40
C ASP D 360 -35.62 -0.09 -41.57
N GLY D 361 -34.85 0.84 -41.01
CA GLY D 361 -33.68 0.54 -40.19
C GLY D 361 -32.49 0.13 -41.02
N LYS D 362 -32.62 0.21 -42.34
CA LYS D 362 -31.57 -0.25 -43.25
C LYS D 362 -30.28 0.56 -43.07
N TYR D 363 -30.41 1.86 -42.77
CA TYR D 363 -29.23 2.72 -42.57
C TYR D 363 -29.48 3.71 -41.46
N ALA D 364 -28.44 3.96 -40.66
CA ALA D 364 -28.41 5.12 -39.76
C ALA D 364 -27.95 6.31 -40.60
N TRP D 365 -28.32 7.52 -40.22
CA TRP D 365 -27.84 8.69 -40.98
C TRP D 365 -27.30 9.77 -40.06
N ALA D 366 -26.43 10.61 -40.61
CA ALA D 366 -25.83 11.69 -39.84
C ALA D 366 -25.57 12.90 -40.74
N MET D 367 -25.86 14.09 -40.21
CA MET D 367 -25.58 15.36 -40.88
C MET D 367 -24.31 15.90 -40.23
N PHE D 368 -23.21 15.97 -40.97
CA PHE D 368 -21.93 16.47 -40.44
C PHE D 368 -21.73 17.94 -40.77
N LEU D 369 -20.71 18.53 -40.13
CA LEU D 369 -20.23 19.88 -40.47
C LEU D 369 -18.76 20.03 -40.21
N ASP D 370 -18.11 20.89 -40.99
CA ASP D 370 -16.70 21.26 -40.77
C ASP D 370 -16.60 22.44 -39.79
N ARG D 371 -15.40 22.75 -39.32
CA ARG D 371 -15.25 23.80 -38.29
C ARG D 371 -15.72 25.19 -38.75
N PRO D 372 -15.27 25.62 -39.96
CA PRO D 372 -15.77 26.90 -40.45
C PRO D 372 -17.26 26.95 -40.67
N GLN D 373 -17.90 25.78 -40.68
CA GLN D 373 -19.34 25.65 -40.89
C GLN D 373 -19.66 26.21 -42.26
N GLN D 374 -18.93 25.72 -43.27
CA GLN D 374 -19.19 26.05 -44.66
C GLN D 374 -19.26 24.81 -45.59
N TRP D 375 -19.43 23.64 -45.00
N TRP D 375 -19.37 23.63 -44.99
CA TRP D 375 -19.43 22.37 -45.73
CA TRP D 375 -19.41 22.38 -45.74
C TRP D 375 -20.20 21.35 -44.91
C TRP D 375 -20.17 21.31 -44.95
N LEU D 376 -21.38 20.99 -45.40
CA LEU D 376 -22.23 20.00 -44.78
C LEU D 376 -22.18 18.69 -45.56
N GLN D 377 -22.42 17.58 -44.86
CA GLN D 377 -22.57 16.28 -45.49
C GLN D 377 -23.65 15.40 -44.83
N LEU D 378 -24.63 14.95 -45.61
CA LEU D 378 -25.50 13.88 -45.19
C LEU D 378 -24.85 12.57 -45.61
N VAL D 379 -24.70 11.66 -44.65
CA VAL D 379 -23.97 10.40 -44.86
C VAL D 379 -24.83 9.29 -44.31
N LEU D 380 -24.87 8.17 -45.01
CA LEU D 380 -25.56 6.94 -44.56
C LEU D 380 -24.58 5.97 -43.90
N LEU D 381 -24.86 5.57 -42.67
CA LEU D 381 -23.97 4.62 -41.97
C LEU D 381 -24.62 3.26 -41.92
N PRO D 382 -24.12 2.28 -42.75
CA PRO D 382 -24.73 0.95 -42.63
C PRO D 382 -24.36 0.30 -41.30
N PRO D 383 -25.34 -0.33 -40.60
CA PRO D 383 -25.00 -1.01 -39.33
C PRO D 383 -23.87 -2.05 -39.42
N ALA D 384 -23.74 -2.71 -40.58
CA ALA D 384 -22.65 -3.65 -40.84
C ALA D 384 -21.30 -2.95 -40.87
N LEU D 385 -21.32 -1.62 -40.87
CA LEU D 385 -20.09 -0.81 -40.83
C LEU D 385 -19.53 -0.68 -39.40
N PHE D 386 -20.30 -1.08 -38.39
CA PHE D 386 -19.86 -1.04 -37.01
C PHE D 386 -19.48 -2.46 -36.53
N ILE D 387 -18.43 -2.59 -35.72
CA ILE D 387 -17.94 -3.91 -35.19
C ILE D 387 -17.87 -3.89 -33.65
N PRO D 388 -17.89 -5.07 -32.99
CA PRO D 388 -17.81 -4.96 -31.54
C PRO D 388 -16.53 -4.31 -31.06
N SER D 389 -16.62 -3.51 -30.01
CA SER D 389 -15.48 -2.79 -29.44
C SER D 389 -14.68 -3.75 -28.59
N THR D 390 -13.35 -3.64 -28.67
CA THR D 390 -12.40 -4.45 -27.89
C THR D 390 -11.09 -3.65 -27.77
N GLU D 391 -10.34 -3.94 -26.74
CA GLU D 391 -9.03 -3.30 -26.46
C GLU D 391 -7.89 -4.14 -27.06
N ASN D 392 -8.27 -5.23 -27.72
CA ASN D 392 -7.38 -6.18 -28.34
C ASN D 392 -7.37 -5.89 -29.84
N GLU D 393 -6.22 -5.45 -30.35
CA GLU D 393 -6.08 -5.08 -31.76
C GLU D 393 -6.20 -6.29 -32.67
N GLU D 394 -5.64 -7.42 -32.25
CA GLU D 394 -5.78 -8.69 -32.98
C GLU D 394 -7.25 -9.12 -33.15
N GLN D 395 -8.03 -8.99 -32.08
CA GLN D 395 -9.47 -9.27 -32.12
C GLN D 395 -10.14 -8.27 -33.06
N ARG D 396 -9.75 -7.00 -32.94
CA ARG D 396 -10.31 -5.93 -33.78
C ARG D 396 -9.96 -6.14 -35.26
N LEU D 397 -8.70 -6.50 -35.54
CA LEU D 397 -8.25 -6.79 -36.91
C LEU D 397 -9.05 -7.94 -37.51
N ALA D 398 -9.33 -8.97 -36.71
CA ALA D 398 -10.17 -10.09 -37.15
C ALA D 398 -11.56 -9.59 -37.53
N SER D 399 -12.11 -8.70 -36.71
CA SER D 399 -13.46 -8.12 -36.94
C SER D 399 -13.52 -7.27 -38.20
N ALA D 400 -12.48 -6.49 -38.45
CA ALA D 400 -12.39 -5.63 -39.63
C ALA D 400 -12.33 -6.44 -40.92
N ARG D 401 -11.67 -7.61 -40.88
CA ARG D 401 -11.54 -8.54 -42.02
C ARG D 401 -12.88 -9.17 -42.39
N ALA D 402 -13.66 -9.53 -41.37
CA ALA D 402 -14.99 -10.12 -41.55
C ALA D 402 -15.99 -9.22 -42.31
N VAL D 403 -15.88 -7.90 -42.15
CA VAL D 403 -16.84 -6.93 -42.73
C VAL D 403 -16.82 -7.00 -44.26
N PRO D 404 -18.01 -7.19 -44.92
CA PRO D 404 -18.05 -7.26 -46.39
C PRO D 404 -17.48 -6.07 -47.11
N ARG D 405 -16.72 -6.35 -48.16
CA ARG D 405 -16.01 -5.35 -48.98
C ARG D 405 -16.94 -4.27 -49.63
N ASN D 406 -18.21 -4.64 -49.84
CA ASN D 406 -19.19 -3.74 -50.45
C ASN D 406 -19.74 -2.69 -49.45
N VAL D 407 -19.75 -3.03 -48.16
CA VAL D 407 -20.22 -2.13 -47.11
C VAL D 407 -19.39 -0.84 -47.06
N GLN D 408 -20.07 0.31 -46.90
CA GLN D 408 -19.40 1.61 -46.77
C GLN D 408 -20.29 2.76 -46.33
N PRO D 409 -19.69 3.88 -45.90
CA PRO D 409 -20.52 5.07 -45.76
C PRO D 409 -20.88 5.58 -47.15
N TYR D 410 -22.03 6.25 -47.23
CA TYR D 410 -22.57 6.82 -48.46
C TYR D 410 -22.91 8.25 -48.17
N VAL D 411 -22.21 9.14 -48.87
CA VAL D 411 -22.48 10.57 -48.78
C VAL D 411 -23.51 10.89 -49.86
N VAL D 412 -24.77 10.89 -49.47
CA VAL D 412 -25.88 11.18 -50.35
C VAL D 412 -26.09 12.67 -50.68
N TYR D 413 -25.44 13.58 -49.95
CA TYR D 413 -25.63 15.01 -50.15
C TYR D 413 -24.53 15.84 -49.52
N GLU D 414 -24.31 17.01 -50.10
CA GLU D 414 -23.23 17.87 -49.64
C GLU D 414 -23.56 19.31 -50.06
N GLU D 415 -23.77 20.18 -49.05
CA GLU D 415 -24.05 21.61 -49.25
C GLU D 415 -22.77 22.41 -48.97
N VAL D 416 -22.53 23.45 -49.75
CA VAL D 416 -21.32 24.27 -49.64
C VAL D 416 -21.66 25.76 -49.84
N THR D 417 -20.97 26.64 -49.13
CA THR D 417 -21.28 28.08 -49.16
C THR D 417 -20.08 28.93 -48.76
N ASN D 418 -20.09 30.18 -49.23
CA ASN D 418 -19.09 31.20 -48.88
C ASN D 418 -19.49 32.01 -47.65
N VAL D 419 -20.76 31.94 -47.27
CA VAL D 419 -21.28 32.62 -46.10
C VAL D 419 -21.19 31.63 -44.92
N TRP D 420 -22.25 30.85 -44.67
CA TRP D 420 -22.24 29.77 -43.64
C TRP D 420 -23.42 28.84 -43.83
N ILE D 421 -23.28 27.60 -43.36
CA ILE D 421 -24.36 26.62 -43.29
C ILE D 421 -25.15 26.74 -41.98
N ASN D 422 -26.35 27.31 -42.09
CA ASN D 422 -27.37 27.19 -41.10
C ASN D 422 -27.86 25.76 -41.20
N VAL D 423 -28.00 25.09 -40.06
CA VAL D 423 -28.51 23.72 -40.01
C VAL D 423 -30.04 23.72 -40.14
N HIS D 424 -30.52 23.23 -41.29
CA HIS D 424 -31.93 23.02 -41.54
C HIS D 424 -32.25 21.57 -41.22
N ASP D 425 -33.30 21.35 -40.44
CA ASP D 425 -33.69 20.03 -39.91
C ASP D 425 -34.38 19.12 -40.91
N ILE D 426 -34.94 19.64 -41.98
CA ILE D 426 -35.69 18.80 -42.93
C ILE D 426 -34.76 17.81 -43.67
N PHE D 427 -35.15 16.53 -43.62
CA PHE D 427 -34.45 15.41 -44.26
C PHE D 427 -35.38 14.18 -44.19
N TYR D 428 -36.11 13.90 -45.27
CA TYR D 428 -37.11 12.82 -45.32
C TYR D 428 -36.74 11.69 -46.30
N PRO D 429 -36.06 10.62 -45.77
CA PRO D 429 -35.69 9.51 -46.65
C PRO D 429 -36.86 8.61 -46.93
N PHE D 430 -37.18 8.43 -48.20
CA PHE D 430 -38.31 7.58 -48.62
C PHE D 430 -37.92 6.11 -48.55
N PRO D 431 -38.91 5.19 -48.47
CA PRO D 431 -38.47 3.80 -48.44
C PRO D 431 -37.96 3.48 -49.82
N GLN D 432 -37.09 2.47 -49.93
CA GLN D 432 -36.52 2.06 -51.22
C GLN D 432 -37.45 1.01 -51.90
N SER D 433 -38.07 1.42 -53.00
CA SER D 433 -39.04 0.60 -53.73
C SER D 433 -38.81 0.77 -55.24
N GLU D 436 -33.04 0.33 -53.44
CA GLU D 436 -32.08 -0.78 -53.41
C GLU D 436 -30.63 -0.31 -53.62
N ASP D 437 -30.35 0.13 -54.85
CA ASP D 437 -29.08 0.72 -55.31
C ASP D 437 -29.21 2.26 -55.48
N GLU D 438 -30.22 2.85 -54.84
CA GLU D 438 -30.41 4.31 -54.80
C GLU D 438 -31.15 4.73 -53.51
N LEU D 439 -31.21 6.03 -53.25
CA LEU D 439 -31.99 6.60 -52.16
C LEU D 439 -32.55 7.94 -52.57
N CYS D 440 -33.88 8.02 -52.53
CA CYS D 440 -34.64 9.22 -52.85
C CYS D 440 -35.08 9.83 -51.52
N PHE D 441 -34.83 11.13 -51.34
CA PHE D 441 -35.25 11.84 -50.14
C PHE D 441 -35.59 13.31 -50.42
N LEU D 442 -36.28 13.93 -49.47
CA LEU D 442 -36.59 15.37 -49.51
C LEU D 442 -35.56 16.09 -48.64
N ARG D 443 -35.15 17.29 -49.06
CA ARG D 443 -34.15 18.03 -48.32
C ARG D 443 -34.38 19.55 -48.41
N ALA D 444 -34.29 20.22 -47.25
CA ALA D 444 -34.32 21.68 -47.21
C ALA D 444 -32.89 22.19 -47.38
N ASN D 445 -32.67 22.98 -48.43
CA ASN D 445 -31.37 23.49 -48.83
C ASN D 445 -31.46 25.02 -49.06
N GLU D 446 -30.55 25.78 -48.43
CA GLU D 446 -30.48 27.24 -48.56
C GLU D 446 -29.25 27.76 -49.30
N CYS D 447 -28.20 26.96 -49.42
CA CYS D 447 -26.99 27.40 -50.10
C CYS D 447 -27.13 27.40 -51.63
N LYS D 448 -28.02 26.57 -52.16
CA LYS D 448 -28.17 26.45 -53.62
C LYS D 448 -28.49 27.80 -54.25
N THR D 449 -29.57 28.44 -53.78
CA THR D 449 -30.05 29.74 -54.32
C THR D 449 -29.96 30.93 -53.38
N GLY D 450 -29.77 30.69 -52.08
CA GLY D 450 -29.74 31.71 -51.04
C GLY D 450 -30.98 31.75 -50.11
N PHE D 451 -31.98 30.93 -50.41
CA PHE D 451 -33.20 30.82 -49.58
C PHE D 451 -33.45 29.33 -49.32
N CYS D 452 -34.10 29.03 -48.22
CA CYS D 452 -34.42 27.63 -47.87
C CYS D 452 -35.61 27.15 -48.69
N HIS D 453 -35.38 26.13 -49.50
CA HIS D 453 -36.38 25.58 -50.39
C HIS D 453 -36.29 24.07 -50.34
N LEU D 454 -37.36 23.42 -50.76
CA LEU D 454 -37.48 21.97 -50.74
C LEU D 454 -37.07 21.39 -52.09
N TYR D 455 -36.38 20.27 -52.01
CA TYR D 455 -35.79 19.61 -53.14
C TYR D 455 -36.11 18.13 -52.98
N LYS D 456 -36.29 17.45 -54.11
CA LYS D 456 -36.41 15.99 -54.14
C LYS D 456 -35.07 15.56 -54.68
N VAL D 457 -34.40 14.67 -53.95
CA VAL D 457 -33.05 14.22 -54.31
C VAL D 457 -32.98 12.70 -54.41
N THR D 458 -32.31 12.21 -55.46
CA THR D 458 -32.08 10.78 -55.68
C THR D 458 -30.58 10.59 -55.80
N ALA D 459 -30.00 9.84 -54.88
CA ALA D 459 -28.55 9.55 -54.92
C ALA D 459 -28.37 8.10 -55.28
N VAL D 460 -27.25 7.80 -55.89
CA VAL D 460 -26.98 6.47 -56.41
C VAL D 460 -25.98 5.85 -55.44
N LEU D 461 -26.40 4.74 -54.82
CA LEU D 461 -25.53 3.95 -53.94
C LEU D 461 -24.86 2.83 -54.74
N LYS D 462 -23.61 3.08 -55.14
CA LYS D 462 -22.77 2.04 -55.75
C LYS D 462 -21.48 1.89 -54.89
N SER D 463 -21.32 0.69 -54.30
CA SER D 463 -20.13 0.33 -53.52
C SER D 463 -18.84 0.25 -54.37
N GLN D 464 -17.79 0.92 -53.92
CA GLN D 464 -16.49 0.92 -54.60
C GLN D 464 -15.67 -0.32 -54.22
N GLY D 465 -16.03 -0.94 -53.09
CA GLY D 465 -15.35 -2.13 -52.59
C GLY D 465 -14.14 -1.71 -51.77
N TYR D 466 -14.17 -1.94 -50.47
CA TYR D 466 -13.03 -1.58 -49.59
C TYR D 466 -12.55 -2.76 -48.73
N ASP D 467 -11.24 -2.78 -48.47
CA ASP D 467 -10.67 -3.72 -47.49
C ASP D 467 -10.55 -2.96 -46.17
N TRP D 468 -11.56 -3.12 -45.33
CA TRP D 468 -11.67 -2.41 -44.05
C TRP D 468 -10.64 -2.81 -43.00
N SER D 469 -10.11 -4.03 -43.13
CA SER D 469 -9.01 -4.50 -42.28
C SER D 469 -7.78 -3.60 -42.39
N GLU D 470 -7.47 -3.17 -43.61
CA GLU D 470 -6.35 -2.23 -43.87
C GLU D 470 -6.79 -0.80 -43.51
N PRO D 471 -5.96 -0.04 -42.74
CA PRO D 471 -6.39 1.34 -42.54
C PRO D 471 -6.13 2.13 -43.81
N PHE D 472 -6.94 3.15 -44.06
CA PHE D 472 -6.72 3.98 -45.25
C PHE D 472 -7.09 5.45 -44.99
N SER D 473 -6.44 6.34 -45.74
CA SER D 473 -6.76 7.78 -45.77
C SER D 473 -7.67 8.05 -46.96
N PRO D 474 -8.93 8.51 -46.73
CA PRO D 474 -9.76 8.65 -47.91
C PRO D 474 -9.50 9.93 -48.66
N GLY D 475 -9.67 9.89 -49.97
CA GLY D 475 -9.52 11.07 -50.82
C GLY D 475 -10.70 12.03 -50.69
N GLU D 476 -10.60 13.15 -51.40
CA GLU D 476 -11.72 14.09 -51.46
C GLU D 476 -12.80 13.39 -52.30
N ASP D 477 -14.05 13.52 -51.88
CA ASP D 477 -15.17 12.88 -52.59
C ASP D 477 -15.08 11.36 -52.58
N GLU D 478 -14.56 10.82 -51.47
CA GLU D 478 -14.35 9.38 -51.29
C GLU D 478 -15.65 8.60 -51.32
N PHE D 479 -16.59 9.02 -50.48
CA PHE D 479 -17.89 8.34 -50.37
C PHE D 479 -19.01 9.10 -51.10
N LYS D 480 -18.68 10.24 -51.72
CA LYS D 480 -19.63 11.10 -52.46
C LYS D 480 -20.39 10.37 -53.59
N CYS D 481 -21.61 9.94 -53.28
CA CYS D 481 -22.48 9.31 -54.25
C CYS D 481 -22.78 10.30 -55.37
N PRO D 482 -22.89 9.81 -56.61
CA PRO D 482 -23.45 10.65 -57.65
C PRO D 482 -24.95 10.89 -57.41
N ILE D 483 -25.41 12.05 -57.88
CA ILE D 483 -26.80 12.46 -57.73
C ILE D 483 -27.49 12.11 -59.05
N LYS D 484 -28.45 11.18 -59.02
CA LYS D 484 -29.19 10.81 -60.23
C LYS D 484 -30.07 11.97 -60.72
N GLU D 485 -30.76 12.63 -59.80
CA GLU D 485 -31.56 13.83 -60.12
C GLU D 485 -31.70 14.71 -58.90
N GLU D 486 -32.19 15.92 -59.12
CA GLU D 486 -32.39 16.91 -58.04
C GLU D 486 -33.41 17.93 -58.51
N ILE D 487 -34.64 17.78 -58.05
CA ILE D 487 -35.74 18.64 -58.49
C ILE D 487 -36.01 19.69 -57.42
N ALA D 488 -36.13 20.96 -57.82
CA ALA D 488 -36.65 22.03 -56.94
C ALA D 488 -38.16 21.95 -56.83
N LEU D 489 -38.67 21.67 -55.62
CA LEU D 489 -40.13 21.66 -55.33
C LEU D 489 -40.72 23.05 -54.98
N THR D 490 -39.84 23.97 -54.55
CA THR D 490 -40.18 25.33 -54.18
C THR D 490 -39.02 26.22 -54.64
N SER D 491 -39.35 27.46 -54.98
CA SER D 491 -38.37 28.41 -55.47
C SER D 491 -38.92 29.81 -55.21
N GLY D 492 -38.09 30.83 -55.37
CA GLY D 492 -38.51 32.24 -55.19
C GLY D 492 -37.79 32.95 -54.06
N GLU D 493 -37.95 34.27 -54.02
CA GLU D 493 -37.38 35.13 -52.95
C GLU D 493 -38.14 35.03 -51.61
N TRP D 494 -38.21 33.81 -51.08
CA TRP D 494 -38.97 33.50 -49.86
C TRP D 494 -38.45 32.16 -49.34
N GLU D 495 -38.72 31.85 -48.08
CA GLU D 495 -38.09 30.65 -47.52
C GLU D 495 -39.04 29.70 -46.80
N VAL D 496 -38.79 28.41 -47.00
CA VAL D 496 -39.48 27.33 -46.29
C VAL D 496 -38.89 27.31 -44.89
N LEU D 497 -39.74 27.20 -43.86
CA LEU D 497 -39.26 27.16 -42.47
C LEU D 497 -38.77 25.76 -42.22
N ALA D 498 -37.55 25.62 -41.72
CA ALA D 498 -36.97 24.29 -41.48
C ALA D 498 -36.09 24.22 -40.24
N ARG D 499 -36.25 25.15 -39.30
CA ARG D 499 -35.48 25.21 -38.04
C ARG D 499 -36.37 25.50 -36.82
N HIS D 500 -35.79 25.28 -35.65
CA HIS D 500 -36.42 25.63 -34.38
C HIS D 500 -37.84 25.09 -34.26
N GLY D 501 -38.01 23.84 -34.66
CA GLY D 501 -39.29 23.15 -34.59
C GLY D 501 -40.12 23.18 -35.86
N SER D 502 -39.74 24.02 -36.83
CA SER D 502 -40.43 24.01 -38.13
C SER D 502 -40.15 22.66 -38.82
N LYS D 503 -41.18 22.07 -39.40
CA LYS D 503 -41.04 20.74 -40.00
C LYS D 503 -41.97 20.60 -41.18
N ILE D 504 -41.87 19.46 -41.85
CA ILE D 504 -42.78 19.13 -42.98
C ILE D 504 -43.59 17.88 -42.62
N TRP D 505 -44.70 17.70 -43.32
CA TRP D 505 -45.54 16.52 -43.16
C TRP D 505 -45.69 15.97 -44.56
N VAL D 506 -45.32 14.70 -44.75
CA VAL D 506 -45.36 14.10 -46.08
C VAL D 506 -46.41 13.00 -46.12
N ASN D 507 -47.33 13.10 -47.07
CA ASN D 507 -48.33 12.06 -47.34
C ASN D 507 -47.84 11.28 -48.55
N GLU D 508 -47.38 10.06 -48.32
CA GLU D 508 -46.87 9.20 -49.40
C GLU D 508 -47.99 8.65 -50.29
N GLU D 509 -49.20 8.53 -49.73
CA GLU D 509 -50.38 8.10 -50.49
C GLU D 509 -50.75 9.14 -51.54
N THR D 510 -50.78 10.43 -51.17
CA THR D 510 -51.15 11.50 -52.11
C THR D 510 -49.95 12.16 -52.78
N LYS D 511 -48.73 11.81 -52.38
CA LYS D 511 -47.52 12.39 -52.95
C LYS D 511 -47.43 13.93 -52.75
N LEU D 512 -48.03 14.40 -51.65
CA LEU D 512 -48.04 15.83 -51.30
C LEU D 512 -47.24 16.05 -50.03
N VAL D 513 -46.42 17.11 -50.04
CA VAL D 513 -45.63 17.52 -48.87
C VAL D 513 -46.22 18.81 -48.33
N TYR D 514 -46.59 18.81 -47.05
CA TYR D 514 -47.15 19.99 -46.37
C TYR D 514 -46.03 20.70 -45.64
N PHE D 515 -45.94 22.02 -45.78
CA PHE D 515 -44.85 22.81 -45.16
C PHE D 515 -45.24 24.24 -44.78
N GLN D 516 -44.41 24.91 -43.98
CA GLN D 516 -44.66 26.30 -43.55
C GLN D 516 -43.66 27.22 -44.23
N GLY D 517 -44.08 28.47 -44.48
CA GLY D 517 -43.21 29.38 -45.21
C GLY D 517 -43.65 30.83 -45.14
N THR D 518 -42.82 31.70 -45.72
CA THR D 518 -43.03 33.15 -45.82
C THR D 518 -43.50 33.59 -47.25
N LYS D 519 -43.76 32.64 -48.14
CA LYS D 519 -44.09 32.92 -49.54
C LYS D 519 -45.05 34.11 -49.68
N ASP D 520 -46.10 34.16 -48.86
CA ASP D 520 -47.02 35.29 -48.91
C ASP D 520 -46.31 36.58 -48.46
N THR D 521 -45.63 36.53 -47.31
CA THR D 521 -44.89 37.68 -46.80
C THR D 521 -43.88 37.22 -45.73
N PRO D 522 -42.74 37.97 -45.54
CA PRO D 522 -41.83 37.55 -44.45
C PRO D 522 -42.33 37.91 -43.05
N LEU D 523 -43.44 38.64 -42.98
CA LEU D 523 -44.04 39.03 -41.72
C LEU D 523 -45.09 38.01 -41.22
N GLU D 524 -45.39 36.99 -42.02
CA GLU D 524 -46.36 35.97 -41.62
C GLU D 524 -45.81 34.59 -41.93
N HIS D 525 -45.99 33.63 -41.03
CA HIS D 525 -45.75 32.20 -41.35
C HIS D 525 -47.04 31.59 -41.88
N HIS D 526 -47.01 31.05 -43.09
CA HIS D 526 -48.18 30.37 -43.62
C HIS D 526 -47.91 28.88 -43.93
N LEU D 527 -48.98 28.08 -43.81
CA LEU D 527 -48.96 26.66 -44.15
C LEU D 527 -49.31 26.50 -45.65
N TYR D 528 -48.47 25.76 -46.37
CA TYR D 528 -48.68 25.47 -47.81
C TYR D 528 -48.61 23.98 -48.09
N VAL D 529 -49.05 23.60 -49.29
CA VAL D 529 -48.95 22.22 -49.78
C VAL D 529 -48.51 22.24 -51.24
N VAL D 530 -47.66 21.29 -51.61
CA VAL D 530 -47.15 21.15 -52.98
C VAL D 530 -46.89 19.66 -53.20
N SER D 531 -46.94 19.23 -54.46
CA SER D 531 -46.71 17.82 -54.79
C SER D 531 -45.24 17.59 -54.85
N TYR D 532 -44.79 16.44 -54.33
CA TYR D 532 -43.38 16.04 -54.45
C TYR D 532 -43.11 15.16 -55.70
N GLU D 533 -44.19 14.72 -56.34
CA GLU D 533 -44.13 14.01 -57.60
C GLU D 533 -44.06 15.03 -58.73
N ALA D 534 -44.99 15.98 -58.70
CA ALA D 534 -45.14 17.01 -59.73
C ALA D 534 -45.07 18.41 -59.10
N ALA D 535 -43.85 18.93 -58.99
CA ALA D 535 -43.64 20.27 -58.43
C ALA D 535 -44.28 21.38 -59.28
N GLY D 536 -45.55 21.66 -59.01
CA GLY D 536 -46.25 22.75 -59.70
C GLY D 536 -46.80 23.82 -58.80
N GLU D 537 -48.08 23.68 -58.46
CA GLU D 537 -48.85 24.72 -57.78
C GLU D 537 -48.77 24.53 -56.28
N ILE D 538 -48.27 25.56 -55.61
CA ILE D 538 -48.24 25.64 -54.13
C ILE D 538 -49.57 26.26 -53.71
N VAL D 539 -50.27 25.57 -52.82
CA VAL D 539 -51.58 26.01 -52.31
C VAL D 539 -51.44 26.40 -50.85
N ARG D 540 -51.93 27.59 -50.49
CA ARG D 540 -51.92 28.06 -49.09
C ARG D 540 -53.19 27.60 -48.37
N LEU D 541 -53.04 27.08 -47.15
CA LEU D 541 -54.18 26.58 -46.35
C LEU D 541 -54.52 27.49 -45.16
N THR D 542 -53.76 28.55 -44.97
CA THR D 542 -53.95 29.42 -43.82
C THR D 542 -54.41 30.81 -44.30
N THR D 543 -55.40 31.42 -43.63
CA THR D 543 -55.96 32.73 -44.04
C THR D 543 -54.93 33.85 -43.86
N PRO D 544 -54.87 34.80 -44.82
CA PRO D 544 -53.89 35.88 -44.60
C PRO D 544 -54.35 36.90 -43.56
N GLY D 545 -53.43 37.79 -43.18
CA GLY D 545 -53.60 38.75 -42.11
C GLY D 545 -53.03 38.29 -40.77
N PHE D 546 -52.68 37.00 -40.67
CA PHE D 546 -52.13 36.41 -39.42
C PHE D 546 -50.89 35.57 -39.69
N SER D 547 -50.20 35.23 -38.61
CA SER D 547 -49.01 34.37 -38.64
C SER D 547 -49.36 33.12 -37.90
N HIS D 548 -49.08 31.93 -38.45
CA HIS D 548 -49.56 30.68 -37.84
C HIS D 548 -48.44 29.70 -37.52
N SER D 549 -48.67 28.93 -36.46
CA SER D 549 -47.82 27.82 -36.03
C SER D 549 -48.71 26.58 -36.12
N CYS D 550 -48.42 25.74 -37.10
CA CYS D 550 -49.35 24.68 -37.49
C CYS D 550 -48.83 23.28 -37.17
N SER D 551 -49.77 22.34 -37.05
CA SER D 551 -49.47 20.93 -36.88
C SER D 551 -50.55 20.06 -37.51
N MET D 552 -50.13 19.18 -38.43
CA MET D 552 -51.05 18.34 -39.19
C MET D 552 -51.24 17.01 -38.49
N SER D 553 -52.38 16.39 -38.76
CA SER D 553 -52.58 15.00 -38.42
C SER D 553 -51.68 14.15 -39.30
N GLN D 554 -51.10 13.07 -38.76
CA GLN D 554 -50.37 12.10 -39.62
C GLN D 554 -51.30 11.39 -40.61
N ASN D 555 -52.61 11.46 -40.36
CA ASN D 555 -53.66 10.96 -41.26
C ASN D 555 -54.05 11.98 -42.33
N PHE D 556 -53.55 13.21 -42.20
CA PHE D 556 -53.78 14.31 -43.16
C PHE D 556 -55.29 14.61 -43.39
N ASP D 557 -56.11 14.32 -42.38
CA ASP D 557 -57.56 14.60 -42.42
C ASP D 557 -57.89 15.96 -41.77
N MET D 558 -57.03 16.43 -40.87
CA MET D 558 -57.22 17.74 -40.23
C MET D 558 -55.89 18.32 -39.71
N PHE D 559 -55.90 19.63 -39.43
CA PHE D 559 -54.73 20.31 -38.83
C PHE D 559 -55.15 21.39 -37.81
N VAL D 560 -54.22 21.76 -36.95
CA VAL D 560 -54.37 22.84 -35.99
C VAL D 560 -53.53 24.00 -36.48
N SER D 561 -54.03 25.22 -36.28
CA SER D 561 -53.19 26.43 -36.41
C SER D 561 -53.32 27.32 -35.20
N HIS D 562 -52.17 27.63 -34.59
CA HIS D 562 -52.07 28.58 -33.49
C HIS D 562 -51.55 29.88 -34.09
N TYR D 563 -52.43 30.89 -34.18
CA TYR D 563 -52.12 32.10 -34.97
C TYR D 563 -52.54 33.34 -34.26
N SER D 564 -52.04 34.47 -34.75
CA SER D 564 -52.31 35.80 -34.22
C SER D 564 -51.86 36.90 -35.20
N SER D 565 -52.07 38.16 -34.82
CA SER D 565 -51.61 39.33 -35.59
C SER D 565 -51.13 40.37 -34.60
N VAL D 566 -50.40 41.38 -35.06
CA VAL D 566 -49.92 42.49 -34.17
C VAL D 566 -51.08 43.10 -33.35
N SER D 567 -52.27 43.21 -33.94
CA SER D 567 -53.44 43.79 -33.28
C SER D 567 -54.42 42.78 -32.66
N THR D 568 -54.23 41.47 -32.85
CA THR D 568 -55.19 40.48 -32.32
C THR D 568 -54.51 39.36 -31.53
N PRO D 569 -55.09 39.02 -30.33
CA PRO D 569 -54.39 37.99 -29.55
C PRO D 569 -54.52 36.58 -30.16
N PRO D 570 -53.68 35.64 -29.73
CA PRO D 570 -53.67 34.33 -30.39
C PRO D 570 -54.92 33.49 -30.20
N CYS D 571 -55.35 32.86 -31.29
CA CYS D 571 -56.39 31.84 -31.28
C CYS D 571 -55.70 30.50 -31.60
N VAL D 572 -56.40 29.43 -31.32
CA VAL D 572 -56.03 28.10 -31.80
C VAL D 572 -57.31 27.46 -32.38
N HIS D 573 -57.32 27.23 -33.68
CA HIS D 573 -58.48 26.66 -34.35
C HIS D 573 -58.13 25.33 -34.99
N VAL D 574 -59.13 24.46 -35.10
CA VAL D 574 -58.99 23.14 -35.74
C VAL D 574 -59.65 23.20 -37.13
N TYR D 575 -58.87 22.87 -38.16
CA TYR D 575 -59.33 22.91 -39.56
C TYR D 575 -59.34 21.51 -40.17
N LYS D 576 -60.45 21.17 -40.81
CA LYS D 576 -60.63 19.87 -41.47
C LYS D 576 -60.38 20.11 -42.95
N LEU D 577 -59.56 19.26 -43.58
CA LEU D 577 -59.35 19.35 -45.04
C LEU D 577 -60.42 18.54 -45.75
N SER D 578 -61.32 19.21 -46.48
CA SER D 578 -62.47 18.54 -47.11
C SER D 578 -62.47 18.74 -48.61
N GLY D 579 -63.02 17.77 -49.35
CA GLY D 579 -63.11 17.82 -50.81
C GLY D 579 -63.00 16.45 -51.46
N PRO D 580 -63.04 16.40 -52.82
CA PRO D 580 -62.91 15.10 -53.47
C PRO D 580 -61.52 14.51 -53.27
N ASP D 581 -61.46 13.21 -53.04
CA ASP D 581 -60.19 12.51 -52.90
C ASP D 581 -59.48 12.40 -54.26
N ASP D 582 -60.23 12.68 -55.33
CA ASP D 582 -59.74 12.83 -56.72
C ASP D 582 -58.69 13.95 -56.83
N ASP D 583 -58.87 15.03 -56.08
CA ASP D 583 -57.98 16.22 -56.13
C ASP D 583 -57.42 16.57 -54.75
N PRO D 584 -56.44 15.77 -54.25
CA PRO D 584 -55.96 16.05 -52.88
C PRO D 584 -55.25 17.40 -52.72
N LEU D 585 -54.59 17.87 -53.75
CA LEU D 585 -53.90 19.16 -53.68
C LEU D 585 -54.84 20.33 -53.42
N HIS D 586 -56.09 20.22 -53.87
CA HIS D 586 -57.07 21.32 -53.68
C HIS D 586 -58.13 21.03 -52.59
N LYS D 587 -57.82 20.15 -51.64
CA LYS D 587 -58.67 19.98 -50.44
C LYS D 587 -58.82 21.34 -49.75
N GLN D 588 -60.04 21.74 -49.38
CA GLN D 588 -60.24 23.08 -48.78
C GLN D 588 -60.16 22.98 -47.25
N PRO D 589 -59.32 23.83 -46.61
CA PRO D 589 -59.38 23.79 -45.16
C PRO D 589 -60.69 24.43 -44.74
N ARG D 590 -61.39 23.79 -43.81
CA ARG D 590 -62.66 24.33 -43.30
C ARG D 590 -62.50 24.42 -41.80
N PHE D 591 -62.91 25.55 -41.21
CA PHE D 591 -62.93 25.70 -39.75
C PHE D 591 -63.85 24.64 -39.17
N TRP D 592 -63.32 23.86 -38.25
CA TRP D 592 -64.07 22.79 -37.59
C TRP D 592 -64.44 23.20 -36.16
N ALA D 593 -63.44 23.65 -35.39
CA ALA D 593 -63.66 24.09 -34.00
C ALA D 593 -62.50 24.93 -33.53
N SER D 594 -62.70 25.57 -32.37
CA SER D 594 -61.70 26.43 -31.73
C SER D 594 -61.22 25.81 -30.42
N MET D 595 -59.94 25.97 -30.12
CA MET D 595 -59.33 25.49 -28.86
C MET D 595 -59.00 26.65 -27.91
N MET D 596 -58.78 27.84 -28.47
CA MET D 596 -58.46 29.05 -27.69
C MET D 596 -59.02 30.27 -28.44
N GLU D 597 -59.30 31.36 -27.74
CA GLU D 597 -59.96 32.53 -28.37
C GLU D 597 -59.65 33.84 -27.65
N ALA D 598 -58.91 34.73 -28.31
CA ALA D 598 -58.73 36.14 -27.86
C ALA D 598 -58.26 36.36 -26.39
N ALA D 599 -58.55 37.54 -25.82
CA ALA D 599 -58.33 37.82 -24.39
C ALA D 599 -59.32 38.86 -23.87
N ASP D 604 -54.09 50.00 -20.40
CA ASP D 604 -54.66 49.15 -21.46
C ASP D 604 -53.68 49.03 -22.63
N TYR D 605 -53.89 48.02 -23.50
CA TYR D 605 -52.96 47.71 -24.61
C TYR D 605 -53.34 48.31 -25.96
N VAL D 606 -52.38 48.97 -26.60
CA VAL D 606 -52.53 49.57 -27.95
C VAL D 606 -51.51 48.90 -28.86
N PRO D 607 -51.97 48.17 -29.91
CA PRO D 607 -50.94 47.47 -30.69
C PRO D 607 -49.96 48.34 -31.46
N PRO D 608 -48.72 47.85 -31.67
CA PRO D 608 -47.83 48.61 -32.53
C PRO D 608 -48.20 48.52 -34.02
N GLU D 609 -47.56 49.33 -34.83
CA GLU D 609 -47.86 49.40 -36.27
C GLU D 609 -46.62 49.01 -37.03
N ILE D 610 -46.76 48.16 -38.02
CA ILE D 610 -45.63 47.76 -38.85
C ILE D 610 -45.55 48.69 -40.07
N PHE D 611 -44.31 49.01 -40.45
CA PHE D 611 -43.98 49.77 -41.65
C PHE D 611 -42.73 49.16 -42.29
N HIS D 612 -42.34 49.74 -43.43
CA HIS D 612 -41.16 49.34 -44.14
C HIS D 612 -40.60 50.56 -44.80
N PHE D 613 -39.31 50.54 -45.05
CA PHE D 613 -38.65 51.62 -45.74
C PHE D 613 -37.43 51.04 -46.47
N HIS D 614 -36.81 51.87 -47.29
CA HIS D 614 -35.65 51.46 -48.09
C HIS D 614 -34.42 52.22 -47.66
N THR D 615 -33.29 51.53 -47.53
CA THR D 615 -32.03 52.17 -47.14
C THR D 615 -31.41 52.88 -48.36
N ARG D 616 -30.37 53.68 -48.13
CA ARG D 616 -29.64 54.35 -49.22
C ARG D 616 -28.99 53.29 -50.12
N SER D 617 -28.70 52.14 -49.51
CA SER D 617 -28.25 50.94 -50.21
C SER D 617 -29.40 50.30 -51.04
N ASP D 618 -30.63 50.79 -50.84
CA ASP D 618 -31.87 50.35 -51.51
C ASP D 618 -32.37 48.97 -51.04
N VAL D 619 -32.04 48.61 -49.80
CA VAL D 619 -32.54 47.35 -49.19
C VAL D 619 -33.84 47.66 -48.43
N ARG D 620 -34.83 46.78 -48.55
CA ARG D 620 -36.10 46.93 -47.82
C ARG D 620 -35.94 46.42 -46.38
N LEU D 621 -36.32 47.25 -45.41
CA LEU D 621 -36.21 46.90 -44.00
C LEU D 621 -37.57 47.09 -43.38
N TYR D 622 -37.98 46.17 -42.51
CA TYR D 622 -39.28 46.29 -41.80
C TYR D 622 -39.03 46.83 -40.40
N GLY D 623 -40.03 47.51 -39.87
CA GLY D 623 -39.92 48.11 -38.58
C GLY D 623 -41.26 48.18 -37.91
N MET D 624 -41.24 48.48 -36.63
CA MET D 624 -42.44 48.49 -35.81
C MET D 624 -42.37 49.70 -34.91
N ILE D 625 -43.48 50.39 -34.71
CA ILE D 625 -43.51 51.52 -33.80
C ILE D 625 -44.74 51.46 -32.91
N TYR D 626 -44.50 51.71 -31.62
CA TYR D 626 -45.54 51.93 -30.63
C TYR D 626 -45.62 53.45 -30.49
N LYS D 627 -46.74 54.02 -30.93
CA LYS D 627 -46.97 55.46 -30.82
C LYS D 627 -47.26 55.80 -29.33
N PRO D 628 -46.89 57.01 -28.91
CA PRO D 628 -47.31 57.42 -27.57
C PRO D 628 -48.82 57.41 -27.45
N HIS D 629 -49.33 56.87 -26.34
CA HIS D 629 -50.78 56.79 -26.10
C HIS D 629 -51.31 58.19 -25.83
N ALA D 630 -52.59 58.41 -26.10
CA ALA D 630 -53.16 59.78 -26.14
C ALA D 630 -52.24 60.84 -26.79
N LEU D 631 -51.67 60.50 -27.95
CA LEU D 631 -50.76 61.39 -28.69
C LEU D 631 -51.46 62.69 -29.04
N GLN D 632 -50.69 63.78 -29.04
CA GLN D 632 -51.19 65.10 -29.46
C GLN D 632 -50.26 65.55 -30.62
N PRO D 633 -50.79 65.52 -31.87
CA PRO D 633 -49.85 65.88 -32.94
C PRO D 633 -49.22 67.25 -32.77
N GLY D 634 -47.97 67.35 -33.19
CA GLY D 634 -47.15 68.55 -33.00
C GLY D 634 -46.15 68.40 -31.87
N LYS D 635 -46.36 67.43 -31.00
CA LYS D 635 -45.47 67.20 -29.87
C LYS D 635 -44.37 66.22 -30.30
N LYS D 636 -43.13 66.52 -29.91
CA LYS D 636 -41.97 65.66 -30.13
C LYS D 636 -41.66 64.89 -28.84
N HIS D 637 -41.68 63.56 -28.92
CA HIS D 637 -41.58 62.68 -27.74
C HIS D 637 -40.22 62.02 -27.61
N PRO D 638 -39.82 61.71 -26.38
CA PRO D 638 -38.57 60.99 -26.20
C PRO D 638 -38.80 59.54 -26.63
N THR D 639 -37.78 58.96 -27.25
CA THR D 639 -37.92 57.66 -27.91
C THR D 639 -36.94 56.61 -27.40
N VAL D 640 -37.42 55.40 -27.29
CA VAL D 640 -36.61 54.22 -26.96
C VAL D 640 -36.51 53.36 -28.22
N LEU D 641 -35.30 53.26 -28.76
CA LEU D 641 -35.01 52.32 -29.82
C LEU D 641 -34.73 50.98 -29.15
N PHE D 642 -35.75 50.13 -29.06
CA PHE D 642 -35.57 48.77 -28.55
C PHE D 642 -34.87 47.95 -29.63
N VAL D 643 -33.91 47.12 -29.25
CA VAL D 643 -33.19 46.35 -30.26
C VAL D 643 -32.79 44.94 -29.79
N TYR D 644 -32.47 44.12 -30.78
CA TYR D 644 -31.70 42.89 -30.65
C TYR D 644 -30.66 42.88 -31.77
N GLY D 645 -31.13 42.77 -33.02
CA GLY D 645 -30.32 42.97 -34.24
C GLY D 645 -29.30 41.91 -34.56
N GLY D 646 -29.56 40.67 -34.13
CA GLY D 646 -28.58 39.57 -34.21
C GLY D 646 -29.10 38.44 -35.05
N PRO D 647 -28.23 37.48 -35.43
CA PRO D 647 -28.75 36.43 -36.28
C PRO D 647 -29.75 35.51 -35.59
N GLN D 648 -30.57 34.85 -36.40
CA GLN D 648 -31.52 33.80 -36.00
C GLN D 648 -32.79 34.38 -35.39
N VAL D 649 -32.95 35.70 -35.43
CA VAL D 649 -34.13 36.32 -34.77
C VAL D 649 -34.71 37.37 -35.71
N GLN D 650 -36.04 37.43 -35.75
CA GLN D 650 -36.81 38.45 -36.47
C GLN D 650 -37.85 38.95 -35.48
N LEU D 651 -37.74 40.20 -35.06
CA LEU D 651 -38.65 40.84 -34.10
C LEU D 651 -39.90 41.39 -34.79
N VAL D 652 -39.68 42.01 -35.95
CA VAL D 652 -40.77 42.66 -36.69
C VAL D 652 -41.42 41.66 -37.64
N ASN D 653 -42.62 41.27 -37.24
CA ASN D 653 -43.47 40.37 -38.00
C ASN D 653 -44.90 40.51 -37.51
N ASN D 654 -45.87 40.07 -38.31
CA ASN D 654 -47.27 40.22 -37.96
C ASN D 654 -47.74 39.10 -37.02
N SER D 655 -47.38 39.25 -35.75
CA SER D 655 -47.81 38.35 -34.66
C SER D 655 -48.00 39.19 -33.41
N PHE D 656 -48.85 38.72 -32.49
CA PHE D 656 -49.15 39.46 -31.26
C PHE D 656 -47.87 39.61 -30.45
N LYS D 657 -47.56 40.83 -30.03
CA LYS D 657 -46.35 41.11 -29.27
C LYS D 657 -46.66 41.48 -27.82
N GLY D 658 -47.94 41.58 -27.48
CA GLY D 658 -48.35 42.05 -26.14
C GLY D 658 -47.81 41.23 -24.97
N ILE D 659 -47.65 39.92 -25.17
CA ILE D 659 -47.25 38.99 -24.10
C ILE D 659 -45.79 39.18 -23.73
N LYS D 660 -44.89 39.14 -24.72
CA LYS D 660 -43.44 39.18 -24.43
C LYS D 660 -42.86 40.59 -24.39
N TYR D 661 -43.59 41.59 -24.89
CA TYR D 661 -43.10 42.99 -24.94
C TYR D 661 -44.10 43.94 -24.33
N LEU D 662 -44.72 43.50 -23.22
CA LEU D 662 -45.68 44.34 -22.48
C LEU D 662 -45.01 45.64 -22.03
N ARG D 663 -43.76 45.54 -21.58
CA ARG D 663 -42.96 46.70 -21.15
C ARG D 663 -42.83 47.77 -22.24
N LEU D 664 -42.80 47.35 -23.50
CA LEU D 664 -42.80 48.29 -24.61
C LEU D 664 -44.11 49.09 -24.72
N ASN D 665 -45.24 48.41 -24.52
CA ASN D 665 -46.50 49.11 -24.41
C ASN D 665 -46.53 49.98 -23.14
N THR D 666 -46.01 49.46 -22.03
CA THR D 666 -45.93 50.27 -20.80
C THR D 666 -45.18 51.59 -21.05
N LEU D 667 -44.04 51.51 -21.74
CA LEU D 667 -43.28 52.68 -22.11
C LEU D 667 -44.13 53.67 -22.91
N ALA D 668 -44.87 53.14 -23.87
CA ALA D 668 -45.71 53.96 -24.72
C ALA D 668 -46.82 54.65 -23.94
N SER D 669 -47.41 53.95 -22.96
CA SER D 669 -48.45 54.52 -22.11
C SER D 669 -47.93 55.74 -21.32
N LEU D 670 -46.66 55.69 -20.90
CA LEU D 670 -46.02 56.80 -20.19
C LEU D 670 -45.72 57.98 -21.10
N GLY D 671 -45.55 57.72 -22.39
CA GLY D 671 -45.34 58.77 -23.39
C GLY D 671 -44.07 58.66 -24.18
N TYR D 672 -43.42 57.51 -24.10
CA TYR D 672 -42.25 57.26 -24.94
C TYR D 672 -42.73 56.75 -26.30
N ALA D 673 -42.10 57.20 -27.37
CA ALA D 673 -42.19 56.50 -28.63
C ALA D 673 -41.25 55.33 -28.49
N VAL D 674 -41.67 54.14 -28.95
CA VAL D 674 -40.80 52.95 -28.98
C VAL D 674 -40.74 52.44 -30.43
N VAL D 675 -39.53 52.31 -30.94
CA VAL D 675 -39.25 51.89 -32.30
C VAL D 675 -38.45 50.58 -32.33
N VAL D 676 -38.83 49.64 -33.19
CA VAL D 676 -38.11 48.37 -33.42
C VAL D 676 -37.81 48.18 -34.92
N ILE D 677 -36.53 48.03 -35.25
CA ILE D 677 -36.09 47.85 -36.62
C ILE D 677 -35.49 46.45 -36.81
N ASP D 678 -35.92 45.74 -37.86
CA ASP D 678 -35.25 44.49 -38.30
C ASP D 678 -34.19 44.81 -39.36
N GLY D 679 -32.99 45.12 -38.88
CA GLY D 679 -31.86 45.46 -39.73
C GLY D 679 -31.19 44.22 -40.28
N ARG D 680 -30.18 44.42 -41.13
CA ARG D 680 -29.52 43.32 -41.82
C ARG D 680 -28.85 42.44 -40.78
N GLY D 681 -28.79 41.13 -41.09
CA GLY D 681 -28.37 40.09 -40.15
C GLY D 681 -29.57 39.32 -39.59
N SER D 682 -30.73 39.99 -39.49
CA SER D 682 -31.99 39.35 -39.02
C SER D 682 -32.41 38.21 -39.95
N CYS D 683 -33.16 37.24 -39.41
CA CYS D 683 -33.50 36.03 -40.18
C CYS D 683 -34.85 36.18 -40.95
N GLN D 684 -35.29 35.10 -41.60
CA GLN D 684 -36.50 35.01 -42.43
C GLN D 684 -36.44 35.87 -43.69
N ARG D 685 -35.22 36.24 -44.11
CA ARG D 685 -35.02 37.08 -45.30
C ARG D 685 -33.98 36.47 -46.24
N GLY D 686 -33.57 35.23 -45.98
CA GLY D 686 -32.56 34.56 -46.81
C GLY D 686 -31.14 34.78 -46.34
N LEU D 687 -30.22 33.96 -46.85
CA LEU D 687 -28.82 33.93 -46.41
C LEU D 687 -28.07 35.23 -46.68
N ARG D 688 -28.30 35.85 -47.84
CA ARG D 688 -27.56 37.06 -48.24
C ARG D 688 -27.90 38.30 -47.42
N PHE D 689 -29.14 38.39 -46.93
CA PHE D 689 -29.58 39.48 -46.04
C PHE D 689 -28.90 39.30 -44.66
N GLU D 690 -29.03 38.10 -44.13
CA GLU D 690 -28.37 37.67 -42.89
C GLU D 690 -26.84 37.85 -42.99
N GLY D 691 -26.33 37.52 -44.17
CA GLY D 691 -24.89 37.50 -44.41
C GLY D 691 -24.15 38.81 -44.35
N ALA D 692 -24.88 39.91 -44.18
CA ALA D 692 -24.26 41.23 -44.07
C ALA D 692 -23.36 41.41 -42.85
N LEU D 693 -23.56 40.59 -41.81
CA LEU D 693 -22.72 40.66 -40.60
C LEU D 693 -21.43 39.88 -40.73
N LYS D 694 -21.26 39.11 -41.82
CA LYS D 694 -20.14 38.17 -41.89
C LYS D 694 -18.82 38.89 -41.65
N ASN D 695 -18.12 38.48 -40.58
CA ASN D 695 -16.82 39.02 -40.13
C ASN D 695 -16.82 40.47 -39.66
N GLN D 696 -17.98 41.04 -39.35
CA GLN D 696 -18.05 42.44 -38.88
C GLN D 696 -19.24 42.66 -37.96
N MET D 697 -19.43 41.80 -36.96
CA MET D 697 -20.57 41.91 -36.04
C MET D 697 -20.45 43.19 -35.21
N GLY D 698 -21.59 43.87 -35.06
CA GLY D 698 -21.65 45.19 -34.40
C GLY D 698 -21.26 46.36 -35.28
N GLN D 699 -20.99 46.12 -36.58
CA GLN D 699 -20.53 47.17 -37.51
C GLN D 699 -21.62 47.71 -38.44
N VAL D 700 -22.42 46.82 -39.02
CA VAL D 700 -23.50 47.21 -39.96
C VAL D 700 -24.87 47.40 -39.28
N GLU D 701 -25.03 46.85 -38.07
CA GLU D 701 -26.34 46.79 -37.38
C GLU D 701 -26.84 48.17 -36.93
N ILE D 702 -25.95 49.01 -36.45
CA ILE D 702 -26.33 50.36 -35.99
C ILE D 702 -26.80 51.29 -37.11
N GLU D 703 -26.14 51.22 -38.28
CA GLU D 703 -26.48 52.07 -39.43
C GLU D 703 -27.95 51.87 -39.79
N ASP D 704 -28.34 50.61 -39.99
CA ASP D 704 -29.74 50.27 -40.33
C ASP D 704 -30.70 50.76 -39.25
N GLN D 705 -30.28 50.64 -38.00
CA GLN D 705 -31.05 51.14 -36.85
C GLN D 705 -31.18 52.66 -36.86
N VAL D 706 -30.09 53.35 -37.18
CA VAL D 706 -30.09 54.82 -37.33
C VAL D 706 -30.99 55.25 -38.52
N GLU D 707 -30.85 54.60 -39.66
CA GLU D 707 -31.69 54.89 -40.84
C GLU D 707 -33.17 54.72 -40.48
N GLY D 708 -33.49 53.56 -39.90
CA GLY D 708 -34.87 53.29 -39.49
C GLY D 708 -35.41 54.32 -38.51
N LEU D 709 -34.57 54.74 -37.57
CA LEU D 709 -34.92 55.80 -36.60
C LEU D 709 -35.22 57.13 -37.31
N GLN D 710 -34.34 57.53 -38.21
CA GLN D 710 -34.51 58.77 -39.00
C GLN D 710 -35.71 58.69 -39.95
N PHE D 711 -36.00 57.49 -40.45
CA PHE D 711 -37.16 57.29 -41.30
C PHE D 711 -38.44 57.49 -40.49
N VAL D 712 -38.47 56.86 -39.32
CA VAL D 712 -39.61 56.95 -38.40
C VAL D 712 -39.88 58.41 -38.02
N ALA D 713 -38.81 59.18 -37.88
CA ALA D 713 -38.95 60.60 -37.54
C ALA D 713 -39.62 61.40 -38.66
N GLU D 714 -39.31 61.11 -39.93
CA GLU D 714 -39.96 61.83 -41.02
C GLU D 714 -41.42 61.41 -41.17
N LYS D 715 -41.66 60.10 -41.23
CA LYS D 715 -43.01 59.54 -41.48
C LYS D 715 -44.00 59.98 -40.41
N TYR D 716 -43.63 59.73 -39.15
CA TYR D 716 -44.46 60.11 -37.99
C TYR D 716 -43.82 61.37 -37.43
N GLY D 717 -44.60 62.39 -37.13
CA GLY D 717 -44.00 63.65 -36.66
C GLY D 717 -43.68 63.74 -35.17
N PHE D 718 -43.81 62.64 -34.41
CA PHE D 718 -43.81 62.67 -32.94
C PHE D 718 -42.48 62.22 -32.31
N ILE D 719 -41.40 62.13 -33.09
CA ILE D 719 -40.11 61.66 -32.54
C ILE D 719 -39.13 62.80 -32.25
N ASP D 720 -38.73 62.96 -30.99
CA ASP D 720 -37.70 63.95 -30.64
C ASP D 720 -36.35 63.25 -30.74
N LEU D 721 -35.62 63.56 -31.81
CA LEU D 721 -34.29 62.98 -32.05
C LEU D 721 -33.25 63.41 -31.02
N SER D 722 -33.52 64.51 -30.30
CA SER D 722 -32.62 64.98 -29.25
C SER D 722 -32.68 64.12 -27.97
N ARG D 723 -33.70 63.28 -27.81
CA ARG D 723 -33.85 62.43 -26.62
C ARG D 723 -34.13 60.95 -26.99
N VAL D 724 -33.11 60.29 -27.52
CA VAL D 724 -33.28 58.89 -27.95
C VAL D 724 -32.44 57.97 -27.05
N ALA D 725 -33.05 56.91 -26.55
CA ALA D 725 -32.34 55.91 -25.74
C ALA D 725 -32.27 54.58 -26.47
N ILE D 726 -31.14 53.90 -26.41
CA ILE D 726 -30.95 52.60 -27.07
C ILE D 726 -30.94 51.51 -25.99
N HIS D 727 -31.82 50.52 -26.13
CA HIS D 727 -31.96 49.50 -25.12
C HIS D 727 -32.25 48.11 -25.69
N GLY D 728 -31.54 47.11 -25.18
CA GLY D 728 -31.72 45.72 -25.61
C GLY D 728 -31.01 44.75 -24.71
N TRP D 729 -31.32 43.48 -24.84
CA TRP D 729 -30.77 42.43 -23.95
C TRP D 729 -30.08 41.41 -24.84
N SER D 730 -29.00 40.82 -24.36
CA SER D 730 -28.27 39.79 -25.13
C SER D 730 -27.53 40.43 -26.34
N TYR D 731 -27.85 40.02 -27.58
CA TYR D 731 -27.28 40.71 -28.75
C TYR D 731 -27.65 42.22 -28.70
N GLY D 732 -28.84 42.51 -28.19
CA GLY D 732 -29.35 43.88 -28.03
C GLY D 732 -28.55 44.75 -27.07
N GLY D 733 -27.96 44.13 -26.05
CA GLY D 733 -27.12 44.86 -25.10
C GLY D 733 -25.81 45.19 -25.74
N PHE D 734 -25.23 44.21 -26.43
CA PHE D 734 -24.01 44.43 -27.26
C PHE D 734 -24.19 45.57 -28.27
N LEU D 735 -25.35 45.65 -28.89
CA LEU D 735 -25.66 46.72 -29.84
C LEU D 735 -25.95 48.05 -29.17
N SER D 736 -26.55 48.02 -27.99
CA SER D 736 -26.79 49.25 -27.23
C SER D 736 -25.50 49.95 -26.86
N LEU D 737 -24.47 49.17 -26.53
CA LEU D 737 -23.10 49.68 -26.30
C LEU D 737 -22.39 50.14 -27.57
N MET D 738 -22.56 49.42 -28.67
CA MET D 738 -22.00 49.85 -29.97
C MET D 738 -22.60 51.17 -30.45
N GLY D 739 -23.90 51.30 -30.33
CA GLY D 739 -24.57 52.55 -30.71
C GLY D 739 -24.04 53.75 -29.95
N LEU D 740 -23.81 53.58 -28.64
CA LEU D 740 -23.27 54.64 -27.79
C LEU D 740 -21.81 54.95 -28.14
N ILE D 741 -21.04 53.90 -28.40
CA ILE D 741 -19.66 54.04 -28.84
C ILE D 741 -19.63 54.77 -30.20
N HIS D 742 -20.36 54.23 -31.17
CA HIS D 742 -20.35 54.74 -32.57
C HIS D 742 -21.32 55.88 -32.89
N LYS D 743 -22.34 56.12 -32.06
CA LYS D 743 -23.30 57.19 -32.34
C LYS D 743 -23.61 57.95 -31.07
N PRO D 744 -22.57 58.56 -30.43
CA PRO D 744 -22.90 59.29 -29.19
C PRO D 744 -23.74 60.56 -29.38
N GLN D 745 -23.86 61.05 -30.61
CA GLN D 745 -24.72 62.22 -30.94
C GLN D 745 -26.14 61.76 -31.26
N VAL D 746 -26.30 60.51 -31.68
CA VAL D 746 -27.65 59.95 -31.97
C VAL D 746 -28.38 59.47 -30.69
N PHE D 747 -27.71 58.72 -29.84
CA PHE D 747 -28.35 58.15 -28.64
C PHE D 747 -27.85 58.82 -27.35
N LYS D 748 -28.75 59.46 -26.60
CA LYS D 748 -28.37 60.14 -25.35
C LYS D 748 -27.99 59.15 -24.26
N VAL D 749 -28.77 58.08 -24.10
CA VAL D 749 -28.51 57.08 -23.08
C VAL D 749 -28.55 55.66 -23.66
N ALA D 750 -27.88 54.72 -22.97
CA ALA D 750 -27.88 53.31 -23.37
C ALA D 750 -28.09 52.44 -22.17
N ILE D 751 -29.06 51.54 -22.25
CA ILE D 751 -29.28 50.51 -21.23
C ILE D 751 -28.96 49.15 -21.87
N ALA D 752 -27.78 48.64 -21.56
CA ALA D 752 -27.27 47.41 -22.16
C ALA D 752 -27.39 46.21 -21.23
N GLY D 753 -28.21 45.22 -21.62
CA GLY D 753 -28.43 43.98 -20.82
C GLY D 753 -27.70 42.77 -21.37
N ALA D 754 -27.12 41.98 -20.46
CA ALA D 754 -26.39 40.73 -20.76
C ALA D 754 -25.58 40.74 -22.05
N PRO D 755 -24.69 41.74 -22.22
CA PRO D 755 -24.01 41.76 -23.49
C PRO D 755 -22.76 40.93 -23.54
N VAL D 756 -22.31 40.66 -24.77
CA VAL D 756 -20.98 40.09 -25.05
C VAL D 756 -20.11 41.30 -25.28
N THR D 757 -19.13 41.50 -24.40
CA THR D 757 -18.20 42.61 -24.50
C THR D 757 -16.88 42.23 -25.17
N VAL D 758 -16.58 40.93 -25.25
CA VAL D 758 -15.33 40.42 -25.83
C VAL D 758 -15.66 39.18 -26.63
N TRP D 759 -15.52 39.25 -27.95
CA TRP D 759 -15.84 38.11 -28.83
C TRP D 759 -14.92 36.88 -28.60
N MET D 760 -13.70 37.12 -28.18
CA MET D 760 -12.78 36.02 -27.83
C MET D 760 -13.25 35.18 -26.64
N ALA D 761 -14.17 35.70 -25.84
CA ALA D 761 -14.70 34.98 -24.67
C ALA D 761 -15.98 34.25 -25.01
N TYR D 762 -16.51 34.40 -26.22
CA TYR D 762 -17.76 33.66 -26.57
C TYR D 762 -17.37 32.31 -27.18
N ASP D 763 -18.35 31.46 -27.38
CA ASP D 763 -18.06 30.08 -27.85
C ASP D 763 -17.70 29.97 -29.37
N THR D 764 -17.29 28.76 -29.75
CA THR D 764 -16.89 28.40 -31.09
C THR D 764 -18.06 28.34 -32.08
N GLY D 765 -19.09 27.55 -31.76
CA GLY D 765 -20.21 27.34 -32.67
C GLY D 765 -20.82 28.63 -33.21
N TYR D 766 -21.15 29.56 -32.32
CA TYR D 766 -21.77 30.83 -32.75
C TYR D 766 -20.74 31.76 -33.36
N THR D 767 -19.65 32.02 -32.65
CA THR D 767 -18.66 33.06 -33.04
C THR D 767 -17.88 32.72 -34.33
N GLU D 768 -17.40 31.49 -34.44
CA GLU D 768 -16.64 31.06 -35.63
C GLU D 768 -17.50 31.13 -36.90
N ARG D 769 -18.77 30.69 -36.81
CA ARG D 769 -19.73 30.73 -37.90
C ARG D 769 -19.92 32.14 -38.50
N TYR D 770 -20.05 33.16 -37.66
CA TYR D 770 -20.29 34.54 -38.18
C TYR D 770 -19.07 35.44 -38.16
N MET D 771 -18.03 35.07 -37.40
CA MET D 771 -16.84 35.93 -37.24
C MET D 771 -15.52 35.22 -37.55
N ASP D 772 -15.59 33.98 -38.02
CA ASP D 772 -14.37 33.18 -38.30
C ASP D 772 -13.58 32.92 -36.99
N VAL D 773 -12.50 32.17 -37.09
CA VAL D 773 -11.59 31.92 -35.96
C VAL D 773 -10.81 33.22 -35.62
N PRO D 774 -10.51 33.50 -34.33
CA PRO D 774 -9.81 34.78 -34.02
C PRO D 774 -8.56 35.09 -34.86
N GLU D 775 -7.66 34.12 -34.96
CA GLU D 775 -6.45 34.25 -35.81
C GLU D 775 -6.72 34.56 -37.31
N ASN D 776 -7.94 34.35 -37.78
CA ASN D 776 -8.33 34.66 -39.16
C ASN D 776 -9.14 35.96 -39.29
N ASN D 777 -9.40 36.67 -38.20
CA ASN D 777 -10.22 37.91 -38.27
C ASN D 777 -9.93 38.82 -37.08
N GLN D 778 -8.68 39.25 -36.96
CA GLN D 778 -8.25 40.05 -35.80
C GLN D 778 -8.94 41.42 -35.81
N HIS D 779 -9.10 41.98 -37.02
CA HIS D 779 -9.83 43.22 -37.22
C HIS D 779 -11.28 43.16 -36.73
N GLY D 780 -11.98 42.09 -37.06
CA GLY D 780 -13.41 41.97 -36.74
C GLY D 780 -13.65 41.75 -35.26
N TYR D 781 -12.88 40.84 -34.69
CA TYR D 781 -12.95 40.60 -33.23
C TYR D 781 -12.68 41.90 -32.46
N GLU D 782 -11.64 42.64 -32.84
CA GLU D 782 -11.27 43.90 -32.18
C GLU D 782 -12.32 44.97 -32.44
N ALA D 783 -12.75 45.14 -33.68
CA ALA D 783 -13.74 46.16 -34.02
C ALA D 783 -15.11 45.87 -33.39
N GLY D 784 -15.45 44.59 -33.23
CA GLY D 784 -16.75 44.17 -32.69
C GLY D 784 -16.82 43.98 -31.18
N SER D 785 -15.68 44.12 -30.49
CA SER D 785 -15.60 43.91 -29.03
C SER D 785 -15.76 45.22 -28.28
N VAL D 786 -16.92 45.41 -27.64
CA VAL D 786 -17.25 46.69 -26.95
C VAL D 786 -16.25 47.07 -25.83
N ALA D 787 -15.71 46.08 -25.13
CA ALA D 787 -14.76 46.32 -24.04
C ALA D 787 -13.41 46.92 -24.49
N LEU D 788 -12.96 46.63 -25.71
CA LEU D 788 -11.73 47.19 -26.26
C LEU D 788 -11.89 48.62 -26.80
N HIS D 789 -13.10 49.19 -26.79
CA HIS D 789 -13.35 50.56 -27.25
C HIS D 789 -13.92 51.46 -26.16
N VAL D 790 -13.69 51.08 -24.92
CA VAL D 790 -14.19 51.79 -23.73
C VAL D 790 -13.81 53.28 -23.76
N GLU D 791 -12.64 53.60 -24.32
CA GLU D 791 -12.20 55.00 -24.53
C GLU D 791 -13.27 55.83 -25.30
N LYS D 792 -13.96 55.19 -26.25
CA LYS D 792 -14.99 55.87 -27.05
C LYS D 792 -16.28 56.03 -26.27
N LEU D 793 -16.41 55.41 -25.09
CA LEU D 793 -17.63 55.60 -24.26
C LEU D 793 -17.68 57.01 -23.67
N PRO D 794 -18.88 57.41 -23.15
CA PRO D 794 -18.94 58.84 -22.77
C PRO D 794 -18.21 59.21 -21.47
N ASN D 795 -17.84 60.49 -21.39
CA ASN D 795 -17.27 61.11 -20.19
C ASN D 795 -18.35 61.60 -19.26
N GLU D 796 -19.59 61.61 -19.74
CA GLU D 796 -20.71 62.15 -19.00
C GLU D 796 -21.32 60.96 -18.26
N PRO D 797 -21.52 61.08 -16.93
CA PRO D 797 -22.27 60.05 -16.22
C PRO D 797 -23.76 60.09 -16.56
N ASN D 798 -24.47 59.02 -16.22
CA ASN D 798 -25.92 58.89 -16.50
C ASN D 798 -26.27 58.67 -18.00
N ARG D 799 -25.34 58.15 -18.76
CA ARG D 799 -25.58 57.82 -20.17
C ARG D 799 -25.40 56.33 -20.46
N LEU D 800 -24.96 55.55 -19.46
CA LEU D 800 -24.77 54.11 -19.64
C LEU D 800 -25.20 53.33 -18.39
N LEU D 801 -26.18 52.44 -18.55
CA LEU D 801 -26.65 51.53 -17.49
C LEU D 801 -26.43 50.09 -17.96
N ILE D 802 -25.66 49.33 -17.20
CA ILE D 802 -25.30 47.93 -17.54
C ILE D 802 -26.06 46.99 -16.59
N LEU D 803 -26.61 45.90 -17.14
CA LEU D 803 -27.39 44.93 -16.37
C LEU D 803 -26.89 43.54 -16.78
N HIS D 804 -26.87 42.60 -15.85
CA HIS D 804 -26.39 41.23 -16.15
C HIS D 804 -26.79 40.28 -15.04
N GLY D 805 -27.18 39.06 -15.42
CA GLY D 805 -27.51 37.99 -14.46
C GLY D 805 -26.21 37.33 -14.00
N PHE D 806 -25.99 37.26 -12.70
CA PHE D 806 -24.81 36.65 -12.06
C PHE D 806 -24.62 35.18 -12.40
N LEU D 807 -25.72 34.43 -12.54
CA LEU D 807 -25.65 32.99 -12.83
C LEU D 807 -25.46 32.69 -14.34
N ASP D 808 -25.37 33.71 -15.20
CA ASP D 808 -25.37 33.54 -16.68
C ASP D 808 -24.26 32.56 -17.11
N GLU D 809 -24.66 31.39 -17.59
CA GLU D 809 -23.72 30.33 -18.03
C GLU D 809 -23.54 30.38 -19.54
N ASN D 810 -24.17 31.35 -20.19
CA ASN D 810 -24.12 31.52 -21.65
C ASN D 810 -23.24 32.72 -21.92
N VAL D 811 -23.75 33.92 -21.61
CA VAL D 811 -22.93 35.16 -21.64
C VAL D 811 -22.43 35.36 -20.21
N HIS D 812 -21.25 34.83 -19.93
CA HIS D 812 -20.68 34.90 -18.58
C HIS D 812 -20.65 36.33 -18.06
N PHE D 813 -20.95 36.47 -16.76
CA PHE D 813 -20.91 37.78 -16.07
C PHE D 813 -19.52 38.39 -16.23
N PHE D 814 -18.53 37.54 -16.51
CA PHE D 814 -17.19 38.01 -16.89
C PHE D 814 -17.26 39.14 -17.91
N HIS D 815 -18.11 38.97 -18.92
CA HIS D 815 -18.27 39.94 -20.00
C HIS D 815 -18.49 41.36 -19.45
N THR D 816 -19.45 41.49 -18.54
CA THR D 816 -19.78 42.77 -17.84
C THR D 816 -18.61 43.12 -16.92
N ASN D 817 -18.08 42.11 -16.25
CA ASN D 817 -16.98 42.29 -15.29
C ASN D 817 -15.76 42.84 -15.99
N PHE D 818 -15.48 42.33 -17.19
CA PHE D 818 -14.34 42.81 -17.99
C PHE D 818 -14.57 44.24 -18.51
N LEU D 819 -15.78 44.54 -18.93
CA LEU D 819 -16.12 45.89 -19.39
C LEU D 819 -15.94 46.93 -18.27
N VAL D 820 -16.41 46.62 -17.07
CA VAL D 820 -16.25 47.51 -15.91
C VAL D 820 -14.75 47.72 -15.64
N SER D 821 -14.00 46.63 -15.62
CA SER D 821 -12.54 46.71 -15.49
C SER D 821 -11.96 47.72 -16.47
N GLN D 822 -12.31 47.61 -17.76
CA GLN D 822 -11.81 48.54 -18.79
C GLN D 822 -12.34 49.98 -18.63
N LEU D 823 -13.60 50.11 -18.28
CA LEU D 823 -14.21 51.40 -17.92
C LEU D 823 -13.47 52.10 -16.77
N ILE D 824 -12.96 51.32 -15.82
CA ILE D 824 -12.18 51.88 -14.69
C ILE D 824 -10.83 52.41 -15.19
N ARG D 825 -10.15 51.62 -16.02
CA ARG D 825 -8.85 52.02 -16.58
C ARG D 825 -8.96 53.29 -17.43
N ALA D 826 -10.03 53.40 -18.21
CA ALA D 826 -10.34 54.60 -19.00
C ALA D 826 -10.93 55.76 -18.20
N GLY D 827 -11.23 55.51 -16.91
CA GLY D 827 -11.83 56.52 -16.03
C GLY D 827 -13.20 57.00 -16.48
N LYS D 828 -14.08 56.06 -16.87
CA LYS D 828 -15.40 56.38 -17.40
C LYS D 828 -16.48 56.04 -16.36
N PRO D 829 -17.52 56.90 -16.22
CA PRO D 829 -18.57 56.51 -15.26
C PRO D 829 -19.48 55.41 -15.82
N TYR D 830 -20.20 54.75 -14.92
CA TYR D 830 -21.15 53.72 -15.29
C TYR D 830 -22.10 53.42 -14.14
N GLN D 831 -23.27 52.87 -14.48
CA GLN D 831 -24.26 52.42 -13.50
C GLN D 831 -24.45 50.94 -13.75
N LEU D 832 -24.59 50.15 -12.69
CA LEU D 832 -24.64 48.70 -12.82
C LEU D 832 -25.77 48.13 -11.96
N GLN D 833 -26.45 47.12 -12.51
CA GLN D 833 -27.49 46.32 -11.80
C GLN D 833 -27.18 44.84 -12.03
N ILE D 834 -27.21 44.04 -10.98
CA ILE D 834 -26.91 42.61 -11.11
C ILE D 834 -28.18 41.85 -10.76
N TYR D 835 -28.40 40.73 -11.45
CA TYR D 835 -29.48 39.82 -11.06
C TYR D 835 -28.76 38.62 -10.47
N PRO D 836 -28.75 38.52 -9.12
CA PRO D 836 -27.98 37.45 -8.50
C PRO D 836 -28.53 36.06 -8.68
N ASN D 837 -29.85 35.94 -8.88
CA ASN D 837 -30.50 34.62 -9.03
C ASN D 837 -30.96 34.33 -10.47
N GLU D 838 -30.37 34.99 -11.46
CA GLU D 838 -30.83 34.85 -12.86
C GLU D 838 -29.64 34.52 -13.74
N ARG D 839 -29.88 33.70 -14.76
CA ARG D 839 -28.89 33.43 -15.79
C ARG D 839 -29.13 34.43 -16.93
N HIS D 840 -29.13 33.98 -18.20
CA HIS D 840 -29.16 34.87 -19.36
C HIS D 840 -30.44 35.69 -19.50
N SER D 841 -31.54 35.20 -18.97
CA SER D 841 -32.84 35.88 -19.05
C SER D 841 -33.42 36.03 -17.65
N ILE D 842 -34.25 37.04 -17.42
CA ILE D 842 -34.85 37.19 -16.08
C ILE D 842 -36.15 36.37 -15.98
N ARG D 843 -36.12 35.31 -15.18
CA ARG D 843 -37.26 34.41 -15.00
C ARG D 843 -38.15 34.78 -13.81
N CYS D 844 -37.56 35.12 -12.66
CA CYS D 844 -38.35 35.47 -11.46
C CYS D 844 -39.15 36.76 -11.67
N PRO D 845 -40.48 36.72 -11.42
CA PRO D 845 -41.26 37.94 -11.71
C PRO D 845 -40.82 39.19 -10.96
N GLU D 846 -40.55 39.06 -9.66
CA GLU D 846 -40.15 40.20 -8.82
C GLU D 846 -38.86 40.84 -9.34
N SER D 847 -37.94 40.01 -9.83
CA SER D 847 -36.71 40.52 -10.46
C SER D 847 -37.10 41.26 -11.73
N GLY D 848 -37.96 40.65 -12.55
CA GLY D 848 -38.47 41.27 -13.76
C GLY D 848 -39.08 42.65 -13.54
N GLU D 849 -39.98 42.75 -12.57
CA GLU D 849 -40.63 44.00 -12.21
C GLU D 849 -39.60 45.04 -11.78
N HIS D 850 -38.63 44.60 -10.97
CA HIS D 850 -37.55 45.48 -10.54
C HIS D 850 -36.74 45.98 -11.74
N TYR D 851 -36.49 45.09 -12.71
CA TYR D 851 -35.81 45.47 -13.96
C TYR D 851 -36.60 46.55 -14.72
N GLU D 852 -37.92 46.41 -14.78
CA GLU D 852 -38.72 47.40 -15.49
C GLU D 852 -38.81 48.72 -14.71
N VAL D 853 -38.94 48.65 -13.38
CA VAL D 853 -39.03 49.85 -12.56
C VAL D 853 -37.72 50.64 -12.69
N THR D 854 -36.61 49.92 -12.67
CA THR D 854 -35.29 50.52 -12.86
C THR D 854 -35.16 51.25 -14.20
N LEU D 855 -35.67 50.60 -15.25
CA LEU D 855 -35.61 51.15 -16.60
C LEU D 855 -36.39 52.47 -16.67
N LEU D 856 -37.61 52.45 -16.14
CA LEU D 856 -38.46 53.64 -16.15
C LEU D 856 -37.83 54.79 -15.38
N HIS D 857 -37.22 54.48 -14.24
CA HIS D 857 -36.52 55.47 -13.44
C HIS D 857 -35.35 56.04 -14.24
N PHE D 858 -34.46 55.17 -14.71
CA PHE D 858 -33.29 55.65 -15.48
C PHE D 858 -33.70 56.60 -16.64
N LEU D 859 -34.79 56.26 -17.35
CA LEU D 859 -35.30 57.06 -18.49
C LEU D 859 -35.92 58.39 -18.02
N GLN D 860 -36.81 58.30 -17.04
CA GLN D 860 -37.39 59.46 -16.36
C GLN D 860 -36.32 60.50 -15.98
N GLU D 861 -35.31 60.04 -15.24
CA GLU D 861 -34.29 60.96 -14.73
C GLU D 861 -33.27 61.43 -15.78
N TYR D 862 -32.88 60.56 -16.71
CA TYR D 862 -31.72 60.84 -17.57
C TYR D 862 -31.95 60.93 -19.06
N LEU D 863 -33.13 60.57 -19.56
CA LEU D 863 -33.41 60.79 -20.96
C LEU D 863 -33.97 62.21 -21.12
N HIS D 864 -33.08 63.19 -21.26
CA HIS D 864 -33.49 64.60 -21.42
C HIS D 864 -32.50 65.44 -22.23
N HIS D 865 -32.97 66.63 -22.65
CA HIS D 865 -32.26 67.65 -23.46
C HIS D 865 -33.16 68.06 -24.64
#